data_5M3F
#
_entry.id   5M3F
#
_cell.length_a   1
_cell.length_b   1
_cell.length_c   1
_cell.angle_alpha   90.00
_cell.angle_beta   90.00
_cell.angle_gamma   90.00
#
_symmetry.space_group_name_H-M   'P 1'
#
loop_
_entity.id
_entity.type
_entity.pdbx_description
1 polymer 'DNA-directed RNA polymerase I subunit RPA190'
2 polymer 'DNA-directed RNA polymerase I subunit RPA135'
3 polymer 'DNA-directed RNA polymerases I and III subunit RPAC1'
4 polymer 'DNA-directed RNA polymerases I, II, and III subunit RPABC1'
5 polymer 'DNA-directed RNA polymerases I, II, and III subunit RPABC2'
6 polymer 'DNA-directed RNA polymerases I, II, and III subunit RPABC3'
7 polymer 'DNA-directed RNA polymerase I subunit RPA12'
8 polymer 'DNA-directed RNA polymerases I, II, and III subunit RPABC5'
9 polymer 'DNA-directed RNA polymerases I and III subunit RPAC2'
10 polymer 'DNA-directed RNA polymerases I, II, and III subunit RPABC4'
11 polymer 'template DNA'
12 polymer 'non-template DNA'
13 polymer RNA
14 polymer 'DNA-directed RNA polymerase I subunit RPA49'
15 polymer 'DNA-directed RNA polymerase I subunit RPA34'
16 polymer 'DNA-directed RNA polymerase I subunit RPA14'
17 polymer 'DNA-directed RNA polymerase I subunit RPA43'
18 non-polymer 'ZINC ION'
19 non-polymer 'MAGNESIUM ION'
20 non-polymer 'SULFATE ION'
#
loop_
_entity_poly.entity_id
_entity_poly.type
_entity_poly.pdbx_seq_one_letter_code
_entity_poly.pdbx_strand_id
1 'polypeptide(L)'
;MDISKPVGSEITSVDFGILTAKEIRNLSAKQITNPTVLDNLGHPVSGGLYDLALGAFLRNLCSTCGLDEKFCPGHQGHIE
LPVPCYNPLFFNQLYIYLRASCLFCHHFRLKSVEVHRYACKLRLLQYGLIDESYKLDEITLGSLNSSMYTDDEAIEDNED
EMDGEGSKQSKDISSTLLNELKSKRSEYVDMAIAKALSDGRTTERGSFTATVNDERKKLVHEFHKKLLSRGKCDNCGMFS
PKFRKDGFTKIFETALNEKQITNNRVKGFIRQDMIKKQKQAKKLDGSNEASANDEESFDVGRNPTTRPKTGSTYILSTEV
KNILDTVFRKEQCVLQYVFHSRPNLSRKLVKADSFFMDVLVVPPTRFRLPSKLGEEVHENSQNQLLSKVLTTSLLIRDLN
DDLSKLQKDKVSLEDRRVIFSRLMNAFVTIQNDVNAFIDSTKAQGRTSGKVPIPGVKQALEKKEGLFRKHMMGKRVNYAA
RSVISPDPNIETNEIGVPPVFAVKLTYPEPVTAYNIAELRQAVINGPDKWPGATQIQNEDGSLVSLIGMSVEQRKALANQ
LLTPSSNVSTHTLNKKVYRHIKNRDVVLMNRQPTLHKASMMGHKVRVLPNEKTLRLHYANTGAYNADFDGDEMNMHFPQN
ENARAEALNLANTDSQYLTPTSGSPVRGLIQDHISAGVWLTSKDSFFTREQYQQYIYGCIRPEDGHTTRSKIVTLPPTIF
KPYPLWTGKQIITTVLLNVTPPDMPGINLISKNKIKNEYWGKGSLENEVLFKDGALLCGILDKSQYGASKYGIVHSLHEV
YGPEVAAKVLSVLGRLFTNYITATAFTCGMDDLRLTAEGNKWRTDILKTSVDTGREAAAEVTNLDKDTPADDPELLKRLQ
EILRDNNKSGILDAVTSSKVNAITSQVVSKCVPDGTMKKFPCNSMQAMALSGAKGSNVNVSQIMCLLGQQALEGRRVPVM
VSGKTLPSFKPYETDAMAGGYVKGRFYSGIKPQEYYFHCMAGREGLIDTAVKTSRSGYLQRCLTKQLEGVHVSYDNSIRD
ADGTLVQFMYGGDAIDITKESHMTQFEFCLDNYYALLKKYNPSALIEHLDVESALKYSKKTLKYRKKHSKEPHYKQSVKY
DPVLAKYNPAKYLGSVSENFQDKLESFLDKNSKLFKSSDGVNEKKFRALMQLKYMRSLINPGEAVGIIASQSVGEPSTQM
TLNTFHFAGHGAANVTLGIPRLREIVMTASAAIKTPQMTLPIWNDVSDEQADTFCKSISKVLLSEVIDKVIVTETTGTSN
TAGGNAARSYVIHMRFFDNNEYSEEYDVSKEELQNVISNQFIHLLEAAIVKEIKKQKRTTGPDIGVAVPRLQTDVANSSS
NSKRLEEDNDEEQSHKKTKQAVSYDEPDEDEIETMREAEKSSDEEGIDSDKESDSDSEDEDVDMNEQINKSIVEANNNMN
KVQRDRQSAIISHHRFITKYNFDDESGKWCEFKLELAADTEKLLMVNIVEEICRKSIIRQIPHIDRCVHPEPENGKRVLV
TEGVNFQAMWDQEAFIDVDGITSNDVAAVLKTYGVEAARNTIVNEINNVFSRYAISVSFRHLDLIADMMTRQGTYLAFNR
QGMETSTSSFMKMSYETTCQFLTKAVLDNEREQLDSPSARIVVGKLNNVGTGSFDVLAKVPNAA
;
A
2 'polypeptide(L)'
;MSKVIKPPGQARTADFRTLERESRFINPPKDKSAFPLLQEAVQPHIGSFNALTEGPDGGLLNLGVKDIGEKVIFDGKPLN
SEDEISNSGYLGNKLSVSVEQVSIAKPMSNDGVSSAVERKVYPSESRQRLTSYRGKLLLKLKWSVNNGEENLFEVRDCGG
LPVMLQSNRCHLNKMSPYELVQHKEESDEIGGYFIVNGIEKLIRMLIVQRRNHPMAIIRPSFANRGASYSHYGIQIRSVR
PDQTSQTNVLHYLNDGQVTFRFSWRKNEYLVPVVMILKALCHTSDREIFDGIIGNDVKDSFLTDRLELLLRGFKKRYPHL
QNRTQVLQYLGDKFRVVFQASPDQSDLEVGQEVLDRIVLVHLGKDGSQDKFRMLLFMIRKLYSLVAGECSPDNPDATQHQ
EVLLGGFLYGMILKEKIDEYLQNIIAQVRMDINRGMAINFKDKRYMSRVLMRVNENIGSKMQYFLSTGNLVSQSGLDLQQ
VSGYTVVAEKINFYRFISHFRMVHRGSFFAQLKTTTVRKLLPESWGFLCPVHTPDGSPCGLLNHFAHKCRISTQQSDVSR
IPSILYSLGVAPASHTFAAGPSLCCVQIDGKIIGWVSHEQGKIIADTLRYWKVEGKTPGLPIDLEIGYVPPSTRGQYPGL
YLFGGHSRMLRPVRYLPLDKEDIVGPFEQVYMNIAVTPQEIQNNVHTHVEFTPTNILSILANLTPFSDFNQSPRNMYQCQ
MGKQTMGTPGVALCHRSDNKLYRLQTGQTPIVKANLYDDYGMDNFPNGFNAVVAVISYTGYDMDDAMIINKSADERGFGY
GTMYKTEKVDLALNRNRGDPITQHFGFGNDEWPKEWLEKLDEDGLPYIGTYVEEGDPICAYFDDTLNKTKIKTYHSSEPA
YIEEVNLIGDESNKFQELQTVSIKYRIRRTPQIGDKFSSRHGQKGVCSRKWPTIDMPFSETGIQPDIIINPHAFPSRMTI
GMFVESLAGKAGALHGIAQDSTPWIFNEDDTPADYFGEQLAKAGYNYHGNEPMYSGATGEELRADIYVGVVYYQRLRHMV
NDKFQVRSTGPVNSLTMQPVKGRKRHGGIRVGEMERDALIGHGTSFLLQDRLLNSSDYTQASVCRECGSILTTQQSVPRI
GSISTVCCRRCSMRFEDAKKLLTKSEDGEKIFIDDSQIWEDGQGNKFVGGNETTTVAIPFVLKYLDSELSAMGIRLRYNV
EPK
;
B
3 'polypeptide(L)'
;MSNIVGIEYNRVTNTTSTDFPGFSKDAENEWNVEKFKKDFEVNISSLDAREANFDLINIDTSIANAFRRIMISEVPSVAA
EYVYFFNNTSVIQDEVLAHRIGLVPLKVDPDMLTWVDSNLPDDEKFTDENTIVLSLNVKCTRNPDAPKGSTDPKELYNNA
HVYARDLKFEPQGRQSTTFADCPVVPADPDILLAKLRPGQEISLKAHCILGIGGDHAKFSPVSTASYRLLPQINILQPIK
GESARRFQKCFPPGVIGIDEGSDEAYVKDARKDTVSREVLRYEEFADKVKLGRVRNHFIFNVESAGAMTPEEIFFKSVRI
LKNKAEYLKNCPITQ
;
C
4 'polypeptide(L)'
;MDQENERNISRLWRAFRTVKEMVKDRGYFITQEEVELPLEDFKAKYCDSMGRPQRKMMSFQANPTEESISKFPDMGSLWV
EFCDEPSVGVKTMKTFVIHIQEKNFQTGIFVYQNNITPSAMKLVPSIPPATIETFNEAALVVNITHHELVPKHIRLSSDE
KRELLKRYRLKESQLPRIQRADPVALYLGLKRGEVVKIIRKSETSGRYASYRICM
;
E
5 'polypeptide(L)'
;MSDYEEAFNDGNENFEDFDVEHFSDEETYEEKPQFKDGETTDANGKTIVTGGNGPEDFQQHEQIRRKTLKEKAIPKDQRA
TTPYMTKYERARILGTRALQISMNAPVFVDLEGETDPLRIAMKELAEKKIPLVIRRYLPDGSFEDWSVEELIVDL
;
F
6 'polypeptide(L)'
;MSNTLFDDIFQVSEVDPGRYNKVCRIEAASTTQDQCKLTLDINVELFPVAAQDSLTVTIASSLNLEDTPANDSSATRSWR
PPQAGDRSLADDYDYVMYGTAYKFEEVSKDLIAVYYSFGGLLMRLEGNYRNLNNLKQENAYLLIRR
;
H
7 'polypeptide(L)'
;MSVVGSLIFCLDCGDLLENPNAVLGSNVECSQCKAIYPKSQFSNLKVVTTTADDAFPSSLRAKKSVVKTSLKKNELKDGA
TIKEKCPQCGNEEMNYHTLQLRSADEGATVFYTCTSCGYKFRTNN
;
I
8 'polypeptide(L)' MIVPVRCFSCGKVVGDKWESYLNLLQEDELDEGTALSRLGLKRYCCRRMILTHVDLIEKFLRYNPLEKRD J
9 'polypeptide(L)'
;MTEDIEQKKTATEVTPQEPKHIQEEEEQDVDMTGDEEQEEEPDREKIKLLTQATSEDGTSASFQIVEEDHTLGNALRYVI
MKNPDVEFCGYSIPHPSENLLNIRIQTYGETTAVDALQKGLKDLMDLCDVVESKFTEKIKSM
;
K
10 'polypeptide(L)' MSREGFQIPTNLDAAAAGTSQARTATLKYICAECSSKLSLSRTDAVRCKDCGHRILLKARTKRLVQFEAR L
11 'polydeoxyribonucleotide'
;(DA)(DA)(DG)(DC)(DT)(DC)(DA)(DA)(DG)(DT)(DA)(DC)(DT)(DT)(DA)(DA)(DG)(DC)(DC)(DT)
(DG)(DG)(DT)(DC)(DA)(DT)(DT)(DA)(DC)(DT)(DA)(DG)(DT)(DA)(DC)(DT)(DG)(DC)(DC)
;
T
12 'polydeoxyribonucleotide'
;(DG)(DG)(DC)(DA)(DG)(DT)(DA)(DC)(DT)(DA)(DG)(DT)(DA)(DA)(DA)(DC)(DT)(DA)(DG)(DT)
(DA)(DT)(DT)(DG)(DA)(DA)(DA)(DG)(DT)(DA)(DC)(DT)(DT)(DG)(DA)(DG)(DC)(DT)(DT)
;
U
13 'polyribonucleotide' UAUCUGCAUGUAGACCAGGC R
14 'polypeptide(L)'
;MSVKRSVSEIEIESVQDQPSVAVGSFFKGFRAPSDTTFDLYKKKKSEKDEFVLHGENERLEYEGYTDSSSQASNQYVVGL
FNPEKKSIQLYKAPVLVSKVVSKSSKNLRGPKIKSKSDTRPSALRNALGEAFGTKKAKKAIADLERNRIDSDKLTDSAID
IVDSVRTASKDLPTRAQLDEITSNDRPTPLANIDATDVEQIYPIESIIPKKELQFIRVSSILKEADKEKKLELFPYQNNS
KYVAKKLDSLTQPSQMTKLQLLYYLSLLLGVYENRRVNNKTKLLERLNSPPEILVDGILSRFTVIKPGQFGRSKDRSYFI
DPQNEDKILCYILAIIMHLDNFIVEITPLAHELNLKPSKVVSLFRVLGAIVKGATVAQAEAFGIPKSTAASYKIATMKVP
FKLPEMTRRGRGPRR
;
M
15 'polypeptide(L)'
;MSKLSKDYVSDSDSDDEVISNEFSIPDGFKKCKHLKNFPLNGDNKKKAKQQQVWLIKFPSNVDISKLKSLPVDFESSTTM
TIDKHDYKIMDDTDIESSLTQDNLSNMTLLVPSESKESLKIASTAKDNAPLQFDKVFSVSETAKIPAIDYSKVRVPRKDV
PKVEGLKLEHFATGYDAEDFHVAEEVKENKKEPKKRSHHDDEEESSEKKKKKKEKREKREKKDKKDKKKKHRD
;
N
16 'polypeptide(L)'
;MMKGSRRTGNNTATTLNTPVVIHATQLPQHVSTDEVLQFLESFIDEKENIIDSTTMNTISGNAADADAAAVANTSLNIDT
NLSSSISQLKRIQRDFKGLPPAQDFSAAPIQVSTTEKKETSIGVSATGGKKTTFADE
;
D
17 'polypeptide(L)'
;MSQVKRANENRETARFIKKHKKQVTNPIDEKNGTSNCIVRVPIALYVSLAPMYLENPLQGVMKQHLNPLVMKYNNKVGGV
VLGYEGLKILDADPLSKEDTSEKLIKITPDTPFGFTWCHVNLYVWQPQVGDVLEGYIFIQSASHIGLLIHDAFNASIKKN
NIPVDWTFVHNDVEEDADVINTDENNGNNNNEDNKDSNGGSNSLGKFSFGNRSLGHWVDSNGEPIDGKLRFTVRNVHTTG
RVVSVDGTLISDADEEGNGYNSSRSQAESLPIVSNKKIVFDDEVSIENKESHKELDLPEVKEDNGSEIVYEENTSESNDG
ESSDSD
;
G
#
loop_
_chem_comp.id
_chem_comp.type
_chem_comp.name
_chem_comp.formula
A RNA linking ADENOSINE-5'-MONOPHOSPHATE 'C10 H14 N5 O7 P'
C RNA linking CYTIDINE-5'-MONOPHOSPHATE 'C9 H14 N3 O8 P'
DA DNA linking 2'-DEOXYADENOSINE-5'-MONOPHOSPHATE 'C10 H14 N5 O6 P'
DC DNA linking 2'-DEOXYCYTIDINE-5'-MONOPHOSPHATE 'C9 H14 N3 O7 P'
DG DNA linking 2'-DEOXYGUANOSINE-5'-MONOPHOSPHATE 'C10 H14 N5 O7 P'
DT DNA linking THYMIDINE-5'-MONOPHOSPHATE 'C10 H15 N2 O8 P'
G RNA linking GUANOSINE-5'-MONOPHOSPHATE 'C10 H14 N5 O8 P'
MG non-polymer 'MAGNESIUM ION' 'Mg 2'
SO4 non-polymer 'SULFATE ION' 'O4 S -2'
U RNA linking URIDINE-5'-MONOPHOSPHATE 'C9 H13 N2 O9 P'
ZN non-polymer 'ZINC ION' 'Zn 2'
#
# COMPACT_ATOMS: atom_id res chain seq x y z
N MET A 1 -30.19 -18.74 9.59
CA MET A 1 -28.85 -19.24 9.35
C MET A 1 -28.65 -20.60 10.01
N ASP A 2 -29.40 -20.86 11.07
CA ASP A 2 -29.29 -22.12 11.77
C ASP A 2 -29.96 -23.22 10.95
N ILE A 3 -29.37 -24.42 10.99
CA ILE A 3 -29.77 -25.46 10.05
C ILE A 3 -31.13 -26.04 10.41
N SER A 4 -31.69 -25.64 11.54
CA SER A 4 -32.95 -26.23 11.99
C SER A 4 -34.14 -25.64 11.25
N LYS A 5 -33.93 -24.56 10.51
CA LYS A 5 -34.99 -23.87 9.77
C LYS A 5 -34.65 -23.90 8.29
N PRO A 6 -34.94 -25.00 7.60
CA PRO A 6 -34.58 -25.12 6.19
C PRO A 6 -35.45 -24.24 5.31
N VAL A 7 -34.98 -24.07 4.08
CA VAL A 7 -35.65 -23.24 3.08
C VAL A 7 -35.70 -24.00 1.76
N GLY A 8 -36.89 -24.23 1.25
CA GLY A 8 -37.08 -25.02 0.05
C GLY A 8 -36.81 -24.33 -1.28
N SER A 9 -37.25 -23.08 -1.41
CA SER A 9 -37.15 -22.39 -2.69
C SER A 9 -35.75 -21.84 -2.93
N GLU A 10 -35.41 -21.67 -4.20
CA GLU A 10 -34.14 -21.07 -4.57
C GLU A 10 -34.33 -20.21 -5.81
N ILE A 11 -33.35 -19.35 -6.08
CA ILE A 11 -33.46 -18.31 -7.09
C ILE A 11 -32.58 -18.68 -8.27
N THR A 12 -33.19 -19.00 -9.41
CA THR A 12 -32.40 -19.42 -10.56
C THR A 12 -31.83 -18.26 -11.37
N SER A 13 -32.64 -17.24 -11.65
CA SER A 13 -32.25 -16.24 -12.62
C SER A 13 -32.77 -14.88 -12.18
N VAL A 14 -32.29 -13.84 -12.84
CA VAL A 14 -32.75 -12.47 -12.62
C VAL A 14 -33.03 -11.85 -13.98
N ASP A 15 -34.04 -10.99 -14.03
CA ASP A 15 -34.38 -10.25 -15.23
C ASP A 15 -34.27 -8.75 -14.98
N PHE A 16 -33.85 -8.02 -16.00
CA PHE A 16 -33.88 -6.57 -15.97
C PHE A 16 -35.05 -6.07 -16.80
N GLY A 17 -35.67 -5.00 -16.33
CA GLY A 17 -36.78 -4.42 -17.06
C GLY A 17 -37.15 -3.08 -16.43
N ILE A 18 -37.79 -2.25 -17.24
CA ILE A 18 -38.15 -0.89 -16.84
C ILE A 18 -39.56 -0.90 -16.30
N LEU A 19 -39.79 -0.14 -15.24
CA LEU A 19 -41.12 -0.06 -14.63
C LEU A 19 -42.07 0.68 -15.56
N THR A 20 -43.18 0.04 -15.88
CA THR A 20 -44.27 0.74 -16.54
C THR A 20 -44.84 1.78 -15.58
N ALA A 21 -45.19 2.94 -16.12
CA ALA A 21 -45.84 3.95 -15.29
C ALA A 21 -47.17 3.46 -14.72
N LYS A 22 -47.70 2.34 -15.22
CA LYS A 22 -48.96 1.80 -14.70
C LYS A 22 -48.75 1.02 -13.41
N GLU A 23 -47.68 0.21 -13.33
CA GLU A 23 -47.45 -0.56 -12.11
C GLU A 23 -47.29 0.35 -10.91
N ILE A 24 -46.53 1.42 -11.05
CA ILE A 24 -46.10 2.19 -9.88
C ILE A 24 -47.31 2.73 -9.14
N ARG A 25 -48.31 3.23 -9.85
CA ARG A 25 -49.52 3.67 -9.17
C ARG A 25 -50.27 2.52 -8.53
N ASN A 26 -50.06 1.29 -9.01
CA ASN A 26 -50.75 0.15 -8.45
C ASN A 26 -50.10 -0.37 -7.18
N LEU A 27 -48.76 -0.44 -7.14
CA LEU A 27 -48.05 -1.12 -6.07
C LEU A 27 -47.82 -0.24 -4.84
N SER A 28 -47.96 1.07 -4.96
CA SER A 28 -47.57 1.96 -3.88
C SER A 28 -48.60 1.92 -2.75
N ALA A 29 -48.10 2.15 -1.53
CA ALA A 29 -48.96 2.28 -0.37
C ALA A 29 -49.35 3.72 -0.04
N LYS A 30 -48.69 4.71 -0.64
CA LYS A 30 -49.03 6.09 -0.33
C LYS A 30 -48.52 7.01 -1.43
N GLN A 31 -49.10 8.19 -1.51
CA GLN A 31 -48.63 9.30 -2.32
C GLN A 31 -47.99 10.33 -1.40
N ILE A 32 -46.93 10.99 -1.86
CA ILE A 32 -46.25 12.00 -1.06
C ILE A 32 -46.46 13.35 -1.74
N THR A 33 -47.35 14.16 -1.17
CA THR A 33 -47.64 15.47 -1.75
C THR A 33 -47.08 16.68 -1.00
N ASN A 34 -46.55 16.50 0.21
CA ASN A 34 -46.34 17.68 1.06
C ASN A 34 -44.88 17.87 1.40
N PRO A 35 -44.26 18.97 0.98
CA PRO A 35 -42.83 19.17 1.28
C PRO A 35 -42.51 19.23 2.76
N THR A 36 -43.50 19.38 3.63
CA THR A 36 -43.25 19.51 5.05
C THR A 36 -42.62 18.23 5.60
N VAL A 37 -41.55 18.40 6.39
CA VAL A 37 -40.80 17.28 6.94
C VAL A 37 -41.38 16.87 8.28
N LEU A 38 -41.18 17.70 9.30
CA LEU A 38 -41.62 17.42 10.65
C LEU A 38 -42.18 18.67 11.30
N ASP A 39 -43.27 18.50 12.02
CA ASP A 39 -43.89 19.59 12.77
C ASP A 39 -43.04 19.88 14.02
N ASN A 40 -43.50 20.81 14.85
CA ASN A 40 -42.81 21.05 16.11
C ASN A 40 -43.12 19.99 17.15
N LEU A 41 -44.18 19.20 16.94
CA LEU A 41 -44.54 18.14 17.86
C LEU A 41 -43.75 16.86 17.61
N GLY A 42 -42.93 16.82 16.56
CA GLY A 42 -42.08 15.69 16.29
C GLY A 42 -42.70 14.56 15.51
N HIS A 43 -44.03 14.47 15.46
CA HIS A 43 -44.66 13.43 14.67
C HIS A 43 -44.33 13.62 13.19
N PRO A 44 -44.36 12.54 12.42
CA PRO A 44 -44.23 12.67 10.97
C PRO A 44 -45.44 13.39 10.39
N VAL A 45 -45.17 14.35 9.52
CA VAL A 45 -46.24 15.16 8.93
C VAL A 45 -46.93 14.33 7.86
N SER A 46 -48.22 14.08 8.04
CA SER A 46 -48.95 13.26 7.08
C SER A 46 -48.91 13.91 5.71
N GLY A 47 -48.79 13.08 4.68
CA GLY A 47 -48.62 13.57 3.33
C GLY A 47 -47.21 13.99 2.97
N GLY A 48 -46.29 13.98 3.94
CA GLY A 48 -44.91 14.31 3.68
C GLY A 48 -44.04 13.09 3.44
N LEU A 49 -42.73 13.28 3.62
CA LEU A 49 -41.77 12.23 3.31
C LEU A 49 -41.77 11.13 4.39
N TYR A 50 -41.87 11.51 5.66
CA TYR A 50 -41.72 10.56 6.75
C TYR A 50 -43.02 9.90 7.17
N ASP A 51 -44.08 10.08 6.38
CA ASP A 51 -45.41 9.61 6.75
C ASP A 51 -45.38 8.17 7.24
N LEU A 52 -46.17 7.91 8.28
CA LEU A 52 -46.28 6.56 8.84
C LEU A 52 -46.82 5.55 7.81
N ALA A 53 -47.30 6.02 6.67
CA ALA A 53 -47.89 5.11 5.70
C ALA A 53 -46.86 4.29 4.96
N LEU A 54 -45.61 4.75 4.90
CA LEU A 54 -44.58 3.96 4.23
C LEU A 54 -44.04 2.85 5.12
N GLY A 55 -44.04 3.06 6.44
CA GLY A 55 -43.56 2.04 7.34
C GLY A 55 -43.57 2.54 8.76
N ALA A 56 -42.83 1.84 9.62
CA ALA A 56 -42.69 2.26 11.00
C ALA A 56 -41.66 3.37 11.12
N PHE A 57 -41.84 4.21 12.14
CA PHE A 57 -40.86 5.25 12.42
C PHE A 57 -40.78 5.46 13.92
N LEU A 58 -39.56 5.53 14.45
CA LEU A 58 -39.29 5.59 15.90
C LEU A 58 -40.10 4.48 16.57
N ARG A 59 -40.82 4.76 17.65
CA ARG A 59 -41.57 3.73 18.34
C ARG A 59 -42.99 3.55 17.81
N ASN A 60 -43.43 4.41 16.88
CA ASN A 60 -44.80 4.33 16.40
C ASN A 60 -45.02 3.04 15.61
N LEU A 61 -46.25 2.55 15.65
CA LEU A 61 -46.61 1.33 14.94
C LEU A 61 -46.69 1.60 13.44
N CYS A 62 -46.47 0.54 12.66
CA CYS A 62 -46.52 0.67 11.21
C CYS A 62 -47.97 0.73 10.74
N SER A 63 -48.33 1.82 10.07
CA SER A 63 -49.71 2.01 9.65
C SER A 63 -50.08 1.04 8.54
N THR A 64 -49.29 1.03 7.46
CA THR A 64 -49.53 0.12 6.35
C THR A 64 -49.47 -1.34 6.79
N CYS A 65 -48.28 -1.82 7.16
CA CYS A 65 -48.10 -3.23 7.47
C CYS A 65 -48.84 -3.65 8.73
N GLY A 66 -48.78 -2.85 9.80
CA GLY A 66 -49.35 -3.22 11.07
C GLY A 66 -48.37 -3.73 12.09
N LEU A 67 -47.22 -4.24 11.67
CA LEU A 67 -46.18 -4.70 12.57
C LEU A 67 -45.56 -3.53 13.32
N ASP A 68 -44.84 -3.87 14.39
CA ASP A 68 -44.10 -2.86 15.14
C ASP A 68 -42.85 -2.44 14.36
N GLU A 69 -41.98 -1.67 15.00
CA GLU A 69 -40.83 -1.09 14.30
C GLU A 69 -39.93 -2.15 13.71
N LYS A 70 -39.49 -3.10 14.53
CA LYS A 70 -38.42 -4.02 14.10
C LYS A 70 -38.86 -4.88 12.93
N PHE A 71 -40.15 -5.23 12.87
CA PHE A 71 -40.61 -6.26 11.97
C PHE A 71 -41.13 -5.74 10.63
N CYS A 72 -41.26 -4.43 10.45
CA CYS A 72 -41.93 -3.96 9.24
C CYS A 72 -40.92 -3.71 8.13
N PRO A 73 -40.95 -4.51 7.07
CA PRO A 73 -39.97 -4.35 5.99
C PRO A 73 -40.02 -3.02 5.29
N GLY A 74 -41.06 -2.23 5.50
CA GLY A 74 -41.22 -0.97 4.78
C GLY A 74 -41.96 -1.17 3.48
N HIS A 75 -42.71 -0.14 3.10
CA HIS A 75 -43.58 -0.22 1.93
C HIS A 75 -43.45 1.08 1.16
N GLN A 76 -43.00 1.01 -0.07
CA GLN A 76 -42.60 2.20 -0.80
C GLN A 76 -43.78 2.96 -1.37
N GLY A 77 -43.61 4.29 -1.50
CA GLY A 77 -44.63 5.17 -2.02
C GLY A 77 -44.31 5.66 -3.42
N HIS A 78 -45.02 6.71 -3.83
CA HIS A 78 -44.75 7.30 -5.13
C HIS A 78 -45.10 8.79 -5.10
N ILE A 79 -44.60 9.51 -6.11
CA ILE A 79 -44.75 10.95 -6.25
C ILE A 79 -45.23 11.25 -7.66
N GLU A 80 -46.17 12.18 -7.79
CA GLU A 80 -46.69 12.57 -9.09
C GLU A 80 -45.87 13.72 -9.67
N LEU A 81 -45.37 13.54 -10.89
CA LEU A 81 -44.72 14.66 -11.55
C LEU A 81 -45.71 15.42 -12.42
N PRO A 82 -45.62 16.76 -12.43
CA PRO A 82 -46.52 17.53 -13.31
C PRO A 82 -46.23 17.31 -14.79
N VAL A 83 -44.97 17.23 -15.18
CA VAL A 83 -44.59 17.13 -16.58
C VAL A 83 -43.73 15.88 -16.77
N PRO A 84 -43.89 15.13 -17.85
CA PRO A 84 -42.94 14.05 -18.12
C PRO A 84 -41.53 14.59 -18.25
N CYS A 85 -40.62 14.00 -17.49
CA CYS A 85 -39.23 14.43 -17.44
C CYS A 85 -38.36 13.34 -18.04
N TYR A 86 -37.36 13.76 -18.81
CA TYR A 86 -36.43 12.81 -19.40
C TYR A 86 -35.83 11.93 -18.32
N ASN A 87 -35.83 10.64 -18.54
CA ASN A 87 -35.19 9.78 -17.57
C ASN A 87 -33.70 9.81 -17.87
N PRO A 88 -32.88 10.42 -17.00
CA PRO A 88 -31.52 10.77 -17.41
C PRO A 88 -30.60 9.58 -17.62
N LEU A 89 -30.93 8.40 -17.09
CA LEU A 89 -30.06 7.26 -17.28
C LEU A 89 -29.87 6.94 -18.75
N PHE A 90 -30.91 7.14 -19.55
CA PHE A 90 -30.75 6.75 -20.94
C PHE A 90 -30.50 7.98 -21.78
N PHE A 91 -31.56 8.63 -22.24
CA PHE A 91 -31.53 9.95 -22.85
C PHE A 91 -30.59 10.02 -24.04
N ASN A 92 -29.64 9.09 -24.11
CA ASN A 92 -28.78 8.99 -25.25
C ASN A 92 -29.44 8.17 -26.34
N GLN A 93 -30.17 7.13 -25.95
CA GLN A 93 -30.90 6.33 -26.92
C GLN A 93 -32.11 7.07 -27.43
N LEU A 94 -32.68 7.95 -26.61
CA LEU A 94 -33.73 8.84 -27.09
C LEU A 94 -33.17 9.86 -28.08
N TYR A 95 -31.91 10.24 -27.93
CA TYR A 95 -31.32 11.18 -28.87
C TYR A 95 -30.96 10.49 -30.18
N ILE A 96 -30.30 9.33 -30.09
CA ILE A 96 -29.83 8.67 -31.30
C ILE A 96 -30.99 8.01 -32.03
N TYR A 97 -32.03 7.60 -31.31
CA TYR A 97 -33.25 7.19 -31.99
C TYR A 97 -34.10 8.37 -32.42
N LEU A 98 -33.94 9.53 -31.80
CA LEU A 98 -34.78 10.69 -32.13
C LEU A 98 -34.30 11.37 -33.39
N ARG A 99 -33.00 11.64 -33.48
CA ARG A 99 -32.48 12.47 -34.56
C ARG A 99 -32.56 11.75 -35.91
N ALA A 100 -32.91 10.47 -35.91
CA ALA A 100 -33.12 9.72 -37.14
C ALA A 100 -34.56 9.71 -37.61
N SER A 101 -35.45 10.44 -36.94
CA SER A 101 -36.87 10.37 -37.26
C SER A 101 -37.20 11.22 -38.50
N CYS A 102 -38.26 10.80 -39.18
CA CYS A 102 -38.90 11.58 -40.24
C CYS A 102 -40.21 12.13 -39.71
N LEU A 103 -40.34 13.45 -39.72
CA LEU A 103 -41.45 14.13 -39.06
C LEU A 103 -42.73 14.07 -39.89
N PHE A 104 -42.69 13.46 -41.06
CA PHE A 104 -43.83 13.47 -41.98
C PHE A 104 -44.24 12.06 -42.36
N CYS A 105 -43.34 11.33 -43.01
CA CYS A 105 -43.60 9.91 -43.25
C CYS A 105 -43.72 9.12 -41.97
N HIS A 106 -43.08 9.58 -40.89
CA HIS A 106 -43.14 8.94 -39.57
C HIS A 106 -42.57 7.52 -39.62
N HIS A 107 -41.64 7.29 -40.51
CA HIS A 107 -40.72 6.17 -40.45
C HIS A 107 -39.32 6.75 -40.31
N PHE A 108 -38.32 5.88 -40.22
CA PHE A 108 -36.96 6.42 -40.16
C PHE A 108 -36.54 6.93 -41.53
N ARG A 109 -35.69 7.96 -41.52
CA ARG A 109 -35.27 8.59 -42.76
C ARG A 109 -34.46 7.66 -43.65
N LEU A 110 -33.97 6.54 -43.13
CA LEU A 110 -33.38 5.52 -43.96
C LEU A 110 -34.49 4.68 -44.59
N LYS A 111 -34.23 4.19 -45.80
CA LYS A 111 -35.29 3.55 -46.58
C LYS A 111 -35.74 2.25 -45.92
N SER A 112 -36.93 1.80 -46.33
CA SER A 112 -37.59 0.68 -45.65
C SER A 112 -36.85 -0.63 -45.84
N VAL A 113 -36.38 -0.93 -47.04
CA VAL A 113 -35.72 -2.20 -47.30
C VAL A 113 -34.46 -2.35 -46.47
N GLU A 114 -33.52 -1.41 -46.65
CA GLU A 114 -32.23 -1.52 -45.99
C GLU A 114 -32.34 -1.58 -44.47
N VAL A 115 -33.43 -1.09 -43.90
CA VAL A 115 -33.66 -1.32 -42.47
C VAL A 115 -34.26 -2.70 -42.24
N HIS A 116 -35.20 -3.10 -43.10
CA HIS A 116 -35.90 -4.35 -42.89
C HIS A 116 -34.97 -5.55 -43.01
N ARG A 117 -33.86 -5.43 -43.72
CA ARG A 117 -32.91 -6.53 -43.71
C ARG A 117 -32.31 -6.73 -42.32
N TYR A 118 -31.99 -5.64 -41.62
CA TYR A 118 -31.58 -5.75 -40.23
C TYR A 118 -32.70 -6.32 -39.38
N ALA A 119 -33.93 -5.89 -39.63
CA ALA A 119 -35.07 -6.48 -38.92
C ALA A 119 -35.20 -7.99 -39.18
N CYS A 120 -34.70 -8.48 -40.31
CA CYS A 120 -34.67 -9.93 -40.53
C CYS A 120 -33.52 -10.57 -39.76
N LYS A 121 -32.33 -9.96 -39.83
CA LYS A 121 -31.13 -10.59 -39.30
C LYS A 121 -31.19 -10.69 -37.78
N LEU A 122 -31.46 -9.58 -37.11
CA LEU A 122 -31.50 -9.62 -35.65
C LEU A 122 -32.51 -10.64 -35.14
N ARG A 123 -33.48 -11.04 -35.97
CA ARG A 123 -34.34 -12.14 -35.57
C ARG A 123 -33.60 -13.47 -35.63
N LEU A 124 -32.62 -13.60 -36.51
CA LEU A 124 -31.81 -14.80 -36.54
C LEU A 124 -30.84 -14.83 -35.36
N LEU A 125 -30.20 -13.70 -35.06
CA LEU A 125 -29.21 -13.74 -33.99
C LEU A 125 -29.83 -13.99 -32.62
N GLN A 126 -31.14 -14.00 -32.49
CA GLN A 126 -31.74 -14.35 -31.21
C GLN A 126 -31.73 -15.85 -30.99
N TYR A 127 -31.71 -16.64 -32.05
CA TYR A 127 -31.72 -18.09 -31.95
C TYR A 127 -30.33 -18.70 -32.01
N GLY A 128 -29.29 -17.88 -32.14
CA GLY A 128 -27.94 -18.40 -32.14
C GLY A 128 -27.41 -18.82 -33.47
N LEU A 129 -28.08 -18.51 -34.56
CA LEU A 129 -27.61 -18.85 -35.90
C LEU A 129 -26.81 -17.67 -36.44
N ILE A 130 -25.49 -17.85 -36.54
CA ILE A 130 -24.66 -16.79 -37.09
C ILE A 130 -24.62 -16.87 -38.61
N ASP A 131 -24.58 -18.08 -39.16
CA ASP A 131 -24.25 -18.29 -40.56
C ASP A 131 -25.28 -17.64 -41.49
N GLU A 132 -26.54 -18.04 -41.38
CA GLU A 132 -27.56 -17.58 -42.30
C GLU A 132 -27.77 -16.09 -42.26
N SER A 133 -27.45 -15.43 -41.15
CA SER A 133 -27.47 -13.97 -41.11
C SER A 133 -26.50 -13.40 -42.15
N TYR A 134 -25.28 -13.93 -42.20
CA TYR A 134 -24.36 -13.51 -43.24
C TYR A 134 -24.85 -13.89 -44.61
N LYS A 135 -25.36 -15.12 -44.75
CA LYS A 135 -25.80 -15.55 -46.09
C LYS A 135 -27.10 -14.88 -46.52
N LEU A 136 -27.71 -14.04 -45.69
CA LEU A 136 -28.98 -13.42 -46.08
C LEU A 136 -28.78 -12.38 -47.17
N ASP A 137 -27.60 -11.76 -47.25
CA ASP A 137 -27.32 -10.85 -48.34
C ASP A 137 -27.15 -11.54 -49.68
N GLU A 138 -27.15 -12.88 -49.69
CA GLU A 138 -27.16 -13.59 -50.96
C GLU A 138 -28.45 -13.38 -51.72
N ILE A 139 -29.44 -12.73 -51.11
CA ILE A 139 -30.77 -12.68 -51.69
C ILE A 139 -30.94 -11.46 -52.58
N THR A 140 -31.14 -11.72 -53.87
CA THR A 140 -31.39 -10.72 -54.91
C THR A 140 -31.60 -11.46 -56.23
N LEU A 141 -32.25 -10.83 -57.20
CA LEU A 141 -32.45 -11.46 -58.49
C LEU A 141 -31.25 -11.19 -59.40
N SER A 174 -39.44 1.56 -58.53
CA SER A 174 -40.33 0.44 -58.84
C SER A 174 -40.70 -0.32 -57.58
N SER A 175 -41.78 0.10 -56.93
CA SER A 175 -42.22 -0.53 -55.69
C SER A 175 -42.63 -1.98 -55.85
N THR A 176 -42.89 -2.43 -57.08
CA THR A 176 -43.33 -3.81 -57.30
C THR A 176 -42.27 -4.82 -56.90
N LEU A 177 -41.00 -4.57 -57.26
CA LEU A 177 -39.93 -5.49 -56.89
C LEU A 177 -39.81 -5.61 -55.38
N LEU A 178 -40.12 -4.53 -54.66
CA LEU A 178 -39.96 -4.55 -53.21
C LEU A 178 -40.80 -5.64 -52.56
N ASN A 179 -42.02 -5.84 -53.04
CA ASN A 179 -42.90 -6.84 -52.43
C ASN A 179 -42.28 -8.23 -52.52
N GLU A 180 -41.98 -8.68 -53.74
CA GLU A 180 -41.46 -10.03 -53.90
C GLU A 180 -40.10 -10.18 -53.25
N LEU A 181 -39.28 -9.14 -53.26
CA LEU A 181 -37.97 -9.23 -52.61
C LEU A 181 -38.13 -9.39 -51.09
N LYS A 182 -38.90 -8.50 -50.48
CA LYS A 182 -39.07 -8.55 -49.03
C LYS A 182 -39.70 -9.86 -48.59
N SER A 183 -40.76 -10.31 -49.27
CA SER A 183 -41.35 -11.59 -48.91
C SER A 183 -40.39 -12.74 -49.20
N LYS A 184 -39.47 -12.55 -50.15
CA LYS A 184 -38.50 -13.59 -50.43
C LYS A 184 -37.47 -13.70 -49.30
N ARG A 185 -37.20 -12.59 -48.62
CA ARG A 185 -36.35 -12.68 -47.43
C ARG A 185 -37.06 -13.42 -46.31
N SER A 186 -38.29 -13.05 -46.00
CA SER A 186 -38.93 -13.55 -44.81
C SER A 186 -39.45 -14.97 -44.99
N GLU A 187 -39.67 -15.41 -46.23
CA GLU A 187 -39.94 -16.83 -46.43
C GLU A 187 -38.72 -17.66 -46.06
N TYR A 188 -37.54 -17.21 -46.51
CA TYR A 188 -36.29 -17.86 -46.15
C TYR A 188 -36.08 -17.90 -44.65
N VAL A 189 -36.12 -16.74 -44.00
CA VAL A 189 -35.91 -16.67 -42.56
C VAL A 189 -36.92 -17.55 -41.83
N ASP A 190 -38.19 -17.43 -42.19
CA ASP A 190 -39.22 -18.23 -41.52
C ASP A 190 -39.00 -19.72 -41.76
N MET A 191 -38.28 -20.08 -42.81
CA MET A 191 -37.95 -21.48 -43.02
C MET A 191 -36.79 -21.91 -42.12
N ALA A 192 -35.74 -21.10 -42.05
CA ALA A 192 -34.51 -21.52 -41.39
C ALA A 192 -34.72 -21.82 -39.91
N ILE A 193 -35.69 -21.16 -39.27
CA ILE A 193 -35.90 -21.37 -37.85
C ILE A 193 -36.56 -22.72 -37.60
N ALA A 194 -37.59 -23.06 -38.36
CA ALA A 194 -38.19 -24.38 -38.24
C ALA A 194 -37.22 -25.47 -38.65
N LYS A 195 -36.34 -25.17 -39.61
CA LYS A 195 -35.26 -26.12 -39.92
C LYS A 195 -34.35 -26.33 -38.72
N ALA A 196 -33.90 -25.25 -38.09
CA ALA A 196 -32.93 -25.37 -37.02
C ALA A 196 -33.55 -25.98 -35.77
N LEU A 197 -34.73 -25.53 -35.38
CA LEU A 197 -35.40 -26.11 -34.21
C LEU A 197 -35.75 -27.57 -34.41
N SER A 198 -35.70 -28.09 -35.64
CA SER A 198 -35.98 -29.50 -35.87
C SER A 198 -35.01 -30.39 -35.10
N ASP A 199 -33.72 -30.21 -35.34
CA ASP A 199 -32.70 -30.93 -34.60
C ASP A 199 -32.27 -30.10 -33.39
N GLY A 200 -31.19 -30.50 -32.73
CA GLY A 200 -30.79 -29.85 -31.50
C GLY A 200 -29.87 -28.66 -31.67
N ARG A 201 -29.85 -28.04 -32.84
CA ARG A 201 -29.03 -26.86 -33.02
C ARG A 201 -29.56 -25.66 -32.24
N THR A 202 -30.78 -25.72 -31.74
CA THR A 202 -31.38 -24.58 -31.07
C THR A 202 -32.49 -25.08 -30.17
N THR A 203 -32.84 -24.27 -29.18
CA THR A 203 -34.03 -24.49 -28.36
C THR A 203 -34.95 -23.29 -28.48
N GLU A 204 -36.22 -23.49 -28.12
CA GLU A 204 -37.20 -22.42 -28.24
C GLU A 204 -36.75 -21.16 -27.51
N ARG A 205 -36.16 -21.32 -26.33
CA ARG A 205 -35.84 -20.15 -25.51
C ARG A 205 -34.70 -19.35 -26.11
N GLY A 206 -34.10 -19.83 -27.19
CA GLY A 206 -33.06 -19.08 -27.86
C GLY A 206 -31.70 -19.30 -27.24
N SER A 207 -30.65 -19.13 -28.02
CA SER A 207 -29.28 -19.35 -27.59
C SER A 207 -28.54 -18.03 -27.56
N PHE A 208 -27.92 -17.73 -26.42
CA PHE A 208 -27.15 -16.50 -26.27
C PHE A 208 -25.82 -16.85 -25.61
N THR A 209 -24.73 -16.61 -26.33
CA THR A 209 -23.39 -17.02 -25.91
C THR A 209 -22.46 -15.82 -25.91
N ALA A 210 -21.17 -16.05 -25.72
CA ALA A 210 -20.22 -14.96 -25.85
C ALA A 210 -19.91 -14.64 -27.31
N THR A 211 -20.10 -15.59 -28.22
CA THR A 211 -19.84 -15.31 -29.62
C THR A 211 -21.00 -14.59 -30.28
N VAL A 212 -22.23 -15.01 -29.98
CA VAL A 212 -23.41 -14.34 -30.51
C VAL A 212 -23.43 -12.88 -30.08
N ASN A 213 -23.19 -12.64 -28.79
CA ASN A 213 -23.27 -11.28 -28.26
C ASN A 213 -22.28 -10.33 -28.92
N ASP A 214 -21.25 -10.83 -29.60
CA ASP A 214 -20.41 -9.96 -30.42
C ASP A 214 -21.06 -9.65 -31.75
N GLU A 215 -21.56 -10.68 -32.43
CA GLU A 215 -22.33 -10.49 -33.66
C GLU A 215 -23.37 -9.39 -33.48
N ARG A 216 -24.16 -9.51 -32.42
CA ARG A 216 -25.23 -8.55 -32.18
C ARG A 216 -24.70 -7.14 -32.02
N LYS A 217 -23.73 -6.94 -31.12
CA LYS A 217 -23.22 -5.60 -30.89
C LYS A 217 -22.61 -5.01 -32.15
N LYS A 218 -22.05 -5.85 -33.02
CA LYS A 218 -21.56 -5.31 -34.28
C LYS A 218 -22.71 -4.84 -35.15
N LEU A 219 -23.73 -5.67 -35.34
CA LEU A 219 -24.82 -5.28 -36.24
C LEU A 219 -25.59 -4.07 -35.71
N VAL A 220 -25.82 -4.01 -34.39
CA VAL A 220 -26.50 -2.84 -33.83
C VAL A 220 -25.63 -1.61 -33.93
N HIS A 221 -24.36 -1.72 -33.53
CA HIS A 221 -23.51 -0.54 -33.54
C HIS A 221 -23.25 -0.03 -34.95
N GLU A 222 -23.39 -0.88 -35.96
CA GLU A 222 -23.42 -0.39 -37.33
C GLU A 222 -24.83 0.00 -37.76
N PHE A 223 -25.84 -0.38 -36.97
CA PHE A 223 -27.22 -0.05 -37.30
C PHE A 223 -27.56 1.38 -36.89
N HIS A 224 -26.88 1.89 -35.86
CA HIS A 224 -27.00 3.32 -35.56
C HIS A 224 -26.13 4.16 -36.47
N LYS A 225 -25.01 3.59 -36.94
CA LYS A 225 -24.11 4.34 -37.81
C LYS A 225 -24.76 4.71 -39.14
N LYS A 226 -25.66 3.87 -39.64
CA LYS A 226 -26.30 4.11 -40.91
C LYS A 226 -27.54 5.00 -40.81
N LEU A 227 -28.09 5.19 -39.61
CA LEU A 227 -29.22 6.11 -39.49
C LEU A 227 -28.76 7.56 -39.49
N LEU A 228 -27.72 7.88 -38.72
CA LEU A 228 -27.33 9.27 -38.50
C LEU A 228 -26.49 9.83 -39.62
N SER A 229 -26.08 9.01 -40.59
CA SER A 229 -25.40 9.52 -41.78
C SER A 229 -26.36 9.82 -42.93
N ARG A 230 -27.62 9.43 -42.80
CA ARG A 230 -28.63 9.67 -43.83
C ARG A 230 -29.24 11.05 -43.60
N GLY A 231 -29.04 11.96 -44.54
CA GLY A 231 -29.43 13.34 -44.34
C GLY A 231 -30.71 13.79 -45.02
N LYS A 232 -31.24 12.96 -45.92
CA LYS A 232 -32.47 13.28 -46.64
C LYS A 232 -33.41 12.09 -46.57
N CYS A 233 -34.63 12.33 -46.10
CA CYS A 233 -35.61 11.26 -45.96
C CYS A 233 -35.79 10.52 -47.28
N ASP A 234 -35.73 9.20 -47.24
CA ASP A 234 -35.84 8.38 -48.42
C ASP A 234 -37.25 7.87 -48.66
N ASN A 235 -38.20 8.25 -47.82
CA ASN A 235 -39.62 7.96 -48.09
C ASN A 235 -40.22 9.08 -48.93
N CYS A 236 -40.47 10.23 -48.30
CA CYS A 236 -41.05 11.35 -49.01
C CYS A 236 -40.01 12.10 -49.83
N GLY A 237 -38.85 12.38 -49.24
CA GLY A 237 -37.89 13.28 -49.82
C GLY A 237 -37.85 14.66 -49.20
N MET A 238 -38.50 14.85 -48.05
CA MET A 238 -38.49 16.13 -47.35
C MET A 238 -37.16 16.32 -46.63
N PHE A 239 -37.07 17.35 -45.79
CA PHE A 239 -35.94 17.55 -44.92
C PHE A 239 -36.42 17.72 -43.49
N SER A 240 -36.03 16.82 -42.63
CA SER A 240 -36.34 17.11 -41.24
C SER A 240 -35.21 17.94 -40.62
N PRO A 241 -35.55 18.86 -39.73
CA PRO A 241 -34.54 19.74 -39.16
C PRO A 241 -33.64 19.03 -38.16
N LYS A 242 -32.51 19.67 -37.88
CA LYS A 242 -31.55 19.15 -36.92
C LYS A 242 -32.04 19.35 -35.48
N PHE A 243 -31.43 18.61 -34.56
CA PHE A 243 -31.61 18.81 -33.13
C PHE A 243 -30.23 18.90 -32.49
N ARG A 244 -29.98 19.98 -31.76
CA ARG A 244 -28.71 20.18 -31.05
C ARG A 244 -29.00 20.26 -29.57
N LYS A 245 -28.44 19.33 -28.80
CA LYS A 245 -28.78 19.21 -27.39
C LYS A 245 -27.65 19.72 -26.50
N ASP A 246 -27.84 19.59 -25.21
CA ASP A 246 -26.83 19.80 -24.18
C ASP A 246 -26.76 18.55 -23.31
N GLY A 247 -25.96 18.62 -22.25
CA GLY A 247 -25.92 17.55 -21.27
C GLY A 247 -26.85 17.86 -20.13
N PHE A 248 -27.29 19.11 -20.06
CA PHE A 248 -28.15 19.62 -19.00
C PHE A 248 -29.62 19.43 -19.32
N THR A 249 -29.93 18.69 -20.38
CA THR A 249 -31.30 18.37 -20.81
C THR A 249 -32.08 19.64 -21.17
N LYS A 250 -31.58 20.31 -22.21
CA LYS A 250 -32.35 21.23 -23.02
C LYS A 250 -31.91 21.01 -24.45
N ILE A 251 -32.87 20.77 -25.33
CA ILE A 251 -32.60 20.39 -26.71
C ILE A 251 -33.02 21.53 -27.64
N PHE A 252 -32.09 21.99 -28.46
CA PHE A 252 -32.33 23.10 -29.36
C PHE A 252 -32.76 22.59 -30.73
N GLU A 253 -33.68 23.33 -31.36
CA GLU A 253 -34.19 23.01 -32.67
C GLU A 253 -33.78 24.10 -33.65
N THR A 254 -33.46 23.71 -34.87
CA THR A 254 -32.93 24.62 -35.88
C THR A 254 -33.81 24.64 -37.11
N ALA A 255 -33.90 25.81 -37.74
CA ALA A 255 -34.73 26.02 -38.92
C ALA A 255 -34.10 25.37 -40.16
N LEU A 256 -34.93 25.18 -41.17
CA LEU A 256 -34.53 24.49 -42.39
C LEU A 256 -33.67 25.39 -43.27
N ASN A 257 -32.86 24.76 -44.11
CA ASN A 257 -31.97 25.47 -45.03
C ASN A 257 -32.73 25.95 -46.26
N GLU A 258 -32.19 27.00 -46.89
CA GLU A 258 -32.83 27.74 -47.97
C GLU A 258 -33.45 26.84 -49.04
N LYS A 259 -32.61 26.19 -49.84
CA LYS A 259 -33.11 25.31 -50.90
C LYS A 259 -33.99 24.20 -50.36
N GLN A 260 -33.80 23.81 -49.10
CA GLN A 260 -34.58 22.71 -48.55
C GLN A 260 -36.05 23.08 -48.43
N ILE A 261 -36.38 24.33 -48.13
CA ILE A 261 -37.78 24.74 -48.16
C ILE A 261 -38.33 24.60 -49.57
N THR A 262 -37.53 24.96 -50.57
CA THR A 262 -37.94 24.78 -51.95
C THR A 262 -38.29 23.31 -52.22
N ASN A 263 -37.38 22.40 -51.89
CA ASN A 263 -37.69 20.98 -52.03
C ASN A 263 -38.91 20.56 -51.20
N ASN A 264 -39.15 21.23 -50.08
CA ASN A 264 -40.33 20.92 -49.27
C ASN A 264 -41.60 21.22 -50.03
N ARG A 265 -41.77 22.46 -50.48
CA ARG A 265 -43.00 22.85 -51.13
C ARG A 265 -43.17 22.24 -52.51
N VAL A 266 -42.07 21.98 -53.22
CA VAL A 266 -42.19 21.40 -54.56
C VAL A 266 -42.74 19.98 -54.50
N LYS A 267 -42.11 19.12 -53.71
CA LYS A 267 -42.58 17.74 -53.60
C LYS A 267 -43.93 17.63 -52.89
N GLY A 268 -44.39 18.69 -52.23
CA GLY A 268 -45.68 18.67 -51.57
C GLY A 268 -46.83 18.74 -52.54
N SER A 312 -33.16 28.87 -33.84
CA SER A 312 -32.89 28.28 -32.54
C SER A 312 -34.12 28.39 -31.64
N THR A 313 -34.58 27.27 -31.12
CA THR A 313 -35.80 27.24 -30.32
C THR A 313 -35.71 26.11 -29.30
N TYR A 314 -36.30 26.34 -28.13
CA TYR A 314 -36.48 25.30 -27.13
C TYR A 314 -37.70 24.45 -27.46
N ILE A 315 -37.61 23.16 -27.15
CA ILE A 315 -38.65 22.20 -27.52
C ILE A 315 -39.17 21.52 -26.25
N LEU A 316 -40.48 21.38 -26.16
CA LEU A 316 -41.16 20.89 -24.97
C LEU A 316 -41.13 19.37 -24.91
N SER A 317 -41.24 18.84 -23.69
CA SER A 317 -41.09 17.41 -23.48
C SER A 317 -42.20 16.61 -24.15
N THR A 318 -43.46 16.92 -23.82
CA THR A 318 -44.58 16.15 -24.38
C THR A 318 -44.56 16.17 -25.90
N GLU A 319 -44.07 17.26 -26.49
CA GLU A 319 -43.86 17.33 -27.93
C GLU A 319 -42.92 16.20 -28.38
N VAL A 320 -41.75 16.10 -27.74
CA VAL A 320 -40.81 15.06 -28.09
C VAL A 320 -41.42 13.68 -27.86
N LYS A 321 -42.29 13.56 -26.86
CA LYS A 321 -43.01 12.30 -26.68
C LYS A 321 -43.85 11.98 -27.91
N ASN A 322 -44.63 12.94 -28.38
CA ASN A 322 -45.47 12.73 -29.54
C ASN A 322 -44.68 12.64 -30.84
N ILE A 323 -43.38 12.95 -30.82
CA ILE A 323 -42.54 12.59 -31.96
C ILE A 323 -42.26 11.09 -31.95
N LEU A 324 -41.92 10.55 -30.78
CA LEU A 324 -41.51 9.16 -30.70
C LEU A 324 -42.68 8.21 -30.90
N ASP A 325 -43.78 8.42 -30.17
CA ASP A 325 -44.85 7.43 -30.14
C ASP A 325 -45.32 7.04 -31.55
N THR A 326 -45.46 8.03 -32.44
CA THR A 326 -45.86 7.71 -33.81
C THR A 326 -44.85 6.79 -34.46
N VAL A 327 -43.55 6.99 -34.17
CA VAL A 327 -42.54 6.12 -34.73
C VAL A 327 -42.67 4.72 -34.15
N PHE A 328 -42.74 4.61 -32.81
CA PHE A 328 -42.86 3.30 -32.20
C PHE A 328 -44.15 2.58 -32.58
N ARG A 329 -45.12 3.27 -33.19
CA ARG A 329 -46.21 2.51 -33.80
C ARG A 329 -45.83 1.93 -35.15
N LYS A 330 -45.07 2.68 -35.96
CA LYS A 330 -44.72 2.23 -37.31
C LYS A 330 -43.58 1.23 -37.30
N GLU A 331 -42.53 1.52 -36.54
CA GLU A 331 -41.29 0.76 -36.57
C GLU A 331 -41.28 -0.40 -35.58
N GLN A 332 -42.43 -0.69 -34.96
CA GLN A 332 -42.51 -1.71 -33.91
C GLN A 332 -41.81 -3.01 -34.30
N CYS A 333 -41.79 -3.34 -35.59
CA CYS A 333 -41.15 -4.57 -36.03
C CYS A 333 -39.67 -4.59 -35.65
N VAL A 334 -38.91 -3.61 -36.10
CA VAL A 334 -37.46 -3.65 -35.90
C VAL A 334 -37.10 -3.30 -34.45
N LEU A 335 -37.67 -2.22 -33.93
CA LEU A 335 -37.38 -1.84 -32.55
C LEU A 335 -37.87 -2.88 -31.56
N GLN A 336 -38.76 -3.78 -32.00
CA GLN A 336 -39.09 -4.93 -31.17
C GLN A 336 -37.86 -5.80 -30.97
N TYR A 337 -37.07 -6.00 -32.02
CA TYR A 337 -35.88 -6.82 -31.91
C TYR A 337 -34.71 -6.09 -31.28
N VAL A 338 -34.45 -4.84 -31.67
CA VAL A 338 -33.24 -4.16 -31.21
C VAL A 338 -33.19 -4.01 -29.69
N PHE A 339 -34.33 -3.98 -29.01
CA PHE A 339 -34.38 -3.94 -27.56
C PHE A 339 -34.49 -5.31 -26.91
N HIS A 340 -34.42 -6.39 -27.67
CA HIS A 340 -34.55 -7.72 -27.08
C HIS A 340 -33.50 -8.66 -27.64
N SER A 341 -32.65 -9.17 -26.76
CA SER A 341 -31.60 -10.11 -27.11
C SER A 341 -32.06 -11.55 -27.08
N ARG A 342 -33.31 -11.80 -26.69
CA ARG A 342 -33.86 -13.14 -26.58
C ARG A 342 -35.14 -13.23 -27.38
N PRO A 343 -35.60 -14.44 -27.69
CA PRO A 343 -36.98 -14.59 -28.15
C PRO A 343 -37.92 -14.01 -27.12
N ASN A 344 -38.85 -13.17 -27.57
CA ASN A 344 -39.70 -12.40 -26.68
C ASN A 344 -41.04 -13.13 -26.61
N LEU A 345 -41.29 -13.80 -25.50
CA LEU A 345 -42.43 -14.72 -25.42
C LEU A 345 -43.74 -13.98 -25.10
N SER A 346 -43.70 -13.07 -24.13
CA SER A 346 -44.95 -12.47 -23.66
C SER A 346 -45.44 -11.40 -24.63
N ARG A 347 -44.62 -11.04 -25.62
CA ARG A 347 -44.93 -10.03 -26.63
C ARG A 347 -45.31 -8.70 -26.00
N LYS A 348 -44.43 -8.12 -25.17
CA LYS A 348 -44.62 -6.75 -24.76
C LYS A 348 -44.30 -5.82 -25.92
N LEU A 349 -45.10 -4.76 -26.07
CA LEU A 349 -44.78 -3.74 -27.03
C LEU A 349 -43.63 -2.86 -26.51
N VAL A 350 -43.00 -2.15 -27.42
CA VAL A 350 -41.96 -1.18 -27.07
C VAL A 350 -42.59 0.21 -27.14
N LYS A 351 -42.75 0.84 -25.99
CA LYS A 351 -43.37 2.15 -25.90
C LYS A 351 -42.34 3.18 -25.47
N ALA A 352 -42.51 4.41 -25.93
CA ALA A 352 -41.57 5.47 -25.58
C ALA A 352 -41.68 5.90 -24.14
N ASP A 353 -42.68 5.40 -23.40
CA ASP A 353 -42.76 5.67 -21.98
C ASP A 353 -41.58 5.12 -21.20
N SER A 354 -40.73 4.31 -21.84
CA SER A 354 -39.52 3.84 -21.19
C SER A 354 -38.59 5.00 -20.86
N PHE A 355 -38.56 6.02 -21.71
CA PHE A 355 -37.61 7.11 -21.56
C PHE A 355 -38.13 8.25 -20.69
N PHE A 356 -39.42 8.25 -20.36
CA PHE A 356 -40.03 9.36 -19.66
C PHE A 356 -40.54 8.92 -18.30
N MET A 357 -40.42 9.81 -17.33
CA MET A 357 -40.79 9.52 -15.95
C MET A 357 -42.07 10.29 -15.64
N ASP A 358 -43.18 9.57 -15.54
CA ASP A 358 -44.42 10.22 -15.12
C ASP A 358 -44.48 10.35 -13.61
N VAL A 359 -43.80 9.45 -12.89
CA VAL A 359 -43.82 9.42 -11.44
C VAL A 359 -42.41 9.12 -10.94
N LEU A 360 -42.21 9.37 -9.65
CA LEU A 360 -41.06 8.91 -8.89
C LEU A 360 -41.53 7.96 -7.81
N VAL A 361 -40.61 7.11 -7.34
CA VAL A 361 -40.91 6.18 -6.27
C VAL A 361 -40.13 6.60 -5.03
N VAL A 362 -40.79 6.58 -3.89
CA VAL A 362 -40.16 6.92 -2.62
C VAL A 362 -39.65 5.66 -1.97
N PRO A 363 -38.35 5.55 -1.68
CA PRO A 363 -37.84 4.35 -1.01
C PRO A 363 -38.54 4.14 0.32
N PRO A 364 -38.49 2.93 0.86
CA PRO A 364 -39.15 2.65 2.14
C PRO A 364 -38.64 3.56 3.25
N THR A 365 -39.40 3.59 4.34
CA THR A 365 -39.08 4.48 5.45
C THR A 365 -37.66 4.26 5.96
N ARG A 366 -37.32 3.00 6.26
CA ARG A 366 -36.10 2.72 7.00
C ARG A 366 -34.82 3.00 6.22
N PHE A 367 -34.90 3.16 4.91
CA PHE A 367 -33.72 3.53 4.15
C PHE A 367 -33.49 5.03 4.10
N ARG A 368 -34.50 5.83 4.45
CA ARG A 368 -34.40 7.27 4.50
C ARG A 368 -34.14 7.81 5.91
N LEU A 369 -33.86 6.95 6.88
CA LEU A 369 -33.71 7.34 8.29
C LEU A 369 -32.73 8.50 8.48
N PRO A 370 -32.89 9.26 9.57
CA PRO A 370 -32.00 10.41 9.79
C PRO A 370 -30.53 10.04 9.94
N SER A 371 -29.68 11.04 10.12
CA SER A 371 -28.25 10.81 10.32
C SER A 371 -27.81 11.57 11.56
N LYS A 372 -27.40 10.84 12.59
CA LYS A 372 -26.89 11.44 13.82
C LYS A 372 -25.38 11.19 13.89
N LEU A 373 -24.59 12.24 13.74
CA LEU A 373 -23.15 12.18 13.93
C LEU A 373 -22.87 12.56 15.37
N GLY A 374 -22.42 11.59 16.16
CA GLY A 374 -22.43 11.77 17.59
C GLY A 374 -23.85 12.02 18.05
N GLU A 375 -24.04 13.13 18.76
CA GLU A 375 -25.36 13.58 19.16
C GLU A 375 -26.12 14.29 18.04
N GLU A 376 -25.41 14.83 17.06
CA GLU A 376 -25.97 15.76 16.08
C GLU A 376 -26.96 15.04 15.18
N VAL A 377 -28.09 15.69 14.92
CA VAL A 377 -29.18 15.09 14.16
C VAL A 377 -29.33 15.82 12.84
N HIS A 378 -29.65 15.06 11.80
CA HIS A 378 -29.92 15.64 10.49
C HIS A 378 -30.97 14.81 9.77
N GLU A 379 -31.78 15.49 8.95
CA GLU A 379 -32.58 14.79 7.96
C GLU A 379 -31.66 14.10 6.96
N ASN A 380 -32.11 12.98 6.43
CA ASN A 380 -31.29 12.25 5.47
C ASN A 380 -31.12 13.09 4.21
N SER A 381 -29.90 13.12 3.68
CA SER A 381 -29.56 14.03 2.60
C SER A 381 -30.42 13.82 1.36
N GLN A 382 -30.81 12.59 1.07
CA GLN A 382 -31.69 12.32 -0.06
C GLN A 382 -33.03 13.03 0.10
N ASN A 383 -33.53 13.12 1.34
CA ASN A 383 -34.82 13.77 1.58
C ASN A 383 -34.76 15.24 1.22
N GLN A 384 -33.55 15.82 1.17
CA GLN A 384 -33.46 17.21 0.76
C GLN A 384 -33.74 17.36 -0.72
N LEU A 385 -33.28 16.40 -1.53
CA LEU A 385 -33.55 16.45 -2.96
C LEU A 385 -35.00 16.10 -3.27
N LEU A 386 -35.52 15.05 -2.64
CA LEU A 386 -36.96 14.82 -2.74
C LEU A 386 -37.74 16.07 -2.36
N SER A 387 -37.31 16.75 -1.29
CA SER A 387 -38.02 17.94 -0.85
C SER A 387 -37.95 19.04 -1.90
N LYS A 388 -36.82 19.17 -2.59
CA LYS A 388 -36.76 20.13 -3.68
C LYS A 388 -37.78 19.80 -4.76
N VAL A 389 -37.85 18.53 -5.18
CA VAL A 389 -38.79 18.18 -6.23
C VAL A 389 -40.23 18.41 -5.76
N LEU A 390 -40.49 18.27 -4.45
CA LEU A 390 -41.82 18.60 -3.96
C LEU A 390 -42.09 20.10 -4.02
N THR A 391 -41.08 20.91 -3.66
CA THR A 391 -41.27 22.36 -3.70
C THR A 391 -41.55 22.85 -5.11
N THR A 392 -40.64 22.56 -6.04
CA THR A 392 -40.88 22.98 -7.42
C THR A 392 -42.15 22.35 -7.97
N SER A 393 -42.45 21.12 -7.54
CA SER A 393 -43.70 20.47 -7.88
C SER A 393 -44.90 21.36 -7.57
N LEU A 394 -45.13 21.67 -6.29
CA LEU A 394 -46.25 22.52 -5.94
C LEU A 394 -46.17 23.87 -6.64
N LEU A 395 -44.97 24.40 -6.85
CA LEU A 395 -44.86 25.73 -7.45
C LEU A 395 -45.38 25.74 -8.89
N ILE A 396 -45.04 24.71 -9.67
CA ILE A 396 -45.57 24.62 -11.03
C ILE A 396 -47.02 24.17 -11.07
N ARG A 397 -47.45 23.32 -10.13
CA ARG A 397 -48.88 23.00 -10.02
C ARG A 397 -49.70 24.27 -9.85
N ASP A 398 -49.46 25.00 -8.74
CA ASP A 398 -50.27 26.18 -8.44
C ASP A 398 -50.22 27.22 -9.56
N LEU A 399 -49.03 27.62 -9.98
CA LEU A 399 -48.92 28.68 -10.99
C LEU A 399 -49.51 28.24 -12.32
N ASN A 400 -49.28 26.98 -12.70
CA ASN A 400 -49.89 26.45 -13.91
C ASN A 400 -51.41 26.38 -13.79
N ASP A 401 -51.94 26.33 -12.57
CA ASP A 401 -53.38 26.40 -12.36
C ASP A 401 -53.85 27.83 -12.56
N ASP A 402 -53.15 28.80 -11.97
CA ASP A 402 -53.56 30.19 -12.05
C ASP A 402 -53.45 30.74 -13.47
N LEU A 403 -52.54 30.19 -14.27
CA LEU A 403 -52.50 30.58 -15.68
C LEU A 403 -53.81 30.21 -16.35
N SER A 404 -54.28 28.98 -16.13
CA SER A 404 -55.55 28.53 -16.68
C SER A 404 -56.74 29.29 -16.10
N LYS A 405 -56.66 29.73 -14.85
CA LYS A 405 -57.71 30.52 -14.24
C LYS A 405 -57.85 31.90 -14.87
N LEU A 406 -56.86 32.35 -15.63
CA LEU A 406 -56.91 33.67 -16.23
C LEU A 406 -57.80 33.67 -17.47
N GLN A 407 -58.32 34.85 -17.79
CA GLN A 407 -59.18 35.05 -18.96
C GLN A 407 -58.33 35.66 -20.07
N LYS A 408 -58.11 34.90 -21.14
CA LYS A 408 -57.16 35.32 -22.17
C LYS A 408 -57.58 36.61 -22.84
N ASP A 409 -58.89 36.88 -22.90
CA ASP A 409 -59.36 38.17 -23.38
C ASP A 409 -58.97 39.28 -22.41
N LYS A 410 -59.13 39.02 -21.11
CA LYS A 410 -58.67 39.96 -20.10
C LYS A 410 -57.14 39.98 -20.02
N VAL A 411 -56.51 38.82 -20.23
CA VAL A 411 -55.06 38.76 -20.24
C VAL A 411 -54.51 39.60 -21.38
N SER A 412 -53.61 40.52 -21.04
CA SER A 412 -52.94 41.30 -22.06
C SER A 412 -51.93 40.45 -22.80
N LEU A 413 -51.62 40.86 -24.04
CA LEU A 413 -50.60 40.17 -24.81
C LEU A 413 -49.25 40.24 -24.10
N GLU A 414 -49.03 41.30 -23.32
CA GLU A 414 -47.81 41.40 -22.53
C GLU A 414 -47.84 40.44 -21.35
N ASP A 415 -49.04 40.16 -20.81
CA ASP A 415 -49.14 39.22 -19.70
C ASP A 415 -48.75 37.82 -20.14
N ARG A 416 -48.82 37.55 -21.44
CA ARG A 416 -48.35 36.27 -21.97
C ARG A 416 -46.84 36.14 -21.76
N ARG A 417 -46.13 37.26 -21.86
CA ARG A 417 -44.68 37.23 -21.69
C ARG A 417 -44.27 37.01 -20.24
N VAL A 418 -44.94 37.69 -19.31
CA VAL A 418 -44.47 37.68 -17.93
C VAL A 418 -44.79 36.34 -17.26
N ILE A 419 -45.69 35.56 -17.85
CA ILE A 419 -46.12 34.32 -17.23
C ILE A 419 -45.58 33.12 -17.98
N PHE A 420 -45.96 32.97 -19.25
CA PHE A 420 -45.59 31.80 -20.05
C PHE A 420 -44.08 31.62 -20.08
N SER A 421 -43.33 32.73 -20.01
CA SER A 421 -41.87 32.63 -19.97
C SER A 421 -41.39 32.10 -18.63
N ARG A 422 -42.01 32.56 -17.54
CA ARG A 422 -41.71 32.02 -16.21
C ARG A 422 -41.92 30.51 -16.19
N LEU A 423 -43.01 30.05 -16.80
CA LEU A 423 -43.22 28.61 -17.00
C LEU A 423 -42.06 27.98 -17.76
N MET A 424 -41.84 28.41 -19.00
CA MET A 424 -40.78 27.78 -19.80
C MET A 424 -39.45 27.87 -19.17
N ASN A 425 -39.25 28.68 -18.13
CA ASN A 425 -38.12 28.51 -17.25
C ASN A 425 -38.31 27.38 -16.25
N ALA A 426 -39.35 27.44 -15.41
CA ALA A 426 -39.61 26.43 -14.39
C ALA A 426 -39.44 25.00 -14.89
N PHE A 427 -39.70 24.75 -16.17
CA PHE A 427 -39.37 23.43 -16.72
C PHE A 427 -37.91 23.07 -16.53
N VAL A 428 -37.02 24.05 -16.48
CA VAL A 428 -35.59 23.74 -16.35
C VAL A 428 -35.27 23.37 -14.91
N THR A 429 -36.01 23.92 -13.95
CA THR A 429 -35.81 23.52 -12.56
C THR A 429 -36.44 22.15 -12.30
N ILE A 430 -37.70 21.97 -12.69
CA ILE A 430 -38.34 20.68 -12.45
C ILE A 430 -37.64 19.57 -13.23
N GLN A 431 -37.03 19.91 -14.35
CA GLN A 431 -36.21 18.96 -15.09
C GLN A 431 -34.82 18.79 -14.52
N ASN A 432 -34.27 19.83 -13.89
CA ASN A 432 -32.89 19.77 -13.42
C ASN A 432 -32.77 19.30 -11.97
N ASP A 433 -33.88 19.12 -11.26
CA ASP A 433 -33.81 18.48 -9.95
C ASP A 433 -34.00 16.97 -10.03
N VAL A 434 -34.34 16.44 -11.21
CA VAL A 434 -34.33 14.99 -11.38
C VAL A 434 -32.95 14.47 -11.76
N ASN A 435 -32.06 15.32 -12.26
CA ASN A 435 -30.68 14.89 -12.46
C ASN A 435 -29.94 14.80 -11.13
N ALA A 436 -29.97 15.88 -10.35
CA ALA A 436 -29.30 15.85 -9.05
C ALA A 436 -29.80 14.70 -8.20
N PHE A 437 -31.09 14.39 -8.29
CA PHE A 437 -31.61 13.25 -7.55
C PHE A 437 -31.03 11.94 -8.06
N ILE A 438 -30.58 11.91 -9.31
CA ILE A 438 -30.00 10.70 -9.86
C ILE A 438 -28.50 10.91 -10.07
N ASP A 439 -28.13 11.71 -11.05
CA ASP A 439 -26.73 11.85 -11.46
C ASP A 439 -26.28 13.28 -11.18
N SER A 440 -25.34 13.44 -10.24
CA SER A 440 -24.93 14.77 -9.83
C SER A 440 -24.19 15.51 -10.95
N THR A 441 -23.37 14.78 -11.72
CA THR A 441 -22.66 15.42 -12.82
C THR A 441 -23.61 15.99 -13.86
N LYS A 442 -24.82 15.45 -13.96
CA LYS A 442 -25.84 15.99 -14.84
C LYS A 442 -26.59 17.18 -14.25
N ALA A 443 -26.26 17.57 -13.01
CA ALA A 443 -26.96 18.65 -12.34
C ALA A 443 -26.15 19.94 -12.42
N GLN A 444 -26.83 21.04 -12.70
CA GLN A 444 -26.18 22.33 -12.76
C GLN A 444 -25.75 22.76 -11.36
N GLY A 445 -24.77 23.66 -11.31
CA GLY A 445 -24.08 23.93 -10.05
C GLY A 445 -24.98 24.61 -9.04
N ARG A 446 -24.76 24.26 -7.76
CA ARG A 446 -25.42 24.91 -6.64
C ARG A 446 -24.36 25.65 -5.83
N THR A 447 -24.35 26.98 -5.93
CA THR A 447 -23.42 27.86 -5.23
C THR A 447 -21.97 27.53 -5.59
N SER A 448 -21.77 26.85 -6.72
CA SER A 448 -20.45 26.46 -7.23
C SER A 448 -19.50 25.99 -6.14
N GLY A 449 -19.84 24.89 -5.47
CA GLY A 449 -19.04 24.39 -4.38
C GLY A 449 -19.89 23.61 -3.41
N LYS A 450 -19.40 23.54 -2.17
CA LYS A 450 -20.08 22.88 -1.05
C LYS A 450 -20.15 21.37 -1.24
N VAL A 451 -19.70 20.89 -2.40
CA VAL A 451 -19.82 19.50 -2.85
C VAL A 451 -21.30 19.24 -3.14
N PRO A 452 -21.64 18.38 -4.10
CA PRO A 452 -23.03 18.00 -4.29
C PRO A 452 -23.45 16.98 -3.25
N ILE A 453 -24.77 16.92 -3.03
CA ILE A 453 -25.33 15.83 -2.23
C ILE A 453 -25.31 14.59 -3.12
N PRO A 454 -24.52 13.57 -2.79
CA PRO A 454 -24.35 12.46 -3.73
C PRO A 454 -25.68 11.80 -4.06
N GLY A 455 -25.93 11.63 -5.35
CA GLY A 455 -27.19 11.09 -5.81
C GLY A 455 -27.19 9.57 -5.84
N VAL A 456 -28.35 9.03 -6.16
CA VAL A 456 -28.53 7.58 -6.22
C VAL A 456 -27.60 6.93 -7.23
N LYS A 457 -27.17 7.67 -8.24
CA LYS A 457 -26.20 7.11 -9.18
C LYS A 457 -24.78 7.16 -8.63
N GLN A 458 -24.52 7.99 -7.63
CA GLN A 458 -23.28 7.89 -6.89
C GLN A 458 -23.37 6.90 -5.74
N ALA A 459 -24.57 6.40 -5.43
CA ALA A 459 -24.67 5.25 -4.55
C ALA A 459 -24.01 4.04 -5.19
N LEU A 460 -24.18 3.85 -6.49
CA LEU A 460 -23.57 2.69 -7.15
C LEU A 460 -22.78 3.03 -8.43
N GLU A 461 -21.83 3.97 -8.33
CA GLU A 461 -21.03 4.36 -9.50
C GLU A 461 -19.68 5.06 -9.21
N LYS A 462 -18.99 4.67 -8.14
CA LYS A 462 -17.70 5.30 -7.82
C LYS A 462 -16.77 4.47 -6.94
N LYS A 463 -15.48 4.79 -6.98
CA LYS A 463 -14.48 4.12 -6.15
C LYS A 463 -15.05 2.84 -5.54
N GLU A 464 -15.49 2.93 -4.29
CA GLU A 464 -16.05 1.78 -3.59
C GLU A 464 -17.51 1.57 -4.00
N GLY A 465 -18.21 2.67 -4.26
CA GLY A 465 -19.61 2.61 -4.66
C GLY A 465 -20.46 1.81 -3.70
N LEU A 466 -21.21 0.85 -4.23
CA LEU A 466 -22.07 0.00 -3.42
C LEU A 466 -21.88 -1.47 -3.76
N PHE A 467 -21.41 -1.73 -4.97
CA PHE A 467 -21.17 -3.10 -5.43
C PHE A 467 -19.83 -3.63 -4.95
N ARG A 468 -18.80 -2.81 -4.98
CA ARG A 468 -17.63 -3.22 -4.23
C ARG A 468 -17.48 -2.33 -3.01
N LYS A 469 -18.24 -2.63 -1.98
CA LYS A 469 -17.93 -2.30 -0.60
C LYS A 469 -18.62 -3.37 0.22
N HIS A 470 -19.95 -3.39 0.08
CA HIS A 470 -20.87 -4.19 0.84
C HIS A 470 -21.25 -5.52 0.21
N MET A 471 -20.66 -5.91 -0.93
CA MET A 471 -21.01 -7.19 -1.53
C MET A 471 -19.77 -8.05 -1.76
N MET A 472 -18.85 -7.57 -2.60
CA MET A 472 -17.61 -8.28 -2.85
C MET A 472 -16.81 -8.48 -1.57
N GLY A 473 -17.13 -7.74 -0.53
CA GLY A 473 -16.60 -8.01 0.80
C GLY A 473 -17.57 -7.50 1.82
N LYS A 474 -17.53 -8.09 3.00
CA LYS A 474 -18.49 -7.78 4.05
C LYS A 474 -17.81 -7.87 5.40
N ARG A 475 -18.16 -6.96 6.29
CA ARG A 475 -17.73 -7.10 7.67
C ARG A 475 -18.53 -8.24 8.30
N VAL A 476 -17.85 -9.05 9.11
CA VAL A 476 -18.34 -10.39 9.43
C VAL A 476 -18.38 -10.61 10.92
N ASN A 477 -19.36 -11.39 11.37
CA ASN A 477 -19.39 -11.91 12.71
C ASN A 477 -18.37 -13.03 12.88
N TYR A 478 -18.01 -13.31 14.12
CA TYR A 478 -17.09 -14.39 14.47
C TYR A 478 -15.75 -14.22 13.75
N ALA A 479 -15.02 -13.20 14.17
CA ALA A 479 -13.65 -13.00 13.70
C ALA A 479 -12.90 -12.21 14.74
N ALA A 480 -11.61 -12.46 14.87
CA ALA A 480 -10.77 -11.71 15.79
C ALA A 480 -9.53 -11.19 15.07
N ARG A 481 -8.74 -10.42 15.80
CA ARG A 481 -7.51 -9.88 15.26
C ARG A 481 -6.56 -9.61 16.40
N SER A 482 -5.26 -9.80 16.19
CA SER A 482 -4.28 -9.49 17.22
C SER A 482 -2.88 -9.51 16.63
N VAL A 483 -1.91 -9.19 17.48
CA VAL A 483 -0.50 -9.30 17.17
C VAL A 483 -0.10 -10.77 17.27
N ILE A 484 0.97 -11.15 16.59
CA ILE A 484 1.44 -12.53 16.59
C ILE A 484 2.83 -12.60 17.22
N SER A 485 3.13 -13.75 17.81
CA SER A 485 4.39 -14.00 18.49
C SER A 485 4.87 -15.41 18.21
N PRO A 486 6.18 -15.62 18.09
CA PRO A 486 6.67 -16.94 17.72
C PRO A 486 6.54 -17.97 18.82
N ASP A 487 5.99 -19.14 18.52
CA ASP A 487 6.02 -20.27 19.43
C ASP A 487 6.62 -21.48 18.73
N PRO A 488 7.84 -21.91 19.07
CA PRO A 488 8.43 -23.08 18.41
C PRO A 488 7.83 -24.41 18.83
N ASN A 489 7.12 -24.45 19.95
CA ASN A 489 6.74 -25.72 20.56
C ASN A 489 5.65 -26.45 19.76
N ILE A 490 4.54 -25.79 19.48
CA ILE A 490 3.37 -26.51 19.00
C ILE A 490 3.58 -26.95 17.55
N GLU A 491 2.65 -27.73 17.01
CA GLU A 491 2.83 -28.30 15.69
C GLU A 491 2.60 -27.26 14.61
N THR A 492 3.08 -27.57 13.40
CA THR A 492 2.98 -26.62 12.29
C THR A 492 1.56 -26.36 11.86
N ASN A 493 0.62 -27.28 12.10
CA ASN A 493 -0.76 -27.09 11.69
C ASN A 493 -1.63 -26.50 12.79
N GLU A 494 -1.07 -26.11 13.92
CA GLU A 494 -1.84 -25.60 15.04
C GLU A 494 -1.72 -24.08 15.14
N ILE A 495 -2.44 -23.52 16.11
CA ILE A 495 -2.45 -22.10 16.40
C ILE A 495 -2.63 -21.95 17.90
N GLY A 496 -1.91 -20.99 18.47
CA GLY A 496 -2.22 -20.59 19.83
C GLY A 496 -3.46 -19.71 19.85
N VAL A 497 -4.36 -20.02 20.75
CA VAL A 497 -5.47 -19.12 21.03
C VAL A 497 -5.35 -18.66 22.47
N PRO A 498 -5.03 -17.40 22.72
CA PRO A 498 -4.99 -16.91 24.08
C PRO A 498 -6.38 -16.96 24.69
N PRO A 499 -6.47 -17.05 26.02
CA PRO A 499 -7.78 -17.32 26.63
C PRO A 499 -8.82 -16.28 26.34
N VAL A 500 -8.43 -15.02 26.12
CA VAL A 500 -9.43 -13.98 25.86
C VAL A 500 -10.25 -14.27 24.62
N PHE A 501 -9.65 -14.84 23.57
CA PHE A 501 -10.44 -15.26 22.42
C PHE A 501 -11.23 -16.52 22.76
N ALA A 502 -10.64 -17.42 23.53
CA ALA A 502 -11.34 -18.64 23.91
C ALA A 502 -12.61 -18.38 24.70
N VAL A 503 -12.59 -17.42 25.62
CA VAL A 503 -13.74 -17.14 26.45
C VAL A 503 -14.87 -16.47 25.64
N LYS A 504 -14.55 -15.95 24.45
CA LYS A 504 -15.52 -15.14 23.72
C LYS A 504 -16.14 -15.88 22.54
N LEU A 505 -15.34 -16.29 21.56
CA LEU A 505 -15.87 -16.97 20.39
C LEU A 505 -16.64 -18.22 20.79
N THR A 506 -17.70 -18.53 20.02
CA THR A 506 -18.55 -19.66 20.36
C THR A 506 -18.89 -20.46 19.11
N TYR A 507 -19.37 -21.69 19.34
CA TYR A 507 -19.72 -22.62 18.28
C TYR A 507 -20.99 -23.37 18.67
N PRO A 508 -21.91 -23.62 17.71
CA PRO A 508 -23.23 -24.24 18.01
C PRO A 508 -23.36 -25.76 17.84
N GLU A 509 -22.86 -26.52 18.81
CA GLU A 509 -23.04 -27.96 18.75
C GLU A 509 -24.48 -28.34 19.07
N PRO A 510 -25.07 -29.25 18.31
CA PRO A 510 -26.33 -29.88 18.74
C PRO A 510 -26.07 -30.92 19.82
N VAL A 511 -27.16 -31.29 20.50
CA VAL A 511 -27.13 -32.21 21.63
C VAL A 511 -27.94 -33.43 21.26
N THR A 512 -27.28 -34.57 21.10
CA THR A 512 -28.02 -35.73 20.61
C THR A 512 -27.96 -36.96 21.53
N ALA A 513 -26.88 -37.73 21.44
CA ALA A 513 -26.73 -38.92 22.27
C ALA A 513 -25.32 -39.02 22.81
N TYR A 514 -24.39 -39.20 21.89
CA TYR A 514 -22.98 -39.37 22.19
C TYR A 514 -22.37 -38.18 22.94
N ASN A 515 -22.73 -36.94 22.59
CA ASN A 515 -21.99 -35.78 23.07
C ASN A 515 -22.64 -35.14 24.30
N ILE A 516 -23.74 -35.70 24.79
CA ILE A 516 -24.41 -35.14 25.96
C ILE A 516 -23.54 -35.15 27.21
N ALA A 517 -22.66 -36.13 27.37
CA ALA A 517 -21.89 -36.27 28.60
C ALA A 517 -20.89 -35.13 28.79
N GLU A 518 -20.68 -34.30 27.77
CA GLU A 518 -19.80 -33.15 27.87
C GLU A 518 -20.58 -31.86 28.07
N LEU A 519 -21.45 -31.51 27.12
CA LEU A 519 -22.14 -30.24 27.17
C LEU A 519 -22.89 -30.04 28.48
N ARG A 520 -23.18 -31.10 29.23
CA ARG A 520 -23.60 -30.90 30.62
C ARG A 520 -22.50 -30.25 31.42
N GLN A 521 -21.30 -30.83 31.39
CA GLN A 521 -20.18 -30.21 32.08
C GLN A 521 -19.96 -28.78 31.62
N ALA A 522 -20.14 -28.51 30.33
CA ALA A 522 -19.93 -27.16 29.82
C ALA A 522 -20.98 -26.19 30.36
N VAL A 523 -22.26 -26.51 30.18
CA VAL A 523 -23.32 -25.62 30.66
C VAL A 523 -23.20 -25.42 32.16
N ILE A 524 -22.69 -26.43 32.89
CA ILE A 524 -22.41 -26.24 34.31
C ILE A 524 -21.33 -25.20 34.51
N ASN A 525 -20.23 -25.28 33.74
CA ASN A 525 -19.16 -24.29 33.90
C ASN A 525 -19.65 -22.87 33.68
N GLY A 526 -20.43 -22.64 32.64
CA GLY A 526 -20.92 -21.32 32.36
C GLY A 526 -19.89 -20.48 31.65
N PRO A 527 -20.26 -19.23 31.34
CA PRO A 527 -19.45 -18.45 30.40
C PRO A 527 -18.01 -18.22 30.85
N ASP A 528 -17.82 -17.81 32.08
CA ASP A 528 -16.54 -17.24 32.47
C ASP A 528 -15.50 -18.26 32.89
N LYS A 529 -15.81 -19.56 32.82
CA LYS A 529 -14.80 -20.57 33.09
C LYS A 529 -14.72 -21.50 31.89
N TRP A 530 -13.52 -21.71 31.39
CA TRP A 530 -13.31 -22.46 30.15
C TRP A 530 -13.02 -23.93 30.45
N PRO A 531 -13.68 -24.86 29.72
CA PRO A 531 -14.70 -24.69 28.69
C PRO A 531 -16.03 -24.19 29.22
N GLY A 532 -16.62 -23.21 28.55
CA GLY A 532 -17.90 -22.67 28.94
C GLY A 532 -19.02 -23.00 27.97
N ALA A 533 -20.15 -22.32 28.20
CA ALA A 533 -21.19 -22.17 27.19
C ALA A 533 -21.87 -20.82 27.42
N THR A 534 -22.09 -20.06 26.36
CA THR A 534 -22.72 -18.75 26.55
C THR A 534 -24.23 -18.85 26.60
N GLN A 535 -24.86 -19.63 25.72
CA GLN A 535 -26.30 -19.58 25.55
C GLN A 535 -26.85 -20.98 25.35
N ILE A 536 -28.18 -21.08 25.28
CA ILE A 536 -28.89 -22.32 25.00
C ILE A 536 -30.09 -21.97 24.14
N GLN A 537 -30.28 -22.71 23.06
CA GLN A 537 -31.28 -22.40 22.03
C GLN A 537 -32.30 -23.53 22.00
N ASN A 538 -33.53 -23.23 22.38
CA ASN A 538 -34.57 -24.23 22.39
C ASN A 538 -35.16 -24.41 21.00
N GLU A 539 -36.16 -25.29 20.90
CA GLU A 539 -36.78 -25.57 19.61
C GLU A 539 -37.56 -24.39 19.07
N ASP A 540 -38.14 -23.57 19.95
CA ASP A 540 -38.92 -22.42 19.52
C ASP A 540 -38.07 -21.37 18.79
N GLY A 541 -36.75 -21.44 18.91
CA GLY A 541 -35.86 -20.47 18.30
C GLY A 541 -35.39 -19.37 19.23
N SER A 542 -35.98 -19.27 20.42
CA SER A 542 -35.56 -18.25 21.37
C SER A 542 -34.14 -18.54 21.86
N LEU A 543 -33.50 -17.50 22.38
CA LEU A 543 -32.13 -17.60 22.88
C LEU A 543 -32.13 -17.36 24.38
N VAL A 544 -31.76 -18.37 25.14
CA VAL A 544 -31.69 -18.30 26.60
C VAL A 544 -30.24 -18.04 26.98
N SER A 545 -30.00 -16.95 27.71
CA SER A 545 -28.66 -16.57 28.09
C SER A 545 -28.28 -17.16 29.44
N LEU A 546 -27.04 -17.64 29.53
CA LEU A 546 -26.43 -18.08 30.78
C LEU A 546 -25.56 -17.02 31.41
N ILE A 547 -25.51 -15.81 30.86
CA ILE A 547 -24.56 -14.81 31.33
C ILE A 547 -24.86 -14.43 32.78
N GLY A 548 -26.06 -13.97 33.05
CA GLY A 548 -26.34 -13.34 34.33
C GLY A 548 -26.81 -14.26 35.43
N MET A 549 -26.49 -15.54 35.36
CA MET A 549 -27.05 -16.52 36.28
C MET A 549 -25.94 -17.18 37.10
N SER A 550 -26.33 -17.71 38.26
CA SER A 550 -25.42 -18.43 39.14
C SER A 550 -25.68 -19.93 39.04
N VAL A 551 -25.00 -20.70 39.88
CA VAL A 551 -24.81 -22.14 39.64
C VAL A 551 -26.14 -22.86 39.49
N GLU A 552 -26.99 -22.78 40.52
CA GLU A 552 -28.24 -23.55 40.49
C GLU A 552 -29.08 -23.18 39.29
N GLN A 553 -29.11 -21.90 38.93
CA GLN A 553 -29.93 -21.44 37.82
C GLN A 553 -29.49 -22.09 36.51
N ARG A 554 -28.21 -22.45 36.40
CA ARG A 554 -27.76 -23.24 35.25
C ARG A 554 -28.08 -24.72 35.44
N LYS A 555 -27.84 -25.24 36.64
CA LYS A 555 -28.08 -26.65 36.88
C LYS A 555 -29.54 -27.04 36.72
N ALA A 556 -30.45 -26.07 36.70
CA ALA A 556 -31.80 -26.35 36.25
C ALA A 556 -31.81 -26.75 34.78
N LEU A 557 -30.99 -26.08 33.97
CA LEU A 557 -30.87 -26.39 32.56
C LEU A 557 -29.95 -27.58 32.29
N ALA A 558 -29.09 -27.94 33.24
CA ALA A 558 -28.17 -29.06 33.02
C ALA A 558 -28.92 -30.34 32.69
N ASN A 559 -30.06 -30.57 33.34
CA ASN A 559 -30.83 -31.79 33.10
C ASN A 559 -31.69 -31.69 31.85
N GLN A 560 -32.28 -30.52 31.60
CA GLN A 560 -33.42 -30.43 30.70
C GLN A 560 -33.04 -30.29 29.24
N LEU A 561 -31.75 -30.34 28.89
CA LEU A 561 -31.36 -30.26 27.50
C LEU A 561 -31.97 -31.40 26.68
N LEU A 562 -31.71 -32.63 27.10
CA LEU A 562 -32.01 -33.81 26.31
C LEU A 562 -33.47 -34.23 26.36
N THR A 563 -34.27 -33.65 27.26
CA THR A 563 -35.64 -34.09 27.48
C THR A 563 -36.45 -34.01 26.18
N PRO A 564 -37.47 -34.87 26.06
CA PRO A 564 -38.27 -34.87 24.83
C PRO A 564 -39.06 -33.59 24.63
N SER A 565 -39.81 -33.52 23.53
CA SER A 565 -40.59 -32.34 23.19
C SER A 565 -42.06 -32.61 23.42
N SER A 566 -42.78 -31.59 23.86
CA SER A 566 -44.21 -31.67 24.12
C SER A 566 -45.07 -31.20 22.94
N ASN A 567 -44.46 -30.84 21.82
CA ASN A 567 -45.18 -30.20 20.73
C ASN A 567 -45.04 -31.03 19.46
N VAL A 568 -45.93 -30.76 18.51
CA VAL A 568 -45.98 -31.56 17.29
C VAL A 568 -44.88 -31.16 16.31
N SER A 569 -44.69 -29.87 16.07
CA SER A 569 -43.80 -29.43 14.99
C SER A 569 -42.33 -29.69 15.32
N THR A 570 -42.02 -29.95 16.58
CA THR A 570 -40.64 -29.99 17.04
C THR A 570 -40.06 -31.40 17.11
N HIS A 571 -40.79 -32.41 16.65
CA HIS A 571 -40.31 -33.79 16.86
C HIS A 571 -39.02 -34.08 16.13
N THR A 572 -38.70 -33.36 15.06
CA THR A 572 -37.47 -33.56 14.32
C THR A 572 -36.36 -32.60 14.72
N LEU A 573 -36.59 -31.72 15.68
CA LEU A 573 -35.62 -30.69 16.05
C LEU A 573 -35.14 -30.91 17.48
N ASN A 574 -33.96 -30.37 17.77
CA ASN A 574 -33.35 -30.53 19.08
C ASN A 574 -32.70 -29.22 19.51
N LYS A 575 -32.36 -29.14 20.79
CA LYS A 575 -31.68 -27.96 21.31
C LYS A 575 -30.27 -27.88 20.75
N LYS A 576 -29.70 -26.68 20.80
CA LYS A 576 -28.32 -26.46 20.37
C LYS A 576 -27.61 -25.66 21.43
N VAL A 577 -26.53 -26.20 21.96
CA VAL A 577 -25.71 -25.53 22.95
C VAL A 577 -24.55 -24.86 22.23
N TYR A 578 -24.17 -23.67 22.69
CA TYR A 578 -23.01 -22.99 22.13
C TYR A 578 -21.85 -23.22 23.09
N ARG A 579 -20.93 -24.10 22.72
CA ARG A 579 -19.72 -24.27 23.49
C ARG A 579 -18.70 -23.22 23.08
N HIS A 580 -17.78 -22.96 24.00
CA HIS A 580 -16.62 -22.14 23.66
C HIS A 580 -15.64 -22.94 22.81
N ILE A 581 -14.79 -22.21 22.09
CA ILE A 581 -13.76 -22.87 21.29
C ILE A 581 -12.87 -23.69 22.20
N LYS A 582 -12.46 -24.85 21.70
CA LYS A 582 -11.57 -25.75 22.44
C LYS A 582 -10.53 -26.28 21.47
N ASN A 583 -9.72 -27.24 21.94
CA ASN A 583 -8.59 -27.69 21.15
C ASN A 583 -9.01 -28.46 19.91
N ARG A 584 -10.28 -28.86 19.81
CA ARG A 584 -10.72 -29.67 18.67
C ARG A 584 -11.04 -28.81 17.45
N ASP A 585 -11.46 -27.57 17.64
CA ASP A 585 -11.94 -26.76 16.54
C ASP A 585 -10.82 -26.36 15.59
N VAL A 586 -11.22 -25.97 14.38
CA VAL A 586 -10.30 -25.57 13.33
C VAL A 586 -10.68 -24.15 12.89
N VAL A 587 -9.77 -23.20 13.11
CA VAL A 587 -10.03 -21.84 12.67
C VAL A 587 -9.42 -21.67 11.29
N LEU A 588 -9.63 -20.49 10.72
CA LEU A 588 -9.20 -20.20 9.36
C LEU A 588 -8.44 -18.90 9.41
N MET A 589 -7.13 -18.96 9.13
CA MET A 589 -6.26 -17.81 9.32
C MET A 589 -5.98 -17.10 8.01
N ASN A 590 -5.87 -15.78 8.11
CA ASN A 590 -5.72 -14.89 6.97
C ASN A 590 -4.89 -13.68 7.40
N ARG A 591 -4.05 -13.17 6.50
CA ARG A 591 -3.28 -11.97 6.75
C ARG A 591 -3.35 -11.04 5.56
N GLN A 592 -3.72 -9.79 5.81
CA GLN A 592 -3.87 -8.80 4.74
C GLN A 592 -2.62 -7.96 4.52
N PRO A 593 -2.23 -7.75 3.26
CA PRO A 593 -2.86 -8.16 2.00
C PRO A 593 -2.64 -9.62 1.67
N THR A 594 -3.62 -10.24 1.04
CA THR A 594 -3.48 -11.62 0.60
C THR A 594 -3.22 -11.58 -0.90
N LEU A 595 -1.98 -11.82 -1.30
CA LEU A 595 -1.62 -11.78 -2.71
C LEU A 595 -1.67 -13.14 -3.39
N HIS A 596 -1.82 -14.22 -2.64
CA HIS A 596 -1.96 -15.54 -3.24
C HIS A 596 -2.67 -16.44 -2.24
N LYS A 597 -3.34 -17.47 -2.77
CA LYS A 597 -4.21 -18.28 -1.92
C LYS A 597 -3.48 -18.94 -0.77
N ALA A 598 -2.17 -19.07 -0.84
CA ALA A 598 -1.45 -19.70 0.27
C ALA A 598 -1.48 -18.86 1.54
N SER A 599 -1.97 -17.63 1.49
CA SER A 599 -1.99 -16.78 2.67
C SER A 599 -3.22 -16.96 3.53
N MET A 600 -4.15 -17.83 3.14
CA MET A 600 -5.26 -18.24 4.00
C MET A 600 -5.18 -19.74 4.20
N MET A 601 -5.06 -20.17 5.45
CA MET A 601 -4.89 -21.58 5.76
C MET A 601 -5.67 -21.94 7.00
N GLY A 602 -6.34 -23.08 6.97
CA GLY A 602 -7.00 -23.58 8.15
C GLY A 602 -5.97 -24.13 9.11
N HIS A 603 -6.11 -23.79 10.38
CA HIS A 603 -5.25 -24.32 11.43
C HIS A 603 -6.10 -25.01 12.47
N LYS A 604 -5.54 -26.03 13.11
CA LYS A 604 -6.14 -26.53 14.32
C LYS A 604 -5.88 -25.57 15.47
N VAL A 605 -6.69 -25.67 16.52
CA VAL A 605 -6.66 -24.74 17.64
C VAL A 605 -6.03 -25.43 18.85
N ARG A 606 -5.22 -24.67 19.59
CA ARG A 606 -4.75 -25.09 20.89
C ARG A 606 -4.78 -23.88 21.80
N VAL A 607 -5.40 -24.02 22.96
CA VAL A 607 -5.76 -22.88 23.79
C VAL A 607 -4.71 -22.75 24.89
N LEU A 608 -3.87 -21.72 24.79
CA LEU A 608 -2.76 -21.44 25.67
C LEU A 608 -3.17 -20.50 26.79
N PRO A 609 -2.56 -20.61 27.95
CA PRO A 609 -2.87 -19.69 29.05
C PRO A 609 -2.16 -18.35 28.96
N ASN A 610 -2.80 -17.33 29.53
CA ASN A 610 -2.16 -16.12 30.06
C ASN A 610 -1.87 -14.97 29.12
N GLU A 611 -2.05 -15.11 27.80
CA GLU A 611 -1.54 -13.99 27.03
C GLU A 611 -2.63 -13.32 26.21
N LYS A 612 -2.26 -12.22 25.55
CA LYS A 612 -3.16 -11.50 24.66
C LYS A 612 -2.88 -11.69 23.16
N THR A 613 -1.84 -12.42 22.77
CA THR A 613 -1.47 -12.48 21.36
C THR A 613 -1.51 -13.91 20.83
N LEU A 614 -2.07 -14.04 19.63
CA LEU A 614 -2.03 -15.29 18.87
C LEU A 614 -0.58 -15.69 18.65
N ARG A 615 -0.27 -16.98 18.57
CA ARG A 615 1.12 -17.36 18.36
C ARG A 615 1.20 -18.59 17.46
N LEU A 616 2.17 -18.55 16.54
CA LEU A 616 2.28 -19.51 15.45
C LEU A 616 3.63 -20.21 15.53
N HIS A 617 3.73 -21.37 14.89
CA HIS A 617 5.03 -21.98 14.71
C HIS A 617 5.80 -21.21 13.63
N TYR A 618 7.06 -21.56 13.41
CA TYR A 618 7.88 -20.82 12.46
C TYR A 618 7.69 -21.27 11.02
N ALA A 619 7.34 -22.54 10.80
CA ALA A 619 7.17 -23.02 9.44
C ALA A 619 6.05 -22.30 8.70
N ASN A 620 5.18 -21.61 9.42
CA ASN A 620 4.03 -20.95 8.83
C ASN A 620 4.32 -19.52 8.42
N THR A 621 5.56 -19.06 8.52
CA THR A 621 5.90 -17.68 8.18
C THR A 621 6.42 -17.53 6.76
N GLY A 622 6.57 -18.61 6.01
CA GLY A 622 6.91 -18.45 4.62
C GLY A 622 5.75 -18.02 3.76
N ALA A 623 4.56 -18.54 4.03
CA ALA A 623 3.36 -18.20 3.28
C ALA A 623 2.82 -16.83 3.68
N TYR A 624 2.46 -16.66 4.96
CA TYR A 624 1.93 -15.39 5.42
C TYR A 624 2.91 -14.24 5.24
N ASN A 625 4.21 -14.51 5.23
CA ASN A 625 5.25 -13.50 5.16
C ASN A 625 5.19 -12.55 6.36
N ALA A 626 5.21 -13.08 7.59
CA ALA A 626 5.04 -12.26 8.79
C ALA A 626 6.36 -12.02 9.51
N ASP A 627 6.57 -10.79 9.98
CA ASP A 627 7.84 -10.41 10.57
C ASP A 627 7.94 -10.61 12.09
N PHE A 628 6.81 -10.81 12.76
CA PHE A 628 6.77 -10.90 14.22
C PHE A 628 7.15 -9.60 14.91
N ASP A 629 7.46 -8.55 14.15
CA ASP A 629 7.87 -7.29 14.72
C ASP A 629 6.65 -6.44 15.09
N GLY A 630 5.49 -7.07 15.19
CA GLY A 630 4.24 -6.35 15.38
C GLY A 630 3.26 -6.45 14.23
N ASP A 631 3.39 -7.46 13.38
CA ASP A 631 2.32 -7.78 12.46
C ASP A 631 1.09 -8.22 13.24
N GLU A 632 -0.06 -8.09 12.59
CA GLU A 632 -1.33 -8.54 13.13
C GLU A 632 -2.06 -9.36 12.08
N MET A 633 -2.79 -10.38 12.53
CA MET A 633 -3.41 -11.30 11.59
C MET A 633 -4.88 -11.49 11.91
N ASN A 634 -5.70 -11.57 10.87
CA ASN A 634 -7.11 -11.81 11.04
C ASN A 634 -7.39 -13.28 11.32
N MET A 635 -8.48 -13.54 12.04
CA MET A 635 -8.87 -14.88 12.44
C MET A 635 -10.35 -15.09 12.16
N HIS A 636 -10.67 -16.15 11.41
CA HIS A 636 -12.06 -16.51 11.12
C HIS A 636 -12.38 -17.83 11.79
N PHE A 637 -13.65 -18.01 12.15
CA PHE A 637 -14.09 -19.18 12.92
C PHE A 637 -15.37 -19.76 12.31
N PRO A 638 -15.25 -20.75 11.42
CA PRO A 638 -16.41 -21.23 10.68
C PRO A 638 -17.48 -21.81 11.59
N GLN A 639 -18.73 -21.44 11.33
CA GLN A 639 -19.83 -21.76 12.25
C GLN A 639 -20.38 -23.17 12.06
N ASN A 640 -20.41 -23.70 10.83
CA ASN A 640 -21.20 -24.89 10.55
C ASN A 640 -20.32 -26.07 10.19
N GLU A 641 -20.90 -27.27 10.33
CA GLU A 641 -20.14 -28.52 10.16
C GLU A 641 -19.49 -28.61 8.79
N ASN A 642 -20.18 -28.12 7.74
CA ASN A 642 -19.59 -28.17 6.40
C ASN A 642 -18.31 -27.38 6.34
N ALA A 643 -18.36 -26.12 6.77
CA ALA A 643 -17.19 -25.25 6.63
C ALA A 643 -15.98 -25.76 7.39
N ARG A 644 -16.16 -26.40 8.55
CA ARG A 644 -15.03 -26.99 9.23
C ARG A 644 -14.62 -28.32 8.63
N ALA A 645 -15.54 -29.07 8.04
CA ALA A 645 -15.18 -30.31 7.38
C ALA A 645 -14.36 -30.09 6.12
N GLU A 646 -14.35 -28.88 5.58
CA GLU A 646 -13.48 -28.53 4.47
C GLU A 646 -12.10 -28.10 4.97
N ALA A 647 -12.03 -27.04 5.76
CA ALA A 647 -10.75 -26.48 6.21
C ALA A 647 -9.81 -27.53 6.79
N LEU A 648 -10.34 -28.66 7.27
CA LEU A 648 -9.45 -29.76 7.59
C LEU A 648 -9.02 -30.52 6.34
N ASN A 649 -9.96 -30.84 5.46
CA ASN A 649 -9.68 -31.73 4.34
C ASN A 649 -9.11 -31.03 3.11
N LEU A 650 -9.35 -29.72 2.95
CA LEU A 650 -8.97 -29.01 1.73
C LEU A 650 -7.98 -27.89 2.03
N ALA A 651 -8.38 -26.88 2.81
CA ALA A 651 -7.56 -25.71 3.00
C ALA A 651 -6.51 -25.87 4.10
N ASN A 652 -6.40 -27.04 4.72
CA ASN A 652 -5.47 -27.19 5.83
C ASN A 652 -4.04 -27.00 5.32
N THR A 653 -3.15 -26.63 6.24
CA THR A 653 -1.79 -26.31 5.85
C THR A 653 -1.08 -27.49 5.23
N ASP A 654 -1.38 -28.71 5.70
CA ASP A 654 -0.58 -29.87 5.33
C ASP A 654 -0.58 -30.14 3.83
N SER A 655 -1.65 -29.73 3.12
CA SER A 655 -1.75 -30.00 1.69
C SER A 655 -0.99 -29.00 0.84
N GLN A 656 -0.83 -27.77 1.31
CA GLN A 656 -0.37 -26.64 0.50
C GLN A 656 1.13 -26.48 0.48
N TYR A 657 1.86 -27.48 0.94
CA TYR A 657 3.31 -27.42 1.06
C TYR A 657 4.00 -26.92 -0.22
N LEU A 658 3.40 -27.11 -1.39
CA LEU A 658 4.04 -26.77 -2.66
C LEU A 658 3.32 -25.59 -3.31
N THR A 659 4.10 -24.64 -3.83
CA THR A 659 3.53 -23.48 -4.50
C THR A 659 2.77 -23.91 -5.75
N PRO A 660 1.64 -23.26 -6.06
CA PRO A 660 1.07 -23.40 -7.40
C PRO A 660 1.89 -22.70 -8.47
N THR A 661 2.78 -21.79 -8.08
CA THR A 661 3.46 -20.95 -9.07
C THR A 661 4.53 -21.72 -9.82
N SER A 662 5.66 -22.00 -9.17
CA SER A 662 6.72 -22.80 -9.74
C SER A 662 6.64 -24.25 -9.32
N GLY A 663 5.82 -24.57 -8.32
CA GLY A 663 5.85 -25.90 -7.75
C GLY A 663 7.04 -26.11 -6.83
N SER A 664 7.34 -25.11 -6.00
CA SER A 664 8.42 -25.19 -5.04
C SER A 664 7.87 -25.09 -3.62
N PRO A 665 8.56 -25.65 -2.63
CA PRO A 665 8.02 -25.64 -1.27
C PRO A 665 8.03 -24.27 -0.62
N VAL A 666 6.92 -23.92 0.02
CA VAL A 666 6.85 -22.70 0.83
C VAL A 666 7.39 -22.95 2.23
N ARG A 667 7.05 -24.10 2.82
CA ARG A 667 7.18 -24.26 4.26
C ARG A 667 8.48 -24.96 4.61
N GLY A 668 9.24 -24.33 5.50
CA GLY A 668 10.41 -24.99 6.07
C GLY A 668 10.79 -24.29 7.35
N LEU A 669 11.88 -24.75 7.93
CA LEU A 669 12.48 -24.06 9.06
C LEU A 669 13.22 -22.82 8.59
N ILE A 670 13.49 -21.92 9.53
CA ILE A 670 14.06 -20.61 9.21
C ILE A 670 15.18 -20.28 10.19
N GLN A 671 16.15 -19.49 9.71
CA GLN A 671 17.18 -18.86 10.53
C GLN A 671 17.94 -19.81 11.45
N ASP A 672 17.76 -19.66 12.77
CA ASP A 672 18.52 -20.44 13.74
C ASP A 672 18.44 -21.94 13.47
N HIS A 673 17.25 -22.46 13.16
CA HIS A 673 17.12 -23.89 12.96
C HIS A 673 17.88 -24.39 11.73
N ILE A 674 18.32 -23.50 10.84
CA ILE A 674 19.28 -23.89 9.82
C ILE A 674 20.70 -23.83 10.37
N SER A 675 21.03 -22.81 11.14
CA SER A 675 22.37 -22.69 11.71
C SER A 675 22.55 -23.56 12.94
N ALA A 676 21.52 -24.31 13.32
CA ALA A 676 21.65 -25.35 14.33
C ALA A 676 21.97 -26.72 13.74
N GLY A 677 21.92 -26.86 12.42
CA GLY A 677 22.17 -28.13 11.80
C GLY A 677 23.55 -28.22 11.19
N VAL A 678 24.22 -27.08 11.04
CA VAL A 678 25.63 -27.13 10.65
C VAL A 678 26.46 -27.67 11.80
N TRP A 679 26.05 -27.40 13.04
CA TRP A 679 26.77 -27.92 14.19
C TRP A 679 26.35 -29.33 14.56
N LEU A 680 25.07 -29.66 14.45
CA LEU A 680 24.63 -30.96 14.92
C LEU A 680 25.17 -32.09 14.05
N THR A 681 25.00 -31.99 12.73
CA THR A 681 25.38 -33.07 11.83
C THR A 681 26.87 -33.05 11.46
N SER A 682 27.64 -32.13 12.00
CA SER A 682 29.07 -32.08 11.70
C SER A 682 29.82 -33.20 12.41
N LYS A 683 31.04 -33.47 11.94
CA LYS A 683 31.84 -34.54 12.55
C LYS A 683 32.19 -34.23 14.00
N ASP A 684 32.43 -32.95 14.31
CA ASP A 684 32.95 -32.61 15.63
C ASP A 684 32.03 -33.07 16.74
N SER A 685 30.74 -33.16 16.47
CA SER A 685 29.77 -33.41 17.53
C SER A 685 29.73 -34.88 17.90
N PHE A 686 30.01 -35.18 19.15
CA PHE A 686 29.84 -36.51 19.73
C PHE A 686 28.98 -36.40 20.97
N PHE A 687 28.20 -37.45 21.23
CA PHE A 687 27.28 -37.46 22.34
C PHE A 687 27.56 -38.67 23.22
N THR A 688 27.55 -38.47 24.53
CA THR A 688 27.66 -39.59 25.44
C THR A 688 26.32 -40.33 25.48
N ARG A 689 26.20 -41.29 26.38
CA ARG A 689 25.04 -42.17 26.35
C ARG A 689 23.78 -41.45 26.82
N GLU A 690 23.87 -40.68 27.89
CA GLU A 690 22.68 -40.01 28.43
C GLU A 690 22.17 -38.93 27.50
N GLN A 691 23.08 -38.15 26.91
CA GLN A 691 22.67 -37.08 26.01
C GLN A 691 21.91 -37.64 24.81
N TYR A 692 22.49 -38.62 24.14
CA TYR A 692 21.84 -39.20 22.96
C TYR A 692 20.42 -39.60 23.24
N GLN A 693 20.12 -40.11 24.42
CA GLN A 693 18.76 -40.54 24.70
C GLN A 693 17.91 -39.44 25.32
N GLN A 694 18.51 -38.33 25.70
CA GLN A 694 17.68 -37.16 26.01
C GLN A 694 17.25 -36.42 24.76
N TYR A 695 18.14 -36.26 23.78
CA TYR A 695 17.74 -35.61 22.54
C TYR A 695 16.68 -36.41 21.80
N ILE A 696 16.86 -37.72 21.69
CA ILE A 696 15.91 -38.54 20.96
C ILE A 696 14.52 -38.41 21.57
N TYR A 697 14.43 -38.44 22.88
CA TYR A 697 13.10 -38.40 23.46
C TYR A 697 12.51 -37.00 23.51
N GLY A 698 13.35 -35.97 23.69
CA GLY A 698 12.83 -34.63 23.84
C GLY A 698 11.92 -34.21 22.71
N CYS A 699 12.25 -34.61 21.49
CA CYS A 699 11.50 -34.20 20.31
C CYS A 699 10.51 -35.24 19.81
N ILE A 700 10.34 -36.37 20.48
CA ILE A 700 9.43 -37.39 19.98
C ILE A 700 8.18 -37.52 20.81
N ARG A 701 8.30 -37.90 22.09
CA ARG A 701 7.15 -37.99 22.98
C ARG A 701 6.10 -38.95 22.45
N PRO A 702 6.32 -40.27 22.54
CA PRO A 702 5.34 -41.22 22.01
C PRO A 702 3.95 -41.11 22.63
N GLU A 703 3.81 -40.38 23.74
CA GLU A 703 2.49 -40.18 24.34
C GLU A 703 1.53 -39.47 23.39
N ASP A 704 2.02 -38.95 22.28
CA ASP A 704 1.22 -38.31 21.26
C ASP A 704 1.27 -39.14 19.98
N GLY A 705 0.67 -38.62 18.92
CA GLY A 705 0.61 -39.32 17.66
C GLY A 705 1.94 -39.47 16.95
N HIS A 706 3.01 -38.97 17.57
CA HIS A 706 4.34 -38.95 16.99
C HIS A 706 4.87 -40.33 16.63
N THR A 707 4.87 -41.24 17.60
CA THR A 707 5.52 -42.53 17.40
C THR A 707 4.57 -43.53 16.75
N THR A 708 5.03 -44.17 15.68
CA THR A 708 4.27 -45.22 15.03
C THR A 708 4.36 -46.57 15.73
N ARG A 709 5.21 -46.69 16.74
CA ARG A 709 5.40 -47.91 17.49
C ARG A 709 4.93 -47.72 18.93
N SER A 710 5.03 -48.79 19.73
CA SER A 710 4.73 -48.74 21.15
C SER A 710 5.96 -48.54 22.01
N LYS A 711 7.16 -48.48 21.42
CA LYS A 711 8.38 -48.13 22.10
C LYS A 711 9.20 -47.18 21.25
N ILE A 712 10.24 -46.62 21.86
CA ILE A 712 11.24 -45.86 21.15
C ILE A 712 12.44 -46.77 20.91
N VAL A 713 12.84 -46.88 19.64
CA VAL A 713 13.93 -47.77 19.24
C VAL A 713 15.13 -46.91 18.85
N THR A 714 16.31 -47.29 19.36
CA THR A 714 17.53 -46.52 19.16
C THR A 714 18.63 -47.42 18.60
N LEU A 715 19.63 -46.77 18.03
CA LEU A 715 20.73 -47.37 17.28
C LEU A 715 21.87 -47.79 18.22
N PRO A 716 22.78 -48.63 17.75
CA PRO A 716 23.98 -48.95 18.54
C PRO A 716 25.02 -47.85 18.43
N PRO A 717 25.93 -47.76 19.40
CA PRO A 717 26.91 -46.69 19.39
C PRO A 717 28.04 -46.94 18.41
N THR A 718 28.59 -45.85 17.90
CA THR A 718 29.62 -45.90 16.87
C THR A 718 31.02 -46.16 17.41
N ILE A 719 31.26 -45.93 18.69
CA ILE A 719 32.55 -46.24 19.30
C ILE A 719 32.30 -47.09 20.53
N PHE A 720 32.72 -48.35 20.51
CA PHE A 720 32.51 -49.23 21.66
C PHE A 720 33.56 -49.03 22.75
N LYS A 721 34.77 -48.64 22.39
CA LYS A 721 35.85 -48.66 23.36
C LYS A 721 36.85 -47.52 23.12
N PRO A 722 37.42 -46.97 24.19
CA PRO A 722 37.16 -47.19 25.62
C PRO A 722 35.85 -46.59 26.11
N TYR A 723 35.53 -45.43 25.58
CA TYR A 723 34.49 -44.56 26.14
C TYR A 723 33.36 -44.46 25.12
N PRO A 724 32.22 -45.11 25.33
CA PRO A 724 31.22 -45.23 24.27
C PRO A 724 30.65 -43.89 23.86
N LEU A 725 30.27 -43.77 22.59
CA LEU A 725 29.79 -42.51 22.04
C LEU A 725 28.84 -42.75 20.87
N TRP A 726 28.12 -41.69 20.51
CA TRP A 726 27.21 -41.65 19.38
C TRP A 726 27.53 -40.39 18.60
N THR A 727 27.72 -40.49 17.29
CA THR A 727 28.02 -39.28 16.54
C THR A 727 26.73 -38.47 16.32
N GLY A 728 26.89 -37.30 15.72
CA GLY A 728 25.74 -36.43 15.55
C GLY A 728 24.77 -36.94 14.50
N LYS A 729 25.29 -37.38 13.37
CA LYS A 729 24.44 -37.83 12.27
C LYS A 729 23.59 -39.05 12.62
N GLN A 730 23.85 -39.72 13.74
CA GLN A 730 22.99 -40.81 14.15
C GLN A 730 21.73 -40.35 14.86
N ILE A 731 21.64 -39.07 15.20
CA ILE A 731 20.39 -38.60 15.79
C ILE A 731 19.34 -38.40 14.72
N ILE A 732 19.69 -37.71 13.63
CA ILE A 732 18.73 -37.48 12.55
C ILE A 732 18.19 -38.81 12.04
N THR A 733 19.05 -39.82 11.97
CA THR A 733 18.58 -41.13 11.56
C THR A 733 17.52 -41.67 12.52
N THR A 734 17.79 -41.60 13.82
CA THR A 734 16.90 -42.24 14.79
C THR A 734 15.54 -41.57 14.81
N VAL A 735 15.48 -40.27 14.49
CA VAL A 735 14.19 -39.63 14.27
C VAL A 735 13.46 -40.30 13.12
N LEU A 736 14.10 -40.37 11.95
CA LEU A 736 13.40 -40.89 10.78
C LEU A 736 13.01 -42.35 10.94
N LEU A 737 13.88 -43.14 11.57
CA LEU A 737 13.52 -44.52 11.87
C LEU A 737 12.25 -44.62 12.70
N ASN A 738 12.01 -43.65 13.59
CA ASN A 738 10.79 -43.70 14.39
C ASN A 738 9.57 -43.20 13.62
N VAL A 739 9.68 -42.05 12.94
CA VAL A 739 8.47 -41.44 12.40
C VAL A 739 7.95 -42.09 11.13
N THR A 740 8.80 -42.67 10.31
CA THR A 740 8.30 -43.32 9.11
C THR A 740 7.52 -44.57 9.47
N PRO A 741 6.58 -44.98 8.62
CA PRO A 741 5.77 -46.16 8.94
C PRO A 741 6.64 -47.39 9.07
N PRO A 742 6.25 -48.33 9.94
CA PRO A 742 7.13 -49.49 10.21
C PRO A 742 7.36 -50.38 9.01
N ASP A 743 6.30 -50.69 8.25
CA ASP A 743 6.35 -51.72 7.23
C ASP A 743 7.17 -51.33 6.01
N MET A 744 7.66 -50.10 5.94
CA MET A 744 8.11 -49.59 4.67
C MET A 744 9.56 -49.14 4.75
N PRO A 745 10.38 -49.44 3.75
CA PRO A 745 11.82 -49.20 3.87
C PRO A 745 12.17 -47.73 3.76
N GLY A 746 13.39 -47.41 4.16
CA GLY A 746 13.82 -46.04 4.25
C GLY A 746 13.98 -45.35 2.92
N ILE A 747 14.05 -44.03 2.99
CA ILE A 747 14.26 -43.22 1.79
C ILE A 747 15.66 -43.49 1.24
N ASN A 748 15.83 -43.22 -0.04
CA ASN A 748 17.14 -43.34 -0.69
C ASN A 748 17.37 -42.09 -1.52
N LEU A 749 18.41 -41.34 -1.18
CA LEU A 749 18.57 -40.01 -1.73
C LEU A 749 20.04 -39.69 -1.90
N ILE A 750 20.37 -39.03 -3.00
CA ILE A 750 21.70 -38.49 -3.25
C ILE A 750 21.51 -37.06 -3.68
N SER A 751 22.00 -36.11 -2.88
CA SER A 751 21.79 -34.71 -3.17
C SER A 751 23.02 -33.92 -2.72
N LYS A 752 22.88 -32.60 -2.74
CA LYS A 752 23.95 -31.68 -2.36
C LYS A 752 23.41 -30.63 -1.42
N ASN A 753 24.31 -29.87 -0.83
CA ASN A 753 23.96 -28.67 -0.07
C ASN A 753 24.96 -27.56 -0.42
N LYS A 754 24.81 -26.42 0.24
CA LYS A 754 25.39 -25.17 -0.23
C LYS A 754 26.85 -24.96 0.17
N ILE A 755 27.48 -25.90 0.88
CA ILE A 755 28.82 -25.72 1.39
C ILE A 755 29.81 -26.51 0.54
N LYS A 756 30.83 -25.83 0.04
CA LYS A 756 31.81 -26.44 -0.83
C LYS A 756 32.84 -27.23 -0.03
N ASN A 757 33.47 -28.19 -0.70
CA ASN A 757 34.45 -29.05 -0.04
C ASN A 757 35.59 -28.25 0.57
N GLU A 758 36.08 -27.24 -0.13
CA GLU A 758 37.37 -26.64 0.22
C GLU A 758 37.39 -26.00 1.60
N TYR A 759 36.23 -25.83 2.24
CA TYR A 759 36.25 -25.20 3.56
C TYR A 759 36.71 -26.15 4.65
N TRP A 760 36.17 -27.37 4.66
CA TRP A 760 36.38 -28.26 5.79
C TRP A 760 37.84 -28.71 5.89
N GLY A 761 38.37 -29.29 4.83
CA GLY A 761 39.74 -29.74 4.85
C GLY A 761 40.04 -30.62 3.66
N LYS A 762 41.20 -31.27 3.73
CA LYS A 762 41.64 -32.11 2.64
C LYS A 762 40.65 -33.24 2.39
N GLY A 763 40.36 -33.48 1.12
CA GLY A 763 39.62 -34.65 0.69
C GLY A 763 38.24 -34.81 1.27
N SER A 764 37.69 -33.78 1.89
CA SER A 764 36.38 -33.91 2.52
C SER A 764 35.28 -34.05 1.47
N LEU A 765 34.47 -35.08 1.62
CA LEU A 765 33.28 -35.27 0.80
C LEU A 765 32.05 -34.62 1.40
N GLU A 766 32.21 -33.83 2.45
CA GLU A 766 31.10 -33.36 3.27
C GLU A 766 30.08 -32.56 2.47
N ASN A 767 30.39 -32.17 1.23
CA ASN A 767 29.41 -31.50 0.39
C ASN A 767 28.24 -32.42 0.07
N GLU A 768 28.53 -33.65 -0.34
CA GLU A 768 27.51 -34.56 -0.87
C GLU A 768 26.71 -35.18 0.26
N VAL A 769 25.38 -35.15 0.13
CA VAL A 769 24.48 -35.73 1.12
C VAL A 769 23.93 -37.04 0.60
N LEU A 770 23.98 -38.08 1.42
CA LEU A 770 23.60 -39.42 1.03
C LEU A 770 22.74 -40.05 2.12
N PHE A 771 21.51 -40.42 1.78
CA PHE A 771 20.71 -41.31 2.62
C PHE A 771 20.60 -42.64 1.91
N LYS A 772 21.16 -43.68 2.52
CA LYS A 772 20.97 -45.05 2.06
C LYS A 772 20.18 -45.80 3.11
N ASP A 773 18.95 -46.18 2.76
CA ASP A 773 18.10 -47.00 3.61
C ASP A 773 17.89 -46.35 4.97
N GLY A 774 17.44 -45.10 4.94
CA GLY A 774 16.94 -44.43 6.12
C GLY A 774 17.99 -43.88 7.05
N ALA A 775 19.26 -43.88 6.66
CA ALA A 775 20.33 -43.37 7.51
C ALA A 775 21.11 -42.29 6.79
N LEU A 776 21.65 -41.35 7.58
CA LEU A 776 22.51 -40.29 7.06
C LEU A 776 23.95 -40.76 7.16
N LEU A 777 24.55 -41.07 6.01
CA LEU A 777 25.92 -41.55 6.01
C LEU A 777 26.95 -40.47 5.68
N CYS A 778 26.55 -39.31 5.17
CA CYS A 778 27.54 -38.34 4.74
C CYS A 778 26.93 -36.94 4.72
N GLY A 779 27.76 -35.96 5.03
CA GLY A 779 27.42 -34.57 4.73
C GLY A 779 26.61 -33.90 5.81
N ILE A 780 26.81 -32.60 5.94
CA ILE A 780 26.02 -31.75 6.82
C ILE A 780 24.68 -31.41 6.18
N LEU A 781 23.71 -31.05 7.03
CA LEU A 781 22.42 -30.56 6.60
C LEU A 781 22.39 -29.04 6.66
N ASP A 782 21.64 -28.45 5.76
CA ASP A 782 21.75 -27.04 5.42
C ASP A 782 20.34 -26.54 5.10
N LYS A 783 20.26 -25.35 4.51
CA LYS A 783 18.96 -24.84 4.10
C LYS A 783 18.36 -25.70 2.99
N SER A 784 19.18 -26.13 2.03
CA SER A 784 18.69 -26.84 0.86
C SER A 784 17.97 -28.13 1.21
N GLN A 785 18.08 -28.60 2.45
CA GLN A 785 17.52 -29.90 2.78
C GLN A 785 16.20 -29.75 3.49
N TYR A 786 16.23 -29.40 4.77
CA TYR A 786 15.02 -29.31 5.57
C TYR A 786 14.46 -27.89 5.65
N GLY A 787 15.04 -26.96 4.92
CA GLY A 787 14.45 -25.65 4.74
C GLY A 787 13.49 -25.67 3.58
N ALA A 788 13.38 -24.55 2.88
CA ALA A 788 12.58 -24.49 1.65
C ALA A 788 13.52 -24.55 0.47
N SER A 789 13.55 -25.70 -0.21
CA SER A 789 14.25 -25.84 -1.48
C SER A 789 13.71 -27.07 -2.19
N LYS A 790 13.92 -27.11 -3.49
CA LYS A 790 13.51 -28.25 -4.29
C LYS A 790 14.51 -29.39 -4.14
N TYR A 791 14.00 -30.62 -4.20
CA TYR A 791 14.84 -31.81 -4.17
C TYR A 791 15.71 -31.88 -2.92
N GLY A 792 15.10 -31.75 -1.76
CA GLY A 792 15.78 -31.98 -0.51
C GLY A 792 15.31 -33.25 0.17
N ILE A 793 15.48 -33.28 1.48
CA ILE A 793 14.94 -34.37 2.29
C ILE A 793 13.43 -34.24 2.44
N VAL A 794 12.97 -33.16 3.09
CA VAL A 794 11.54 -33.04 3.32
C VAL A 794 10.75 -32.81 2.06
N HIS A 795 11.40 -32.56 0.93
CA HIS A 795 10.66 -32.63 -0.33
C HIS A 795 10.45 -34.08 -0.75
N SER A 796 11.41 -34.95 -0.42
CA SER A 796 11.30 -36.35 -0.80
C SER A 796 10.32 -37.10 0.08
N LEU A 797 10.40 -36.92 1.40
CA LEU A 797 9.40 -37.54 2.25
C LEU A 797 8.00 -37.07 1.93
N HIS A 798 7.86 -35.86 1.41
CA HIS A 798 6.53 -35.42 1.01
C HIS A 798 5.98 -36.28 -0.12
N GLU A 799 6.84 -36.74 -1.02
CA GLU A 799 6.37 -37.56 -2.12
C GLU A 799 6.17 -39.01 -1.70
N VAL A 800 7.14 -39.58 -0.98
CA VAL A 800 7.11 -41.01 -0.74
C VAL A 800 6.07 -41.37 0.33
N TYR A 801 6.09 -40.67 1.46
CA TYR A 801 5.26 -41.08 2.59
C TYR A 801 3.95 -40.32 2.73
N GLY A 802 3.64 -39.42 1.81
CA GLY A 802 2.38 -38.70 1.88
C GLY A 802 2.55 -37.37 2.58
N PRO A 803 1.63 -36.44 2.33
CA PRO A 803 1.85 -35.06 2.80
C PRO A 803 1.86 -34.91 4.31
N GLU A 804 1.24 -35.82 5.06
CA GLU A 804 1.21 -35.65 6.51
C GLU A 804 2.56 -35.93 7.14
N VAL A 805 3.19 -37.06 6.77
CA VAL A 805 4.45 -37.44 7.37
C VAL A 805 5.52 -36.38 7.15
N ALA A 806 5.51 -35.71 6.01
CA ALA A 806 6.43 -34.59 5.83
C ALA A 806 6.21 -33.51 6.89
N ALA A 807 4.94 -33.24 7.24
CA ALA A 807 4.65 -32.25 8.27
C ALA A 807 5.15 -32.71 9.63
N LYS A 808 4.86 -33.97 10.01
CA LYS A 808 5.40 -34.49 11.26
C LYS A 808 6.90 -34.34 11.33
N VAL A 809 7.62 -34.77 10.29
CA VAL A 809 9.07 -34.66 10.29
C VAL A 809 9.53 -33.21 10.39
N LEU A 810 8.80 -32.30 9.76
CA LEU A 810 9.20 -30.89 9.80
C LEU A 810 9.12 -30.34 11.22
N SER A 811 7.98 -30.58 11.89
CA SER A 811 7.85 -30.14 13.28
C SER A 811 8.88 -30.80 14.17
N VAL A 812 9.07 -32.11 14.01
CA VAL A 812 10.00 -32.85 14.87
C VAL A 812 11.40 -32.26 14.75
N LEU A 813 11.91 -32.09 13.53
CA LEU A 813 13.19 -31.43 13.39
C LEU A 813 13.17 -30.04 14.03
N GLY A 814 12.04 -29.35 13.98
CA GLY A 814 11.95 -28.08 14.69
C GLY A 814 12.29 -28.21 16.17
N ARG A 815 11.59 -29.09 16.88
CA ARG A 815 11.86 -29.21 18.31
C ARG A 815 13.25 -29.73 18.61
N LEU A 816 13.73 -30.72 17.85
CA LEU A 816 15.10 -31.19 18.03
C LEU A 816 16.10 -30.05 17.96
N PHE A 817 16.04 -29.25 16.89
CA PHE A 817 16.98 -28.15 16.80
C PHE A 817 16.67 -27.03 17.77
N THR A 818 15.52 -27.05 18.45
CA THR A 818 15.34 -26.14 19.57
C THR A 818 16.13 -26.60 20.79
N ASN A 819 16.00 -27.86 21.17
CA ASN A 819 16.72 -28.35 22.34
C ASN A 819 18.22 -28.27 22.14
N TYR A 820 18.72 -28.73 20.99
CA TYR A 820 20.17 -28.76 20.83
C TYR A 820 20.77 -27.37 20.96
N ILE A 821 20.05 -26.34 20.54
CA ILE A 821 20.50 -24.97 20.70
C ILE A 821 20.40 -24.53 22.14
N THR A 822 19.30 -24.89 22.83
CA THR A 822 19.26 -24.59 24.26
C THR A 822 20.50 -25.14 24.96
N ALA A 823 21.05 -26.26 24.47
CA ALA A 823 22.25 -26.80 25.10
C ALA A 823 23.52 -26.06 24.66
N THR A 824 23.75 -25.89 23.37
CA THR A 824 25.02 -25.33 22.89
C THR A 824 24.97 -23.84 22.53
N ALA A 825 23.82 -23.21 22.60
CA ALA A 825 23.60 -21.80 22.25
C ALA A 825 24.16 -21.51 20.85
N PHE A 826 24.64 -20.29 20.65
CA PHE A 826 25.24 -19.80 19.40
C PHE A 826 25.49 -18.31 19.63
N THR A 827 26.40 -17.69 18.88
CA THR A 827 26.69 -16.29 19.18
C THR A 827 27.34 -15.61 18.00
N CYS A 828 27.33 -14.29 18.03
CA CYS A 828 28.08 -13.46 17.11
C CYS A 828 28.80 -12.40 17.94
N GLY A 829 29.83 -11.79 17.36
CA GLY A 829 30.61 -10.84 18.13
C GLY A 829 31.49 -9.91 17.31
N MET A 830 32.39 -9.21 18.00
CA MET A 830 33.31 -8.32 17.29
C MET A 830 34.47 -9.08 16.68
N ASP A 831 35.00 -10.07 17.39
CA ASP A 831 36.07 -10.87 16.81
C ASP A 831 35.63 -11.69 15.61
N ASP A 832 34.33 -11.74 15.32
CA ASP A 832 33.87 -12.46 14.14
C ASP A 832 34.10 -11.67 12.86
N LEU A 833 34.10 -10.34 12.96
CA LEU A 833 34.12 -9.49 11.78
C LEU A 833 35.50 -8.99 11.41
N ARG A 834 36.53 -9.37 12.14
CA ARG A 834 37.83 -8.74 11.99
C ARG A 834 38.69 -9.45 10.95
N LEU A 835 39.40 -8.68 10.14
CA LEU A 835 40.48 -9.20 9.33
C LEU A 835 41.69 -9.49 10.21
N THR A 836 42.63 -10.25 9.68
CA THR A 836 43.86 -10.56 10.40
C THR A 836 44.69 -9.30 10.52
N ALA A 837 45.88 -9.43 11.09
CA ALA A 837 46.86 -8.36 10.97
C ALA A 837 47.49 -8.33 9.58
N GLU A 838 47.50 -9.47 8.89
CA GLU A 838 47.99 -9.51 7.52
C GLU A 838 46.96 -9.01 6.51
N GLY A 839 45.73 -9.50 6.59
CA GLY A 839 44.77 -9.25 5.54
C GLY A 839 44.51 -7.77 5.29
N ASN A 840 44.43 -6.99 6.36
CA ASN A 840 44.23 -5.55 6.20
C ASN A 840 45.29 -4.94 5.30
N LYS A 841 46.53 -5.42 5.41
CA LYS A 841 47.60 -4.92 4.56
C LYS A 841 47.27 -5.13 3.08
N TRP A 842 46.85 -6.35 2.73
CA TRP A 842 46.36 -6.58 1.38
C TRP A 842 45.27 -5.59 1.01
N ARG A 843 44.24 -5.49 1.86
CA ARG A 843 43.12 -4.61 1.55
C ARG A 843 43.60 -3.21 1.17
N THR A 844 44.43 -2.61 2.03
CA THR A 844 44.99 -1.31 1.71
C THR A 844 45.87 -1.36 0.47
N ASP A 845 46.46 -2.49 0.13
CA ASP A 845 47.30 -2.55 -1.06
C ASP A 845 46.49 -2.55 -2.34
N ILE A 846 45.38 -3.29 -2.39
CA ILE A 846 44.57 -3.35 -3.60
C ILE A 846 43.64 -2.16 -3.72
N LEU A 847 43.34 -1.47 -2.62
CA LEU A 847 42.56 -0.23 -2.75
C LEU A 847 43.41 0.92 -3.28
N LYS A 848 44.68 1.00 -2.88
CA LYS A 848 45.53 2.09 -3.34
C LYS A 848 45.68 2.11 -4.85
N THR A 849 45.40 0.99 -5.52
CA THR A 849 45.44 0.98 -6.98
C THR A 849 44.24 1.67 -7.59
N SER A 850 43.25 2.04 -6.79
CA SER A 850 42.08 2.76 -7.26
C SER A 850 42.15 4.27 -7.07
N VAL A 851 43.28 4.78 -6.57
CA VAL A 851 43.45 6.23 -6.40
C VAL A 851 43.38 6.93 -7.74
N ASP A 852 44.04 6.37 -8.75
CA ASP A 852 44.15 7.02 -10.05
C ASP A 852 43.09 6.55 -11.04
N THR A 853 42.14 5.72 -10.60
CA THR A 853 41.22 5.07 -11.52
C THR A 853 40.46 6.07 -12.39
N GLY A 854 39.73 6.98 -11.76
CA GLY A 854 38.70 7.74 -12.48
C GLY A 854 39.21 8.41 -13.73
N ARG A 855 40.43 8.95 -13.69
CA ARG A 855 40.96 9.64 -14.85
C ARG A 855 41.05 8.74 -16.06
N GLU A 856 41.45 7.47 -15.87
CA GLU A 856 41.52 6.56 -17.01
C GLU A 856 40.15 6.33 -17.64
N ALA A 857 39.07 6.48 -16.88
CA ALA A 857 37.74 6.51 -17.46
C ALA A 857 37.41 7.87 -18.05
N ALA A 858 38.11 8.91 -17.62
CA ALA A 858 37.91 10.23 -18.22
C ALA A 858 38.59 10.33 -19.57
N ALA A 859 39.64 9.54 -19.80
CA ALA A 859 40.35 9.63 -21.06
C ALA A 859 39.64 8.86 -22.18
N GLU A 860 39.13 7.67 -21.88
CA GLU A 860 38.61 6.82 -22.94
C GLU A 860 37.28 7.32 -23.49
N VAL A 861 36.52 8.07 -22.69
CA VAL A 861 35.29 8.67 -23.20
C VAL A 861 35.57 9.97 -23.95
N THR A 862 36.43 10.82 -23.40
CA THR A 862 36.71 12.11 -23.99
C THR A 862 37.65 12.06 -25.18
N ASN A 863 38.22 10.89 -25.49
CA ASN A 863 39.10 10.69 -26.63
C ASN A 863 40.34 11.60 -26.54
N LEU A 864 41.19 11.26 -25.58
CA LEU A 864 42.48 11.92 -25.43
C LEU A 864 43.63 10.93 -25.31
N ASP A 865 44.83 11.45 -25.05
CA ASP A 865 45.93 10.58 -24.67
C ASP A 865 45.75 10.10 -23.24
N LYS A 866 46.04 8.82 -23.01
CA LYS A 866 45.77 8.19 -21.73
C LYS A 866 46.46 8.90 -20.57
N ASP A 867 47.49 9.69 -20.84
CA ASP A 867 48.30 10.30 -19.81
C ASP A 867 47.91 11.75 -19.51
N THR A 868 46.85 12.27 -20.12
CA THR A 868 46.45 13.65 -19.90
C THR A 868 46.20 13.90 -18.42
N PRO A 869 46.92 14.81 -17.79
CA PRO A 869 46.79 15.00 -16.34
C PRO A 869 45.41 15.51 -15.95
N ALA A 870 45.12 15.39 -14.65
CA ALA A 870 43.75 15.55 -14.16
C ALA A 870 43.22 16.97 -14.34
N ASP A 871 44.05 17.98 -14.13
CA ASP A 871 43.61 19.37 -14.13
C ASP A 871 43.79 20.08 -15.47
N ASP A 872 44.21 19.37 -16.51
CA ASP A 872 44.51 20.00 -17.79
C ASP A 872 43.26 20.70 -18.34
N PRO A 873 43.37 21.96 -18.81
CA PRO A 873 42.17 22.71 -19.19
C PRO A 873 41.37 22.11 -20.33
N GLU A 874 42.02 21.72 -21.42
CA GLU A 874 41.28 21.19 -22.56
C GLU A 874 40.57 19.89 -22.19
N LEU A 875 41.15 19.13 -21.27
CA LEU A 875 40.39 18.06 -20.63
C LEU A 875 39.12 18.61 -19.99
N LEU A 876 39.24 19.74 -19.28
CA LEU A 876 38.11 20.26 -18.53
C LEU A 876 36.98 20.68 -19.46
N LYS A 877 37.31 21.23 -20.62
CA LYS A 877 36.25 21.62 -21.55
C LYS A 877 35.45 20.40 -22.01
N ARG A 878 36.14 19.35 -22.43
CA ARG A 878 35.43 18.15 -22.86
C ARG A 878 34.62 17.57 -21.72
N LEU A 879 35.18 17.53 -20.51
CA LEU A 879 34.39 17.15 -19.35
C LEU A 879 33.21 18.08 -19.11
N GLN A 880 33.25 19.28 -19.68
CA GLN A 880 32.27 20.31 -19.40
C GLN A 880 31.06 20.16 -20.30
N GLU A 881 31.27 20.27 -21.61
CA GLU A 881 30.15 20.22 -22.54
C GLU A 881 29.47 18.85 -22.51
N ILE A 882 30.21 17.81 -22.13
CA ILE A 882 29.67 16.45 -22.13
C ILE A 882 28.57 16.36 -21.09
N LEU A 883 28.58 17.27 -20.12
CA LEU A 883 27.67 17.19 -18.98
C LEU A 883 26.24 17.62 -19.30
N ARG A 884 26.04 18.64 -20.13
CA ARG A 884 24.71 19.21 -20.30
C ARG A 884 23.72 18.19 -20.86
N ASP A 885 24.19 17.20 -21.59
CA ASP A 885 23.33 16.13 -22.08
C ASP A 885 23.01 15.18 -20.95
N ASN A 886 21.83 14.56 -21.01
CA ASN A 886 21.55 13.43 -20.13
C ASN A 886 22.19 12.16 -20.67
N ASN A 887 22.12 11.96 -21.99
CA ASN A 887 22.60 10.72 -22.58
C ASN A 887 24.10 10.56 -22.42
N LYS A 888 24.85 11.62 -22.69
CA LYS A 888 26.30 11.51 -22.61
C LYS A 888 26.78 11.16 -21.20
N SER A 889 26.28 11.85 -20.18
CA SER A 889 26.63 11.48 -18.82
C SER A 889 26.17 10.06 -18.49
N GLY A 890 24.98 9.68 -18.98
CA GLY A 890 24.54 8.30 -18.86
C GLY A 890 25.51 7.31 -19.47
N ILE A 891 26.29 7.73 -20.48
CA ILE A 891 27.34 6.87 -21.02
C ILE A 891 28.56 6.86 -20.10
N LEU A 892 29.03 8.04 -19.70
CA LEU A 892 30.24 8.10 -18.89
C LEU A 892 30.10 7.30 -17.60
N ASP A 893 28.95 7.42 -16.93
CA ASP A 893 28.77 6.69 -15.68
C ASP A 893 28.82 5.18 -15.91
N ALA A 894 28.20 4.70 -16.97
CA ALA A 894 28.33 3.28 -17.29
C ALA A 894 29.74 2.91 -17.69
N VAL A 895 30.57 3.88 -18.08
CA VAL A 895 31.97 3.58 -18.38
C VAL A 895 32.77 3.41 -17.12
N THR A 896 32.56 4.28 -16.12
CA THR A 896 33.33 4.18 -14.88
C THR A 896 32.86 3.03 -14.00
N SER A 897 31.56 2.73 -14.03
CA SER A 897 31.03 1.63 -13.22
C SER A 897 31.77 0.33 -13.48
N SER A 898 32.20 0.10 -14.73
CA SER A 898 32.94 -1.12 -15.03
C SER A 898 34.23 -1.21 -14.23
N LYS A 899 35.00 -0.13 -14.21
CA LYS A 899 36.28 -0.17 -13.52
C LYS A 899 36.10 -0.23 -12.01
N VAL A 900 35.33 0.69 -11.44
CA VAL A 900 35.15 0.68 -9.99
C VAL A 900 34.45 -0.57 -9.50
N ASN A 901 33.68 -1.25 -10.35
CA ASN A 901 33.18 -2.56 -9.98
C ASN A 901 34.22 -3.65 -10.14
N ALA A 902 35.14 -3.51 -11.08
CA ALA A 902 36.22 -4.49 -11.19
C ALA A 902 37.09 -4.50 -9.94
N ILE A 903 37.47 -3.30 -9.45
CA ILE A 903 38.31 -3.22 -8.26
C ILE A 903 37.69 -4.00 -7.11
N THR A 904 36.37 -3.98 -6.99
CA THR A 904 35.68 -4.65 -5.90
C THR A 904 35.94 -6.16 -5.92
N SER A 905 35.60 -6.82 -7.03
CA SER A 905 35.86 -8.24 -7.12
C SER A 905 37.35 -8.56 -7.17
N GLN A 906 38.21 -7.57 -7.38
CA GLN A 906 39.63 -7.85 -7.18
C GLN A 906 39.99 -7.90 -5.71
N VAL A 907 39.37 -7.05 -4.89
CA VAL A 907 39.68 -7.01 -3.47
C VAL A 907 39.09 -8.21 -2.76
N VAL A 908 37.79 -8.43 -2.94
CA VAL A 908 37.05 -9.34 -2.07
C VAL A 908 37.51 -10.77 -2.28
N SER A 909 37.61 -11.21 -3.53
CA SER A 909 38.03 -12.58 -3.80
C SER A 909 39.42 -12.86 -3.22
N LYS A 910 40.26 -11.84 -3.11
CA LYS A 910 41.58 -12.03 -2.52
C LYS A 910 41.56 -12.01 -1.00
N CYS A 911 40.63 -11.25 -0.40
CA CYS A 911 40.66 -11.08 1.04
C CYS A 911 39.88 -12.16 1.80
N VAL A 912 38.56 -12.09 1.74
CA VAL A 912 37.69 -13.00 2.47
C VAL A 912 37.41 -14.25 1.65
N PRO A 913 37.29 -15.42 2.28
CA PRO A 913 37.43 -15.90 3.66
C PRO A 913 38.85 -16.02 4.22
N ASP A 914 39.88 -15.97 3.38
CA ASP A 914 41.23 -16.29 3.85
C ASP A 914 41.90 -15.12 4.56
N GLY A 915 41.24 -13.99 4.69
CA GLY A 915 41.77 -12.88 5.46
C GLY A 915 41.08 -12.72 6.80
N THR A 916 40.09 -13.58 7.07
CA THR A 916 39.38 -13.51 8.34
C THR A 916 40.29 -13.93 9.49
N MET A 917 40.01 -13.40 10.68
CA MET A 917 40.79 -13.79 11.84
C MET A 917 40.30 -15.11 12.42
N LYS A 918 38.98 -15.29 12.52
CA LYS A 918 38.40 -16.56 12.93
C LYS A 918 37.86 -17.27 11.70
N LYS A 919 38.29 -18.50 11.48
CA LYS A 919 37.90 -19.27 10.32
C LYS A 919 36.61 -20.05 10.59
N PHE A 920 35.76 -20.14 9.59
CA PHE A 920 34.60 -21.02 9.63
C PHE A 920 35.05 -22.43 9.99
N PRO A 921 34.25 -23.19 10.76
CA PRO A 921 32.98 -22.92 11.43
C PRO A 921 33.08 -22.03 12.68
N CYS A 922 34.28 -21.86 13.21
CA CYS A 922 34.49 -21.08 14.43
C CYS A 922 33.97 -19.66 14.25
N ASN A 923 33.89 -19.19 13.02
CA ASN A 923 33.33 -17.87 12.73
C ASN A 923 31.85 -18.00 12.40
N SER A 924 31.04 -17.26 13.15
CA SER A 924 29.59 -17.32 13.04
C SER A 924 29.04 -16.51 11.87
N MET A 925 29.59 -15.32 11.62
CA MET A 925 29.04 -14.48 10.56
C MET A 925 29.10 -15.17 9.20
N GLN A 926 30.21 -15.82 8.89
CA GLN A 926 30.26 -16.62 7.69
C GLN A 926 29.36 -17.85 7.78
N ALA A 927 29.20 -18.41 8.97
CA ALA A 927 28.25 -19.51 9.14
C ALA A 927 26.82 -19.06 8.89
N MET A 928 26.54 -17.78 9.07
CA MET A 928 25.26 -17.23 8.64
C MET A 928 25.24 -16.98 7.14
N ALA A 929 26.36 -16.53 6.57
CA ALA A 929 26.39 -16.32 5.12
C ALA A 929 26.39 -17.62 4.34
N LEU A 930 27.28 -18.56 4.70
CA LEU A 930 27.41 -19.79 3.94
C LEU A 930 26.17 -20.67 4.05
N SER A 931 25.57 -20.74 5.23
CA SER A 931 24.48 -21.69 5.43
C SER A 931 23.16 -21.19 4.88
N GLY A 932 23.11 -19.99 4.33
CA GLY A 932 21.89 -19.48 3.75
C GLY A 932 20.77 -19.29 4.74
N ALA A 933 21.08 -19.40 6.03
CA ALA A 933 20.05 -19.22 7.05
C ALA A 933 19.54 -17.79 7.06
N LYS A 934 20.47 -16.83 7.01
CA LYS A 934 20.11 -15.42 6.94
C LYS A 934 21.26 -14.69 6.28
N GLY A 935 20.94 -13.66 5.50
CA GLY A 935 21.98 -12.88 4.84
C GLY A 935 22.64 -13.64 3.70
N SER A 936 23.59 -12.97 3.06
CA SER A 936 24.31 -13.52 1.92
C SER A 936 25.65 -12.82 1.79
N ASN A 937 26.51 -13.41 0.94
CA ASN A 937 27.91 -12.98 0.82
C ASN A 937 28.07 -11.47 0.72
N VAL A 938 27.19 -10.80 -0.01
CA VAL A 938 27.32 -9.36 -0.19
C VAL A 938 27.24 -8.63 1.15
N ASN A 939 26.26 -9.01 1.97
CA ASN A 939 26.07 -8.35 3.26
C ASN A 939 27.27 -8.53 4.18
N VAL A 940 27.99 -9.64 4.08
CA VAL A 940 29.18 -9.83 4.88
C VAL A 940 30.35 -9.06 4.30
N SER A 941 30.50 -9.05 2.98
CA SER A 941 31.61 -8.33 2.38
C SER A 941 31.47 -6.83 2.57
N GLN A 942 30.25 -6.32 2.74
CA GLN A 942 30.12 -4.91 3.05
C GLN A 942 30.59 -4.58 4.45
N ILE A 943 30.46 -5.51 5.39
CA ILE A 943 31.01 -5.29 6.71
C ILE A 943 32.52 -5.42 6.70
N MET A 944 33.04 -6.51 6.16
CA MET A 944 34.44 -6.85 6.34
C MET A 944 35.38 -6.24 5.31
N CYS A 945 34.86 -5.77 4.17
CA CYS A 945 35.75 -5.36 3.09
C CYS A 945 35.56 -3.90 2.69
N LEU A 946 34.42 -3.58 2.09
CA LEU A 946 34.19 -2.26 1.53
C LEU A 946 32.77 -2.17 0.99
N LEU A 947 32.30 -0.94 0.80
CA LEU A 947 30.97 -0.70 0.26
C LEU A 947 30.93 -0.80 -1.25
N GLY A 948 31.91 -0.24 -1.94
CA GLY A 948 31.86 -0.28 -3.38
C GLY A 948 31.02 0.85 -3.95
N GLN A 949 30.79 0.77 -5.26
CA GLN A 949 30.13 1.84 -5.99
C GLN A 949 28.68 2.02 -5.55
N GLN A 950 28.25 3.28 -5.54
CA GLN A 950 26.86 3.64 -5.28
C GLN A 950 26.15 3.80 -6.63
N ALA A 951 24.89 3.38 -6.68
CA ALA A 951 24.14 3.36 -7.94
C ALA A 951 22.79 4.00 -7.74
N LEU A 952 22.53 5.07 -8.50
CA LEU A 952 21.25 5.76 -8.51
C LEU A 952 20.82 5.84 -9.97
N GLU A 953 19.75 5.14 -10.31
CA GLU A 953 19.30 5.07 -11.70
C GLU A 953 20.41 4.56 -12.61
N GLY A 954 21.18 3.60 -12.12
CA GLY A 954 22.24 3.02 -12.90
C GLY A 954 23.44 3.93 -13.10
N ARG A 955 23.32 5.18 -12.65
CA ARG A 955 24.36 6.17 -12.85
C ARG A 955 25.11 6.44 -11.55
N ARG A 956 26.04 7.37 -11.63
CA ARG A 956 26.80 7.83 -10.47
C ARG A 956 26.02 8.98 -9.81
N VAL A 957 26.69 9.66 -8.87
CA VAL A 957 26.05 10.70 -8.05
C VAL A 957 25.46 11.78 -8.95
N PRO A 958 24.23 12.23 -8.71
CA PRO A 958 23.67 13.32 -9.52
C PRO A 958 24.48 14.59 -9.36
N VAL A 959 24.85 15.18 -10.48
CA VAL A 959 25.81 16.29 -10.50
C VAL A 959 25.06 17.61 -10.41
N MET A 960 25.51 18.49 -9.53
CA MET A 960 24.95 19.83 -9.49
C MET A 960 25.32 20.57 -10.77
N VAL A 961 24.59 21.65 -11.05
CA VAL A 961 24.78 22.39 -12.28
C VAL A 961 26.20 22.93 -12.43
N SER A 962 26.92 23.14 -11.33
CA SER A 962 28.24 23.72 -11.37
C SER A 962 29.35 22.70 -11.55
N GLY A 963 29.02 21.43 -11.75
CA GLY A 963 30.03 20.41 -11.90
C GLY A 963 30.58 19.88 -10.59
N LYS A 964 30.05 20.32 -9.46
CA LYS A 964 30.45 19.83 -8.15
C LYS A 964 29.42 18.80 -7.72
N THR A 965 29.89 17.59 -7.41
CA THR A 965 28.99 16.54 -6.97
C THR A 965 28.50 16.76 -5.55
N LEU A 966 29.12 17.70 -4.83
CA LEU A 966 28.94 17.91 -3.42
C LEU A 966 29.84 19.10 -3.09
N PRO A 967 29.46 19.98 -2.14
CA PRO A 967 30.18 21.25 -2.00
C PRO A 967 31.67 21.13 -1.71
N SER A 968 32.15 19.97 -1.30
CA SER A 968 33.54 19.82 -0.87
C SER A 968 34.48 19.34 -1.98
N PHE A 969 34.01 19.22 -3.22
CA PHE A 969 34.86 18.76 -4.30
C PHE A 969 35.07 19.84 -5.35
N LYS A 970 36.32 19.92 -5.83
CA LYS A 970 36.73 20.79 -6.91
C LYS A 970 35.84 20.60 -8.13
N PRO A 971 35.50 21.68 -8.84
CA PRO A 971 34.62 21.55 -10.00
C PRO A 971 35.19 20.61 -11.04
N TYR A 972 34.32 19.77 -11.59
CA TYR A 972 34.66 18.81 -12.64
C TYR A 972 35.78 17.89 -12.18
N GLU A 973 35.50 17.07 -11.18
CA GLU A 973 36.51 16.20 -10.59
C GLU A 973 36.51 14.86 -11.29
N THR A 974 37.65 14.50 -11.85
CA THR A 974 37.78 13.23 -12.55
C THR A 974 37.85 12.05 -11.60
N ASP A 975 38.01 12.31 -10.30
CA ASP A 975 38.36 11.27 -9.34
C ASP A 975 37.24 10.26 -9.19
N ALA A 976 37.59 9.07 -8.71
CA ALA A 976 36.61 8.01 -8.53
C ALA A 976 35.72 8.28 -7.34
N MET A 977 36.29 8.86 -6.27
CA MET A 977 35.51 9.23 -5.10
C MET A 977 34.40 10.23 -5.42
N ALA A 978 34.53 10.98 -6.50
CA ALA A 978 33.52 11.97 -6.86
C ALA A 978 32.33 11.36 -7.57
N GLY A 979 32.32 10.04 -7.77
CA GLY A 979 31.16 9.38 -8.34
C GLY A 979 30.40 8.57 -7.31
N GLY A 980 30.73 8.78 -6.05
CA GLY A 980 30.08 8.05 -4.97
C GLY A 980 30.79 6.79 -4.55
N TYR A 981 31.82 6.36 -5.27
CA TYR A 981 32.54 5.17 -4.88
C TYR A 981 33.05 5.32 -3.46
N VAL A 982 32.69 4.38 -2.59
CA VAL A 982 33.01 4.43 -1.17
C VAL A 982 34.02 3.35 -0.87
N LYS A 983 35.20 3.75 -0.40
CA LYS A 983 36.21 2.80 0.04
C LYS A 983 36.05 2.38 1.49
N GLY A 984 35.13 3.01 2.22
CA GLY A 984 34.93 2.68 3.61
C GLY A 984 34.14 1.41 3.78
N ARG A 985 33.90 1.08 5.04
CA ARG A 985 33.17 -0.13 5.39
C ARG A 985 32.47 0.09 6.72
N PHE A 986 31.31 -0.54 6.89
CA PHE A 986 30.52 -0.29 8.09
C PHE A 986 31.25 -0.70 9.36
N TYR A 987 32.33 -1.47 9.26
CA TYR A 987 33.04 -1.85 10.46
C TYR A 987 33.94 -0.73 10.99
N SER A 988 34.75 -0.13 10.12
CA SER A 988 35.70 0.88 10.55
C SER A 988 35.21 2.31 10.35
N GLY A 989 34.06 2.50 9.73
CA GLY A 989 33.53 3.83 9.59
C GLY A 989 33.67 4.35 8.17
N ILE A 990 32.86 5.36 7.85
CA ILE A 990 32.81 5.96 6.52
C ILE A 990 32.84 7.47 6.67
N LYS A 991 33.63 8.13 5.82
CA LYS A 991 33.88 9.57 5.90
C LYS A 991 32.61 10.36 5.58
N PRO A 992 32.55 11.68 5.87
CA PRO A 992 31.30 12.43 5.68
C PRO A 992 30.72 12.38 4.29
N GLN A 993 31.54 12.64 3.26
CA GLN A 993 31.02 12.61 1.90
C GLN A 993 30.44 11.24 1.59
N GLU A 994 31.15 10.18 2.00
CA GLU A 994 30.68 8.82 1.78
C GLU A 994 29.30 8.59 2.40
N TYR A 995 29.12 9.00 3.66
CA TYR A 995 27.83 8.84 4.31
C TYR A 995 26.75 9.62 3.59
N TYR A 996 27.04 10.85 3.18
CA TYR A 996 26.03 11.63 2.48
C TYR A 996 25.68 11.05 1.12
N PHE A 997 26.60 10.32 0.50
CA PHE A 997 26.24 9.56 -0.71
C PHE A 997 25.36 8.36 -0.37
N HIS A 998 25.73 7.60 0.66
CA HIS A 998 24.99 6.40 0.99
C HIS A 998 23.56 6.71 1.42
N CYS A 999 23.32 7.89 1.99
CA CYS A 999 21.96 8.30 2.28
C CYS A 999 21.07 8.33 1.03
N MET A 1000 21.59 8.76 -0.11
CA MET A 1000 20.80 8.77 -1.34
C MET A 1000 20.38 7.36 -1.72
N ALA A 1001 21.35 6.48 -1.92
CA ALA A 1001 21.07 5.08 -2.21
C ALA A 1001 20.14 4.47 -1.20
N GLY A 1002 20.13 4.96 0.03
CA GLY A 1002 19.17 4.48 1.00
C GLY A 1002 17.75 4.97 0.71
N ARG A 1003 17.64 6.23 0.28
CA ARG A 1003 16.31 6.79 0.05
C ARG A 1003 15.66 6.20 -1.19
N GLU A 1004 16.42 6.08 -2.28
CA GLU A 1004 15.89 5.49 -3.51
C GLU A 1004 15.25 4.13 -3.26
N GLY A 1005 15.91 3.32 -2.45
CA GLY A 1005 15.35 2.06 -2.04
C GLY A 1005 13.98 2.19 -1.43
N LEU A 1006 13.82 3.05 -0.42
CA LEU A 1006 12.53 3.17 0.24
C LEU A 1006 11.45 3.67 -0.70
N ILE A 1007 11.76 4.71 -1.47
CA ILE A 1007 10.85 5.22 -2.49
C ILE A 1007 10.34 4.07 -3.35
N ASP A 1008 11.26 3.38 -4.02
CA ASP A 1008 10.86 2.33 -4.95
C ASP A 1008 10.10 1.20 -4.26
N THR A 1009 10.44 0.90 -3.00
CA THR A 1009 9.68 -0.10 -2.27
C THR A 1009 8.27 0.39 -2.00
N ALA A 1010 8.07 1.71 -2.04
CA ALA A 1010 6.72 2.23 -1.94
C ALA A 1010 5.99 2.12 -3.27
N VAL A 1011 6.70 2.36 -4.37
CA VAL A 1011 6.01 2.45 -5.67
C VAL A 1011 5.71 1.06 -6.23
N LYS A 1012 6.51 0.06 -5.85
CA LYS A 1012 6.31 -1.28 -6.41
C LYS A 1012 4.92 -1.84 -6.11
N THR A 1013 4.59 -1.92 -4.82
CA THR A 1013 3.48 -2.76 -4.38
C THR A 1013 2.15 -2.35 -4.99
N SER A 1014 1.92 -1.04 -5.12
CA SER A 1014 0.65 -0.56 -5.63
C SER A 1014 0.46 -0.96 -7.08
N ARG A 1015 1.54 -0.89 -7.86
CA ARG A 1015 1.50 -1.12 -9.29
C ARG A 1015 0.97 -2.51 -9.62
N SER A 1016 1.70 -3.56 -9.23
CA SER A 1016 1.23 -4.92 -9.35
C SER A 1016 -0.03 -5.15 -8.51
N GLY A 1017 -0.25 -4.31 -7.51
CA GLY A 1017 -1.45 -4.43 -6.72
C GLY A 1017 -2.72 -4.18 -7.52
N TYR A 1018 -2.66 -3.26 -8.48
CA TYR A 1018 -3.81 -3.03 -9.35
C TYR A 1018 -3.94 -4.03 -10.48
N LEU A 1019 -2.84 -4.38 -11.14
CA LEU A 1019 -2.89 -5.34 -12.23
C LEU A 1019 -3.63 -6.62 -11.87
N GLN A 1020 -3.23 -7.28 -10.79
CA GLN A 1020 -3.84 -8.51 -10.36
C GLN A 1020 -5.35 -8.43 -10.17
N ARG A 1021 -5.91 -7.26 -9.92
CA ARG A 1021 -7.35 -7.14 -9.82
C ARG A 1021 -8.04 -7.23 -11.17
N CYS A 1022 -7.33 -6.98 -12.27
CA CYS A 1022 -7.94 -7.14 -13.59
C CYS A 1022 -8.01 -8.60 -13.99
N LEU A 1023 -6.90 -9.34 -13.85
CA LEU A 1023 -6.89 -10.74 -14.24
C LEU A 1023 -7.94 -11.53 -13.49
N THR A 1024 -7.86 -11.53 -12.15
CA THR A 1024 -8.75 -12.38 -11.37
C THR A 1024 -10.21 -12.02 -11.54
N LYS A 1025 -10.51 -10.84 -12.08
CA LYS A 1025 -11.91 -10.46 -12.25
C LYS A 1025 -12.52 -11.14 -13.47
N GLN A 1026 -11.77 -11.20 -14.57
CA GLN A 1026 -12.22 -11.83 -15.80
C GLN A 1026 -12.03 -13.35 -15.81
N LEU A 1027 -10.94 -13.84 -15.23
CA LEU A 1027 -10.66 -15.28 -15.10
C LEU A 1027 -11.33 -15.90 -13.89
N GLU A 1028 -12.15 -15.14 -13.17
CA GLU A 1028 -12.68 -15.56 -11.87
C GLU A 1028 -13.26 -16.98 -11.91
N GLY A 1029 -14.01 -17.31 -12.95
CA GLY A 1029 -14.83 -18.50 -12.95
C GLY A 1029 -14.37 -19.65 -13.82
N VAL A 1030 -13.18 -19.59 -14.40
CA VAL A 1030 -12.68 -20.67 -15.22
C VAL A 1030 -12.38 -21.88 -14.34
N HIS A 1031 -12.79 -23.07 -14.79
CA HIS A 1031 -12.63 -24.28 -14.00
C HIS A 1031 -12.45 -25.47 -14.93
N VAL A 1032 -11.65 -26.43 -14.49
CA VAL A 1032 -11.51 -27.69 -15.22
C VAL A 1032 -12.80 -28.49 -15.06
N SER A 1033 -13.22 -29.15 -16.14
CA SER A 1033 -14.49 -29.85 -16.17
C SER A 1033 -14.25 -31.37 -16.22
N TYR A 1034 -15.36 -32.11 -16.26
CA TYR A 1034 -15.26 -33.57 -16.26
C TYR A 1034 -14.99 -34.14 -17.64
N ASP A 1035 -15.02 -33.33 -18.68
CA ASP A 1035 -14.41 -33.70 -19.95
C ASP A 1035 -12.95 -33.29 -20.01
N ASN A 1036 -12.42 -32.77 -18.89
CA ASN A 1036 -11.03 -32.38 -18.73
C ASN A 1036 -10.74 -31.07 -19.45
N SER A 1037 -11.68 -30.60 -20.28
CA SER A 1037 -11.50 -29.35 -20.98
C SER A 1037 -11.59 -28.19 -20.01
N ILE A 1038 -11.07 -27.04 -20.43
CA ILE A 1038 -11.15 -25.82 -19.65
C ILE A 1038 -12.41 -25.07 -20.11
N ARG A 1039 -13.43 -25.04 -19.26
CA ARG A 1039 -14.68 -24.36 -19.58
C ARG A 1039 -14.77 -23.07 -18.80
N ASP A 1040 -15.25 -22.02 -19.45
CA ASP A 1040 -15.50 -20.77 -18.75
C ASP A 1040 -16.76 -20.91 -17.91
N ALA A 1041 -17.20 -19.79 -17.32
CA ALA A 1041 -18.32 -19.84 -16.38
C ALA A 1041 -19.61 -20.27 -17.06
N ASP A 1042 -19.94 -19.63 -18.18
CA ASP A 1042 -21.22 -19.88 -18.84
C ASP A 1042 -21.20 -21.12 -19.74
N GLY A 1043 -20.09 -21.84 -19.80
CA GLY A 1043 -19.96 -23.00 -20.66
C GLY A 1043 -19.04 -22.80 -21.84
N THR A 1044 -18.62 -21.57 -22.12
CA THR A 1044 -17.66 -21.33 -23.19
C THR A 1044 -16.39 -22.15 -22.96
N LEU A 1045 -15.86 -22.72 -24.03
CA LEU A 1045 -14.71 -23.60 -23.96
C LEU A 1045 -13.45 -22.80 -24.30
N VAL A 1046 -12.36 -23.12 -23.63
CA VAL A 1046 -11.12 -22.34 -23.72
C VAL A 1046 -10.00 -23.24 -24.20
N GLN A 1047 -9.65 -24.24 -23.40
CA GLN A 1047 -8.66 -25.25 -23.75
C GLN A 1047 -9.26 -26.64 -23.61
N PHE A 1048 -8.81 -27.55 -24.45
CA PHE A 1048 -9.28 -28.93 -24.37
C PHE A 1048 -8.54 -29.75 -23.34
N MET A 1049 -7.27 -29.45 -23.08
CA MET A 1049 -6.52 -30.07 -22.00
C MET A 1049 -5.76 -28.97 -21.29
N TYR A 1050 -5.55 -29.13 -19.98
CA TYR A 1050 -5.06 -28.01 -19.17
C TYR A 1050 -3.73 -27.49 -19.70
N GLY A 1051 -2.65 -28.22 -19.50
CA GLY A 1051 -1.37 -27.78 -20.00
C GLY A 1051 -0.99 -28.59 -21.23
N GLY A 1052 -1.89 -29.49 -21.60
CA GLY A 1052 -1.65 -30.44 -22.65
C GLY A 1052 -1.30 -31.80 -22.07
N ASP A 1053 -0.74 -31.82 -20.86
CA ASP A 1053 -0.56 -33.06 -20.12
C ASP A 1053 -1.61 -33.29 -19.04
N ALA A 1054 -2.48 -32.32 -18.78
CA ALA A 1054 -3.48 -32.39 -17.72
C ALA A 1054 -2.84 -32.76 -16.38
N ILE A 1055 -1.74 -32.09 -16.05
CA ILE A 1055 -0.96 -32.36 -14.86
C ILE A 1055 -1.02 -31.18 -13.91
N ASP A 1056 -1.24 -31.46 -12.64
CA ASP A 1056 -1.22 -30.42 -11.62
C ASP A 1056 0.21 -30.09 -11.26
N ILE A 1057 0.46 -28.82 -10.95
CA ILE A 1057 1.82 -28.40 -10.61
C ILE A 1057 2.21 -28.81 -9.21
N THR A 1058 1.24 -29.00 -8.31
CA THR A 1058 1.58 -29.49 -6.98
C THR A 1058 2.14 -30.91 -7.05
N LYS A 1059 1.56 -31.76 -7.88
CA LYS A 1059 1.93 -33.17 -7.95
C LYS A 1059 2.94 -33.47 -9.04
N GLU A 1060 3.44 -32.43 -9.71
CA GLU A 1060 4.36 -32.57 -10.85
C GLU A 1060 5.80 -32.74 -10.40
N SER A 1061 6.05 -32.83 -9.10
CA SER A 1061 7.42 -32.74 -8.56
C SER A 1061 8.35 -33.75 -9.22
N HIS A 1062 8.16 -35.03 -8.92
CA HIS A 1062 9.10 -36.07 -9.33
C HIS A 1062 8.69 -36.83 -10.58
N MET A 1063 7.55 -36.49 -11.20
CA MET A 1063 7.11 -37.19 -12.40
C MET A 1063 8.21 -37.25 -13.44
N THR A 1064 9.03 -36.21 -13.53
CA THR A 1064 10.17 -36.20 -14.44
C THR A 1064 11.45 -36.66 -13.78
N GLN A 1065 11.39 -37.13 -12.53
CA GLN A 1065 12.55 -37.74 -11.89
C GLN A 1065 12.35 -39.25 -11.96
N PHE A 1066 13.02 -39.89 -12.92
CA PHE A 1066 13.02 -41.34 -12.99
C PHE A 1066 14.12 -41.96 -12.15
N GLU A 1067 15.31 -41.37 -12.18
CA GLU A 1067 16.46 -42.02 -11.57
C GLU A 1067 16.36 -42.00 -10.05
N PHE A 1068 15.57 -41.09 -9.48
CA PHE A 1068 15.18 -41.20 -8.09
C PHE A 1068 14.21 -42.36 -7.89
N CYS A 1069 13.12 -42.37 -8.64
CA CYS A 1069 12.08 -43.38 -8.47
C CYS A 1069 12.58 -44.79 -8.76
N LEU A 1070 13.72 -44.95 -9.41
CA LEU A 1070 14.27 -46.29 -9.60
C LEU A 1070 14.58 -46.93 -8.25
N ASP A 1071 15.36 -46.24 -7.42
CA ASP A 1071 15.39 -46.58 -6.01
C ASP A 1071 14.07 -46.19 -5.37
N ASN A 1072 13.78 -46.77 -4.21
CA ASN A 1072 12.54 -46.59 -3.48
C ASN A 1072 11.38 -47.32 -4.14
N TYR A 1073 11.61 -47.99 -5.27
CA TYR A 1073 10.52 -48.67 -5.97
C TYR A 1073 9.70 -49.53 -5.03
N TYR A 1074 10.37 -50.16 -4.07
CA TYR A 1074 9.67 -51.07 -3.17
C TYR A 1074 8.79 -50.29 -2.20
N ALA A 1075 8.87 -48.96 -2.27
CA ALA A 1075 8.02 -48.08 -1.47
C ALA A 1075 6.94 -47.46 -2.35
N LEU A 1076 7.34 -46.73 -3.40
CA LEU A 1076 6.39 -46.14 -4.34
C LEU A 1076 5.44 -47.18 -4.91
N LEU A 1077 5.81 -48.46 -4.83
CA LEU A 1077 4.86 -49.50 -5.18
C LEU A 1077 3.84 -49.72 -4.07
N LYS A 1078 4.24 -49.49 -2.82
CA LYS A 1078 3.32 -49.69 -1.70
C LYS A 1078 2.47 -48.46 -1.42
N LYS A 1079 2.81 -47.31 -1.99
CA LYS A 1079 1.97 -46.14 -1.84
C LYS A 1079 0.79 -46.17 -2.80
N TYR A 1080 1.04 -46.54 -4.06
CA TYR A 1080 -0.05 -46.57 -5.05
C TYR A 1080 -0.91 -47.81 -4.90
N ASN A 1081 -0.30 -48.96 -4.61
CA ASN A 1081 -1.02 -50.21 -4.42
C ASN A 1081 -1.84 -50.59 -5.64
N PRO A 1082 -1.20 -51.01 -6.74
CA PRO A 1082 -1.95 -51.41 -7.93
C PRO A 1082 -2.93 -52.55 -7.69
N SER A 1083 -2.84 -53.25 -6.56
CA SER A 1083 -3.66 -54.42 -6.30
C SER A 1083 -5.15 -54.15 -6.53
N ALA A 1084 -5.62 -52.98 -6.12
CA ALA A 1084 -7.02 -52.63 -6.29
C ALA A 1084 -7.31 -51.89 -7.58
N LEU A 1085 -6.28 -51.48 -8.33
CA LEU A 1085 -6.47 -50.78 -9.58
C LEU A 1085 -6.52 -51.69 -10.80
N ILE A 1086 -6.49 -53.01 -10.59
CA ILE A 1086 -6.53 -53.93 -11.71
C ILE A 1086 -7.96 -54.13 -12.22
N GLU A 1087 -8.94 -54.04 -11.33
CA GLU A 1087 -10.31 -54.38 -11.72
C GLU A 1087 -10.93 -53.31 -12.60
N HIS A 1088 -10.84 -52.05 -12.20
CA HIS A 1088 -11.69 -50.99 -12.73
C HIS A 1088 -11.07 -50.26 -13.92
N LEU A 1089 -9.92 -50.71 -14.41
CA LEU A 1089 -9.18 -49.94 -15.41
C LEU A 1089 -8.80 -50.82 -16.59
N ASP A 1090 -8.77 -50.22 -17.78
CA ASP A 1090 -8.37 -50.92 -19.00
C ASP A 1090 -6.88 -50.70 -19.20
N VAL A 1091 -6.11 -51.79 -19.11
CA VAL A 1091 -4.65 -51.67 -19.10
C VAL A 1091 -4.07 -51.57 -20.50
N GLU A 1092 -4.71 -52.17 -21.50
CA GLU A 1092 -4.08 -52.42 -22.79
C GLU A 1092 -4.38 -51.34 -23.83
N SER A 1093 -5.66 -51.11 -24.10
CA SER A 1093 -6.10 -50.41 -25.31
C SER A 1093 -5.30 -49.15 -25.57
N ALA A 1094 -4.98 -48.39 -24.51
CA ALA A 1094 -4.18 -47.19 -24.71
C ALA A 1094 -2.74 -47.56 -25.08
N LEU A 1095 -2.17 -48.55 -24.38
CA LEU A 1095 -0.80 -48.97 -24.66
C LEU A 1095 -0.63 -49.38 -26.12
N LYS A 1096 -1.63 -50.06 -26.67
CA LYS A 1096 -1.59 -50.44 -28.07
C LYS A 1096 -1.39 -49.22 -28.97
N TYR A 1097 -2.34 -48.30 -28.93
CA TYR A 1097 -2.33 -47.13 -29.81
C TYR A 1097 -1.08 -46.28 -29.59
N SER A 1098 -0.63 -46.18 -28.34
CA SER A 1098 0.61 -45.49 -28.03
C SER A 1098 1.78 -46.13 -28.77
N LYS A 1099 2.05 -47.40 -28.47
CA LYS A 1099 3.15 -48.14 -29.10
C LYS A 1099 3.01 -48.13 -30.61
N LYS A 1100 1.81 -47.83 -31.10
CA LYS A 1100 1.61 -47.58 -32.51
C LYS A 1100 2.26 -46.25 -32.86
N THR A 1101 1.77 -45.18 -32.24
CA THR A 1101 2.24 -43.82 -32.53
C THR A 1101 3.76 -43.70 -32.53
N LEU A 1102 4.42 -44.30 -31.53
CA LEU A 1102 5.83 -44.03 -31.33
C LEU A 1102 6.67 -44.45 -32.54
N LYS A 1103 6.34 -45.59 -33.15
CA LYS A 1103 7.09 -46.08 -34.30
C LYS A 1103 7.11 -45.05 -35.42
N TYR A 1104 5.94 -44.83 -36.03
CA TYR A 1104 5.88 -43.90 -37.15
C TYR A 1104 6.34 -42.51 -36.75
N ARG A 1105 6.25 -42.19 -35.46
CA ARG A 1105 6.89 -40.98 -34.95
C ARG A 1105 8.37 -40.99 -35.26
N LYS A 1106 9.10 -41.95 -34.70
CA LYS A 1106 10.54 -42.04 -34.88
C LYS A 1106 10.88 -42.30 -36.34
N LYS A 1107 9.87 -42.59 -37.17
CA LYS A 1107 10.11 -42.80 -38.58
C LYS A 1107 10.46 -41.49 -39.26
N HIS A 1108 9.52 -40.54 -39.31
CA HIS A 1108 9.79 -39.21 -39.83
C HIS A 1108 10.29 -38.28 -38.71
N SER A 1109 11.48 -37.72 -38.94
CA SER A 1109 12.11 -36.91 -37.92
C SER A 1109 12.56 -35.56 -38.45
N LYS A 1110 13.45 -35.56 -39.43
CA LYS A 1110 14.20 -34.38 -39.81
C LYS A 1110 13.44 -33.44 -40.74
N GLU A 1111 12.22 -33.79 -41.12
CA GLU A 1111 11.60 -32.85 -42.04
C GLU A 1111 10.95 -31.69 -41.27
N PRO A 1112 10.72 -30.56 -41.92
CA PRO A 1112 9.99 -29.46 -41.27
C PRO A 1112 8.59 -29.89 -40.92
N HIS A 1113 7.97 -29.13 -40.00
CA HIS A 1113 6.75 -29.61 -39.37
C HIS A 1113 5.55 -29.59 -40.30
N TYR A 1114 5.57 -28.79 -41.37
CA TYR A 1114 4.41 -28.75 -42.26
C TYR A 1114 4.36 -29.93 -43.23
N LYS A 1115 5.50 -30.41 -43.71
CA LYS A 1115 5.53 -31.65 -44.49
C LYS A 1115 5.18 -32.87 -43.66
N GLN A 1116 5.26 -32.78 -42.34
CA GLN A 1116 5.03 -33.92 -41.45
C GLN A 1116 3.57 -34.34 -41.57
N SER A 1117 3.33 -35.65 -41.57
CA SER A 1117 1.98 -36.15 -41.76
C SER A 1117 1.19 -36.10 -40.46
N VAL A 1118 -0.06 -35.66 -40.56
CA VAL A 1118 -0.95 -35.47 -39.43
C VAL A 1118 -1.82 -36.71 -39.28
N LYS A 1119 -1.49 -37.77 -40.04
CA LYS A 1119 -2.37 -38.90 -40.27
C LYS A 1119 -3.14 -39.36 -39.04
N TYR A 1120 -2.45 -39.85 -38.02
CA TYR A 1120 -3.11 -40.26 -36.79
C TYR A 1120 -2.68 -39.38 -35.63
N ASP A 1121 -3.65 -39.04 -34.77
CA ASP A 1121 -3.56 -37.94 -33.82
C ASP A 1121 -2.88 -38.40 -32.53
N PRO A 1122 -2.44 -37.45 -31.69
CA PRO A 1122 -1.78 -37.83 -30.44
C PRO A 1122 -2.68 -38.57 -29.48
N VAL A 1123 -2.05 -39.18 -28.47
CA VAL A 1123 -2.71 -40.17 -27.63
C VAL A 1123 -3.85 -39.56 -26.83
N LEU A 1124 -3.55 -38.51 -26.05
CA LEU A 1124 -4.55 -37.96 -25.15
C LEU A 1124 -5.79 -37.47 -25.87
N ALA A 1125 -5.71 -37.21 -27.18
CA ALA A 1125 -6.84 -36.69 -27.92
C ALA A 1125 -8.04 -37.64 -27.83
N LYS A 1126 -7.85 -38.88 -28.28
CA LYS A 1126 -8.97 -39.82 -28.34
C LYS A 1126 -9.23 -40.47 -26.98
N TYR A 1127 -8.18 -40.81 -26.25
CA TYR A 1127 -8.29 -41.58 -25.02
C TYR A 1127 -8.28 -40.65 -23.81
N ASN A 1128 -9.06 -41.01 -22.80
CA ASN A 1128 -9.16 -40.23 -21.56
C ASN A 1128 -8.14 -40.76 -20.57
N PRO A 1129 -7.16 -39.97 -20.14
CA PRO A 1129 -6.05 -40.54 -19.37
C PRO A 1129 -6.43 -41.00 -17.98
N ALA A 1130 -7.49 -40.46 -17.37
CA ALA A 1130 -7.83 -40.86 -16.02
C ALA A 1130 -8.30 -42.31 -15.95
N LYS A 1131 -9.13 -42.72 -16.91
CA LYS A 1131 -9.61 -44.10 -16.92
C LYS A 1131 -8.60 -45.06 -17.55
N TYR A 1132 -8.06 -44.71 -18.70
CA TYR A 1132 -7.18 -45.61 -19.44
C TYR A 1132 -5.75 -45.44 -18.97
N LEU A 1133 -5.19 -46.50 -18.40
CA LEU A 1133 -3.77 -46.53 -18.09
C LEU A 1133 -2.96 -46.46 -19.37
N GLY A 1134 -1.72 -46.00 -19.25
CA GLY A 1134 -0.82 -45.93 -20.39
C GLY A 1134 -0.96 -44.69 -21.23
N SER A 1135 -2.04 -43.94 -21.08
CA SER A 1135 -2.22 -42.71 -21.83
C SER A 1135 -1.25 -41.68 -21.30
N VAL A 1136 -0.38 -41.16 -22.17
CA VAL A 1136 0.71 -40.29 -21.75
C VAL A 1136 0.94 -39.23 -22.82
N SER A 1137 1.14 -38.00 -22.38
CA SER A 1137 1.56 -36.94 -23.30
C SER A 1137 2.87 -37.30 -23.97
N GLU A 1138 2.97 -36.99 -25.26
CA GLU A 1138 4.06 -37.45 -26.12
C GLU A 1138 5.44 -37.18 -25.55
N ASN A 1139 5.54 -36.18 -24.68
CA ASN A 1139 6.84 -35.82 -24.10
C ASN A 1139 7.23 -36.84 -23.04
N PHE A 1140 6.40 -36.99 -22.01
CA PHE A 1140 6.68 -37.91 -20.92
C PHE A 1140 6.82 -39.35 -21.40
N GLN A 1141 6.38 -39.61 -22.62
CA GLN A 1141 6.53 -40.93 -23.24
C GLN A 1141 7.92 -41.16 -23.82
N ASP A 1142 8.60 -40.10 -24.26
CA ASP A 1142 9.93 -40.26 -24.83
C ASP A 1142 10.99 -40.40 -23.74
N LYS A 1143 10.93 -39.53 -22.74
CA LYS A 1143 11.92 -39.55 -21.67
C LYS A 1143 11.98 -40.92 -21.00
N LEU A 1144 10.82 -41.57 -20.86
CA LEU A 1144 10.77 -42.87 -20.21
C LEU A 1144 11.54 -43.91 -21.00
N GLU A 1145 11.36 -43.93 -22.32
CA GLU A 1145 12.06 -44.92 -23.15
C GLU A 1145 13.54 -44.58 -23.29
N SER A 1146 13.87 -43.28 -23.22
CA SER A 1146 15.27 -42.89 -23.30
C SER A 1146 16.03 -43.29 -22.05
N PHE A 1147 15.51 -42.90 -20.89
CA PHE A 1147 16.11 -43.31 -19.63
C PHE A 1147 16.15 -44.82 -19.49
N LEU A 1148 15.00 -45.46 -19.64
CA LEU A 1148 14.90 -46.90 -19.47
C LEU A 1148 15.76 -47.62 -20.51
N ASP A 1149 16.06 -46.92 -21.61
CA ASP A 1149 16.93 -47.46 -22.65
C ASP A 1149 18.38 -47.41 -22.21
N LYS A 1150 18.93 -46.22 -22.00
CA LYS A 1150 20.38 -46.10 -21.76
C LYS A 1150 20.79 -46.63 -20.40
N ASN A 1151 19.89 -46.61 -19.43
CA ASN A 1151 20.21 -47.01 -18.07
C ASN A 1151 19.91 -48.48 -17.78
N SER A 1152 19.60 -49.28 -18.80
CA SER A 1152 19.17 -50.66 -18.62
C SER A 1152 20.19 -51.51 -17.87
N LYS A 1153 21.43 -51.04 -17.67
CA LYS A 1153 22.40 -51.78 -16.89
C LYS A 1153 21.85 -52.16 -15.51
N LEU A 1154 21.07 -51.27 -14.90
CA LEU A 1154 20.65 -51.42 -13.52
C LEU A 1154 19.38 -52.22 -13.37
N PHE A 1155 18.86 -52.80 -14.44
CA PHE A 1155 17.67 -53.64 -14.37
C PHE A 1155 18.02 -55.11 -14.25
N LYS A 1156 19.31 -55.44 -14.13
CA LYS A 1156 19.77 -56.78 -13.78
C LYS A 1156 20.54 -56.76 -12.47
N SER A 1157 21.64 -56.00 -12.41
CA SER A 1157 22.49 -55.92 -11.23
C SER A 1157 21.75 -55.37 -10.00
N SER A 1158 20.53 -54.87 -10.17
CA SER A 1158 19.74 -54.42 -9.02
C SER A 1158 19.06 -55.62 -8.38
N ASP A 1159 18.09 -55.35 -7.51
CA ASP A 1159 17.44 -56.39 -6.73
C ASP A 1159 16.34 -57.10 -7.50
N GLY A 1160 16.20 -56.81 -8.80
CA GLY A 1160 15.17 -57.40 -9.61
C GLY A 1160 14.01 -56.52 -10.01
N VAL A 1161 14.13 -55.19 -9.89
CA VAL A 1161 13.18 -54.32 -10.55
C VAL A 1161 13.30 -54.54 -12.04
N ASN A 1162 12.19 -54.87 -12.69
CA ASN A 1162 12.21 -55.28 -14.08
C ASN A 1162 11.47 -54.29 -14.95
N GLU A 1163 11.96 -54.13 -16.19
CA GLU A 1163 11.49 -53.10 -17.11
C GLU A 1163 9.98 -53.05 -17.20
N LYS A 1164 9.34 -54.21 -17.22
CA LYS A 1164 7.88 -54.25 -17.34
C LYS A 1164 7.23 -53.77 -16.04
N LYS A 1165 7.79 -54.17 -14.90
CA LYS A 1165 7.29 -53.65 -13.62
C LYS A 1165 7.45 -52.14 -13.57
N PHE A 1166 8.62 -51.64 -13.95
CA PHE A 1166 8.89 -50.21 -13.90
C PHE A 1166 7.92 -49.44 -14.79
N ARG A 1167 7.97 -49.68 -16.11
CA ARG A 1167 7.04 -49.03 -17.02
C ARG A 1167 5.60 -49.18 -16.56
N ALA A 1168 5.23 -50.32 -15.98
CA ALA A 1168 3.90 -50.49 -15.42
C ALA A 1168 3.69 -49.67 -14.16
N LEU A 1169 4.75 -49.13 -13.57
CA LEU A 1169 4.64 -48.17 -12.47
C LEU A 1169 4.54 -46.74 -12.95
N MET A 1170 5.57 -46.24 -13.63
CA MET A 1170 5.66 -44.83 -13.98
C MET A 1170 4.56 -44.36 -14.91
N GLN A 1171 3.76 -45.26 -15.49
CA GLN A 1171 2.54 -44.83 -16.15
C GLN A 1171 1.33 -44.85 -15.24
N LEU A 1172 1.44 -45.45 -14.05
CA LEU A 1172 0.39 -45.31 -13.06
C LEU A 1172 0.53 -43.99 -12.30
N LYS A 1173 1.77 -43.57 -12.05
CA LYS A 1173 1.99 -42.32 -11.33
C LYS A 1173 1.42 -41.14 -12.09
N TYR A 1174 1.67 -41.08 -13.41
CA TYR A 1174 1.10 -40.02 -14.22
C TYR A 1174 -0.41 -39.94 -14.04
N MET A 1175 -1.07 -41.08 -13.89
CA MET A 1175 -2.52 -41.09 -13.84
C MET A 1175 -3.06 -40.70 -12.47
N ARG A 1176 -2.33 -41.01 -11.39
CA ARG A 1176 -2.70 -40.50 -10.07
C ARG A 1176 -2.35 -39.03 -9.90
N SER A 1177 -1.47 -38.48 -10.74
CA SER A 1177 -1.02 -37.10 -10.63
C SER A 1177 -1.84 -36.14 -11.47
N LEU A 1178 -2.90 -36.61 -12.12
CA LEU A 1178 -3.66 -35.74 -13.01
C LEU A 1178 -4.36 -34.63 -12.23
N ILE A 1179 -4.75 -33.59 -12.97
CA ILE A 1179 -5.51 -32.48 -12.41
C ILE A 1179 -6.85 -33.03 -11.93
N ASN A 1180 -7.37 -32.48 -10.85
CA ASN A 1180 -8.66 -32.93 -10.36
C ASN A 1180 -9.77 -32.07 -10.94
N PRO A 1181 -10.77 -32.67 -11.56
CA PRO A 1181 -11.87 -31.89 -12.13
C PRO A 1181 -12.59 -31.10 -11.06
N GLY A 1182 -12.84 -29.82 -11.34
CA GLY A 1182 -13.59 -28.97 -10.44
C GLY A 1182 -12.79 -27.92 -9.71
N GLU A 1183 -11.47 -27.91 -9.82
CA GLU A 1183 -10.71 -26.85 -9.19
C GLU A 1183 -10.87 -25.57 -10.00
N ALA A 1184 -10.26 -24.49 -9.53
CA ALA A 1184 -10.30 -23.23 -10.26
C ALA A 1184 -8.88 -22.92 -10.72
N VAL A 1185 -8.64 -23.04 -12.02
CA VAL A 1185 -7.33 -22.75 -12.59
C VAL A 1185 -7.19 -21.33 -13.04
N GLY A 1186 -8.29 -20.58 -13.11
CA GLY A 1186 -8.18 -19.18 -13.52
C GLY A 1186 -7.57 -18.34 -12.43
N ILE A 1187 -8.03 -18.55 -11.19
CA ILE A 1187 -7.38 -17.92 -10.04
C ILE A 1187 -5.91 -18.30 -10.00
N ILE A 1188 -5.64 -19.59 -9.77
CA ILE A 1188 -4.27 -20.07 -9.62
C ILE A 1188 -3.38 -19.64 -10.78
N ALA A 1189 -3.94 -19.45 -11.98
CA ALA A 1189 -3.17 -18.87 -13.06
C ALA A 1189 -3.04 -17.35 -12.94
N SER A 1190 -3.95 -16.68 -12.25
CA SER A 1190 -3.86 -15.24 -12.06
C SER A 1190 -3.04 -14.82 -10.85
N GLN A 1191 -2.81 -15.71 -9.90
CA GLN A 1191 -1.96 -15.43 -8.76
C GLN A 1191 -0.55 -15.97 -8.93
N SER A 1192 -0.28 -16.68 -10.02
CA SER A 1192 1.06 -17.13 -10.33
C SER A 1192 1.75 -16.21 -11.32
N VAL A 1193 1.10 -15.13 -11.73
CA VAL A 1193 1.70 -14.17 -12.65
C VAL A 1193 1.88 -12.84 -11.94
N GLY A 1194 0.78 -12.22 -11.53
CA GLY A 1194 0.85 -10.90 -10.94
C GLY A 1194 1.50 -10.88 -9.57
N GLU A 1195 1.34 -11.96 -8.81
CA GLU A 1195 1.90 -11.98 -7.46
C GLU A 1195 3.42 -11.92 -7.46
N PRO A 1196 4.14 -12.78 -8.17
CA PRO A 1196 5.61 -12.67 -8.16
C PRO A 1196 6.11 -11.34 -8.67
N SER A 1197 5.30 -10.60 -9.42
CA SER A 1197 5.73 -9.31 -9.93
C SER A 1197 5.99 -8.30 -8.83
N THR A 1198 5.54 -8.56 -7.60
CA THR A 1198 5.92 -7.69 -6.50
C THR A 1198 7.41 -7.73 -6.23
N GLN A 1199 8.09 -8.76 -6.69
CA GLN A 1199 9.53 -8.89 -6.50
C GLN A 1199 10.34 -8.15 -7.55
N MET A 1200 9.69 -7.49 -8.50
CA MET A 1200 10.41 -6.79 -9.55
C MET A 1200 11.15 -5.58 -9.00
N ALA A 1213 20.02 -2.18 -27.22
CA ALA A 1213 18.80 -2.92 -26.93
C ALA A 1213 17.60 -1.98 -26.77
N ASN A 1214 17.57 -1.25 -25.66
CA ASN A 1214 16.50 -0.30 -25.35
C ASN A 1214 15.14 -0.98 -25.42
N VAL A 1215 14.94 -1.91 -24.48
CA VAL A 1215 13.73 -2.72 -24.42
C VAL A 1215 13.06 -2.51 -23.06
N THR A 1216 11.73 -2.42 -23.08
CA THR A 1216 10.98 -2.22 -21.85
C THR A 1216 10.99 -3.48 -21.00
N LEU A 1217 11.31 -3.35 -19.72
CA LEU A 1217 11.34 -4.50 -18.82
C LEU A 1217 10.31 -4.32 -17.72
N GLY A 1218 10.18 -5.32 -16.85
CA GLY A 1218 9.31 -5.21 -15.70
C GLY A 1218 7.86 -4.92 -16.03
N ILE A 1219 7.12 -4.51 -15.01
CA ILE A 1219 5.70 -4.16 -15.13
C ILE A 1219 5.42 -3.22 -16.31
N PRO A 1220 6.28 -2.23 -16.62
CA PRO A 1220 5.99 -1.40 -17.79
C PRO A 1220 5.83 -2.19 -19.08
N ARG A 1221 6.23 -3.46 -19.08
CA ARG A 1221 5.98 -4.34 -20.23
C ARG A 1221 4.80 -5.26 -19.95
N LEU A 1222 4.93 -6.13 -18.95
CA LEU A 1222 3.89 -7.10 -18.63
C LEU A 1222 2.52 -6.45 -18.51
N ARG A 1223 2.47 -5.23 -18.00
CA ARG A 1223 1.23 -4.46 -18.04
C ARG A 1223 0.91 -3.99 -19.45
N GLU A 1224 1.92 -3.63 -20.24
CA GLU A 1224 1.69 -3.13 -21.58
C GLU A 1224 1.13 -4.20 -22.51
N ILE A 1225 1.28 -5.48 -22.15
CA ILE A 1225 0.76 -6.58 -22.96
C ILE A 1225 -0.65 -6.93 -22.49
N VAL A 1226 -0.75 -7.46 -21.28
CA VAL A 1226 -2.01 -7.92 -20.70
C VAL A 1226 -3.02 -6.78 -20.63
N MET A 1227 -2.72 -5.76 -19.85
CA MET A 1227 -3.66 -4.70 -19.50
C MET A 1227 -4.11 -3.84 -20.67
N THR A 1228 -3.33 -3.77 -21.74
CA THR A 1228 -3.54 -2.73 -22.73
C THR A 1228 -4.38 -3.16 -23.92
N ALA A 1229 -3.89 -4.14 -24.68
CA ALA A 1229 -4.35 -4.49 -26.03
C ALA A 1229 -3.67 -3.57 -27.04
N SER A 1230 -2.80 -2.68 -26.55
CA SER A 1230 -2.23 -1.60 -27.34
C SER A 1230 -1.64 -2.07 -28.67
N ALA A 1231 -2.05 -1.43 -29.77
CA ALA A 1231 -1.52 -1.76 -31.08
C ALA A 1231 -0.16 -1.14 -31.33
N ALA A 1232 0.13 0.00 -30.71
CA ALA A 1232 1.46 0.61 -30.76
C ALA A 1232 2.07 0.54 -29.37
N ILE A 1233 3.03 -0.35 -29.19
CA ILE A 1233 3.80 -0.43 -27.97
C ILE A 1233 4.87 0.67 -27.97
N LYS A 1234 5.40 0.96 -26.78
CA LYS A 1234 6.41 2.00 -26.65
C LYS A 1234 7.60 1.76 -27.57
N THR A 1235 8.25 0.60 -27.46
CA THR A 1235 9.46 0.29 -28.20
C THR A 1235 9.32 -1.07 -28.89
N PRO A 1236 8.76 -1.12 -30.08
CA PRO A 1236 8.67 -2.39 -30.81
C PRO A 1236 10.01 -2.80 -31.38
N GLN A 1237 10.12 -4.10 -31.68
CA GLN A 1237 11.30 -4.63 -32.34
C GLN A 1237 10.91 -5.76 -33.26
N MET A 1238 11.85 -6.14 -34.12
CA MET A 1238 11.84 -7.38 -34.86
C MET A 1238 13.15 -8.10 -34.62
N THR A 1239 13.19 -9.37 -35.00
CA THR A 1239 14.35 -10.22 -34.76
C THR A 1239 14.70 -10.94 -36.05
N LEU A 1240 15.93 -10.76 -36.52
CA LEU A 1240 16.35 -11.26 -37.83
C LEU A 1240 17.46 -12.29 -37.72
N PRO A 1241 17.19 -13.56 -38.01
CA PRO A 1241 18.27 -14.53 -38.17
C PRO A 1241 18.97 -14.35 -39.51
N ILE A 1242 20.17 -14.89 -39.60
CA ILE A 1242 20.98 -14.75 -40.80
C ILE A 1242 21.60 -16.09 -41.18
N TRP A 1243 21.99 -16.19 -42.44
CA TRP A 1243 22.62 -17.40 -42.95
C TRP A 1243 24.01 -17.57 -42.34
N ASN A 1244 24.53 -18.79 -42.42
CA ASN A 1244 25.85 -19.07 -41.87
C ASN A 1244 26.96 -18.51 -42.74
N ASP A 1245 26.83 -18.65 -44.07
CA ASP A 1245 27.92 -18.28 -44.96
C ASP A 1245 28.22 -16.80 -44.91
N VAL A 1246 27.20 -15.96 -44.69
CA VAL A 1246 27.41 -14.53 -44.61
C VAL A 1246 28.39 -14.22 -43.48
N SER A 1247 29.45 -13.49 -43.81
CA SER A 1247 30.55 -13.29 -42.88
C SER A 1247 30.15 -12.27 -41.80
N ASP A 1248 31.06 -12.05 -40.86
CA ASP A 1248 30.85 -11.04 -39.84
C ASP A 1248 31.11 -9.64 -40.37
N GLU A 1249 31.96 -9.50 -41.38
CA GLU A 1249 32.11 -8.21 -42.03
C GLU A 1249 30.91 -7.91 -42.91
N GLN A 1250 30.36 -8.94 -43.55
CA GLN A 1250 29.11 -8.75 -44.26
C GLN A 1250 27.96 -8.42 -43.32
N ALA A 1251 28.09 -8.76 -42.04
CA ALA A 1251 27.10 -8.31 -41.06
C ALA A 1251 27.01 -6.79 -41.06
N ASP A 1252 28.15 -6.13 -40.85
CA ASP A 1252 28.22 -4.68 -40.96
C ASP A 1252 27.92 -4.20 -42.38
N THR A 1253 27.92 -5.09 -43.36
CA THR A 1253 27.66 -4.68 -44.74
C THR A 1253 26.18 -4.49 -44.98
N PHE A 1254 25.41 -5.57 -44.89
CA PHE A 1254 24.01 -5.52 -45.25
C PHE A 1254 23.22 -4.49 -44.46
N CYS A 1255 22.96 -4.77 -43.19
CA CYS A 1255 22.09 -3.82 -42.51
C CYS A 1255 22.95 -2.95 -41.61
N LYS A 1256 23.24 -1.77 -42.12
CA LYS A 1256 23.75 -0.60 -41.43
C LYS A 1256 22.86 0.49 -42.00
N SER A 1257 22.85 0.54 -43.33
CA SER A 1257 21.87 1.26 -44.11
C SER A 1257 20.51 0.58 -43.99
N ILE A 1258 19.59 0.99 -44.88
CA ILE A 1258 18.16 0.70 -44.86
C ILE A 1258 17.60 1.13 -43.50
N SER A 1259 17.94 2.34 -43.09
CA SER A 1259 17.43 2.96 -41.89
C SER A 1259 16.77 4.28 -42.27
N LYS A 1260 15.98 4.83 -41.37
CA LYS A 1260 15.36 6.13 -41.60
C LYS A 1260 16.44 7.20 -41.67
N VAL A 1261 16.48 7.95 -42.77
CA VAL A 1261 17.57 8.87 -43.07
C VAL A 1261 16.97 10.25 -43.34
N LEU A 1262 17.31 11.21 -42.50
CA LEU A 1262 16.88 12.58 -42.69
C LEU A 1262 17.99 13.39 -43.36
N LEU A 1263 17.58 14.34 -44.20
CA LEU A 1263 18.56 15.22 -44.84
C LEU A 1263 19.30 16.05 -43.80
N SER A 1264 18.71 16.18 -42.61
CA SER A 1264 19.37 16.90 -41.53
C SER A 1264 20.62 16.17 -41.05
N GLU A 1265 20.83 14.95 -41.56
CA GLU A 1265 21.99 14.19 -41.12
C GLU A 1265 23.27 14.62 -41.81
N VAL A 1266 23.18 15.07 -43.06
CA VAL A 1266 24.35 15.42 -43.86
C VAL A 1266 24.63 16.91 -43.86
N ILE A 1267 23.85 17.72 -43.17
CA ILE A 1267 23.97 19.17 -43.24
C ILE A 1267 24.82 19.69 -42.09
N ASP A 1268 25.93 20.36 -42.43
CA ASP A 1268 26.80 20.98 -41.44
C ASP A 1268 26.32 22.33 -40.93
N LYS A 1269 25.65 23.13 -41.77
CA LYS A 1269 25.26 24.48 -41.39
C LYS A 1269 24.42 25.09 -42.50
N VAL A 1270 23.66 26.14 -42.18
CA VAL A 1270 22.81 26.81 -43.15
C VAL A 1270 23.00 28.32 -43.03
N ILE A 1271 23.05 29.01 -44.17
CA ILE A 1271 23.15 30.46 -44.17
C ILE A 1271 21.91 31.03 -44.84
N VAL A 1272 21.26 31.99 -44.18
CA VAL A 1272 20.09 32.66 -44.73
C VAL A 1272 20.40 34.14 -44.93
N THR A 1273 20.35 34.60 -46.17
CA THR A 1273 20.68 35.98 -46.49
C THR A 1273 19.50 36.62 -47.22
N GLU A 1274 18.89 37.61 -46.57
CA GLU A 1274 17.80 38.36 -47.19
C GLU A 1274 18.31 39.14 -48.38
N ARG A 1288 11.99 41.78 -52.41
CA ARG A 1288 12.62 41.27 -51.20
C ARG A 1288 12.70 39.75 -51.23
N SER A 1289 13.91 39.23 -51.23
CA SER A 1289 14.16 37.80 -51.43
C SER A 1289 15.25 37.34 -50.47
N TYR A 1290 15.44 36.03 -50.38
CA TYR A 1290 16.43 35.43 -49.50
C TYR A 1290 17.15 34.29 -50.22
N VAL A 1291 18.37 33.98 -49.77
CA VAL A 1291 19.21 32.99 -50.41
C VAL A 1291 19.50 31.89 -49.40
N ILE A 1292 19.74 30.67 -49.88
CA ILE A 1292 19.99 29.51 -49.02
C ILE A 1292 21.33 28.88 -49.41
N HIS A 1293 22.23 28.76 -48.45
CA HIS A 1293 23.49 28.06 -48.64
C HIS A 1293 23.52 26.83 -47.73
N MET A 1294 24.04 25.72 -48.26
CA MET A 1294 24.19 24.49 -47.50
C MET A 1294 25.59 23.95 -47.75
N ARG A 1295 26.40 23.89 -46.70
CA ARG A 1295 27.75 23.37 -46.80
C ARG A 1295 27.75 21.97 -46.20
N PHE A 1296 27.88 20.95 -47.06
CA PHE A 1296 27.81 19.57 -46.60
C PHE A 1296 29.14 19.08 -46.07
N PHE A 1297 29.22 17.78 -45.79
CA PHE A 1297 30.48 17.13 -45.44
C PHE A 1297 31.19 16.69 -46.71
N ASP A 1298 32.37 16.09 -46.58
CA ASP A 1298 33.07 15.54 -47.74
C ASP A 1298 32.29 14.32 -48.26
N ASN A 1299 32.10 14.30 -49.57
CA ASN A 1299 31.30 13.27 -50.21
C ASN A 1299 31.82 11.87 -49.90
N ASN A 1300 33.13 11.69 -50.06
CA ASN A 1300 33.76 10.39 -49.80
C ASN A 1300 33.47 9.91 -48.38
N GLU A 1301 33.43 10.85 -47.43
CA GLU A 1301 33.18 10.51 -46.03
C GLU A 1301 31.86 9.80 -45.85
N TYR A 1302 30.74 10.48 -46.11
CA TYR A 1302 29.44 9.89 -45.83
C TYR A 1302 28.98 8.96 -46.93
N SER A 1303 29.71 8.88 -48.05
CA SER A 1303 29.39 7.89 -49.07
C SER A 1303 29.60 6.48 -48.53
N GLU A 1304 30.67 6.29 -47.77
CA GLU A 1304 30.99 5.00 -47.17
C GLU A 1304 30.11 4.68 -45.98
N GLU A 1305 29.71 5.68 -45.21
CA GLU A 1305 29.00 5.41 -43.96
C GLU A 1305 27.51 5.27 -44.18
N TYR A 1306 26.81 6.38 -44.40
CA TYR A 1306 25.37 6.34 -44.60
C TYR A 1306 24.99 5.69 -45.93
N ASP A 1307 25.96 5.43 -46.79
CA ASP A 1307 25.74 4.80 -48.09
C ASP A 1307 24.73 5.59 -48.91
N VAL A 1308 25.07 6.82 -49.25
CA VAL A 1308 24.31 7.63 -50.20
C VAL A 1308 25.29 8.28 -51.14
N SER A 1309 24.91 8.39 -52.40
CA SER A 1309 25.78 8.94 -53.43
C SER A 1309 25.17 10.21 -54.00
N LYS A 1310 26.05 11.02 -54.61
CA LYS A 1310 25.74 12.34 -55.12
C LYS A 1310 24.50 12.39 -56.02
N GLU A 1311 24.17 11.27 -56.66
CA GLU A 1311 23.06 11.22 -57.61
C GLU A 1311 21.70 11.29 -56.92
N GLU A 1312 21.37 10.28 -56.12
CA GLU A 1312 20.10 10.30 -55.39
C GLU A 1312 19.98 11.55 -54.53
N LEU A 1313 21.08 11.92 -53.86
CA LEU A 1313 21.07 13.07 -52.98
C LEU A 1313 20.61 14.34 -53.71
N GLN A 1314 20.91 14.43 -55.00
CA GLN A 1314 20.42 15.57 -55.77
C GLN A 1314 18.94 15.41 -56.12
N ASN A 1315 18.52 14.18 -56.42
CA ASN A 1315 17.14 13.97 -56.86
C ASN A 1315 16.15 14.26 -55.72
N VAL A 1316 16.45 13.76 -54.52
CA VAL A 1316 15.51 13.93 -53.41
C VAL A 1316 15.32 15.40 -53.08
N ILE A 1317 16.42 16.15 -52.99
CA ILE A 1317 16.33 17.59 -52.82
C ILE A 1317 15.60 18.22 -53.99
N SER A 1318 15.73 17.64 -55.18
CA SER A 1318 15.22 18.26 -56.39
C SER A 1318 13.70 18.32 -56.40
N ASN A 1319 13.01 17.46 -55.64
CA ASN A 1319 11.57 17.41 -55.76
C ASN A 1319 10.83 17.65 -54.45
N GLN A 1320 10.81 16.67 -53.56
CA GLN A 1320 9.92 16.73 -52.40
C GLN A 1320 10.29 17.83 -51.41
N PHE A 1321 11.58 18.19 -51.33
CA PHE A 1321 12.04 19.22 -50.42
C PHE A 1321 11.31 20.54 -50.65
N ILE A 1322 11.51 21.10 -51.85
CA ILE A 1322 10.95 22.40 -52.18
C ILE A 1322 9.44 22.45 -51.99
N HIS A 1323 8.74 21.37 -52.32
CA HIS A 1323 7.29 21.33 -52.16
C HIS A 1323 6.89 21.68 -50.74
N LEU A 1324 7.29 20.84 -49.78
CA LEU A 1324 7.00 21.13 -48.38
C LEU A 1324 7.53 22.48 -47.97
N LEU A 1325 8.72 22.86 -48.45
CA LEU A 1325 9.33 24.12 -48.02
C LEU A 1325 8.43 25.30 -48.34
N GLU A 1326 7.99 25.43 -49.59
CA GLU A 1326 7.05 26.49 -49.91
C GLU A 1326 5.71 26.32 -49.23
N ALA A 1327 5.15 25.11 -49.22
CA ALA A 1327 3.84 24.88 -48.60
C ALA A 1327 3.80 25.42 -47.17
N ALA A 1328 4.85 25.18 -46.40
CA ALA A 1328 4.93 25.72 -45.06
C ALA A 1328 5.08 27.24 -45.05
N ILE A 1329 5.77 27.81 -46.04
CA ILE A 1329 5.99 29.25 -46.04
C ILE A 1329 4.76 30.00 -46.53
N VAL A 1330 4.11 29.50 -47.59
CA VAL A 1330 2.86 30.10 -48.04
C VAL A 1330 1.81 29.96 -46.96
N LYS A 1331 1.68 28.76 -46.40
CA LYS A 1331 0.81 28.55 -45.25
C LYS A 1331 1.21 29.45 -44.09
N GLU A 1332 2.48 29.86 -44.05
CA GLU A 1332 2.93 30.75 -42.99
C GLU A 1332 2.45 32.18 -43.23
N ILE A 1333 2.53 32.66 -44.47
CA ILE A 1333 2.03 34.00 -44.77
C ILE A 1333 0.53 34.06 -44.58
N LYS A 1334 -0.20 33.04 -45.04
CA LYS A 1334 -1.65 33.05 -44.90
C LYS A 1334 -2.07 33.16 -43.44
N LYS A 1335 -1.22 32.67 -42.52
CA LYS A 1335 -1.55 32.71 -41.11
C LYS A 1335 -1.65 34.14 -40.59
N GLN A 1336 -0.72 35.01 -41.00
CA GLN A 1336 -0.66 36.34 -40.41
C GLN A 1336 -1.75 37.26 -40.93
N LYS A 1337 -2.54 36.80 -41.89
CA LYS A 1337 -3.63 37.61 -42.42
C LYS A 1337 -4.79 37.66 -41.44
N LYS A 1441 27.16 24.30 -69.04
CA LYS A 1441 25.93 23.82 -69.65
C LYS A 1441 25.35 22.64 -68.87
N VAL A 1442 26.25 21.84 -68.29
CA VAL A 1442 25.82 20.66 -67.54
C VAL A 1442 24.85 21.06 -66.44
N GLN A 1443 25.20 22.07 -65.65
CA GLN A 1443 24.31 22.58 -64.62
C GLN A 1443 23.18 23.42 -65.18
N ARG A 1444 23.35 23.95 -66.39
CA ARG A 1444 22.46 24.96 -66.94
C ARG A 1444 21.09 24.39 -67.27
N ASP A 1445 21.05 23.25 -67.96
CA ASP A 1445 19.77 22.61 -68.25
C ASP A 1445 19.03 22.25 -66.98
N ARG A 1446 19.74 21.70 -66.00
CA ARG A 1446 19.12 21.39 -64.72
C ARG A 1446 18.52 22.62 -64.07
N GLN A 1447 19.25 23.73 -64.09
CA GLN A 1447 18.71 24.99 -63.56
C GLN A 1447 17.44 25.38 -64.29
N SER A 1448 17.43 25.27 -65.61
CA SER A 1448 16.25 25.60 -66.38
C SER A 1448 15.05 24.74 -65.98
N ALA A 1449 15.24 23.42 -65.91
CA ALA A 1449 14.15 22.54 -65.52
C ALA A 1449 13.64 22.89 -64.12
N ILE A 1450 14.54 22.91 -63.14
CA ILE A 1450 14.14 23.19 -61.76
C ILE A 1450 13.34 24.49 -61.68
N ILE A 1451 13.86 25.56 -62.29
CA ILE A 1451 13.15 26.84 -62.26
C ILE A 1451 11.78 26.69 -62.91
N SER A 1452 11.70 25.93 -63.99
CA SER A 1452 10.42 25.75 -64.67
C SER A 1452 9.39 25.04 -63.81
N HIS A 1453 9.78 23.97 -63.11
CA HIS A 1453 8.83 23.13 -62.39
C HIS A 1453 8.17 23.81 -61.20
N HIS A 1454 8.66 24.97 -60.77
CA HIS A 1454 8.15 25.59 -59.55
C HIS A 1454 8.09 27.10 -59.70
N ARG A 1455 7.35 27.72 -58.78
CA ARG A 1455 7.11 29.15 -58.83
C ARG A 1455 8.29 29.96 -58.32
N PHE A 1456 8.78 29.65 -57.13
CA PHE A 1456 9.66 30.57 -56.40
C PHE A 1456 11.14 30.27 -56.51
N ILE A 1457 11.55 29.26 -57.29
CA ILE A 1457 12.97 28.98 -57.48
C ILE A 1457 13.43 29.74 -58.71
N THR A 1458 14.19 30.82 -58.52
CA THR A 1458 14.76 31.52 -59.65
C THR A 1458 16.23 31.21 -59.89
N LYS A 1459 16.90 30.51 -58.98
CA LYS A 1459 18.29 30.15 -59.18
C LYS A 1459 18.61 28.87 -58.43
N TYR A 1460 19.38 27.99 -59.07
CA TYR A 1460 19.90 26.81 -58.42
C TYR A 1460 21.33 26.56 -58.85
N ASN A 1461 22.09 25.91 -57.99
CA ASN A 1461 23.49 25.56 -58.26
C ASN A 1461 23.83 24.35 -57.40
N PHE A 1462 24.82 23.60 -57.84
CA PHE A 1462 25.32 22.48 -57.06
C PHE A 1462 26.71 22.12 -57.55
N ASP A 1463 27.49 21.47 -56.69
CA ASP A 1463 28.83 21.01 -57.06
C ASP A 1463 28.70 19.57 -57.55
N ASP A 1464 28.88 19.38 -58.85
CA ASP A 1464 28.62 18.09 -59.46
C ASP A 1464 29.83 17.16 -59.45
N GLU A 1465 30.93 17.57 -58.82
CA GLU A 1465 32.12 16.74 -58.72
C GLU A 1465 32.51 16.49 -57.27
N SER A 1466 32.98 17.51 -56.56
CA SER A 1466 33.40 17.31 -55.17
C SER A 1466 32.20 17.23 -54.25
N GLY A 1467 31.07 17.85 -54.65
CA GLY A 1467 29.88 17.88 -53.83
C GLY A 1467 30.07 18.50 -52.46
N LYS A 1468 31.10 19.33 -52.28
CA LYS A 1468 31.38 19.89 -50.97
C LYS A 1468 30.37 20.98 -50.60
N TRP A 1469 29.69 21.53 -51.60
CA TRP A 1469 28.80 22.67 -51.39
C TRP A 1469 27.57 22.58 -52.30
N CYS A 1470 26.44 23.06 -51.78
CA CYS A 1470 25.22 23.23 -52.55
C CYS A 1470 24.65 24.60 -52.26
N GLU A 1471 24.29 25.32 -53.32
CA GLU A 1471 23.91 26.71 -53.20
C GLU A 1471 22.78 27.03 -54.17
N PHE A 1472 21.73 27.67 -53.68
CA PHE A 1472 20.61 28.05 -54.53
C PHE A 1472 19.88 29.23 -53.90
N LYS A 1473 19.03 29.88 -54.70
CA LYS A 1473 18.34 31.09 -54.28
C LYS A 1473 16.84 30.97 -54.45
N LEU A 1474 16.09 31.63 -53.56
CA LEU A 1474 14.65 31.77 -53.67
C LEU A 1474 14.27 33.24 -53.69
N GLU A 1475 13.05 33.51 -54.12
CA GLU A 1475 12.53 34.87 -54.19
C GLU A 1475 11.04 34.86 -53.84
N LEU A 1476 10.60 35.97 -53.25
CA LEU A 1476 9.20 36.12 -52.84
C LEU A 1476 8.75 37.53 -53.19
N ALA A 1477 7.55 37.89 -52.73
CA ALA A 1477 6.97 39.19 -53.00
C ALA A 1477 7.83 40.31 -52.42
N ALA A 1478 7.96 41.40 -53.19
CA ALA A 1478 8.72 42.55 -52.73
C ALA A 1478 8.11 43.17 -51.48
N ASP A 1479 6.79 43.09 -51.32
CA ASP A 1479 6.10 43.56 -50.12
C ASP A 1479 5.78 42.33 -49.27
N THR A 1480 6.48 42.20 -48.14
CA THR A 1480 6.35 40.99 -47.33
C THR A 1480 6.64 41.37 -45.88
N GLU A 1481 6.51 40.39 -44.97
CA GLU A 1481 6.91 40.56 -43.59
C GLU A 1481 8.34 40.07 -43.40
N LYS A 1482 8.78 40.05 -42.15
CA LYS A 1482 10.15 39.68 -41.81
C LYS A 1482 10.24 38.20 -41.46
N LEU A 1483 9.17 37.45 -41.75
CA LEU A 1483 8.89 36.16 -41.11
C LEU A 1483 10.12 35.27 -41.05
N LEU A 1484 10.26 34.58 -39.92
CA LEU A 1484 11.45 33.82 -39.56
C LEU A 1484 11.74 32.73 -40.57
N MET A 1485 12.97 32.69 -41.09
CA MET A 1485 13.33 31.71 -42.10
C MET A 1485 14.07 30.52 -41.52
N VAL A 1486 15.25 30.77 -40.94
CA VAL A 1486 16.13 29.69 -40.50
C VAL A 1486 15.40 28.71 -39.61
N ASN A 1487 14.37 29.19 -38.89
CA ASN A 1487 13.49 28.28 -38.18
C ASN A 1487 12.75 27.37 -39.15
N ILE A 1488 12.23 27.93 -40.24
CA ILE A 1488 11.53 27.13 -41.24
C ILE A 1488 12.48 26.09 -41.83
N VAL A 1489 13.70 26.52 -42.13
CA VAL A 1489 14.69 25.58 -42.68
C VAL A 1489 14.97 24.46 -41.68
N GLU A 1490 15.20 24.81 -40.41
CA GLU A 1490 15.43 23.79 -39.39
C GLU A 1490 14.22 22.86 -39.26
N GLU A 1491 13.03 23.37 -39.57
CA GLU A 1491 11.84 22.54 -39.45
C GLU A 1491 11.71 21.57 -40.62
N ILE A 1492 11.98 22.03 -41.83
CA ILE A 1492 11.79 21.19 -43.00
C ILE A 1492 12.95 20.22 -43.17
N CYS A 1493 14.15 20.57 -42.70
CA CYS A 1493 15.27 19.66 -42.83
C CYS A 1493 15.06 18.38 -42.03
N ARG A 1494 14.35 18.47 -40.90
CA ARG A 1494 14.24 17.32 -40.02
C ARG A 1494 13.06 16.41 -40.33
N LYS A 1495 12.14 16.84 -41.19
CA LYS A 1495 11.17 15.92 -41.79
C LYS A 1495 11.57 15.44 -43.17
N SER A 1496 12.74 15.83 -43.64
CA SER A 1496 13.20 15.50 -44.98
C SER A 1496 13.50 14.01 -45.10
N ILE A 1497 12.48 13.22 -45.40
CA ILE A 1497 12.62 11.77 -45.48
C ILE A 1497 13.34 11.40 -46.76
N ILE A 1498 14.66 11.27 -46.70
CA ILE A 1498 15.42 10.82 -47.87
C ILE A 1498 14.95 9.44 -48.30
N ARG A 1499 15.27 8.43 -47.51
CA ARG A 1499 14.97 7.04 -47.82
C ARG A 1499 14.40 6.36 -46.58
N GLN A 1500 13.13 5.96 -46.66
CA GLN A 1500 12.51 5.31 -45.51
C GLN A 1500 11.75 4.08 -45.93
N ILE A 1501 12.33 2.91 -45.69
CA ILE A 1501 11.58 1.68 -45.84
C ILE A 1501 10.56 1.69 -44.71
N PRO A 1502 9.25 1.73 -45.02
CA PRO A 1502 8.25 2.20 -44.04
C PRO A 1502 8.32 1.53 -42.68
N HIS A 1503 8.29 2.36 -41.64
CA HIS A 1503 8.23 2.05 -40.22
C HIS A 1503 9.57 1.55 -39.65
N ILE A 1504 10.54 1.17 -40.48
CA ILE A 1504 11.85 0.76 -40.01
C ILE A 1504 12.54 1.99 -39.41
N ASP A 1505 13.42 1.77 -38.44
CA ASP A 1505 14.09 2.87 -37.77
C ASP A 1505 15.61 2.75 -37.86
N ARG A 1506 16.17 1.72 -37.25
CA ARG A 1506 17.62 1.61 -37.10
C ARG A 1506 18.00 0.14 -36.98
N CYS A 1507 19.28 -0.15 -37.21
CA CYS A 1507 19.81 -1.49 -37.06
C CYS A 1507 20.89 -1.53 -35.99
N VAL A 1508 20.94 -2.65 -35.28
CA VAL A 1508 22.03 -2.97 -34.36
C VAL A 1508 22.31 -4.46 -34.48
N HIS A 1509 23.59 -4.81 -34.54
CA HIS A 1509 24.02 -6.20 -34.57
C HIS A 1509 24.26 -6.66 -33.14
N PRO A 1510 23.38 -7.46 -32.56
CA PRO A 1510 23.59 -7.92 -31.18
C PRO A 1510 24.68 -8.97 -31.09
N GLU A 1511 24.86 -9.55 -29.92
CA GLU A 1511 25.94 -10.50 -29.75
C GLU A 1511 25.51 -11.92 -30.12
N PRO A 1512 26.42 -12.72 -30.63
CA PRO A 1512 26.09 -14.11 -30.95
C PRO A 1512 25.73 -14.90 -29.70
N GLU A 1513 24.62 -14.54 -29.08
CA GLU A 1513 24.22 -15.17 -27.82
C GLU A 1513 23.91 -16.65 -28.04
N ASN A 1514 24.16 -17.44 -26.99
CA ASN A 1514 23.67 -18.80 -26.81
C ASN A 1514 23.70 -19.64 -28.09
N GLY A 1515 24.75 -19.47 -28.89
CA GLY A 1515 24.88 -20.18 -30.13
C GLY A 1515 23.92 -19.78 -31.23
N LYS A 1516 23.07 -18.79 -30.99
CA LYS A 1516 22.16 -18.28 -32.01
C LYS A 1516 22.65 -16.94 -32.53
N ARG A 1517 22.53 -16.75 -33.84
CA ARG A 1517 23.10 -15.60 -34.54
C ARG A 1517 21.95 -14.77 -35.11
N VAL A 1518 21.86 -13.51 -34.71
CA VAL A 1518 20.63 -12.73 -34.87
C VAL A 1518 20.96 -11.30 -35.26
N LEU A 1519 20.01 -10.67 -35.97
CA LEU A 1519 19.96 -9.21 -36.12
C LEU A 1519 18.63 -8.69 -35.57
N VAL A 1520 18.63 -7.43 -35.14
CA VAL A 1520 17.46 -6.80 -34.53
C VAL A 1520 17.35 -5.36 -35.04
N THR A 1521 16.14 -4.96 -35.43
CA THR A 1521 15.87 -3.60 -35.88
C THR A 1521 14.61 -3.06 -35.22
N GLU A 1522 14.65 -1.80 -34.82
CA GLU A 1522 13.48 -1.17 -34.26
C GLU A 1522 12.41 -1.00 -35.33
N GLY A 1523 11.17 -0.79 -34.90
CA GLY A 1523 10.08 -0.68 -35.83
C GLY A 1523 9.69 -2.02 -36.39
N VAL A 1524 8.50 -2.16 -36.95
CA VAL A 1524 8.00 -3.44 -37.41
C VAL A 1524 7.51 -3.29 -38.85
N ASN A 1525 8.23 -3.89 -39.79
CA ASN A 1525 7.76 -4.04 -41.16
C ASN A 1525 8.13 -5.44 -41.64
N PHE A 1526 7.13 -6.30 -41.89
CA PHE A 1526 7.41 -7.63 -42.41
C PHE A 1526 7.56 -7.65 -43.94
N GLN A 1527 6.66 -6.95 -44.64
CA GLN A 1527 6.68 -6.97 -46.10
C GLN A 1527 7.98 -6.42 -46.65
N ALA A 1528 8.67 -5.56 -45.89
CA ALA A 1528 9.99 -5.10 -46.31
C ALA A 1528 11.05 -6.16 -46.06
N MET A 1529 11.05 -6.76 -44.88
CA MET A 1529 12.03 -7.77 -44.54
C MET A 1529 11.91 -9.04 -45.38
N TRP A 1530 10.78 -9.24 -46.06
CA TRP A 1530 10.60 -10.46 -46.85
C TRP A 1530 11.44 -10.49 -48.12
N ASP A 1531 11.99 -9.37 -48.58
CA ASP A 1531 12.76 -9.35 -49.81
C ASP A 1531 14.26 -9.51 -49.60
N GLN A 1532 14.71 -9.68 -48.36
CA GLN A 1532 16.14 -9.73 -48.10
C GLN A 1532 16.69 -11.14 -48.08
N GLU A 1533 15.88 -12.14 -48.44
CA GLU A 1533 16.22 -13.53 -48.11
C GLU A 1533 17.53 -13.97 -48.74
N ALA A 1534 18.05 -13.20 -49.69
CA ALA A 1534 19.43 -13.45 -50.13
C ALA A 1534 20.41 -13.23 -48.99
N PHE A 1535 19.97 -12.59 -47.91
CA PHE A 1535 20.82 -12.28 -46.78
C PHE A 1535 20.28 -12.86 -45.48
N ILE A 1536 19.08 -12.47 -45.06
CA ILE A 1536 18.52 -12.93 -43.80
C ILE A 1536 17.36 -13.88 -44.09
N ASP A 1537 17.24 -14.90 -43.24
CA ASP A 1537 16.21 -15.92 -43.41
C ASP A 1537 14.84 -15.36 -43.04
N VAL A 1538 13.82 -15.73 -43.81
CA VAL A 1538 12.47 -15.23 -43.56
C VAL A 1538 11.64 -16.12 -42.67
N ASP A 1539 12.10 -17.35 -42.39
CA ASP A 1539 11.30 -18.26 -41.57
C ASP A 1539 11.49 -18.01 -40.08
N GLY A 1540 12.63 -17.46 -39.68
CA GLY A 1540 12.93 -17.30 -38.27
C GLY A 1540 12.78 -15.88 -37.77
N ILE A 1541 12.07 -15.05 -38.52
CA ILE A 1541 11.87 -13.67 -38.12
C ILE A 1541 10.78 -13.61 -37.06
N THR A 1542 11.14 -13.13 -35.87
CA THR A 1542 10.21 -13.00 -34.76
C THR A 1542 10.15 -11.55 -34.31
N SER A 1543 9.08 -11.21 -33.60
CA SER A 1543 8.80 -9.82 -33.28
C SER A 1543 8.52 -9.65 -31.80
N ASN A 1544 8.60 -8.38 -31.38
CA ASN A 1544 8.22 -8.02 -30.02
C ASN A 1544 6.80 -7.45 -29.98
N ASP A 1545 6.15 -7.33 -31.12
CA ASP A 1545 4.80 -6.81 -31.16
C ASP A 1545 3.79 -7.94 -31.21
N VAL A 1546 2.68 -7.77 -30.50
CA VAL A 1546 1.61 -8.76 -30.56
C VAL A 1546 0.71 -8.53 -31.76
N ALA A 1547 0.36 -7.28 -32.05
CA ALA A 1547 -0.62 -7.01 -33.08
C ALA A 1547 -0.08 -7.21 -34.49
N ALA A 1548 1.10 -6.67 -34.79
CA ALA A 1548 1.63 -6.76 -36.15
C ALA A 1548 1.88 -8.20 -36.57
N VAL A 1549 2.16 -9.08 -35.62
CA VAL A 1549 2.28 -10.50 -35.94
C VAL A 1549 0.91 -11.09 -36.20
N LEU A 1550 -0.13 -10.50 -35.62
CA LEU A 1550 -1.50 -10.93 -35.89
C LEU A 1550 -2.00 -10.46 -37.24
N LYS A 1551 -1.51 -9.31 -37.71
CA LYS A 1551 -1.91 -8.81 -39.02
C LYS A 1551 -1.36 -9.70 -40.14
N THR A 1552 -0.20 -10.31 -39.93
CA THR A 1552 0.45 -11.12 -40.96
C THR A 1552 0.27 -12.62 -40.73
N TYR A 1553 0.77 -13.14 -39.62
CA TYR A 1553 0.78 -14.58 -39.42
C TYR A 1553 -0.50 -15.13 -38.79
N GLY A 1554 -1.37 -14.29 -38.26
CA GLY A 1554 -2.66 -14.73 -37.77
C GLY A 1554 -2.65 -14.97 -36.27
N VAL A 1555 -3.81 -15.42 -35.79
CA VAL A 1555 -4.04 -15.58 -34.36
C VAL A 1555 -3.09 -16.59 -33.72
N GLU A 1556 -2.63 -17.59 -34.48
CA GLU A 1556 -1.76 -18.61 -33.91
C GLU A 1556 -0.36 -18.09 -33.60
N ALA A 1557 0.27 -17.38 -34.52
CA ALA A 1557 1.58 -16.85 -34.20
C ALA A 1557 1.53 -15.78 -33.13
N ALA A 1558 0.40 -15.10 -32.98
CA ALA A 1558 0.26 -14.17 -31.86
C ALA A 1558 0.13 -14.92 -30.55
N ARG A 1559 -0.77 -15.89 -30.49
CA ARG A 1559 -0.90 -16.72 -29.30
C ARG A 1559 0.42 -17.33 -28.90
N ASN A 1560 1.23 -17.76 -29.87
CA ASN A 1560 2.55 -18.27 -29.54
C ASN A 1560 3.52 -17.16 -29.16
N THR A 1561 3.32 -15.94 -29.67
CA THR A 1561 4.22 -14.86 -29.33
C THR A 1561 4.03 -14.40 -27.89
N ILE A 1562 2.78 -14.22 -27.46
CA ILE A 1562 2.47 -13.73 -26.12
C ILE A 1562 3.21 -14.52 -25.06
N VAL A 1563 3.22 -15.84 -25.18
CA VAL A 1563 3.91 -16.67 -24.20
C VAL A 1563 5.39 -16.33 -24.18
N ASN A 1564 5.99 -16.15 -25.35
CA ASN A 1564 7.42 -15.86 -25.38
C ASN A 1564 7.74 -14.42 -24.96
N GLU A 1565 6.76 -13.52 -24.97
CA GLU A 1565 6.99 -12.20 -24.42
C GLU A 1565 6.86 -12.19 -22.90
N ILE A 1566 5.81 -12.79 -22.37
CA ILE A 1566 5.64 -12.82 -20.92
C ILE A 1566 6.71 -13.67 -20.27
N ASN A 1567 7.21 -14.69 -20.97
CA ASN A 1567 8.33 -15.47 -20.44
C ASN A 1567 9.55 -14.60 -20.23
N ASN A 1568 9.98 -13.88 -21.28
CA ASN A 1568 11.22 -13.12 -21.23
C ASN A 1568 11.21 -12.02 -20.18
N VAL A 1569 10.05 -11.63 -19.67
CA VAL A 1569 10.00 -10.71 -18.55
C VAL A 1569 10.44 -11.42 -17.27
N PHE A 1570 9.95 -12.64 -17.07
CA PHE A 1570 10.29 -13.39 -15.87
C PHE A 1570 11.62 -14.13 -15.99
N SER A 1571 12.17 -14.25 -17.20
CA SER A 1571 13.46 -14.91 -17.33
C SER A 1571 14.61 -14.03 -16.87
N ARG A 1572 14.47 -12.71 -16.98
CA ARG A 1572 15.52 -11.81 -16.56
C ARG A 1572 15.55 -11.60 -15.05
N TYR A 1573 14.43 -11.78 -14.37
CA TYR A 1573 14.38 -11.71 -12.92
C TYR A 1573 14.75 -13.02 -12.25
N ALA A 1574 15.13 -14.04 -13.04
CA ALA A 1574 15.58 -15.32 -12.51
C ALA A 1574 14.44 -16.08 -11.85
N ILE A 1575 13.26 -15.48 -11.79
CA ILE A 1575 12.09 -16.12 -11.23
C ILE A 1575 11.63 -17.18 -12.22
N SER A 1576 10.64 -17.99 -11.87
CA SER A 1576 10.13 -18.97 -12.81
C SER A 1576 8.62 -19.14 -12.65
N VAL A 1577 7.90 -19.18 -13.78
CA VAL A 1577 6.45 -19.35 -13.78
C VAL A 1577 6.09 -20.44 -14.77
N SER A 1578 5.51 -21.54 -14.27
CA SER A 1578 5.22 -22.70 -15.08
C SER A 1578 4.32 -22.33 -16.26
N PHE A 1579 4.73 -22.79 -17.45
CA PHE A 1579 4.04 -22.38 -18.67
C PHE A 1579 2.58 -22.80 -18.70
N ARG A 1580 2.14 -23.67 -17.79
CA ARG A 1580 0.73 -24.02 -17.75
C ARG A 1580 -0.15 -22.83 -17.37
N HIS A 1581 0.40 -21.84 -16.67
CA HIS A 1581 -0.33 -20.60 -16.41
C HIS A 1581 -0.32 -19.66 -17.60
N LEU A 1582 0.87 -19.42 -18.14
CA LEU A 1582 1.04 -18.49 -19.24
C LEU A 1582 0.36 -18.99 -20.51
N ASP A 1583 0.08 -20.28 -20.60
CA ASP A 1583 -0.75 -20.79 -21.68
C ASP A 1583 -2.22 -20.46 -21.46
N LEU A 1584 -2.68 -20.55 -20.21
CA LEU A 1584 -4.09 -20.27 -19.96
C LEU A 1584 -4.41 -18.80 -20.16
N ILE A 1585 -3.56 -17.90 -19.69
CA ILE A 1585 -3.76 -16.49 -20.04
C ILE A 1585 -3.82 -16.30 -21.56
N ALA A 1586 -2.81 -16.77 -22.27
CA ALA A 1586 -2.72 -16.52 -23.71
C ALA A 1586 -3.92 -17.08 -24.46
N ASP A 1587 -4.35 -18.29 -24.12
CA ASP A 1587 -5.53 -18.85 -24.77
C ASP A 1587 -6.80 -18.14 -24.35
N MET A 1588 -6.80 -17.46 -23.21
CA MET A 1588 -7.97 -16.72 -22.76
C MET A 1588 -8.07 -15.36 -23.44
N MET A 1589 -6.95 -14.84 -23.96
CA MET A 1589 -7.02 -13.61 -24.73
C MET A 1589 -7.51 -13.82 -26.16
N THR A 1590 -7.11 -14.91 -26.80
CA THR A 1590 -7.33 -15.10 -28.23
C THR A 1590 -8.66 -15.78 -28.54
N ARG A 1591 -9.52 -15.96 -27.55
CA ARG A 1591 -10.75 -16.73 -27.75
C ARG A 1591 -11.68 -16.09 -28.78
N GLN A 1592 -11.49 -14.82 -29.13
CA GLN A 1592 -12.31 -14.18 -30.15
C GLN A 1592 -11.65 -14.17 -31.52
N GLY A 1593 -10.47 -14.76 -31.65
CA GLY A 1593 -9.72 -14.69 -32.87
C GLY A 1593 -8.80 -13.48 -32.98
N THR A 1594 -9.03 -12.46 -32.17
CA THR A 1594 -8.18 -11.28 -32.13
C THR A 1594 -7.58 -11.15 -30.73
N TYR A 1595 -6.85 -10.06 -30.53
CA TYR A 1595 -6.07 -9.85 -29.32
C TYR A 1595 -6.82 -8.90 -28.39
N LEU A 1596 -7.33 -9.44 -27.29
CA LEU A 1596 -8.13 -8.71 -26.32
C LEU A 1596 -7.33 -8.44 -25.06
N ALA A 1597 -7.51 -7.25 -24.51
CA ALA A 1597 -6.94 -6.93 -23.21
C ALA A 1597 -7.77 -7.59 -22.12
N PHE A 1598 -7.34 -7.47 -20.87
CA PHE A 1598 -8.17 -7.85 -19.74
C PHE A 1598 -8.89 -6.67 -19.12
N ASN A 1599 -8.77 -5.49 -19.71
CA ASN A 1599 -9.38 -4.29 -19.18
C ASN A 1599 -10.84 -4.20 -19.61
N ARG A 1600 -11.46 -3.07 -19.32
CA ARG A 1600 -12.85 -2.76 -19.63
C ARG A 1600 -13.27 -3.07 -21.06
N GLN A 1601 -12.41 -2.80 -22.05
CA GLN A 1601 -12.78 -2.88 -23.45
C GLN A 1601 -13.00 -4.30 -23.94
N GLY A 1602 -12.29 -5.27 -23.39
CA GLY A 1602 -12.43 -6.64 -23.85
C GLY A 1602 -13.52 -7.40 -23.11
N MET A 1603 -13.82 -6.96 -21.90
CA MET A 1603 -14.82 -7.63 -21.07
C MET A 1603 -16.21 -7.24 -21.55
N GLU A 1604 -16.27 -6.25 -22.43
CA GLU A 1604 -17.52 -5.78 -23.00
C GLU A 1604 -18.37 -6.88 -23.62
N THR A 1605 -17.75 -7.91 -24.19
CA THR A 1605 -18.46 -8.91 -24.97
C THR A 1605 -18.93 -10.09 -24.13
N SER A 1606 -18.77 -10.05 -22.81
CA SER A 1606 -19.19 -11.15 -21.97
C SER A 1606 -20.71 -11.21 -21.86
N THR A 1607 -21.20 -12.38 -21.47
CA THR A 1607 -22.64 -12.64 -21.40
C THR A 1607 -23.27 -12.11 -20.12
N SER A 1608 -22.60 -12.30 -18.97
CA SER A 1608 -23.19 -12.03 -17.67
C SER A 1608 -23.00 -10.57 -17.27
N SER A 1609 -24.04 -9.96 -16.71
CA SER A 1609 -23.96 -8.56 -16.33
C SER A 1609 -23.20 -8.35 -15.03
N PHE A 1610 -23.57 -9.09 -13.98
CA PHE A 1610 -23.01 -8.83 -12.65
C PHE A 1610 -21.49 -8.95 -12.60
N MET A 1611 -20.86 -9.63 -13.55
CA MET A 1611 -19.41 -9.57 -13.61
C MET A 1611 -18.94 -8.19 -14.05
N LYS A 1612 -19.46 -7.71 -15.19
CA LYS A 1612 -19.11 -6.39 -15.68
C LYS A 1612 -19.59 -5.28 -14.76
N MET A 1613 -20.75 -5.47 -14.13
CA MET A 1613 -21.40 -4.41 -13.38
C MET A 1613 -20.63 -3.99 -12.14
N SER A 1614 -19.77 -4.85 -11.63
CA SER A 1614 -18.97 -4.54 -10.46
C SER A 1614 -17.54 -4.12 -10.78
N TYR A 1615 -17.16 -4.08 -12.05
CA TYR A 1615 -15.75 -3.89 -12.37
C TYR A 1615 -15.38 -2.42 -12.33
N GLU A 1616 -15.83 -1.62 -13.31
CA GLU A 1616 -15.56 -0.20 -13.29
C GLU A 1616 -16.82 0.66 -13.32
N THR A 1617 -17.47 0.77 -14.49
CA THR A 1617 -18.61 1.65 -14.67
C THR A 1617 -19.89 0.86 -14.40
N THR A 1618 -20.63 1.29 -13.39
CA THR A 1618 -21.87 0.61 -13.03
C THR A 1618 -22.96 0.93 -14.03
N CYS A 1619 -23.37 2.21 -14.12
CA CYS A 1619 -24.54 2.55 -14.91
C CYS A 1619 -24.32 2.52 -16.42
N GLN A 1620 -23.08 2.40 -16.86
CA GLN A 1620 -22.84 2.29 -18.30
C GLN A 1620 -23.07 0.87 -18.78
N PHE A 1621 -22.62 -0.12 -18.02
CA PHE A 1621 -23.00 -1.50 -18.27
C PHE A 1621 -24.42 -1.79 -17.85
N LEU A 1622 -24.93 -1.04 -16.87
CA LEU A 1622 -26.28 -1.26 -16.39
C LEU A 1622 -27.31 -0.74 -17.38
N THR A 1623 -27.04 0.42 -17.97
CA THR A 1623 -27.89 0.92 -19.04
C THR A 1623 -28.05 -0.14 -20.13
N LYS A 1624 -26.95 -0.49 -20.79
CA LYS A 1624 -26.98 -1.49 -21.86
C LYS A 1624 -27.52 -2.84 -21.39
N ALA A 1625 -27.44 -3.13 -20.09
CA ALA A 1625 -28.07 -4.35 -19.60
C ALA A 1625 -29.58 -4.23 -19.50
N VAL A 1626 -30.09 -3.01 -19.29
CA VAL A 1626 -31.53 -2.83 -19.21
C VAL A 1626 -32.16 -2.80 -20.60
N LEU A 1627 -31.55 -2.06 -21.52
CA LEU A 1627 -32.17 -1.80 -22.82
C LEU A 1627 -32.34 -3.06 -23.65
N ASP A 1628 -31.77 -4.18 -23.23
CA ASP A 1628 -31.97 -5.44 -23.92
C ASP A 1628 -33.08 -6.29 -23.30
N ASN A 1629 -33.69 -5.83 -22.21
CA ASN A 1629 -34.47 -6.72 -21.36
C ASN A 1629 -33.68 -8.00 -21.12
N GLU A 1630 -32.41 -7.81 -20.79
CA GLU A 1630 -31.47 -8.91 -20.75
C GLU A 1630 -31.81 -9.85 -19.61
N ARG A 1631 -31.34 -11.08 -19.73
CA ARG A 1631 -31.58 -12.14 -18.76
C ARG A 1631 -30.24 -12.51 -18.15
N GLU A 1632 -30.26 -12.99 -16.92
CA GLU A 1632 -29.05 -13.44 -16.26
C GLU A 1632 -29.27 -14.81 -15.66
N GLN A 1633 -28.49 -15.81 -16.08
CA GLN A 1633 -28.70 -17.16 -15.58
C GLN A 1633 -27.83 -17.46 -14.38
N LEU A 1634 -27.13 -16.47 -13.85
CA LEU A 1634 -26.33 -16.63 -12.64
C LEU A 1634 -25.25 -17.69 -12.80
N ASP A 1635 -24.21 -17.37 -13.56
CA ASP A 1635 -23.13 -18.31 -13.81
C ASP A 1635 -21.90 -18.01 -12.96
N SER A 1636 -21.21 -16.90 -13.24
CA SER A 1636 -19.90 -16.58 -12.67
C SER A 1636 -19.98 -16.51 -11.15
N PRO A 1637 -18.88 -16.70 -10.44
CA PRO A 1637 -18.93 -16.63 -8.99
C PRO A 1637 -19.31 -15.28 -8.44
N SER A 1638 -19.15 -14.21 -9.22
CA SER A 1638 -19.50 -12.88 -8.73
C SER A 1638 -20.98 -12.58 -8.93
N ALA A 1639 -21.66 -13.35 -9.79
CA ALA A 1639 -23.11 -13.23 -9.87
C ALA A 1639 -23.79 -14.04 -8.77
N ARG A 1640 -23.11 -15.02 -8.20
CA ARG A 1640 -23.65 -15.84 -7.14
C ARG A 1640 -23.28 -15.32 -5.77
N ILE A 1641 -22.44 -14.28 -5.70
CA ILE A 1641 -22.16 -13.57 -4.46
C ILE A 1641 -23.25 -12.55 -4.17
N VAL A 1642 -23.92 -12.04 -5.21
CA VAL A 1642 -25.03 -11.12 -5.02
C VAL A 1642 -26.24 -11.87 -4.51
N VAL A 1643 -26.59 -12.98 -5.17
CA VAL A 1643 -27.83 -13.67 -4.83
C VAL A 1643 -27.61 -14.62 -3.67
N GLY A 1644 -26.36 -14.86 -3.28
CA GLY A 1644 -26.07 -15.77 -2.20
C GLY A 1644 -26.32 -17.23 -2.51
N LYS A 1645 -25.76 -17.75 -3.59
CA LYS A 1645 -25.88 -19.15 -3.97
C LYS A 1645 -24.49 -19.79 -3.91
N LEU A 1646 -24.36 -21.06 -4.30
CA LEU A 1646 -23.09 -21.74 -4.33
C LEU A 1646 -22.29 -21.26 -5.54
N ASN A 1647 -21.20 -21.96 -5.83
CA ASN A 1647 -20.34 -21.63 -6.96
C ASN A 1647 -19.67 -22.89 -7.47
N ASN A 1648 -18.46 -22.75 -8.00
CA ASN A 1648 -17.69 -23.88 -8.52
C ASN A 1648 -16.21 -23.56 -8.60
N VAL A 1649 -15.37 -24.54 -8.29
CA VAL A 1649 -15.84 -25.88 -8.01
C VAL A 1649 -15.56 -26.27 -6.56
N GLY A 1650 -15.65 -27.57 -6.27
CA GLY A 1650 -15.42 -28.07 -4.92
C GLY A 1650 -16.62 -27.93 -4.02
N THR A 1651 -17.78 -27.63 -4.60
CA THR A 1651 -18.96 -27.27 -3.84
C THR A 1651 -20.23 -27.71 -4.55
N GLY A 1652 -20.44 -27.18 -5.75
CA GLY A 1652 -21.62 -27.50 -6.54
C GLY A 1652 -21.30 -28.28 -7.80
N SER A 1653 -20.00 -28.38 -8.13
CA SER A 1653 -19.58 -29.11 -9.32
C SER A 1653 -20.11 -30.53 -9.33
N PHE A 1654 -21.19 -30.75 -8.59
CA PHE A 1654 -21.81 -32.05 -8.50
C PHE A 1654 -22.98 -31.82 -7.57
N ASP A 1655 -23.84 -32.80 -7.36
CA ASP A 1655 -24.79 -32.71 -6.26
C ASP A 1655 -24.52 -33.88 -5.32
N VAL A 1656 -25.23 -33.89 -4.20
CA VAL A 1656 -25.20 -35.01 -3.29
C VAL A 1656 -26.64 -35.43 -3.02
N LEU A 1657 -26.98 -36.61 -3.50
CA LEU A 1657 -28.30 -37.17 -3.32
C LEU A 1657 -28.24 -38.21 -2.23
N ALA A 1658 -29.32 -38.35 -1.48
CA ALA A 1658 -29.34 -39.35 -0.42
C ALA A 1658 -30.27 -40.48 -0.82
N LYS A 1659 -30.36 -41.52 0.00
CA LYS A 1659 -31.10 -42.71 -0.38
C LYS A 1659 -32.06 -43.11 0.72
N VAL A 1660 -32.73 -44.25 0.54
CA VAL A 1660 -33.94 -44.62 1.26
C VAL A 1660 -34.27 -46.06 0.93
N PRO A 1661 -34.92 -46.81 1.83
CA PRO A 1661 -35.42 -48.14 1.47
C PRO A 1661 -36.60 -48.04 0.53
N ASN A 1662 -37.29 -49.14 0.29
CA ASN A 1662 -38.46 -49.17 -0.59
C ASN A 1662 -38.05 -48.93 -2.04
N THR B 13 35.86 12.66 25.80
CA THR B 13 34.78 11.90 26.40
C THR B 13 34.07 12.72 27.46
N ALA B 14 32.78 12.97 27.25
CA ALA B 14 32.00 13.83 28.15
C ALA B 14 31.74 13.14 29.48
N ASP B 15 31.03 13.80 30.37
CA ASP B 15 30.76 13.28 31.70
C ASP B 15 29.26 13.23 31.94
N PHE B 16 28.88 12.67 33.09
CA PHE B 16 27.49 12.59 33.49
C PHE B 16 26.98 13.86 34.16
N ARG B 17 27.84 14.59 34.86
CA ARG B 17 27.44 15.79 35.60
C ARG B 17 26.31 15.46 36.58
N THR B 18 26.65 14.71 37.61
CA THR B 18 25.64 14.34 38.60
C THR B 18 25.36 15.46 39.59
N LEU B 19 26.38 16.19 40.04
CA LEU B 19 26.19 17.27 41.00
C LEU B 19 25.55 18.49 40.36
N GLU B 20 26.22 19.06 39.36
CA GLU B 20 25.69 20.23 38.66
C GLU B 20 24.23 20.03 38.26
N ARG B 21 23.89 18.81 37.83
CA ARG B 21 22.50 18.47 37.58
C ARG B 21 21.60 18.82 38.77
N GLU B 22 21.76 18.08 39.86
CA GLU B 22 20.87 18.26 41.01
C GLU B 22 20.90 19.69 41.53
N SER B 23 22.01 20.38 41.30
CA SER B 23 22.05 21.81 41.53
C SER B 23 21.01 22.51 40.66
N ARG B 24 20.88 22.08 39.40
CA ARG B 24 19.90 22.73 38.53
C ARG B 24 18.48 22.34 38.89
N PHE B 25 18.23 21.05 39.15
CA PHE B 25 16.89 20.64 39.52
C PHE B 25 16.42 21.33 40.79
N ILE B 26 17.21 21.24 41.86
CA ILE B 26 16.80 21.82 43.13
C ILE B 26 16.52 23.31 42.99
N ASN B 27 17.55 24.11 42.72
CA ASN B 27 17.36 25.54 42.54
C ASN B 27 17.38 25.89 41.06
N PRO B 28 16.24 26.18 40.45
CA PRO B 28 16.24 26.51 39.03
C PRO B 28 16.88 27.87 38.80
N PRO B 29 17.36 28.13 37.58
CA PRO B 29 18.09 29.37 37.34
C PRO B 29 17.21 30.59 37.51
N LYS B 30 17.76 31.62 38.16
CA LYS B 30 17.06 32.86 38.40
C LYS B 30 17.38 33.97 37.41
N ASP B 31 18.31 33.75 36.48
CA ASP B 31 18.78 34.81 35.61
C ASP B 31 18.38 34.60 34.15
N LYS B 32 19.01 33.66 33.45
CA LYS B 32 18.62 33.29 32.11
C LYS B 32 18.70 31.78 32.00
N SER B 33 17.98 31.23 31.01
CA SER B 33 17.91 29.79 30.88
C SER B 33 19.31 29.22 30.64
N ALA B 34 19.51 27.99 31.10
CA ALA B 34 20.82 27.36 31.02
C ALA B 34 21.08 26.68 29.69
N PHE B 35 20.09 26.59 28.81
CA PHE B 35 20.23 25.90 27.53
C PHE B 35 19.96 26.87 26.40
N PRO B 36 20.95 27.68 26.03
CA PRO B 36 20.73 28.68 24.97
C PRO B 36 20.33 28.05 23.65
N LEU B 37 20.87 26.89 23.31
CA LEU B 37 20.59 26.30 22.01
C LEU B 37 19.17 25.79 21.90
N LEU B 38 18.54 25.45 23.02
CA LEU B 38 17.16 25.00 22.97
C LEU B 38 16.20 26.14 22.64
N GLN B 39 16.54 27.36 23.04
CA GLN B 39 15.73 28.54 22.75
C GLN B 39 16.08 29.19 21.43
N GLU B 40 17.20 28.82 20.81
CA GLU B 40 17.57 29.34 19.51
C GLU B 40 17.08 28.46 18.36
N ALA B 41 16.56 27.27 18.64
CA ALA B 41 16.05 26.43 17.57
C ALA B 41 14.62 26.76 17.23
N VAL B 42 13.92 27.50 18.10
CA VAL B 42 12.54 27.88 17.86
C VAL B 42 12.43 29.29 17.27
N GLN B 43 13.55 29.96 17.09
CA GLN B 43 13.66 31.33 16.60
C GLN B 43 12.89 31.60 15.31
N PRO B 44 12.79 30.66 14.36
CA PRO B 44 11.96 30.92 13.18
C PRO B 44 10.55 31.41 13.49
N HIS B 45 9.88 30.82 14.48
CA HIS B 45 8.48 31.17 14.75
C HIS B 45 8.35 32.47 15.54
N ILE B 46 9.09 32.59 16.64
CA ILE B 46 9.01 33.80 17.45
C ILE B 46 9.48 35.02 16.67
N GLY B 47 10.52 34.85 15.85
CA GLY B 47 10.96 35.97 15.03
C GLY B 47 9.87 36.46 14.10
N SER B 48 9.17 35.53 13.47
CA SER B 48 8.10 35.90 12.54
C SER B 48 6.97 36.60 13.27
N PHE B 49 6.50 36.03 14.38
CA PHE B 49 5.35 36.64 15.02
C PHE B 49 5.70 37.96 15.69
N ASN B 50 6.90 38.07 16.26
CA ASN B 50 7.35 39.37 16.74
C ASN B 50 7.46 40.39 15.62
N ALA B 51 7.85 39.96 14.43
CA ALA B 51 8.02 40.89 13.33
C ALA B 51 6.74 41.64 12.97
N LEU B 52 5.57 41.17 13.44
CA LEU B 52 4.33 41.87 13.11
C LEU B 52 4.30 43.27 13.70
N THR B 53 4.40 43.39 15.03
CA THR B 53 4.23 44.68 15.66
C THR B 53 5.53 45.44 15.88
N GLU B 54 6.68 44.77 15.79
CA GLU B 54 7.94 45.42 16.09
C GLU B 54 8.54 45.95 14.78
N GLY B 55 9.78 46.41 14.83
CA GLY B 55 10.39 47.00 13.68
C GLY B 55 10.27 48.52 13.73
N PRO B 56 11.27 49.22 13.17
CA PRO B 56 11.29 50.68 13.32
C PRO B 56 10.08 51.35 12.68
N ASP B 57 9.60 50.80 11.57
CA ASP B 57 8.57 51.42 10.75
C ASP B 57 7.16 50.96 11.09
N GLY B 58 7.00 50.14 12.11
CA GLY B 58 5.68 49.69 12.52
C GLY B 58 5.29 48.29 12.12
N GLY B 59 6.22 47.50 11.60
CA GLY B 59 5.96 46.11 11.32
C GLY B 59 5.05 45.90 10.13
N LEU B 60 4.54 44.67 10.04
CA LEU B 60 3.67 44.30 8.93
C LEU B 60 2.24 44.77 9.12
N LEU B 61 1.81 44.93 10.37
CA LEU B 61 0.44 45.36 10.61
C LEU B 61 0.23 46.81 10.18
N ASN B 62 1.04 47.73 10.68
CA ASN B 62 0.83 49.13 10.39
C ASN B 62 1.18 49.50 8.96
N LEU B 63 2.13 48.80 8.33
CA LEU B 63 2.44 49.07 6.94
C LEU B 63 1.45 48.40 6.00
N GLY B 64 1.04 47.18 6.34
CA GLY B 64 0.10 46.47 5.48
C GLY B 64 -1.23 47.18 5.36
N VAL B 65 -1.86 47.47 6.50
CA VAL B 65 -3.17 48.10 6.47
C VAL B 65 -3.11 49.48 5.86
N LYS B 66 -1.92 50.05 5.71
CA LYS B 66 -1.77 51.27 4.94
C LYS B 66 -1.85 51.02 3.45
N ASP B 67 -1.48 49.83 2.99
CA ASP B 67 -1.49 49.55 1.56
C ASP B 67 -2.88 49.62 0.96
N ILE B 68 -3.91 49.25 1.73
CA ILE B 68 -5.26 49.21 1.20
C ILE B 68 -5.72 50.60 0.75
N GLY B 69 -5.21 51.65 1.37
CA GLY B 69 -5.57 52.99 0.95
C GLY B 69 -7.00 53.33 1.34
N GLU B 70 -7.79 53.75 0.35
CA GLU B 70 -9.14 54.24 0.59
C GLU B 70 -10.15 53.37 -0.16
N LYS B 71 -11.38 53.36 0.33
CA LYS B 71 -12.51 52.79 -0.38
C LYS B 71 -13.58 53.86 -0.53
N VAL B 72 -14.07 54.04 -1.74
CA VAL B 72 -14.88 55.19 -2.10
C VAL B 72 -16.28 54.74 -2.48
N ILE B 73 -17.29 55.46 -2.00
CA ILE B 73 -18.67 55.25 -2.41
C ILE B 73 -19.37 56.61 -2.43
N PHE B 74 -20.42 56.72 -3.23
CA PHE B 74 -21.05 58.00 -3.54
C PHE B 74 -22.51 58.02 -3.11
N ASP B 75 -22.92 59.16 -2.55
CA ASP B 75 -24.26 59.34 -2.03
C ASP B 75 -25.27 59.66 -3.13
N GLY B 76 -24.89 60.48 -4.10
CA GLY B 76 -25.82 60.94 -5.12
C GLY B 76 -26.70 62.10 -4.72
N LYS B 77 -26.18 63.05 -3.95
CA LYS B 77 -26.98 64.20 -3.57
C LYS B 77 -26.90 65.27 -4.66
N PRO B 78 -28.02 65.67 -5.24
CA PRO B 78 -27.97 66.45 -6.49
C PRO B 78 -27.40 67.84 -6.36
N LEU B 79 -27.56 68.48 -5.20
CA LEU B 79 -27.09 69.85 -4.96
C LEU B 79 -27.90 70.87 -5.76
N ASN B 80 -28.72 70.40 -6.70
CA ASN B 80 -29.56 71.24 -7.55
C ASN B 80 -28.72 72.25 -8.34
N SER B 81 -27.99 71.70 -9.30
CA SER B 81 -27.17 72.53 -10.19
C SER B 81 -28.04 73.29 -11.18
N ASN B 87 -28.22 64.53 -15.32
CA ASN B 87 -27.47 65.29 -16.30
C ASN B 87 -26.23 65.92 -15.69
N SER B 88 -26.31 66.25 -14.40
CA SER B 88 -25.21 66.86 -13.67
C SER B 88 -24.14 65.81 -13.41
N GLY B 89 -22.92 66.10 -13.84
CA GLY B 89 -21.82 65.19 -13.56
C GLY B 89 -21.44 65.16 -12.10
N TYR B 90 -22.06 66.03 -11.30
CA TYR B 90 -21.79 66.07 -9.87
C TYR B 90 -22.46 64.89 -9.18
N LEU B 91 -21.65 64.08 -8.51
CA LEU B 91 -22.09 62.83 -7.91
C LEU B 91 -22.53 62.98 -6.46
N GLY B 92 -22.33 64.14 -5.85
CA GLY B 92 -22.68 64.35 -4.46
C GLY B 92 -21.47 64.36 -3.56
N ASN B 93 -21.74 64.65 -2.29
CA ASN B 93 -20.68 64.65 -1.28
C ASN B 93 -20.04 63.28 -1.21
N LYS B 94 -18.72 63.25 -1.02
CA LYS B 94 -17.95 62.03 -1.20
C LYS B 94 -17.56 61.43 0.13
N LEU B 95 -17.52 60.09 0.18
CA LEU B 95 -17.17 59.35 1.38
C LEU B 95 -15.90 58.55 1.13
N SER B 96 -14.88 58.79 1.94
CA SER B 96 -13.64 58.02 1.91
C SER B 96 -13.50 57.27 3.22
N VAL B 97 -13.65 55.95 3.16
CA VAL B 97 -13.42 55.07 4.30
C VAL B 97 -12.00 54.56 4.21
N SER B 98 -11.25 54.67 5.31
CA SER B 98 -9.90 54.11 5.31
C SER B 98 -9.53 53.73 6.74
N VAL B 99 -8.66 52.75 6.87
CA VAL B 99 -8.12 52.41 8.18
C VAL B 99 -6.88 53.27 8.36
N GLU B 100 -6.27 53.23 9.55
CA GLU B 100 -5.06 54.01 9.79
C GLU B 100 -3.98 53.13 10.40
N GLN B 101 -4.22 52.63 11.61
CA GLN B 101 -3.28 51.74 12.29
C GLN B 101 -4.02 50.54 12.86
N VAL B 102 -3.27 49.50 13.23
CA VAL B 102 -3.82 48.30 13.84
C VAL B 102 -2.99 47.99 15.08
N SER B 103 -3.66 47.82 16.21
CA SER B 103 -2.98 47.58 17.48
C SER B 103 -3.51 46.31 18.12
N ILE B 104 -2.64 45.61 18.83
CA ILE B 104 -2.99 44.37 19.51
C ILE B 104 -2.61 44.50 20.97
N ALA B 105 -3.57 44.31 21.86
CA ALA B 105 -3.35 44.41 23.29
C ALA B 105 -3.09 43.03 23.87
N LYS B 106 -2.17 42.96 24.84
CA LYS B 106 -1.82 41.72 25.50
C LYS B 106 -3.05 41.10 26.15
N PRO B 107 -3.03 39.79 26.39
CA PRO B 107 -4.22 39.13 26.97
C PRO B 107 -4.63 39.79 28.27
N MET B 108 -5.92 40.09 28.38
CA MET B 108 -6.47 40.76 29.54
C MET B 108 -7.85 40.17 29.79
N SER B 109 -8.21 40.02 31.06
CA SER B 109 -9.57 39.60 31.39
C SER B 109 -10.10 40.44 32.54
N ASN B 110 -11.16 41.20 32.29
CA ASN B 110 -11.97 41.77 33.35
C ASN B 110 -12.82 40.67 33.96
N ASP B 111 -13.31 40.90 35.17
CA ASP B 111 -14.20 39.95 35.82
C ASP B 111 -15.64 40.34 35.47
N GLY B 112 -16.26 39.53 34.63
CA GLY B 112 -17.62 39.82 34.19
C GLY B 112 -17.74 41.19 33.57
N VAL B 113 -18.70 41.96 34.08
CA VAL B 113 -19.01 43.29 33.58
C VAL B 113 -18.31 44.35 34.43
N SER B 114 -18.68 45.61 34.23
CA SER B 114 -18.34 46.80 35.00
C SER B 114 -16.99 47.39 34.62
N SER B 115 -16.18 46.70 33.82
CA SER B 115 -14.88 47.21 33.38
C SER B 115 -14.01 47.62 34.57
N ALA B 116 -14.02 46.79 35.60
CA ALA B 116 -13.11 46.97 36.72
C ALA B 116 -11.69 46.75 36.25
N VAL B 117 -10.73 47.21 37.07
CA VAL B 117 -9.33 47.12 36.69
C VAL B 117 -8.99 45.67 36.36
N GLU B 118 -8.50 45.44 35.15
CA GLU B 118 -8.38 44.11 34.61
C GLU B 118 -7.09 43.44 35.07
N ARG B 119 -7.11 42.12 35.08
CA ARG B 119 -5.97 41.31 35.48
C ARG B 119 -5.48 40.46 34.33
N LYS B 120 -4.23 40.02 34.42
CA LYS B 120 -3.58 39.24 33.38
C LYS B 120 -4.12 37.81 33.39
N VAL B 121 -3.96 37.11 32.28
CA VAL B 121 -4.40 35.72 32.15
C VAL B 121 -3.19 34.87 31.79
N TYR B 122 -2.86 34.01 32.60
CA TYR B 122 -1.69 33.23 32.23
C TYR B 122 -2.08 31.98 31.44
N PRO B 123 -1.16 31.44 30.65
CA PRO B 123 -1.48 30.26 29.84
C PRO B 123 -2.03 29.09 30.64
N SER B 124 -1.42 28.76 31.78
CA SER B 124 -1.89 27.62 32.57
C SER B 124 -3.35 27.74 32.96
N GLU B 125 -3.91 28.95 32.96
CA GLU B 125 -5.34 29.10 33.16
C GLU B 125 -6.12 28.76 31.88
N SER B 126 -5.56 29.06 30.71
CA SER B 126 -6.26 28.82 29.47
C SER B 126 -6.14 27.37 28.98
N ARG B 127 -5.13 26.63 29.42
CA ARG B 127 -5.12 25.21 29.08
C ARG B 127 -6.21 24.47 29.83
N GLN B 128 -6.38 24.79 31.12
CA GLN B 128 -7.35 24.07 31.94
C GLN B 128 -8.78 24.46 31.58
N ARG B 129 -9.05 25.76 31.47
CA ARG B 129 -10.39 26.25 31.18
C ARG B 129 -10.89 25.82 29.81
N LEU B 130 -10.02 25.30 28.94
CA LEU B 130 -10.42 24.78 27.64
C LEU B 130 -11.01 25.88 26.76
N THR B 131 -10.36 27.04 26.76
CA THR B 131 -10.63 28.09 25.78
C THR B 131 -9.31 28.64 25.26
N SER B 132 -9.40 29.53 24.28
CA SER B 132 -8.21 30.05 23.64
C SER B 132 -7.53 31.09 24.52
N TYR B 133 -6.26 31.32 24.21
CA TYR B 133 -5.45 32.35 24.86
C TYR B 133 -5.33 33.49 23.85
N ARG B 134 -6.00 34.60 24.11
CA ARG B 134 -6.18 35.63 23.11
C ARG B 134 -5.96 37.01 23.69
N GLY B 135 -5.22 37.84 22.97
CA GLY B 135 -5.15 39.26 23.27
C GLY B 135 -6.06 40.05 22.35
N LYS B 136 -6.45 41.24 22.79
CA LYS B 136 -7.50 41.96 22.08
C LYS B 136 -6.95 42.59 20.81
N LEU B 137 -7.85 42.84 19.86
CA LEU B 137 -7.52 43.55 18.63
C LEU B 137 -8.24 44.89 18.61
N LEU B 138 -7.56 45.91 18.07
CA LEU B 138 -8.10 47.28 18.04
C LEU B 138 -7.74 47.95 16.73
N LEU B 139 -8.72 48.64 16.14
CA LEU B 139 -8.54 49.39 14.90
C LEU B 139 -8.84 50.87 15.15
N LYS B 140 -8.09 51.73 14.51
CA LYS B 140 -8.42 53.16 14.44
C LYS B 140 -8.95 53.42 13.04
N LEU B 141 -10.25 53.66 12.94
CA LEU B 141 -10.94 53.70 11.66
C LEU B 141 -11.25 55.14 11.30
N LYS B 142 -10.71 55.59 10.16
CA LYS B 142 -10.78 56.97 9.73
C LYS B 142 -11.87 57.12 8.67
N TRP B 143 -12.78 58.05 8.92
CA TRP B 143 -14.01 58.23 8.16
C TRP B 143 -14.00 59.66 7.64
N SER B 144 -13.91 59.84 6.33
CA SER B 144 -13.70 61.16 5.76
C SER B 144 -14.79 61.50 4.75
N VAL B 145 -14.99 62.80 4.55
CA VAL B 145 -15.96 63.33 3.61
C VAL B 145 -15.32 64.45 2.82
N ASN B 146 -15.72 64.60 1.55
CA ASN B 146 -15.21 65.64 0.65
C ASN B 146 -13.69 65.64 0.57
N ASN B 147 -13.08 64.47 0.69
CA ASN B 147 -11.65 64.29 0.43
C ASN B 147 -10.80 65.12 1.39
N GLY B 148 -11.21 65.15 2.65
CA GLY B 148 -10.40 65.74 3.70
C GLY B 148 -10.90 67.06 4.26
N GLU B 149 -12.02 67.58 3.80
CA GLU B 149 -12.60 68.73 4.48
C GLU B 149 -12.97 68.38 5.92
N GLU B 150 -13.83 67.39 6.09
CA GLU B 150 -14.30 66.96 7.40
C GLU B 150 -14.08 65.46 7.51
N ASN B 151 -13.58 65.02 8.66
CA ASN B 151 -13.28 63.62 8.90
C ASN B 151 -13.58 63.26 10.35
N LEU B 152 -13.63 61.97 10.62
CA LEU B 152 -13.98 61.46 11.94
C LEU B 152 -13.00 60.37 12.34
N PHE B 153 -12.27 60.60 13.42
CA PHE B 153 -11.39 59.59 14.00
C PHE B 153 -12.22 58.80 14.99
N GLU B 154 -12.07 57.48 15.00
CA GLU B 154 -12.76 56.63 15.96
C GLU B 154 -12.05 55.29 16.10
N VAL B 155 -12.31 54.61 17.21
CA VAL B 155 -11.67 53.33 17.52
C VAL B 155 -12.76 52.29 17.69
N ARG B 156 -12.45 51.03 17.35
CA ARG B 156 -13.41 49.94 17.44
C ARG B 156 -12.78 48.70 18.04
N ASP B 157 -13.56 47.63 18.07
CA ASP B 157 -13.18 46.36 18.67
C ASP B 157 -13.50 45.24 17.70
N CYS B 158 -12.48 44.53 17.24
CA CYS B 158 -12.67 43.38 16.37
C CYS B 158 -12.63 42.04 17.08
N GLY B 159 -12.45 42.03 18.41
CA GLY B 159 -12.51 40.79 19.16
C GLY B 159 -11.13 40.30 19.57
N GLY B 160 -11.13 39.07 20.08
CA GLY B 160 -9.89 38.47 20.55
C GLY B 160 -9.11 37.82 19.43
N LEU B 161 -7.79 37.97 19.48
CA LEU B 161 -6.85 37.43 18.52
C LEU B 161 -5.91 36.47 19.21
N PRO B 162 -5.83 35.20 18.80
CA PRO B 162 -4.84 34.29 19.39
C PRO B 162 -3.43 34.86 19.30
N VAL B 163 -2.61 34.52 20.30
CA VAL B 163 -1.27 35.10 20.43
C VAL B 163 -0.27 33.99 20.75
N MET B 164 0.85 34.00 20.03
CA MET B 164 1.93 33.05 20.27
C MET B 164 2.47 33.19 21.68
N LEU B 165 2.88 32.06 22.27
CA LEU B 165 3.54 32.11 23.56
C LEU B 165 5.00 32.51 23.39
N GLN B 166 5.58 33.04 24.47
CA GLN B 166 6.97 33.46 24.53
C GLN B 166 7.30 34.58 23.57
N SER B 167 6.31 35.35 23.15
CA SER B 167 6.55 36.47 22.23
C SER B 167 6.15 37.78 22.91
N ASN B 168 6.28 38.87 22.17
CA ASN B 168 6.13 40.19 22.75
C ASN B 168 4.71 40.50 23.21
N ARG B 169 3.71 39.84 22.65
CA ARG B 169 2.32 40.05 23.09
C ARG B 169 1.87 39.04 24.13
N CYS B 170 2.75 38.18 24.62
CA CYS B 170 2.44 37.27 25.70
C CYS B 170 3.17 37.70 26.96
N HIS B 171 2.55 37.45 28.11
CA HIS B 171 3.12 37.90 29.38
C HIS B 171 4.36 37.12 29.77
N LEU B 172 4.53 35.89 29.29
CA LEU B 172 5.68 35.09 29.69
C LEU B 172 6.99 35.59 29.10
N ASN B 173 6.95 36.58 28.21
CA ASN B 173 8.17 37.12 27.66
C ASN B 173 9.02 37.71 28.77
N LYS B 174 10.30 37.36 28.77
CA LYS B 174 11.37 37.92 29.60
C LYS B 174 11.43 37.36 31.02
N MET B 175 10.52 36.48 31.42
CA MET B 175 10.62 35.91 32.76
C MET B 175 11.81 34.98 32.86
N SER B 176 12.41 34.95 34.01
CA SER B 176 13.50 34.02 34.18
C SER B 176 12.99 32.66 34.61
N PRO B 177 13.71 31.57 34.28
CA PRO B 177 13.21 30.23 34.56
C PRO B 177 12.69 30.03 35.98
N TYR B 178 13.27 30.75 36.93
CA TYR B 178 12.77 30.64 38.30
C TYR B 178 11.36 31.17 38.42
N GLU B 179 10.98 32.16 37.60
CA GLU B 179 9.61 32.64 37.65
C GLU B 179 8.74 32.03 36.56
N LEU B 180 9.27 31.14 35.74
CA LEU B 180 8.40 30.32 34.91
C LEU B 180 7.75 29.22 35.74
N VAL B 181 8.37 28.88 36.88
CA VAL B 181 7.77 27.90 37.77
C VAL B 181 6.67 28.54 38.60
N GLN B 182 6.90 29.75 39.11
CA GLN B 182 5.94 30.38 40.00
C GLN B 182 4.56 30.47 39.38
N HIS B 183 4.50 30.64 38.06
CA HIS B 183 3.26 30.78 37.32
C HIS B 183 2.76 29.46 36.74
N LYS B 184 3.37 28.35 37.18
CA LYS B 184 2.99 27.00 36.80
C LYS B 184 3.24 26.74 35.32
N GLU B 185 4.50 26.71 34.91
CA GLU B 185 4.85 26.33 33.56
C GLU B 185 6.00 25.33 33.60
N GLU B 186 6.38 24.84 32.42
CA GLU B 186 7.55 24.00 32.31
C GLU B 186 8.81 24.86 32.45
N SER B 187 9.79 24.34 33.17
CA SER B 187 10.96 25.13 33.53
C SER B 187 11.62 25.78 32.32
N ASP B 188 11.89 25.01 31.28
CA ASP B 188 12.55 25.49 30.07
C ASP B 188 11.58 25.89 28.97
N GLU B 189 10.27 25.90 29.25
CA GLU B 189 9.24 25.85 28.23
C GLU B 189 9.49 26.84 27.11
N ILE B 190 9.47 26.35 25.87
CA ILE B 190 9.85 27.13 24.71
C ILE B 190 8.67 27.73 23.97
N GLY B 191 7.44 27.42 24.36
CA GLY B 191 6.28 28.03 23.73
C GLY B 191 6.30 27.89 22.23
N GLY B 192 6.13 29.02 21.55
CA GLY B 192 6.20 29.04 20.10
C GLY B 192 5.01 28.45 19.38
N TYR B 193 3.85 28.43 20.01
CA TYR B 193 2.66 27.86 19.39
C TYR B 193 1.44 28.58 19.94
N PHE B 194 0.27 28.19 19.42
CA PHE B 194 -0.99 28.83 19.71
C PHE B 194 -1.87 27.88 20.52
N ILE B 195 -2.70 28.43 21.39
CA ILE B 195 -3.67 27.61 22.12
C ILE B 195 -5.04 27.92 21.55
N VAL B 196 -5.62 26.96 20.84
CA VAL B 196 -6.93 27.10 20.23
C VAL B 196 -7.87 26.13 20.92
N ASN B 197 -8.80 26.65 21.70
CA ASN B 197 -9.85 25.85 22.33
C ASN B 197 -9.28 24.73 23.19
N GLY B 198 -8.08 24.92 23.74
CA GLY B 198 -7.43 23.94 24.55
C GLY B 198 -6.41 23.08 23.82
N ILE B 199 -6.54 22.95 22.51
CA ILE B 199 -5.51 22.25 21.73
C ILE B 199 -4.33 23.19 21.51
N GLU B 200 -3.17 22.60 21.28
CA GLU B 200 -1.99 23.39 20.95
C GLU B 200 -1.77 23.25 19.44
N LYS B 201 -2.09 24.30 18.70
CA LYS B 201 -1.96 24.32 17.26
C LYS B 201 -0.80 25.22 16.88
N LEU B 202 0.01 24.76 15.92
CA LEU B 202 1.03 25.64 15.38
C LEU B 202 1.05 25.54 13.87
N ILE B 203 1.52 26.61 13.25
CA ILE B 203 1.66 26.72 11.80
C ILE B 203 2.97 26.08 11.40
N ARG B 204 2.97 25.36 10.28
CA ARG B 204 4.17 24.68 9.82
C ARG B 204 4.70 25.32 8.53
N MET B 205 6.01 25.25 8.36
CA MET B 205 6.69 26.04 7.36
C MET B 205 6.57 25.41 5.97
N LEU B 206 6.36 26.27 4.97
CA LEU B 206 6.20 25.86 3.58
C LEU B 206 7.35 26.40 2.76
N ILE B 207 7.64 25.73 1.64
CA ILE B 207 8.71 26.12 0.75
C ILE B 207 8.09 26.71 -0.52
N VAL B 208 8.25 28.00 -0.70
CA VAL B 208 7.78 28.71 -1.89
C VAL B 208 8.97 29.04 -2.75
N GLN B 209 8.75 29.77 -3.83
CA GLN B 209 9.82 30.17 -4.74
C GLN B 209 10.61 31.33 -4.13
N ARG B 210 11.87 31.45 -4.59
CA ARG B 210 12.71 32.55 -4.14
C ARG B 210 12.06 33.89 -4.46
N ARG B 211 11.86 34.72 -3.45
CA ARG B 211 11.26 36.03 -3.62
C ARG B 211 12.27 36.95 -4.29
N ASN B 212 11.78 37.80 -5.20
CA ASN B 212 12.59 38.83 -5.84
C ASN B 212 13.69 38.28 -6.73
N HIS B 213 13.44 37.15 -7.40
CA HIS B 213 14.40 36.66 -8.38
C HIS B 213 13.64 36.12 -9.59
N PRO B 214 14.09 36.36 -10.72
CA PRO B 214 13.38 35.96 -11.96
C PRO B 214 13.78 34.62 -12.57
N MET B 215 13.26 33.52 -12.01
CA MET B 215 13.63 32.20 -12.49
C MET B 215 13.27 32.01 -13.96
N ALA B 216 14.12 31.27 -14.67
CA ALA B 216 13.86 30.82 -16.04
C ALA B 216 13.32 29.40 -15.99
N ILE B 217 12.19 29.18 -16.65
CA ILE B 217 11.42 27.96 -16.41
C ILE B 217 11.29 27.18 -17.70
N ILE B 218 11.14 25.86 -17.58
CA ILE B 218 10.61 24.99 -18.63
C ILE B 218 9.60 24.05 -18.00
N ARG B 219 8.34 24.15 -18.42
CA ARG B 219 7.30 23.29 -17.91
C ARG B 219 6.38 22.93 -19.07
N PRO B 220 5.87 21.70 -19.13
CA PRO B 220 4.94 21.36 -20.21
C PRO B 220 3.61 22.10 -20.12
N SER B 221 3.20 22.51 -18.93
CA SER B 221 1.89 23.14 -18.80
C SER B 221 1.85 24.53 -19.43
N PHE B 222 3.00 25.14 -19.69
CA PHE B 222 2.99 26.38 -20.46
C PHE B 222 2.49 26.15 -21.89
N ALA B 223 2.52 24.90 -22.36
CA ALA B 223 2.19 24.64 -23.75
C ALA B 223 0.68 24.65 -24.00
N ASN B 224 -0.12 24.10 -23.10
CA ASN B 224 -1.54 23.92 -23.33
C ASN B 224 -2.35 25.19 -23.16
N ARG B 225 -1.74 26.28 -22.70
CA ARG B 225 -2.51 27.50 -22.44
C ARG B 225 -2.95 28.20 -23.71
N GLY B 226 -2.43 27.80 -24.87
CA GLY B 226 -2.82 28.46 -26.10
C GLY B 226 -2.34 27.66 -27.29
N ALA B 227 -2.59 28.22 -28.47
CA ALA B 227 -2.19 27.52 -29.69
C ALA B 227 -0.68 27.54 -29.88
N SER B 228 -0.08 28.73 -29.87
CA SER B 228 1.30 28.91 -30.25
C SER B 228 2.28 28.96 -29.08
N TYR B 229 1.81 28.78 -27.85
CA TYR B 229 2.70 28.83 -26.70
C TYR B 229 3.73 27.70 -26.77
N SER B 230 5.00 28.06 -26.66
CA SER B 230 6.04 27.08 -26.43
C SER B 230 6.15 26.83 -24.93
N HIS B 231 7.10 26.00 -24.53
CA HIS B 231 7.24 25.66 -23.11
C HIS B 231 8.27 26.50 -22.39
N TYR B 232 8.94 27.42 -23.07
CA TYR B 232 9.82 28.37 -22.40
C TYR B 232 8.99 29.36 -21.59
N GLY B 233 9.64 30.03 -20.64
CA GLY B 233 8.97 31.05 -19.86
C GLY B 233 9.84 31.68 -18.80
N ILE B 234 9.47 32.85 -18.31
CA ILE B 234 10.17 33.50 -17.21
C ILE B 234 9.16 33.78 -16.11
N GLN B 235 9.48 33.37 -14.89
CA GLN B 235 8.56 33.52 -13.78
C GLN B 235 9.23 34.33 -12.67
N ILE B 236 8.53 35.34 -12.17
CA ILE B 236 8.98 36.13 -11.03
C ILE B 236 7.88 36.18 -9.99
N ARG B 237 8.25 35.92 -8.75
CA ARG B 237 7.37 36.09 -7.60
C ARG B 237 7.89 37.27 -6.80
N SER B 238 7.08 38.31 -6.69
CA SER B 238 7.48 39.56 -6.07
C SER B 238 6.71 39.76 -4.77
N VAL B 239 7.29 40.55 -3.88
CA VAL B 239 6.74 40.70 -2.54
C VAL B 239 7.01 42.12 -2.06
N ARG B 240 6.04 42.71 -1.38
CA ARG B 240 6.08 44.12 -1.02
C ARG B 240 6.75 44.28 0.34
N PRO B 241 6.93 45.50 0.83
CA PRO B 241 7.26 45.65 2.26
C PRO B 241 6.21 45.06 3.18
N ASP B 242 4.99 44.85 2.68
CA ASP B 242 3.90 44.31 3.49
C ASP B 242 3.85 42.79 3.47
N GLN B 243 4.82 42.15 2.83
CA GLN B 243 5.00 40.71 2.68
C GLN B 243 3.94 40.05 1.81
N THR B 244 2.92 40.75 1.37
CA THR B 244 2.03 40.18 0.37
C THR B 244 2.80 39.92 -0.91
N SER B 245 2.35 38.91 -1.67
CA SER B 245 3.06 38.46 -2.84
C SER B 245 2.20 38.66 -4.09
N GLN B 246 2.87 38.73 -5.23
CA GLN B 246 2.22 38.80 -6.53
C GLN B 246 3.08 38.06 -7.54
N THR B 247 2.43 37.36 -8.47
CA THR B 247 3.08 36.49 -9.43
C THR B 247 3.01 37.08 -10.82
N ASN B 248 4.13 37.12 -11.52
CA ASN B 248 4.19 37.69 -12.86
C ASN B 248 4.95 36.75 -13.77
N VAL B 249 4.37 36.45 -14.93
CA VAL B 249 4.93 35.45 -15.84
C VAL B 249 5.10 36.07 -17.22
N LEU B 250 6.08 35.59 -17.98
CA LEU B 250 6.27 35.98 -19.37
C LEU B 250 6.37 34.72 -20.22
N HIS B 251 5.38 34.53 -21.11
CA HIS B 251 5.35 33.39 -22.02
C HIS B 251 5.88 33.80 -23.39
N TYR B 252 6.56 32.87 -24.05
CA TYR B 252 7.14 33.12 -25.36
C TYR B 252 6.37 32.36 -26.43
N LEU B 253 5.66 33.09 -27.28
CA LEU B 253 4.91 32.47 -28.37
C LEU B 253 5.85 32.11 -29.50
N ASN B 254 5.48 31.09 -30.27
CA ASN B 254 6.35 30.62 -31.35
C ASN B 254 6.56 31.68 -32.42
N ASP B 255 5.61 32.57 -32.62
CA ASP B 255 5.68 33.57 -33.68
C ASP B 255 6.37 34.86 -33.25
N GLY B 256 6.93 34.91 -32.04
CA GLY B 256 7.73 36.01 -31.59
C GLY B 256 7.08 36.92 -30.57
N GLN B 257 5.76 36.87 -30.45
CA GLN B 257 5.08 37.66 -29.42
C GLN B 257 5.37 37.09 -28.04
N VAL B 258 5.84 37.93 -27.13
CA VAL B 258 6.07 37.54 -25.74
C VAL B 258 5.02 38.24 -24.89
N THR B 259 4.24 37.45 -24.14
CA THR B 259 3.13 37.99 -23.37
C THR B 259 3.44 38.04 -21.89
N PHE B 260 2.87 39.04 -21.24
CA PHE B 260 2.90 39.26 -19.81
C PHE B 260 1.63 38.62 -19.25
N ARG B 261 1.73 38.00 -18.08
CA ARG B 261 0.60 37.33 -17.47
C ARG B 261 0.59 37.55 -15.98
N PHE B 262 -0.59 37.79 -15.43
CA PHE B 262 -0.77 37.92 -13.99
C PHE B 262 -2.07 37.24 -13.57
N SER B 263 -2.20 37.06 -12.26
CA SER B 263 -3.30 36.35 -11.66
C SER B 263 -3.93 37.24 -10.59
N TRP B 264 -5.25 37.43 -10.67
CA TRP B 264 -5.94 38.36 -9.79
C TRP B 264 -7.28 37.78 -9.39
N ARG B 265 -7.52 37.69 -8.08
CA ARG B 265 -8.81 37.25 -7.54
C ARG B 265 -9.27 35.91 -8.12
N LYS B 266 -8.33 34.96 -8.24
CA LYS B 266 -8.60 33.65 -8.85
C LYS B 266 -9.03 33.79 -10.31
N ASN B 267 -8.35 34.67 -11.04
CA ASN B 267 -8.47 34.81 -12.49
C ASN B 267 -7.08 34.97 -13.08
N GLU B 268 -6.97 34.76 -14.38
CA GLU B 268 -5.70 34.95 -15.07
C GLU B 268 -5.94 35.85 -16.28
N TYR B 269 -4.97 36.72 -16.57
CA TYR B 269 -5.12 37.63 -17.70
C TYR B 269 -3.83 37.64 -18.51
N LEU B 270 -3.91 38.23 -19.70
CA LEU B 270 -2.78 38.26 -20.64
C LEU B 270 -2.69 39.64 -21.26
N VAL B 271 -1.51 40.24 -21.23
CA VAL B 271 -1.31 41.57 -21.79
C VAL B 271 -0.03 41.58 -22.60
N PRO B 272 0.01 42.21 -23.77
CA PRO B 272 1.27 42.31 -24.51
C PRO B 272 2.27 43.19 -23.78
N VAL B 273 3.54 42.81 -23.85
CA VAL B 273 4.54 43.44 -23.00
C VAL B 273 4.93 44.82 -23.51
N VAL B 274 4.99 44.99 -24.84
CA VAL B 274 5.34 46.29 -25.39
C VAL B 274 4.37 47.35 -24.91
N MET B 275 3.14 46.96 -24.60
CA MET B 275 2.20 47.88 -24.01
C MET B 275 2.70 48.38 -22.66
N ILE B 276 3.08 47.46 -21.77
CA ILE B 276 3.45 47.85 -20.43
C ILE B 276 4.78 48.60 -20.40
N LEU B 277 5.71 48.25 -21.29
CA LEU B 277 6.99 48.96 -21.32
C LEU B 277 6.78 50.45 -21.55
N LYS B 278 6.02 50.81 -22.59
CA LYS B 278 5.70 52.21 -22.81
C LYS B 278 4.75 52.77 -21.75
N ALA B 279 3.98 51.89 -21.10
CA ALA B 279 3.09 52.38 -20.04
C ALA B 279 3.88 52.89 -18.84
N LEU B 280 4.98 52.23 -18.50
CA LEU B 280 5.73 52.61 -17.30
C LEU B 280 6.28 54.03 -17.40
N CYS B 281 7.13 54.27 -18.40
CA CYS B 281 7.79 55.55 -18.56
C CYS B 281 7.74 55.95 -20.02
N HIS B 282 7.62 57.25 -20.28
CA HIS B 282 7.57 57.72 -21.66
C HIS B 282 8.85 57.31 -22.37
N THR B 283 8.69 56.67 -23.53
CA THR B 283 9.83 56.06 -24.19
C THR B 283 9.53 55.91 -25.67
N SER B 284 10.59 55.69 -26.44
CA SER B 284 10.51 55.42 -27.86
C SER B 284 11.43 54.26 -28.21
N ASP B 285 10.97 53.43 -29.15
CA ASP B 285 11.50 52.09 -29.38
C ASP B 285 13.01 52.04 -29.60
N ARG B 286 13.63 53.10 -30.14
CA ARG B 286 15.07 53.07 -30.27
C ARG B 286 15.76 52.88 -28.94
N GLU B 287 15.15 53.31 -27.84
CA GLU B 287 15.73 53.08 -26.53
C GLU B 287 15.51 51.65 -26.05
N ILE B 288 14.37 51.04 -26.41
CA ILE B 288 14.12 49.64 -26.05
C ILE B 288 15.15 48.76 -26.73
N PHE B 289 15.35 48.95 -28.04
CA PHE B 289 16.38 48.20 -28.73
C PHE B 289 17.76 48.46 -28.14
N ASP B 290 17.99 49.64 -27.58
CA ASP B 290 19.24 49.87 -26.86
C ASP B 290 19.27 49.04 -25.57
N GLY B 291 18.11 48.82 -24.96
CA GLY B 291 18.08 48.16 -23.68
C GLY B 291 18.25 46.66 -23.77
N ILE B 292 17.60 46.04 -24.75
CA ILE B 292 17.66 44.58 -24.85
C ILE B 292 18.96 44.12 -25.49
N ILE B 293 19.21 44.53 -26.73
CA ILE B 293 20.37 44.01 -27.46
C ILE B 293 21.66 44.65 -26.98
N GLY B 294 21.64 45.96 -26.75
CA GLY B 294 22.86 46.63 -26.30
C GLY B 294 23.92 46.65 -27.38
N ASN B 295 25.09 46.11 -27.06
CA ASN B 295 26.24 46.11 -27.94
C ASN B 295 26.31 44.87 -28.83
N ASP B 296 25.29 44.03 -28.80
CA ASP B 296 25.26 42.75 -29.48
C ASP B 296 24.70 42.82 -30.89
N VAL B 297 24.53 44.02 -31.44
CA VAL B 297 23.80 44.21 -32.70
C VAL B 297 24.24 43.26 -33.80
N LYS B 298 25.49 42.78 -33.76
CA LYS B 298 25.98 41.84 -34.76
C LYS B 298 25.10 40.61 -34.91
N ASP B 299 24.68 39.99 -33.81
CA ASP B 299 23.98 38.72 -33.87
C ASP B 299 22.65 38.88 -34.59
N SER B 300 22.38 37.96 -35.52
CA SER B 300 21.16 37.98 -36.31
C SER B 300 19.95 37.41 -35.56
N PHE B 301 20.17 36.51 -34.61
CA PHE B 301 19.05 35.92 -33.87
C PHE B 301 18.29 36.95 -33.06
N LEU B 302 18.83 38.15 -32.90
CA LEU B 302 18.28 39.15 -32.00
C LEU B 302 17.44 40.20 -32.73
N THR B 303 18.06 40.96 -33.63
CA THR B 303 17.36 42.02 -34.34
C THR B 303 16.08 41.50 -34.97
N ASP B 304 16.10 40.26 -35.46
CA ASP B 304 14.91 39.69 -36.09
C ASP B 304 13.78 39.53 -35.09
N ARG B 305 14.02 38.80 -34.01
CA ARG B 305 12.99 38.59 -33.01
C ARG B 305 12.48 39.93 -32.48
N LEU B 306 13.39 40.87 -32.22
CA LEU B 306 12.99 42.15 -31.64
C LEU B 306 12.18 42.99 -32.62
N GLU B 307 12.50 42.93 -33.92
CA GLU B 307 11.71 43.68 -34.88
C GLU B 307 10.32 43.09 -35.02
N LEU B 308 10.22 41.75 -35.10
CA LEU B 308 8.89 41.16 -35.07
C LEU B 308 8.18 41.43 -33.75
N LEU B 309 8.91 41.79 -32.71
CA LEU B 309 8.28 42.17 -31.45
C LEU B 309 7.71 43.59 -31.52
N LEU B 310 8.47 44.53 -32.11
CA LEU B 310 8.01 45.91 -32.17
C LEU B 310 6.88 46.07 -33.17
N ARG B 311 7.08 45.59 -34.40
CA ARG B 311 6.08 45.69 -35.46
C ARG B 311 4.71 45.20 -35.01
N GLY B 312 4.70 44.22 -34.12
CA GLY B 312 3.47 43.64 -33.64
C GLY B 312 2.60 44.58 -32.84
N PHE B 313 3.21 45.54 -32.14
CA PHE B 313 2.42 46.46 -31.34
C PHE B 313 1.79 47.54 -32.20
N LYS B 314 2.56 48.09 -33.14
CA LYS B 314 1.94 48.87 -34.20
C LYS B 314 1.11 47.95 -35.08
N LYS B 315 0.17 48.53 -35.81
CA LYS B 315 -0.73 47.90 -36.79
C LYS B 315 -1.64 46.88 -36.12
N ARG B 316 -1.36 46.50 -34.88
CA ARG B 316 -2.35 45.85 -34.03
C ARG B 316 -3.31 46.84 -33.41
N TYR B 317 -2.80 47.94 -32.88
CA TYR B 317 -3.56 49.02 -32.29
C TYR B 317 -3.10 50.30 -32.98
N PRO B 318 -3.74 50.67 -34.09
CA PRO B 318 -3.16 51.70 -34.98
C PRO B 318 -2.91 53.01 -34.27
N HIS B 319 -3.78 53.39 -33.34
CA HIS B 319 -3.55 54.66 -32.67
C HIS B 319 -3.16 54.45 -31.21
N LEU B 320 -1.86 54.50 -30.93
CA LEU B 320 -1.36 54.96 -29.65
C LEU B 320 -0.11 55.77 -29.91
N GLN B 321 -0.18 57.10 -29.79
CA GLN B 321 1.01 57.92 -29.97
C GLN B 321 1.57 58.47 -28.67
N ASN B 322 0.94 58.20 -27.53
CA ASN B 322 1.40 58.80 -26.28
C ASN B 322 1.13 57.85 -25.13
N ARG B 323 2.00 57.93 -24.13
CA ARG B 323 1.87 57.14 -22.92
C ARG B 323 0.47 57.24 -22.34
N THR B 324 -0.07 58.46 -22.27
CA THR B 324 -1.40 58.65 -21.72
C THR B 324 -2.45 57.89 -22.52
N GLN B 325 -2.41 58.01 -23.85
CA GLN B 325 -3.38 57.31 -24.67
C GLN B 325 -3.31 55.81 -24.44
N VAL B 326 -2.17 55.30 -23.98
CA VAL B 326 -2.08 53.89 -23.60
C VAL B 326 -2.72 53.66 -22.25
N LEU B 327 -2.40 54.52 -21.28
CA LEU B 327 -2.97 54.38 -19.94
C LEU B 327 -4.50 54.32 -20.00
N GLN B 328 -5.12 55.29 -20.67
CA GLN B 328 -6.58 55.28 -20.74
C GLN B 328 -7.11 54.03 -21.40
N TYR B 329 -6.43 53.53 -22.44
CA TYR B 329 -6.87 52.28 -23.04
C TYR B 329 -6.83 51.15 -22.03
N LEU B 330 -5.83 51.13 -21.16
CA LEU B 330 -5.85 50.15 -20.07
C LEU B 330 -7.04 50.38 -19.15
N GLY B 331 -7.30 51.63 -18.80
CA GLY B 331 -8.36 51.92 -17.86
C GLY B 331 -9.74 51.52 -18.36
N ASP B 332 -9.95 51.57 -19.67
CA ASP B 332 -11.25 51.18 -20.20
C ASP B 332 -11.56 49.73 -19.88
N LYS B 333 -10.63 48.82 -20.19
CA LYS B 333 -10.90 47.41 -19.98
C LYS B 333 -10.80 47.03 -18.51
N PHE B 334 -9.86 47.65 -17.78
CA PHE B 334 -9.59 47.26 -16.39
C PHE B 334 -10.35 48.09 -15.37
N ARG B 335 -11.27 48.94 -15.80
CA ARG B 335 -12.08 49.67 -14.84
C ARG B 335 -13.06 48.75 -14.12
N VAL B 336 -13.49 47.68 -14.77
CA VAL B 336 -14.56 46.87 -14.20
C VAL B 336 -14.06 45.96 -13.09
N VAL B 337 -12.93 45.28 -13.31
CA VAL B 337 -12.51 44.22 -12.41
C VAL B 337 -12.15 44.78 -11.03
N PHE B 338 -11.24 45.74 -10.99
CA PHE B 338 -10.74 46.25 -9.72
C PHE B 338 -11.80 46.98 -8.91
N GLN B 339 -12.98 47.22 -9.48
CA GLN B 339 -14.07 47.88 -8.79
C GLN B 339 -13.67 49.29 -8.35
N ALA B 340 -13.11 50.05 -9.28
CA ALA B 340 -12.76 51.43 -9.00
C ALA B 340 -14.01 52.29 -8.94
N SER B 341 -13.89 53.43 -8.26
CA SER B 341 -15.03 54.30 -8.07
C SER B 341 -15.39 55.02 -9.37
N PRO B 342 -16.67 55.28 -9.60
CA PRO B 342 -17.07 55.90 -10.87
C PRO B 342 -16.46 57.27 -11.11
N ASP B 343 -15.88 57.92 -10.10
CA ASP B 343 -15.29 59.23 -10.34
C ASP B 343 -13.90 59.15 -10.98
N GLN B 344 -13.11 58.13 -10.63
CA GLN B 344 -11.75 58.03 -11.15
C GLN B 344 -11.77 57.92 -12.67
N SER B 345 -11.05 58.83 -13.34
CA SER B 345 -10.85 58.70 -14.77
C SER B 345 -9.97 57.49 -15.05
N ASP B 346 -10.25 56.81 -16.16
CA ASP B 346 -9.47 55.63 -16.51
C ASP B 346 -7.97 55.92 -16.54
N LEU B 347 -7.60 57.16 -16.86
CA LEU B 347 -6.21 57.58 -16.75
C LEU B 347 -5.63 57.23 -15.38
N GLU B 348 -6.43 57.39 -14.34
CA GLU B 348 -5.94 57.08 -13.00
C GLU B 348 -5.87 55.58 -12.77
N VAL B 349 -6.92 54.85 -13.14
CA VAL B 349 -7.00 53.42 -12.88
C VAL B 349 -5.86 52.69 -13.59
N GLY B 350 -5.52 53.15 -14.78
CA GLY B 350 -4.36 52.65 -15.47
C GLY B 350 -3.12 52.77 -14.61
N GLN B 351 -3.06 53.81 -13.79
CA GLN B 351 -1.97 53.95 -12.83
C GLN B 351 -2.20 53.13 -11.56
N GLU B 352 -3.44 52.77 -11.24
CA GLU B 352 -3.66 51.80 -10.17
C GLU B 352 -3.05 50.45 -10.53
N VAL B 353 -3.22 50.02 -11.78
CA VAL B 353 -2.68 48.73 -12.19
C VAL B 353 -1.18 48.67 -11.93
N LEU B 354 -0.44 49.63 -12.49
CA LEU B 354 1.01 49.51 -12.49
C LEU B 354 1.59 49.60 -11.09
N ASP B 355 0.84 50.11 -10.12
CA ASP B 355 1.19 49.98 -8.72
C ASP B 355 0.80 48.63 -8.14
N ARG B 356 -0.35 48.09 -8.54
CA ARG B 356 -0.94 46.96 -7.85
C ARG B 356 -0.63 45.62 -8.50
N ILE B 357 0.03 45.59 -9.66
CA ILE B 357 0.30 44.30 -10.29
C ILE B 357 1.74 44.19 -10.75
N VAL B 358 2.13 44.98 -11.75
CA VAL B 358 3.41 44.77 -12.42
C VAL B 358 4.54 45.00 -11.44
N LEU B 359 5.36 43.96 -11.23
CA LEU B 359 6.65 44.07 -10.54
C LEU B 359 6.54 44.90 -9.26
N VAL B 360 5.61 44.49 -8.39
CA VAL B 360 5.20 45.34 -7.29
C VAL B 360 6.30 45.67 -6.30
N HIS B 361 7.38 44.89 -6.27
CA HIS B 361 8.34 45.07 -5.18
C HIS B 361 9.16 46.35 -5.28
N LEU B 362 9.04 47.09 -6.36
CA LEU B 362 9.82 48.31 -6.55
C LEU B 362 9.09 49.57 -6.10
N GLY B 363 7.90 49.43 -5.52
CA GLY B 363 7.19 50.58 -4.98
C GLY B 363 6.40 51.33 -6.03
N LYS B 364 5.72 52.38 -5.56
CA LYS B 364 4.90 53.18 -6.45
C LYS B 364 5.69 54.23 -7.20
N ASP B 365 6.91 54.53 -6.76
CA ASP B 365 7.83 55.38 -7.50
C ASP B 365 8.77 54.58 -8.38
N GLY B 366 8.58 53.27 -8.45
CA GLY B 366 9.51 52.40 -9.12
C GLY B 366 9.34 52.30 -10.63
N SER B 367 8.67 53.27 -11.25
CA SER B 367 8.48 53.23 -12.69
C SER B 367 9.83 53.10 -13.41
N GLN B 368 10.74 54.01 -13.14
CA GLN B 368 12.01 54.05 -13.85
C GLN B 368 12.82 52.78 -13.65
N ASP B 369 12.73 52.12 -12.48
CA ASP B 369 13.46 50.88 -12.26
C ASP B 369 12.73 49.68 -12.87
N LYS B 370 11.40 49.64 -12.74
CA LYS B 370 10.63 48.59 -13.39
C LYS B 370 10.91 48.54 -14.88
N PHE B 371 11.04 49.70 -15.52
CA PHE B 371 11.31 49.71 -16.94
C PHE B 371 12.63 49.04 -17.28
N ARG B 372 13.60 49.06 -16.35
CA ARG B 372 14.83 48.33 -16.59
C ARG B 372 14.68 46.84 -16.29
N MET B 373 14.06 46.51 -15.15
CA MET B 373 13.89 45.12 -14.78
C MET B 373 13.18 44.33 -15.88
N LEU B 374 12.05 44.86 -16.37
CA LEU B 374 11.28 44.10 -17.34
C LEU B 374 12.01 43.93 -18.66
N LEU B 375 12.91 44.86 -19.01
CA LEU B 375 13.76 44.63 -20.17
C LEU B 375 14.75 43.50 -19.89
N PHE B 376 15.48 43.61 -18.78
CA PHE B 376 16.45 42.58 -18.43
C PHE B 376 15.86 41.18 -18.45
N MET B 377 14.62 41.01 -17.96
CA MET B 377 13.95 39.72 -18.12
C MET B 377 13.90 39.31 -19.58
N ILE B 378 13.40 40.18 -20.45
CA ILE B 378 13.24 39.82 -21.86
C ILE B 378 14.57 39.36 -22.46
N ARG B 379 15.63 40.11 -22.20
CA ARG B 379 16.94 39.66 -22.66
C ARG B 379 17.27 38.26 -22.16
N LYS B 380 17.03 38.00 -20.88
CA LYS B 380 17.28 36.68 -20.33
C LYS B 380 16.32 35.62 -20.87
N LEU B 381 15.20 36.02 -21.46
CA LEU B 381 14.29 35.07 -22.10
C LEU B 381 14.77 34.67 -23.48
N TYR B 382 15.16 35.64 -24.31
CA TYR B 382 15.76 35.26 -25.59
C TYR B 382 17.03 34.45 -25.38
N SER B 383 17.82 34.81 -24.37
CA SER B 383 19.00 33.99 -24.08
C SER B 383 18.60 32.59 -23.66
N LEU B 384 17.38 32.40 -23.18
CA LEU B 384 16.91 31.05 -22.87
C LEU B 384 16.42 30.33 -24.13
N VAL B 385 15.83 31.06 -25.07
CA VAL B 385 15.41 30.44 -26.32
C VAL B 385 16.62 29.96 -27.11
N ALA B 386 17.62 30.82 -27.28
CA ALA B 386 18.80 30.49 -28.08
C ALA B 386 19.63 29.38 -27.47
N GLY B 387 19.32 28.93 -26.26
CA GLY B 387 20.10 27.88 -25.66
C GLY B 387 21.39 28.32 -25.01
N GLU B 388 21.66 29.62 -24.99
CA GLU B 388 22.89 30.11 -24.38
C GLU B 388 22.89 29.92 -22.87
N CYS B 389 21.71 29.93 -22.24
CA CYS B 389 21.62 29.69 -20.81
C CYS B 389 20.66 28.54 -20.56
N SER B 390 20.98 27.78 -19.53
CA SER B 390 20.20 26.61 -19.15
C SER B 390 19.04 27.02 -18.26
N PRO B 391 17.93 26.28 -18.32
CA PRO B 391 16.80 26.60 -17.46
C PRO B 391 17.10 26.26 -16.01
N ASP B 392 16.62 27.13 -15.12
CA ASP B 392 16.78 26.96 -13.69
C ASP B 392 16.03 25.71 -13.25
N ASN B 393 16.59 24.99 -12.31
CA ASN B 393 15.95 23.76 -11.85
C ASN B 393 14.97 24.07 -10.73
N PRO B 394 13.66 24.00 -10.97
CA PRO B 394 12.71 24.41 -9.94
C PRO B 394 12.62 23.45 -8.77
N ASP B 395 13.11 22.23 -8.89
CA ASP B 395 12.99 21.25 -7.82
C ASP B 395 14.04 21.48 -6.73
N ALA B 396 15.15 22.12 -7.10
CA ALA B 396 16.31 22.19 -6.21
C ALA B 396 16.08 23.17 -5.08
N THR B 397 16.88 23.04 -4.02
CA THR B 397 16.85 23.97 -2.90
C THR B 397 17.53 25.29 -3.21
N GLN B 398 18.35 25.32 -4.26
CA GLN B 398 19.02 26.56 -4.66
C GLN B 398 18.04 27.71 -4.83
N HIS B 399 16.89 27.44 -5.44
CA HIS B 399 15.91 28.45 -5.80
C HIS B 399 14.82 28.62 -4.76
N GLN B 400 14.94 28.00 -3.59
CA GLN B 400 13.79 27.94 -2.69
C GLN B 400 14.08 28.71 -1.41
N GLU B 401 13.01 29.19 -0.78
CA GLU B 401 13.09 29.74 0.56
C GLU B 401 12.02 29.12 1.43
N VAL B 402 11.94 29.53 2.69
CA VAL B 402 10.96 29.00 3.63
C VAL B 402 9.99 30.12 3.97
N LEU B 403 8.72 29.79 4.08
CA LEU B 403 7.69 30.76 4.41
C LEU B 403 7.26 30.52 5.86
N LEU B 404 7.66 31.42 6.74
CA LEU B 404 7.53 31.26 8.17
C LEU B 404 6.06 31.28 8.59
N GLY B 405 5.81 30.83 9.81
CA GLY B 405 4.45 30.84 10.33
C GLY B 405 3.87 32.23 10.45
N GLY B 406 4.57 33.11 11.18
CA GLY B 406 4.02 34.43 11.45
C GLY B 406 3.79 35.24 10.19
N PHE B 407 4.67 35.09 9.20
CA PHE B 407 4.50 35.80 7.94
C PHE B 407 3.34 35.26 7.12
N LEU B 408 2.85 34.06 7.42
CA LEU B 408 1.54 33.66 6.92
C LEU B 408 0.43 34.26 7.75
N TYR B 409 0.59 34.28 9.07
CA TYR B 409 -0.42 34.79 9.97
C TYR B 409 -0.66 36.29 9.81
N GLY B 410 0.27 37.01 9.18
CA GLY B 410 0.12 38.43 8.97
C GLY B 410 -0.47 38.82 7.62
N MET B 411 -0.34 37.94 6.63
CA MET B 411 -1.00 38.20 5.35
C MET B 411 -2.51 38.12 5.50
N ILE B 412 -2.99 37.08 6.18
CA ILE B 412 -4.42 36.80 6.27
C ILE B 412 -5.16 37.93 6.96
N LEU B 413 -4.61 38.44 8.06
CA LEU B 413 -5.26 39.56 8.72
C LEU B 413 -5.40 40.75 7.79
N LYS B 414 -4.34 41.06 7.05
CA LYS B 414 -4.41 42.10 6.03
C LYS B 414 -5.48 41.83 4.98
N GLU B 415 -5.73 40.57 4.63
CA GLU B 415 -6.83 40.31 3.70
C GLU B 415 -8.20 40.47 4.36
N LYS B 416 -8.31 40.14 5.64
CA LYS B 416 -9.60 40.18 6.32
C LYS B 416 -10.02 41.61 6.64
N ILE B 417 -9.04 42.48 6.90
CA ILE B 417 -9.38 43.90 7.04
C ILE B 417 -9.91 44.45 5.73
N ASP B 418 -9.33 44.00 4.61
CA ASP B 418 -9.85 44.36 3.31
C ASP B 418 -11.30 43.91 3.15
N GLU B 419 -11.57 42.63 3.37
CA GLU B 419 -12.95 42.16 3.27
C GLU B 419 -13.87 42.87 4.25
N TYR B 420 -13.31 43.43 5.32
CA TYR B 420 -14.10 44.18 6.30
C TYR B 420 -14.54 45.50 5.71
N LEU B 421 -13.57 46.36 5.35
CA LEU B 421 -13.90 47.62 4.67
C LEU B 421 -14.87 47.39 3.52
N GLN B 422 -14.56 46.41 2.66
CA GLN B 422 -15.49 46.05 1.59
C GLN B 422 -16.89 45.81 2.13
N ASN B 423 -16.99 45.12 3.27
CA ASN B 423 -18.31 44.81 3.80
C ASN B 423 -19.05 46.06 4.27
N ILE B 424 -18.34 47.00 4.90
CA ILE B 424 -18.97 48.26 5.28
C ILE B 424 -19.50 48.98 4.04
N ILE B 425 -18.62 49.15 3.05
CA ILE B 425 -19.00 49.83 1.81
C ILE B 425 -20.25 49.18 1.24
N ALA B 426 -20.32 47.86 1.28
CA ALA B 426 -21.52 47.18 0.85
C ALA B 426 -22.74 47.56 1.69
N GLN B 427 -22.57 47.65 3.01
CA GLN B 427 -23.71 48.00 3.85
C GLN B 427 -24.26 49.38 3.53
N VAL B 428 -23.38 50.36 3.31
CA VAL B 428 -23.88 51.69 2.95
C VAL B 428 -24.60 51.66 1.61
N ARG B 429 -24.04 50.95 0.62
CA ARG B 429 -24.70 50.88 -0.67
C ARG B 429 -26.09 50.28 -0.56
N MET B 430 -26.25 49.22 0.25
CA MET B 430 -27.61 48.72 0.45
C MET B 430 -28.48 49.72 1.18
N ASP B 431 -27.89 50.51 2.08
CA ASP B 431 -28.65 51.57 2.74
C ASP B 431 -29.13 52.62 1.75
N ILE B 432 -28.43 52.80 0.62
CA ILE B 432 -28.88 53.76 -0.37
C ILE B 432 -30.10 53.26 -1.09
N ASN B 433 -29.96 52.16 -1.82
CA ASN B 433 -30.99 51.71 -2.76
C ASN B 433 -32.30 51.36 -2.08
N ARG B 434 -32.33 51.31 -0.75
CA ARG B 434 -33.61 51.25 -0.06
C ARG B 434 -34.29 52.61 0.01
N GLY B 435 -33.53 53.70 -0.06
CA GLY B 435 -34.12 55.02 -0.16
C GLY B 435 -34.23 55.78 1.14
N MET B 436 -33.69 55.25 2.24
CA MET B 436 -33.74 55.95 3.50
C MET B 436 -32.95 57.25 3.42
N ALA B 437 -33.32 58.22 4.27
CA ALA B 437 -32.58 59.46 4.35
C ALA B 437 -31.12 59.19 4.70
N ILE B 438 -30.21 59.89 4.03
CA ILE B 438 -28.78 59.64 4.14
C ILE B 438 -28.08 60.95 4.42
N ASN B 439 -27.32 61.02 5.51
CA ASN B 439 -26.58 62.22 5.88
C ASN B 439 -25.20 61.80 6.33
N PHE B 440 -24.17 62.27 5.61
CA PHE B 440 -22.80 61.83 5.88
C PHE B 440 -22.02 62.75 6.82
N LYS B 441 -22.62 63.84 7.29
CA LYS B 441 -21.94 64.66 8.28
C LYS B 441 -22.34 64.29 9.70
N ASP B 442 -23.19 63.27 9.86
CA ASP B 442 -23.69 62.85 11.16
C ASP B 442 -22.81 61.72 11.67
N LYS B 443 -22.03 61.99 12.72
CA LYS B 443 -21.27 60.93 13.36
C LYS B 443 -22.20 59.87 13.94
N ARG B 444 -23.31 60.31 14.54
CA ARG B 444 -24.29 59.36 15.06
C ARG B 444 -24.82 58.47 13.95
N TYR B 445 -24.83 58.95 12.71
CA TYR B 445 -25.16 58.07 11.60
C TYR B 445 -24.15 56.96 11.48
N MET B 446 -22.86 57.29 11.61
CA MET B 446 -21.81 56.26 11.56
C MET B 446 -22.01 55.24 12.67
N SER B 447 -22.08 55.70 13.92
CA SER B 447 -22.29 54.79 15.03
C SER B 447 -23.57 53.97 14.86
N ARG B 448 -24.51 54.47 14.07
CA ARG B 448 -25.63 53.62 13.68
C ARG B 448 -25.21 52.59 12.65
N VAL B 449 -24.27 52.95 11.77
CA VAL B 449 -23.95 52.09 10.63
C VAL B 449 -23.14 50.89 11.06
N LEU B 450 -22.06 51.12 11.81
CA LEU B 450 -21.09 50.04 12.05
C LEU B 450 -21.72 48.86 12.78
N MET B 451 -22.66 49.13 13.69
CA MET B 451 -23.29 48.04 14.43
C MET B 451 -24.00 47.05 13.53
N ARG B 452 -24.69 47.54 12.49
CA ARG B 452 -25.41 46.64 11.60
C ARG B 452 -24.46 45.72 10.84
N VAL B 453 -23.27 46.21 10.50
CA VAL B 453 -22.27 45.36 9.87
C VAL B 453 -21.79 44.32 10.87
N ASN B 454 -21.33 43.18 10.36
CA ASN B 454 -20.79 42.13 11.21
C ASN B 454 -19.30 42.38 11.38
N GLU B 455 -18.93 42.79 12.59
CA GLU B 455 -17.51 42.98 12.91
C GLU B 455 -17.09 41.99 13.99
N ASN B 456 -16.48 40.91 13.53
CA ASN B 456 -15.55 40.14 14.35
C ASN B 456 -14.48 39.66 13.38
N ILE B 457 -13.26 40.17 13.51
CA ILE B 457 -12.13 39.61 12.78
C ILE B 457 -11.51 38.45 13.53
N GLY B 458 -11.44 38.54 14.85
CA GLY B 458 -10.74 37.53 15.62
C GLY B 458 -11.26 36.13 15.37
N SER B 459 -12.57 35.92 15.57
CA SER B 459 -13.15 34.59 15.40
C SER B 459 -12.88 34.00 14.03
N LYS B 460 -12.63 34.84 13.02
CA LYS B 460 -12.23 34.32 11.72
C LYS B 460 -10.81 33.77 11.76
N MET B 461 -9.92 34.44 12.48
CA MET B 461 -8.56 33.93 12.63
C MET B 461 -8.51 32.68 13.50
N GLN B 462 -9.26 32.68 14.61
CA GLN B 462 -9.48 31.46 15.38
C GLN B 462 -10.02 30.34 14.52
N TYR B 463 -10.87 30.65 13.53
CA TYR B 463 -11.27 29.65 12.56
C TYR B 463 -10.11 29.13 11.72
N PHE B 464 -9.34 30.04 11.11
CA PHE B 464 -8.20 29.63 10.29
C PHE B 464 -7.22 28.76 11.05
N LEU B 465 -6.98 29.03 12.33
CA LEU B 465 -6.09 28.16 13.08
C LEU B 465 -6.77 26.85 13.45
N SER B 466 -8.02 26.92 13.85
CA SER B 466 -8.70 25.71 14.31
C SER B 466 -8.83 24.68 13.20
N THR B 467 -9.51 25.03 12.11
CA THR B 467 -9.71 24.06 11.04
C THR B 467 -8.60 24.02 10.01
N GLY B 468 -7.76 25.05 9.92
CA GLY B 468 -6.72 25.08 8.93
C GLY B 468 -7.14 25.55 7.55
N ASN B 469 -8.42 25.66 7.27
CA ASN B 469 -8.87 26.07 5.95
C ASN B 469 -8.55 27.54 5.70
N LEU B 470 -7.92 27.83 4.58
CA LEU B 470 -7.66 29.21 4.19
C LEU B 470 -8.79 29.67 3.28
N VAL B 471 -9.62 30.59 3.78
CA VAL B 471 -10.73 31.14 3.03
C VAL B 471 -10.52 32.64 2.96
N SER B 472 -10.27 33.15 1.76
CA SER B 472 -10.01 34.56 1.54
C SER B 472 -10.30 34.88 0.08
N GLN B 473 -10.06 36.12 -0.32
CA GLN B 473 -10.37 36.58 -1.67
C GLN B 473 -9.29 36.26 -2.69
N SER B 474 -8.09 35.90 -2.25
CA SER B 474 -7.05 35.47 -3.19
C SER B 474 -6.13 34.50 -2.48
N GLY B 475 -5.55 33.60 -3.24
CA GLY B 475 -4.70 32.57 -2.70
C GLY B 475 -3.35 33.02 -2.21
N LEU B 476 -3.05 34.32 -2.28
CA LEU B 476 -1.75 34.86 -1.88
C LEU B 476 -0.63 34.20 -2.65
N ASP B 477 -0.94 33.67 -3.83
CA ASP B 477 -0.07 32.77 -4.57
C ASP B 477 0.41 31.63 -3.68
N LEU B 478 -0.54 30.92 -3.09
CA LEU B 478 -0.28 29.68 -2.39
C LEU B 478 -1.17 28.60 -2.99
N GLN B 479 -0.55 27.53 -3.50
CA GLN B 479 -1.31 26.57 -4.29
C GLN B 479 -2.34 25.83 -3.43
N GLN B 480 -1.90 25.17 -2.37
CA GLN B 480 -2.78 24.32 -1.57
C GLN B 480 -3.63 25.18 -0.65
N VAL B 481 -4.92 24.82 -0.56
CA VAL B 481 -5.88 25.56 0.27
C VAL B 481 -6.03 25.00 1.67
N SER B 482 -5.49 23.81 1.93
CA SER B 482 -5.76 23.12 3.18
C SER B 482 -4.46 22.83 3.92
N GLY B 483 -4.59 22.22 5.09
CA GLY B 483 -3.45 21.72 5.84
C GLY B 483 -2.38 22.74 6.16
N TYR B 484 -2.74 23.86 6.77
CA TYR B 484 -1.76 24.82 7.24
C TYR B 484 -1.43 24.72 8.72
N THR B 485 -2.10 23.85 9.48
CA THR B 485 -1.88 23.79 10.91
C THR B 485 -1.69 22.35 11.37
N VAL B 486 -0.65 22.14 12.18
CA VAL B 486 -0.33 20.82 12.70
C VAL B 486 -0.49 20.83 14.21
N VAL B 487 -1.28 19.90 14.74
CA VAL B 487 -1.43 19.77 16.18
C VAL B 487 -0.07 19.46 16.79
N ALA B 488 0.31 20.22 17.81
CA ALA B 488 1.62 19.99 18.41
C ALA B 488 1.55 18.75 19.28
N GLU B 489 2.32 17.72 18.92
CA GLU B 489 2.26 16.45 19.62
C GLU B 489 3.28 16.44 20.75
N LYS B 490 2.82 16.28 21.99
CA LYS B 490 3.68 16.24 23.15
C LYS B 490 4.09 14.84 23.58
N ILE B 491 3.79 13.81 22.77
CA ILE B 491 3.93 12.40 23.15
C ILE B 491 5.21 12.18 23.95
N ASN B 492 6.36 12.43 23.32
CA ASN B 492 7.61 12.52 24.06
C ASN B 492 8.24 13.86 23.73
N PHE B 493 9.48 14.10 24.15
CA PHE B 493 10.02 15.42 23.89
C PHE B 493 10.53 15.58 22.46
N TYR B 494 11.13 14.53 21.88
CA TYR B 494 11.66 14.67 20.53
C TYR B 494 10.60 15.09 19.54
N ARG B 495 9.36 14.67 19.74
CA ARG B 495 8.29 15.03 18.83
C ARG B 495 7.68 16.38 19.16
N PHE B 496 7.94 16.92 20.35
CA PHE B 496 7.59 18.31 20.59
C PHE B 496 8.65 19.26 20.09
N ILE B 497 9.88 18.80 19.92
CA ILE B 497 10.92 19.63 19.30
C ILE B 497 11.03 19.38 17.81
N SER B 498 10.35 18.35 17.30
CA SER B 498 10.42 18.06 15.87
C SER B 498 9.55 19.01 15.08
N HIS B 499 8.36 19.33 15.60
CA HIS B 499 7.41 20.13 14.84
C HIS B 499 8.00 21.49 14.45
N PHE B 500 8.90 22.03 15.25
CA PHE B 500 9.41 23.35 14.95
C PHE B 500 10.47 23.35 13.85
N ARG B 501 11.11 22.21 13.58
CA ARG B 501 12.10 22.09 12.54
C ARG B 501 11.54 21.53 11.25
N MET B 502 10.23 21.31 11.20
CA MET B 502 9.57 20.65 10.08
C MET B 502 9.34 21.62 8.92
N VAL B 503 9.40 21.09 7.70
CA VAL B 503 9.09 21.87 6.50
C VAL B 503 8.74 20.88 5.40
N HIS B 504 8.00 21.34 4.39
CA HIS B 504 7.75 20.49 3.23
C HIS B 504 7.21 21.31 2.06
N ARG B 505 7.03 20.61 0.94
CA ARG B 505 6.65 21.27 -0.32
C ARG B 505 5.17 21.60 -0.37
N GLY B 506 4.34 20.87 0.34
CA GLY B 506 2.91 21.08 0.30
C GLY B 506 2.19 19.93 -0.41
N SER B 507 0.92 19.76 -0.05
CA SER B 507 0.16 18.59 -0.47
C SER B 507 -0.19 18.59 -1.94
N PHE B 508 0.04 19.70 -2.66
CA PHE B 508 -0.18 19.68 -4.09
C PHE B 508 0.82 18.78 -4.79
N PHE B 509 2.04 18.68 -4.26
CA PHE B 509 3.06 17.79 -4.78
C PHE B 509 2.98 16.40 -4.18
N ALA B 510 2.12 16.19 -3.19
CA ALA B 510 2.07 14.93 -2.48
C ALA B 510 1.36 13.82 -3.24
N GLN B 511 0.46 14.17 -4.15
CA GLN B 511 -0.30 13.17 -4.90
C GLN B 511 0.29 12.87 -6.27
N LEU B 512 1.37 13.54 -6.66
CA LEU B 512 1.91 13.34 -8.00
C LEU B 512 2.64 12.00 -8.08
N LYS B 513 2.72 11.50 -9.32
CA LYS B 513 3.44 10.28 -9.63
C LYS B 513 4.94 10.51 -9.79
N THR B 514 5.35 11.69 -10.23
CA THR B 514 6.75 12.01 -10.47
C THR B 514 7.55 11.94 -9.19
N THR B 515 8.65 11.19 -9.23
CA THR B 515 9.50 11.07 -8.06
C THR B 515 10.65 12.06 -8.09
N THR B 516 10.70 12.92 -9.12
CA THR B 516 11.81 13.85 -9.24
C THR B 516 11.89 14.83 -8.07
N VAL B 517 10.80 15.01 -7.33
CA VAL B 517 10.86 15.91 -6.19
C VAL B 517 11.17 15.16 -4.90
N ARG B 518 11.17 13.83 -4.93
CA ARG B 518 11.50 13.05 -3.74
C ARG B 518 12.95 12.59 -3.70
N LYS B 519 13.73 12.85 -4.73
CA LYS B 519 15.14 12.52 -4.65
C LYS B 519 15.82 13.40 -3.61
N LEU B 520 16.99 12.94 -3.17
CA LEU B 520 17.84 13.71 -2.27
C LEU B 520 18.85 14.44 -3.14
N LEU B 521 18.73 15.75 -3.20
CA LEU B 521 19.61 16.52 -4.06
C LEU B 521 20.86 16.95 -3.29
N PRO B 522 22.03 16.92 -3.91
CA PRO B 522 23.26 17.40 -3.23
C PRO B 522 23.31 18.90 -3.00
N GLU B 523 22.44 19.69 -3.63
CA GLU B 523 22.46 21.13 -3.42
C GLU B 523 21.98 21.53 -2.03
N SER B 524 21.42 20.58 -1.28
CA SER B 524 20.87 20.81 0.05
C SER B 524 21.84 20.46 1.17
N TRP B 525 23.09 20.16 0.85
CA TRP B 525 24.10 19.87 1.88
C TRP B 525 24.09 20.96 2.93
N GLY B 526 23.97 20.57 4.18
CA GLY B 526 24.10 21.50 5.29
C GLY B 526 22.84 22.24 5.69
N PHE B 527 21.79 22.23 4.87
CA PHE B 527 20.54 22.87 5.27
C PHE B 527 19.51 21.81 5.63
N LEU B 528 19.05 21.05 4.65
CA LEU B 528 18.11 19.98 4.94
C LEU B 528 18.86 18.71 5.33
N CYS B 529 18.43 18.12 6.45
CA CYS B 529 19.03 16.87 6.93
C CYS B 529 18.83 15.76 5.90
N PRO B 530 19.90 15.07 5.51
CA PRO B 530 19.72 13.95 4.57
C PRO B 530 18.99 12.79 5.18
N VAL B 531 19.31 12.48 6.44
CA VAL B 531 18.86 11.23 7.03
C VAL B 531 17.39 11.30 7.44
N HIS B 532 17.00 12.38 8.11
CA HIS B 532 15.77 12.35 8.90
C HIS B 532 14.61 12.83 8.05
N THR B 533 13.75 11.90 7.65
CA THR B 533 12.42 12.12 7.14
C THR B 533 11.58 10.91 7.50
N PRO B 534 10.30 11.07 7.79
CA PRO B 534 9.43 9.90 7.97
C PRO B 534 9.11 9.28 6.62
N ASP B 535 9.13 7.95 6.59
CA ASP B 535 8.85 7.23 5.35
C ASP B 535 7.36 6.88 5.28
N GLY B 536 7.00 6.03 4.32
CA GLY B 536 5.61 5.86 3.98
C GLY B 536 5.25 6.78 2.83
N SER B 537 3.99 7.16 2.73
CA SER B 537 3.60 8.14 1.72
C SER B 537 4.29 9.50 1.87
N PRO B 538 4.54 10.04 3.06
CA PRO B 538 5.22 11.35 3.14
C PRO B 538 6.67 11.32 2.70
N CYS B 539 7.28 10.15 2.52
CA CYS B 539 8.73 10.04 2.39
C CYS B 539 9.27 11.00 1.33
N GLY B 540 10.28 11.77 1.73
CA GLY B 540 10.91 12.72 0.85
C GLY B 540 10.28 14.11 0.86
N LEU B 541 9.01 14.22 1.22
CA LEU B 541 8.38 15.53 1.24
C LEU B 541 8.75 16.33 2.49
N LEU B 542 8.64 15.71 3.66
CA LEU B 542 8.95 16.40 4.90
C LEU B 542 10.47 16.42 5.08
N ASN B 543 10.99 17.52 5.61
CA ASN B 543 12.42 17.64 5.86
C ASN B 543 12.64 18.41 7.14
N HIS B 544 13.86 18.37 7.65
CA HIS B 544 14.20 19.04 8.89
C HIS B 544 15.52 19.77 8.71
N PHE B 545 15.59 21.00 9.20
CA PHE B 545 16.80 21.78 9.00
C PHE B 545 17.94 21.25 9.84
N ALA B 546 19.15 21.33 9.29
CA ALA B 546 20.34 21.02 10.06
C ALA B 546 20.39 21.92 11.28
N HIS B 547 20.79 21.35 12.42
CA HIS B 547 20.47 22.03 13.67
C HIS B 547 21.18 23.38 13.80
N LYS B 548 22.12 23.71 12.93
CA LYS B 548 22.73 25.03 12.91
C LYS B 548 22.12 25.97 11.87
N CYS B 549 21.17 25.48 11.07
CA CYS B 549 20.60 26.31 10.02
C CYS B 549 19.64 27.33 10.60
N ARG B 550 19.89 28.61 10.35
CA ARG B 550 19.07 29.70 10.87
C ARG B 550 18.30 30.35 9.74
N ILE B 551 17.15 30.94 10.09
CA ILE B 551 16.29 31.62 9.14
C ILE B 551 16.09 33.06 9.59
N SER B 552 16.42 34.00 8.69
CA SER B 552 16.52 35.41 9.05
C SER B 552 15.16 36.08 8.90
N THR B 553 14.66 36.66 9.99
CA THR B 553 13.37 37.32 10.02
C THR B 553 13.42 38.84 9.92
N GLN B 554 14.60 39.43 9.76
CA GLN B 554 14.72 40.88 9.75
C GLN B 554 15.11 41.38 8.36
N GLN B 555 14.71 42.61 8.06
CA GLN B 555 15.11 43.28 6.82
C GLN B 555 16.37 44.08 7.09
N SER B 556 17.48 43.63 6.51
CA SER B 556 18.77 44.25 6.72
C SER B 556 18.85 45.60 6.00
N ASP B 557 19.81 46.41 6.42
CA ASP B 557 19.99 47.73 5.83
C ASP B 557 20.72 47.60 4.49
N VAL B 558 20.03 47.99 3.41
CA VAL B 558 20.63 48.04 2.09
C VAL B 558 21.04 49.44 1.68
N SER B 559 20.89 50.43 2.56
CA SER B 559 21.06 51.82 2.16
C SER B 559 22.43 52.09 1.54
N ARG B 560 23.50 51.73 2.25
CA ARG B 560 24.84 52.11 1.82
C ARG B 560 25.50 51.10 0.89
N ILE B 561 24.77 50.08 0.44
CA ILE B 561 25.34 49.16 -0.55
C ILE B 561 25.66 49.86 -1.86
N PRO B 562 24.77 50.69 -2.44
CA PRO B 562 25.08 51.27 -3.76
C PRO B 562 26.34 52.12 -3.79
N SER B 563 26.58 52.96 -2.78
CA SER B 563 27.77 53.80 -2.80
C SER B 563 29.04 52.96 -2.81
N ILE B 564 29.11 51.94 -1.95
CA ILE B 564 30.27 51.06 -1.93
C ILE B 564 30.43 50.38 -3.28
N LEU B 565 29.32 49.88 -3.84
CA LEU B 565 29.40 49.29 -5.17
C LEU B 565 29.95 50.27 -6.19
N TYR B 566 29.64 51.56 -6.03
CA TYR B 566 30.18 52.54 -6.97
C TYR B 566 31.66 52.76 -6.75
N SER B 567 32.12 52.73 -5.50
CA SER B 567 33.54 52.92 -5.23
C SER B 567 34.34 51.66 -5.46
N LEU B 568 33.67 50.56 -5.82
CA LEU B 568 34.37 49.39 -6.33
C LEU B 568 34.44 49.37 -7.85
N GLY B 569 33.88 50.37 -8.51
CA GLY B 569 33.98 50.47 -9.96
C GLY B 569 32.75 50.08 -10.75
N VAL B 570 31.60 49.95 -10.10
CA VAL B 570 30.36 49.64 -10.81
C VAL B 570 29.85 50.88 -11.52
N ALA B 571 29.64 50.78 -12.83
CA ALA B 571 29.11 51.90 -13.59
C ALA B 571 27.65 52.11 -13.25
N PRO B 572 27.15 53.35 -13.27
CA PRO B 572 25.74 53.59 -12.91
C PRO B 572 24.79 52.94 -13.90
N ALA B 573 23.71 52.37 -13.38
CA ALA B 573 22.71 51.72 -14.22
C ALA B 573 21.75 52.70 -14.88
N SER B 574 21.54 53.89 -14.28
CA SER B 574 20.57 54.82 -14.83
C SER B 574 20.97 55.30 -16.22
N HIS B 575 22.26 55.21 -16.54
CA HIS B 575 22.76 55.59 -17.86
C HIS B 575 23.79 54.58 -18.33
N THR B 576 24.51 54.89 -19.41
CA THR B 576 25.50 53.99 -19.99
C THR B 576 24.81 52.70 -20.41
N PHE B 577 24.05 52.78 -21.50
CA PHE B 577 23.33 51.62 -22.02
C PHE B 577 24.27 50.45 -22.26
N ALA B 578 23.78 49.25 -21.94
CA ALA B 578 24.52 48.01 -22.12
C ALA B 578 23.64 46.84 -21.70
N ALA B 579 23.99 45.64 -22.14
CA ALA B 579 23.19 44.45 -21.88
C ALA B 579 23.89 43.24 -22.45
N GLY B 580 23.31 42.07 -22.20
CA GLY B 580 23.80 40.83 -22.72
C GLY B 580 24.55 40.01 -21.69
N PRO B 581 24.44 38.68 -21.80
CA PRO B 581 25.19 37.81 -20.89
C PRO B 581 26.69 37.92 -21.05
N SER B 582 27.16 38.50 -22.16
CA SER B 582 28.59 38.65 -22.37
C SER B 582 29.28 39.41 -21.25
N LEU B 583 28.56 40.27 -20.53
CA LEU B 583 29.15 41.01 -19.43
C LEU B 583 28.35 40.79 -18.16
N CYS B 584 28.98 41.06 -17.03
CA CYS B 584 28.45 40.76 -15.72
C CYS B 584 27.21 41.59 -15.40
N CYS B 585 26.44 41.12 -14.44
CA CYS B 585 25.31 41.86 -13.89
C CYS B 585 25.42 41.88 -12.38
N VAL B 586 25.23 43.06 -11.79
CA VAL B 586 25.23 43.21 -10.35
C VAL B 586 23.87 43.74 -9.93
N GLN B 587 23.23 43.07 -8.97
CA GLN B 587 21.89 43.40 -8.56
C GLN B 587 21.76 43.44 -7.05
N ILE B 588 20.67 44.06 -6.59
CA ILE B 588 20.28 44.03 -5.19
C ILE B 588 18.78 43.81 -5.13
N ASP B 589 18.36 42.68 -4.55
CA ASP B 589 16.98 42.50 -4.09
C ASP B 589 15.94 42.87 -5.15
N GLY B 590 16.29 42.73 -6.42
CA GLY B 590 15.35 43.08 -7.46
C GLY B 590 15.46 44.50 -7.98
N LYS B 591 16.60 45.14 -7.80
CA LYS B 591 16.90 46.39 -8.49
C LYS B 591 18.26 46.23 -9.15
N ILE B 592 18.40 46.74 -10.36
CA ILE B 592 19.64 46.57 -11.10
C ILE B 592 20.52 47.77 -10.80
N ILE B 593 21.59 47.54 -10.04
CA ILE B 593 22.46 48.63 -9.62
C ILE B 593 23.47 48.97 -10.71
N GLY B 594 24.05 47.95 -11.35
CA GLY B 594 25.05 48.27 -12.34
C GLY B 594 25.59 47.06 -13.07
N TRP B 595 26.33 47.38 -14.14
CA TRP B 595 26.93 46.41 -15.04
C TRP B 595 28.45 46.55 -14.96
N VAL B 596 29.15 45.42 -14.81
CA VAL B 596 30.60 45.37 -14.84
C VAL B 596 31.03 44.04 -15.43
N SER B 597 32.27 43.98 -15.90
CA SER B 597 32.79 42.79 -16.56
C SER B 597 32.94 41.65 -15.55
N HIS B 598 33.06 40.43 -16.09
CA HIS B 598 33.04 39.23 -15.27
C HIS B 598 34.19 39.20 -14.29
N GLU B 599 35.42 39.28 -14.80
CA GLU B 599 36.59 39.30 -13.94
C GLU B 599 36.68 40.56 -13.08
N GLN B 600 35.91 41.60 -13.42
CA GLN B 600 35.68 42.66 -12.45
C GLN B 600 34.77 42.19 -11.33
N GLY B 601 33.63 41.59 -11.67
CA GLY B 601 32.71 41.05 -10.70
C GLY B 601 33.28 40.00 -9.79
N LYS B 602 34.37 39.35 -10.19
CA LYS B 602 35.04 38.41 -9.30
C LYS B 602 35.89 39.15 -8.27
N ILE B 603 36.60 40.19 -8.71
CA ILE B 603 37.34 41.04 -7.78
C ILE B 603 36.39 41.67 -6.77
N ILE B 604 35.19 42.03 -7.23
CA ILE B 604 34.20 42.64 -6.36
C ILE B 604 33.68 41.58 -5.39
N ALA B 605 33.03 40.53 -5.92
CA ALA B 605 32.46 39.51 -5.08
C ALA B 605 33.47 38.89 -4.12
N ASP B 606 34.76 38.98 -4.43
CA ASP B 606 35.76 38.59 -3.44
C ASP B 606 36.02 39.67 -2.41
N THR B 607 36.21 40.91 -2.84
CA THR B 607 36.51 42.00 -1.91
C THR B 607 35.37 42.24 -0.93
N LEU B 608 34.18 42.49 -1.47
CA LEU B 608 33.00 42.79 -0.67
C LEU B 608 32.75 41.69 0.35
N ARG B 609 32.98 40.45 -0.02
CA ARG B 609 33.02 39.33 0.91
C ARG B 609 33.93 39.60 2.11
N TYR B 610 35.16 40.02 1.87
CA TYR B 610 36.12 40.23 2.95
C TYR B 610 35.75 41.41 3.83
N TRP B 611 35.39 42.55 3.24
CA TRP B 611 34.92 43.67 4.05
C TRP B 611 33.69 43.33 4.86
N LYS B 612 32.87 42.39 4.38
CA LYS B 612 31.78 41.91 5.23
C LYS B 612 32.30 41.22 6.47
N VAL B 613 33.34 40.39 6.33
CA VAL B 613 33.78 39.55 7.43
C VAL B 613 34.55 40.36 8.47
N GLU B 614 35.54 41.15 8.03
CA GLU B 614 36.40 41.80 9.01
C GLU B 614 35.63 42.80 9.87
N GLY B 615 34.64 43.46 9.29
CA GLY B 615 33.74 44.30 10.06
C GLY B 615 34.14 45.76 10.20
N LYS B 616 35.07 46.24 9.39
CA LYS B 616 35.48 47.63 9.46
C LYS B 616 34.73 48.53 8.51
N THR B 617 33.76 48.01 7.76
CA THR B 617 32.98 48.83 6.84
C THR B 617 31.54 48.90 7.32
N PRO B 618 31.02 50.09 7.62
CA PRO B 618 29.68 50.19 8.21
C PRO B 618 28.58 50.00 7.19
N GLY B 619 27.41 49.62 7.70
CA GLY B 619 26.25 49.40 6.86
C GLY B 619 26.33 48.19 5.96
N LEU B 620 27.10 47.18 6.35
CA LEU B 620 27.29 45.99 5.54
C LEU B 620 27.34 44.79 6.48
N PRO B 621 26.18 44.34 6.94
CA PRO B 621 26.15 43.27 7.95
C PRO B 621 26.56 41.93 7.36
N ILE B 622 26.90 41.00 8.26
CA ILE B 622 27.41 39.68 7.86
C ILE B 622 26.32 38.76 7.33
N ASP B 623 25.05 39.13 7.49
CA ASP B 623 23.97 38.26 7.03
C ASP B 623 23.81 38.31 5.52
N LEU B 624 24.39 39.31 4.87
CA LEU B 624 24.19 39.50 3.44
C LEU B 624 24.84 38.39 2.63
N GLU B 625 24.11 37.89 1.64
CA GLU B 625 24.64 36.89 0.72
C GLU B 625 25.34 37.56 -0.46
N ILE B 626 26.40 36.93 -0.94
CA ILE B 626 27.07 37.38 -2.15
C ILE B 626 27.10 36.19 -3.10
N GLY B 627 26.35 36.29 -4.19
CA GLY B 627 25.99 35.13 -4.97
C GLY B 627 26.69 34.91 -6.30
N TYR B 628 27.89 35.44 -6.49
CA TYR B 628 28.47 35.55 -7.83
C TYR B 628 28.45 34.23 -8.57
N VAL B 629 27.91 34.26 -9.78
CA VAL B 629 27.78 33.10 -10.66
C VAL B 629 28.65 33.34 -11.90
N PRO B 630 29.76 32.64 -12.07
CA PRO B 630 30.65 32.96 -13.19
C PRO B 630 30.03 32.51 -14.49
N PRO B 631 30.28 33.22 -15.59
CA PRO B 631 29.83 32.74 -16.89
C PRO B 631 30.57 31.47 -17.28
N SER B 632 29.85 30.57 -17.92
CA SER B 632 30.36 29.27 -18.30
C SER B 632 29.74 28.90 -19.63
N THR B 633 29.89 27.64 -20.02
CA THR B 633 29.33 27.18 -21.29
C THR B 633 27.95 26.59 -21.01
N ARG B 634 26.91 27.31 -21.43
CA ARG B 634 25.53 26.84 -21.41
C ARG B 634 25.11 26.40 -20.01
N GLY B 635 25.61 27.11 -19.01
CA GLY B 635 25.24 26.92 -17.62
C GLY B 635 24.11 27.85 -17.23
N GLN B 636 24.10 28.32 -15.99
CA GLN B 636 23.09 29.29 -15.57
C GLN B 636 23.50 30.69 -15.98
N TYR B 637 22.49 31.51 -16.28
CA TYR B 637 22.74 32.89 -16.69
C TYR B 637 23.54 33.62 -15.61
N PRO B 638 24.67 34.21 -15.96
CA PRO B 638 25.56 34.76 -14.92
C PRO B 638 25.00 35.97 -14.21
N GLY B 639 25.73 36.46 -13.23
CA GLY B 639 25.31 37.63 -12.47
C GLY B 639 25.97 37.65 -11.11
N LEU B 640 25.72 38.75 -10.40
CA LEU B 640 26.11 38.90 -9.00
C LEU B 640 24.92 39.42 -8.24
N TYR B 641 24.55 38.74 -7.17
CA TYR B 641 23.30 39.02 -6.50
C TYR B 641 23.54 39.31 -5.03
N LEU B 642 22.66 40.12 -4.44
CA LEU B 642 22.72 40.49 -3.04
C LEU B 642 21.32 40.38 -2.45
N PHE B 643 21.15 39.52 -1.45
CA PHE B 643 19.83 39.24 -0.89
C PHE B 643 19.84 39.60 0.58
N GLY B 644 19.08 40.63 0.94
CA GLY B 644 18.93 41.03 2.34
C GLY B 644 17.58 40.79 2.96
N GLY B 645 16.68 40.07 2.29
CA GLY B 645 15.27 40.06 2.67
C GLY B 645 14.94 39.11 3.79
N HIS B 646 13.64 38.98 4.04
CA HIS B 646 13.13 38.08 5.05
C HIS B 646 13.18 36.64 4.55
N SER B 647 13.19 35.72 5.52
CA SER B 647 12.90 34.31 5.27
C SER B 647 13.87 33.67 4.28
N ARG B 648 15.17 33.84 4.57
CA ARG B 648 16.22 33.19 3.80
C ARG B 648 16.93 32.20 4.71
N MET B 649 17.55 31.19 4.10
CA MET B 649 18.26 30.19 4.88
C MET B 649 19.74 30.55 4.98
N LEU B 650 20.32 30.29 6.15
CA LEU B 650 21.69 30.69 6.41
C LEU B 650 22.37 29.64 7.26
N ARG B 651 23.62 29.30 6.91
CA ARG B 651 24.35 28.40 7.80
C ARG B 651 25.77 28.91 8.00
N PRO B 652 26.32 28.72 9.19
CA PRO B 652 27.67 29.22 9.48
C PRO B 652 28.77 28.35 8.93
N VAL B 653 29.90 29.00 8.62
CA VAL B 653 31.13 28.35 8.18
C VAL B 653 32.30 29.07 8.80
N ARG B 654 33.51 28.68 8.41
CA ARG B 654 34.74 29.24 8.95
C ARG B 654 35.56 29.78 7.78
N TYR B 655 35.73 31.10 7.73
CA TYR B 655 36.33 31.77 6.58
C TYR B 655 37.85 31.63 6.66
N LEU B 656 38.45 31.03 5.64
CA LEU B 656 39.85 30.58 5.63
C LEU B 656 40.93 31.67 5.56
N PRO B 657 40.79 32.73 4.77
CA PRO B 657 41.87 33.75 4.75
C PRO B 657 42.18 34.30 6.14
N LEU B 658 41.15 34.67 6.88
CA LEU B 658 41.23 34.89 8.32
C LEU B 658 40.84 33.59 9.00
N ASP B 659 40.54 33.61 10.29
CA ASP B 659 39.76 32.53 10.90
C ASP B 659 38.62 33.17 11.66
N LYS B 660 37.40 33.06 11.13
CA LYS B 660 36.24 33.67 11.76
C LYS B 660 34.98 32.96 11.30
N GLU B 661 33.91 33.18 12.06
CA GLU B 661 32.59 32.67 11.70
C GLU B 661 32.01 33.51 10.58
N ASP B 662 31.48 32.86 9.56
CA ASP B 662 30.88 33.52 8.41
C ASP B 662 29.54 32.87 8.12
N ILE B 663 28.75 33.51 7.27
CA ILE B 663 27.40 33.05 6.95
C ILE B 663 27.32 32.77 5.45
N VAL B 664 26.88 31.57 5.10
CA VAL B 664 26.74 31.13 3.72
C VAL B 664 25.29 30.79 3.45
N GLY B 665 24.78 31.22 2.32
CA GLY B 665 23.42 30.93 1.93
C GLY B 665 23.34 29.75 0.98
N PRO B 666 22.13 29.32 0.63
CA PRO B 666 22.01 28.23 -0.33
C PRO B 666 22.39 28.63 -1.73
N PHE B 667 22.24 29.90 -2.10
CA PHE B 667 22.53 30.31 -3.46
C PHE B 667 24.02 30.55 -3.67
N GLU B 668 24.73 31.05 -2.66
CA GLU B 668 26.16 31.27 -2.81
C GLU B 668 26.97 30.03 -2.49
N GLN B 669 26.31 28.92 -2.18
CA GLN B 669 27.05 27.72 -1.80
C GLN B 669 27.57 26.96 -3.01
N VAL B 670 26.76 26.86 -4.06
CA VAL B 670 27.04 25.89 -5.12
C VAL B 670 28.35 26.22 -5.83
N TYR B 671 28.75 27.48 -5.83
CA TYR B 671 29.92 27.93 -6.57
C TYR B 671 31.16 28.10 -5.70
N MET B 672 31.10 27.80 -4.40
CA MET B 672 32.23 28.01 -3.51
C MET B 672 32.66 26.70 -2.87
N ASN B 673 33.95 26.60 -2.57
CA ASN B 673 34.58 25.35 -2.18
C ASN B 673 34.64 25.28 -0.65
N ILE B 674 33.90 24.35 -0.07
CA ILE B 674 33.79 24.20 1.38
C ILE B 674 34.44 22.89 1.78
N ALA B 675 35.58 22.95 2.46
CA ALA B 675 36.22 21.73 2.93
C ALA B 675 35.52 21.21 4.18
N VAL B 676 35.57 19.89 4.36
CA VAL B 676 34.90 19.28 5.51
C VAL B 676 35.75 19.41 6.76
N THR B 677 37.03 19.07 6.68
CA THR B 677 37.93 19.10 7.82
C THR B 677 39.14 19.96 7.48
N PRO B 678 39.85 20.46 8.49
CA PRO B 678 41.11 21.15 8.23
C PRO B 678 42.21 20.23 7.70
N GLN B 679 42.05 18.92 7.84
CA GLN B 679 43.05 17.98 7.31
C GLN B 679 42.95 17.82 5.80
N GLU B 680 41.78 18.05 5.23
CA GLU B 680 41.55 17.78 3.83
C GLU B 680 41.65 19.01 2.94
N ILE B 681 41.87 20.19 3.51
CA ILE B 681 41.86 21.41 2.73
C ILE B 681 43.01 21.40 1.74
N GLN B 682 42.70 21.64 0.46
CA GLN B 682 43.73 21.78 -0.56
C GLN B 682 44.21 23.23 -0.65
N ASN B 683 45.50 23.39 -0.91
CA ASN B 683 46.06 24.72 -1.11
C ASN B 683 45.47 25.34 -2.38
N ASN B 684 45.20 26.64 -2.32
CA ASN B 684 44.80 27.43 -3.48
C ASN B 684 43.49 26.94 -4.08
N VAL B 685 42.65 26.30 -3.27
CA VAL B 685 41.38 25.78 -3.74
C VAL B 685 40.25 26.24 -2.83
N HIS B 686 40.28 25.82 -1.58
CA HIS B 686 39.16 26.05 -0.67
C HIS B 686 39.23 27.43 -0.04
N THR B 687 38.11 28.16 -0.12
CA THR B 687 37.95 29.46 0.51
C THR B 687 37.20 29.40 1.83
N HIS B 688 36.71 28.23 2.24
CA HIS B 688 35.86 28.11 3.41
C HIS B 688 35.99 26.71 3.99
N VAL B 689 35.54 26.56 5.24
CA VAL B 689 35.53 25.26 5.89
C VAL B 689 34.42 25.24 6.94
N GLU B 690 33.91 24.04 7.22
CA GLU B 690 32.90 23.86 8.24
C GLU B 690 33.51 24.02 9.63
N PHE B 691 32.69 24.46 10.58
CA PHE B 691 33.08 24.39 11.98
C PHE B 691 33.30 22.95 12.42
N THR B 692 32.26 22.13 12.32
CA THR B 692 32.33 20.72 12.59
C THR B 692 31.50 20.00 11.54
N PRO B 693 31.94 18.82 11.08
CA PRO B 693 31.17 18.10 10.06
C PRO B 693 29.80 17.63 10.52
N THR B 694 29.52 17.62 11.82
CA THR B 694 28.18 17.27 12.29
C THR B 694 27.16 18.38 12.06
N ASN B 695 27.58 19.55 11.57
CA ASN B 695 26.63 20.62 11.26
C ASN B 695 25.70 20.26 10.12
N ILE B 696 25.93 19.15 9.41
CA ILE B 696 25.11 18.78 8.26
C ILE B 696 23.90 17.93 8.64
N LEU B 697 23.83 17.46 9.88
CA LEU B 697 22.77 16.56 10.30
C LEU B 697 21.73 17.32 11.11
N SER B 698 20.68 16.60 11.50
CA SER B 698 19.62 17.18 12.30
C SER B 698 19.85 16.85 13.77
N ILE B 699 18.92 17.28 14.63
CA ILE B 699 19.07 17.05 16.06
C ILE B 699 19.03 15.56 16.37
N LEU B 700 18.02 14.86 15.85
CA LEU B 700 17.85 13.45 16.18
C LEU B 700 18.73 12.52 15.36
N ALA B 701 19.46 13.02 14.38
CA ALA B 701 20.50 12.21 13.78
C ALA B 701 21.80 12.27 14.55
N ASN B 702 21.95 13.26 15.45
CA ASN B 702 23.08 13.29 16.36
C ASN B 702 22.86 12.36 17.55
N LEU B 703 21.62 12.22 18.00
CA LEU B 703 21.37 11.42 19.20
C LEU B 703 21.47 9.92 18.96
N THR B 704 21.68 9.49 17.72
CA THR B 704 22.02 8.10 17.49
C THR B 704 23.50 7.87 17.76
N PRO B 705 23.86 6.92 18.61
CA PRO B 705 25.28 6.59 18.78
C PRO B 705 25.83 5.88 17.56
N PHE B 706 27.00 6.33 17.13
CA PHE B 706 27.71 5.79 15.96
C PHE B 706 26.77 5.62 14.77
N SER B 707 26.28 6.75 14.28
CA SER B 707 25.35 6.69 13.16
C SER B 707 26.05 6.41 11.84
N ASP B 708 27.38 6.41 11.83
CA ASP B 708 28.14 6.14 10.62
C ASP B 708 28.48 4.67 10.43
N PHE B 709 28.30 3.83 11.45
CA PHE B 709 28.45 2.40 11.28
C PHE B 709 27.21 1.72 10.74
N ASN B 710 26.02 2.22 11.09
CA ASN B 710 24.79 1.59 10.65
C ASN B 710 24.54 1.85 9.16
N GLN B 711 23.69 1.03 8.58
CA GLN B 711 23.25 1.26 7.22
C GLN B 711 22.19 2.36 7.20
N SER B 712 22.11 3.09 6.07
CA SER B 712 21.35 4.33 6.09
C SER B 712 19.86 4.16 6.30
N PRO B 713 19.14 3.25 5.61
CA PRO B 713 17.71 3.09 5.91
C PRO B 713 17.45 2.74 7.36
N ARG B 714 18.45 2.18 8.04
CA ARG B 714 18.32 1.87 9.45
C ARG B 714 18.42 3.14 10.28
N ASN B 715 19.31 4.05 9.90
CA ASN B 715 19.34 5.35 10.55
C ASN B 715 18.03 6.08 10.38
N MET B 716 17.43 5.99 9.20
CA MET B 716 16.15 6.65 8.96
C MET B 716 15.06 6.06 9.86
N TYR B 717 14.91 4.73 9.83
CA TYR B 717 13.93 4.10 10.70
C TYR B 717 14.13 4.52 12.13
N GLN B 718 15.38 4.58 12.59
CA GLN B 718 15.63 5.05 13.94
C GLN B 718 15.10 6.46 14.16
N CYS B 719 15.44 7.38 13.27
CA CYS B 719 14.94 8.75 13.39
C CYS B 719 13.44 8.77 13.58
N GLN B 720 12.73 7.84 12.93
CA GLN B 720 11.28 7.81 13.13
C GLN B 720 10.87 7.17 14.45
N MET B 721 11.46 6.02 14.80
CA MET B 721 11.07 5.33 16.03
C MET B 721 11.25 6.22 17.24
N GLY B 722 12.38 6.94 17.29
CA GLY B 722 12.69 7.76 18.44
C GLY B 722 11.66 8.82 18.75
N LYS B 723 10.76 9.11 17.81
CA LYS B 723 9.67 10.05 18.05
C LYS B 723 8.40 9.37 18.53
N GLN B 724 8.32 8.04 18.48
CA GLN B 724 7.20 7.29 19.01
C GLN B 724 7.43 6.74 20.40
N THR B 725 8.59 7.01 21.01
CA THR B 725 8.94 6.41 22.28
C THR B 725 7.99 6.86 23.37
N MET B 726 7.90 6.05 24.43
CA MET B 726 7.08 6.42 25.58
C MET B 726 8.02 7.13 26.54
N GLY B 727 7.94 8.45 26.57
CA GLY B 727 8.96 9.25 27.21
C GLY B 727 8.47 9.97 28.45
N THR B 728 9.14 11.07 28.79
CA THR B 728 8.61 11.99 29.76
C THR B 728 8.01 13.18 29.02
N PRO B 729 6.68 13.30 28.97
CA PRO B 729 6.08 14.39 28.19
C PRO B 729 6.29 15.76 28.79
N GLY B 730 6.46 15.86 30.09
CA GLY B 730 6.65 17.13 30.73
C GLY B 730 6.62 16.98 32.23
N VAL B 731 7.04 18.04 32.91
CA VAL B 731 6.99 18.07 34.37
C VAL B 731 5.70 18.68 34.89
N ALA B 732 4.90 19.29 34.02
CA ALA B 732 3.70 20.01 34.40
C ALA B 732 2.48 19.11 34.53
N LEU B 733 2.66 17.79 34.44
CA LEU B 733 1.60 16.86 34.08
C LEU B 733 0.31 17.04 34.88
N CYS B 734 0.39 17.54 36.11
CA CYS B 734 -0.81 17.72 36.92
C CYS B 734 -1.62 18.95 36.53
N HIS B 735 -1.01 19.93 35.87
CA HIS B 735 -1.68 21.15 35.44
C HIS B 735 -2.12 21.12 33.98
N ARG B 736 -1.81 20.05 33.26
CA ARG B 736 -2.04 19.99 31.82
C ARG B 736 -3.24 19.11 31.52
N SER B 737 -4.10 19.60 30.62
CA SER B 737 -5.38 19.00 30.31
C SER B 737 -5.38 18.12 29.06
N ASP B 738 -4.21 17.83 28.48
CA ASP B 738 -4.15 17.11 27.22
C ASP B 738 -4.90 15.77 27.28
N ASN B 739 -5.39 15.36 26.11
CA ASN B 739 -6.30 14.22 26.03
C ASN B 739 -5.64 12.92 26.43
N LYS B 740 -4.56 12.55 25.75
CA LYS B 740 -3.90 11.26 26.02
C LYS B 740 -2.42 11.50 26.25
N LEU B 741 -1.93 11.14 27.43
CA LEU B 741 -0.57 11.47 27.84
C LEU B 741 0.14 10.21 28.32
N TYR B 742 1.16 9.79 27.59
CA TYR B 742 2.00 8.65 27.95
C TYR B 742 3.16 9.15 28.79
N ARG B 743 3.52 8.42 29.83
CA ARG B 743 4.73 8.74 30.58
C ARG B 743 5.39 7.49 31.11
N LEU B 744 6.71 7.53 31.19
CA LEU B 744 7.53 6.40 31.62
C LEU B 744 7.93 6.65 33.06
N GLN B 745 7.97 5.58 33.86
CA GLN B 745 8.11 5.74 35.30
C GLN B 745 9.55 6.07 35.69
N THR B 746 10.51 5.41 35.07
CA THR B 746 11.92 5.56 35.44
C THR B 746 12.77 5.70 34.17
N GLY B 747 13.45 6.83 34.04
CA GLY B 747 14.43 7.01 32.99
C GLY B 747 15.86 6.95 33.52
N GLN B 748 16.81 6.89 32.59
CA GLN B 748 18.23 6.95 32.92
C GLN B 748 18.98 7.68 31.82
N THR B 749 19.95 8.48 32.23
CA THR B 749 20.86 9.07 31.27
C THR B 749 21.67 7.98 30.58
N PRO B 750 21.57 7.84 29.26
CA PRO B 750 22.32 6.78 28.58
C PRO B 750 23.81 6.91 28.81
N ILE B 751 24.50 5.77 28.84
CA ILE B 751 25.95 5.79 29.02
C ILE B 751 26.65 6.26 27.75
N VAL B 752 26.33 5.66 26.61
CA VAL B 752 26.89 6.08 25.34
C VAL B 752 26.14 7.32 24.90
N LYS B 753 26.84 8.43 24.74
CA LYS B 753 26.24 9.74 24.71
C LYS B 753 26.88 10.59 23.63
N ALA B 754 26.11 11.51 23.06
CA ALA B 754 26.64 12.54 22.17
C ALA B 754 26.76 13.83 22.95
N ASN B 755 27.75 14.65 22.62
CA ASN B 755 27.93 15.89 23.37
C ASN B 755 26.74 16.82 23.20
N LEU B 756 26.12 16.85 22.02
CA LEU B 756 24.90 17.61 21.83
C LEU B 756 23.75 17.11 22.69
N TYR B 757 23.88 15.94 23.29
CA TYR B 757 22.85 15.50 24.22
C TYR B 757 22.86 16.32 25.49
N ASP B 758 23.98 17.00 25.80
CA ASP B 758 24.03 17.93 26.94
C ASP B 758 23.50 19.31 26.62
N ASP B 759 23.78 19.85 25.43
CA ASP B 759 23.45 21.25 25.15
C ASP B 759 21.94 21.46 25.10
N TYR B 760 21.24 20.67 24.30
CA TYR B 760 19.80 20.76 24.25
C TYR B 760 19.13 20.28 25.52
N GLY B 761 19.86 19.63 26.42
CA GLY B 761 19.33 19.26 27.70
C GLY B 761 18.21 18.25 27.62
N MET B 762 18.47 17.12 26.96
CA MET B 762 17.50 16.04 26.99
C MET B 762 17.41 15.38 28.36
N ASP B 763 18.40 15.60 29.23
CA ASP B 763 18.40 15.00 30.54
C ASP B 763 17.25 15.49 31.42
N ASN B 764 16.59 16.58 31.04
CA ASN B 764 15.35 16.95 31.70
C ASN B 764 14.21 16.05 31.27
N PHE B 765 14.46 15.18 30.28
CA PHE B 765 13.42 14.32 29.72
C PHE B 765 13.99 12.94 29.39
N PRO B 766 14.32 12.13 30.38
CA PRO B 766 14.96 10.84 30.08
C PRO B 766 14.07 9.93 29.25
N ASN B 767 14.59 9.42 28.13
CA ASN B 767 13.74 8.73 27.17
C ASN B 767 13.69 7.22 27.31
N GLY B 768 14.56 6.63 28.12
CA GLY B 768 14.64 5.18 28.12
C GLY B 768 15.49 4.66 29.25
N PHE B 769 15.86 3.38 29.14
CA PHE B 769 16.48 2.65 30.23
C PHE B 769 17.52 1.68 29.70
N ASN B 770 18.66 1.65 30.39
CA ASN B 770 19.76 0.78 30.01
C ASN B 770 19.41 -0.68 30.30
N ALA B 771 20.15 -1.58 29.68
CA ALA B 771 19.90 -3.00 29.89
C ALA B 771 21.19 -3.78 29.71
N VAL B 772 21.30 -4.88 30.43
CA VAL B 772 22.42 -5.82 30.24
C VAL B 772 21.95 -6.85 29.22
N VAL B 773 22.53 -6.82 28.03
CA VAL B 773 21.99 -7.51 26.87
C VAL B 773 23.04 -8.44 26.28
N ALA B 774 22.62 -9.65 25.94
CA ALA B 774 23.49 -10.69 25.38
C ALA B 774 22.98 -11.08 24.00
N VAL B 775 23.88 -11.17 23.04
CA VAL B 775 23.54 -11.58 21.68
C VAL B 775 23.77 -13.08 21.60
N ILE B 776 22.70 -13.86 21.56
CA ILE B 776 22.80 -15.31 21.63
C ILE B 776 21.52 -15.91 21.05
N SER B 777 21.63 -17.11 20.49
CA SER B 777 20.47 -17.93 20.14
C SER B 777 20.38 -19.03 21.18
N TYR B 778 19.43 -18.90 22.09
CA TYR B 778 19.35 -19.82 23.22
C TYR B 778 17.93 -20.30 23.42
N THR B 779 17.04 -19.38 23.75
CA THR B 779 15.65 -19.72 24.04
C THR B 779 15.00 -20.46 22.87
N GLY B 780 14.88 -19.79 21.73
CA GLY B 780 14.11 -20.30 20.61
C GLY B 780 12.83 -19.54 20.33
N TYR B 781 12.46 -18.60 21.20
CA TYR B 781 11.38 -17.66 20.96
C TYR B 781 11.89 -16.34 20.41
N ASP B 782 13.21 -16.14 20.40
CA ASP B 782 13.81 -14.84 20.13
C ASP B 782 14.18 -14.64 18.68
N MET B 783 13.79 -15.55 17.79
CA MET B 783 14.29 -15.51 16.42
C MET B 783 13.70 -14.33 15.66
N ASP B 784 14.19 -14.10 14.44
CA ASP B 784 13.83 -12.98 13.54
C ASP B 784 13.71 -11.71 14.38
N ASP B 785 12.56 -11.03 14.41
CA ASP B 785 12.44 -9.75 15.09
C ASP B 785 11.96 -9.86 16.54
N ALA B 786 11.70 -11.07 17.04
CA ALA B 786 11.26 -11.20 18.42
C ALA B 786 12.42 -11.01 19.39
N MET B 787 12.08 -10.75 20.64
CA MET B 787 13.06 -10.60 21.71
C MET B 787 12.51 -11.24 22.99
N ILE B 788 13.39 -11.41 23.97
CA ILE B 788 13.04 -12.05 25.24
C ILE B 788 13.37 -11.08 26.36
N ILE B 789 12.55 -11.09 27.41
CA ILE B 789 12.75 -10.25 28.59
C ILE B 789 12.84 -11.13 29.82
N ASN B 790 13.90 -10.94 30.60
CA ASN B 790 14.00 -11.60 31.89
C ASN B 790 12.76 -11.30 32.72
N LYS B 791 12.19 -12.34 33.32
CA LYS B 791 10.94 -12.17 34.05
C LYS B 791 11.14 -11.48 35.38
N SER B 792 12.36 -11.50 35.92
CA SER B 792 12.60 -10.82 37.19
C SER B 792 13.11 -9.40 37.00
N ALA B 793 13.25 -8.95 35.76
CA ALA B 793 13.44 -7.53 35.54
C ALA B 793 12.13 -6.79 35.61
N ASP B 794 11.11 -7.30 34.90
CA ASP B 794 9.80 -6.67 34.92
C ASP B 794 9.26 -6.53 36.34
N GLU B 795 9.17 -7.64 37.07
CA GLU B 795 8.56 -7.60 38.38
C GLU B 795 9.31 -6.70 39.34
N ARG B 796 10.56 -6.38 39.03
CA ARG B 796 11.35 -5.42 39.79
C ARG B 796 11.33 -4.02 39.21
N GLY B 797 10.48 -3.75 38.23
CA GLY B 797 10.23 -2.41 37.75
C GLY B 797 10.81 -1.99 36.41
N PHE B 798 11.24 -2.93 35.59
CA PHE B 798 11.91 -2.66 34.33
C PHE B 798 10.87 -2.52 33.22
N GLY B 799 10.73 -1.31 32.68
CA GLY B 799 9.81 -1.05 31.59
C GLY B 799 8.42 -0.60 32.00
N TYR B 800 8.22 -0.25 33.26
CA TYR B 800 6.90 0.13 33.74
C TYR B 800 6.48 1.46 33.10
N GLY B 801 5.18 1.71 33.09
CA GLY B 801 4.69 2.90 32.42
C GLY B 801 3.27 3.24 32.81
N THR B 802 2.87 4.46 32.47
CA THR B 802 1.57 4.99 32.89
C THR B 802 0.97 5.82 31.78
N MET B 803 -0.34 5.71 31.60
CA MET B 803 -1.07 6.48 30.61
C MET B 803 -2.14 7.31 31.31
N TYR B 804 -2.41 8.50 30.78
CA TYR B 804 -3.45 9.37 31.31
C TYR B 804 -4.45 9.73 30.23
N LYS B 805 -5.73 9.74 30.60
CA LYS B 805 -6.79 10.19 29.71
C LYS B 805 -7.62 11.26 30.42
N THR B 806 -7.66 12.47 29.86
CA THR B 806 -8.45 13.56 30.42
C THR B 806 -9.73 13.70 29.64
N GLU B 807 -10.85 13.37 30.28
CA GLU B 807 -12.16 13.35 29.67
C GLU B 807 -12.99 14.51 30.23
N LYS B 808 -13.76 15.16 29.37
CA LYS B 808 -14.58 16.30 29.77
C LYS B 808 -16.04 15.87 29.83
N VAL B 809 -16.60 15.81 31.03
CA VAL B 809 -18.01 15.53 31.22
C VAL B 809 -18.75 16.86 31.33
N ASP B 810 -19.74 17.07 30.46
CA ASP B 810 -20.43 18.35 30.35
C ASP B 810 -21.92 18.09 30.21
N LEU B 811 -22.70 18.68 31.11
CA LEU B 811 -24.15 18.65 31.02
C LEU B 811 -24.76 19.92 30.43
N ALA B 812 -23.96 20.93 30.10
CA ALA B 812 -24.47 22.15 29.51
C ALA B 812 -24.58 22.08 28.00
N LEU B 813 -24.29 20.92 27.43
CA LEU B 813 -24.22 20.78 25.98
C LEU B 813 -25.58 20.93 25.31
N ASN B 814 -26.64 20.45 25.98
CA ASN B 814 -27.94 20.42 25.33
C ASN B 814 -28.81 21.62 25.72
N ARG B 815 -28.31 22.51 26.56
CA ARG B 815 -29.02 23.75 26.86
C ARG B 815 -28.68 24.80 25.81
N ASN B 816 -29.72 25.39 25.21
CA ASN B 816 -29.53 26.30 24.07
C ASN B 816 -29.93 27.71 24.47
N ARG B 817 -28.92 28.57 24.63
CA ARG B 817 -29.06 30.02 24.64
C ARG B 817 -30.11 30.49 25.67
N GLY B 818 -29.71 30.39 26.93
CA GLY B 818 -30.38 31.10 28.01
C GLY B 818 -31.64 30.46 28.54
N ASP B 819 -31.90 29.19 28.23
CA ASP B 819 -33.01 28.49 28.86
C ASP B 819 -32.75 28.40 30.36
N PRO B 820 -33.81 28.47 31.19
CA PRO B 820 -33.61 28.26 32.63
C PRO B 820 -32.95 26.91 32.89
N ILE B 821 -31.98 26.92 33.82
CA ILE B 821 -31.04 25.82 33.96
C ILE B 821 -31.79 24.52 34.23
N THR B 822 -31.55 23.52 33.38
CA THR B 822 -32.29 22.27 33.45
C THR B 822 -31.78 21.36 34.56
N GLN B 823 -30.46 21.19 34.63
CA GLN B 823 -29.87 20.11 35.43
C GLN B 823 -28.86 20.67 36.43
N HIS B 824 -28.53 19.84 37.40
CA HIS B 824 -27.56 20.19 38.44
C HIS B 824 -26.68 18.98 38.70
N PHE B 825 -25.52 19.21 39.29
CA PHE B 825 -24.69 18.08 39.74
C PHE B 825 -25.08 17.67 41.15
N GLY B 826 -25.54 16.46 41.31
CA GLY B 826 -25.72 15.89 42.62
C GLY B 826 -26.86 14.89 42.66
N PHE B 827 -27.01 14.28 43.82
CA PHE B 827 -28.14 13.41 44.09
C PHE B 827 -29.39 14.21 44.43
N GLY B 828 -30.54 13.59 44.19
CA GLY B 828 -31.81 14.10 44.67
C GLY B 828 -32.27 13.35 45.91
N ASN B 829 -33.48 13.69 46.35
CA ASN B 829 -34.10 13.03 47.49
C ASN B 829 -34.98 11.86 47.09
N ASP B 830 -35.23 11.66 45.79
CA ASP B 830 -36.11 10.59 45.32
C ASP B 830 -35.36 9.26 45.37
N GLU B 831 -35.96 8.23 44.79
CA GLU B 831 -35.42 6.88 44.88
C GLU B 831 -34.18 6.71 44.01
N TRP B 832 -33.11 6.14 44.59
CA TRP B 832 -31.90 5.79 43.86
C TRP B 832 -31.27 4.53 44.45
N PRO B 833 -30.49 3.77 43.65
CA PRO B 833 -30.18 2.38 44.00
C PRO B 833 -29.46 2.14 45.32
N LYS B 834 -28.60 3.08 45.73
CA LYS B 834 -27.72 3.05 46.90
C LYS B 834 -26.41 2.29 46.61
N GLU B 835 -26.27 1.62 45.47
CA GLU B 835 -24.95 1.13 45.10
C GLU B 835 -24.09 2.22 44.49
N TRP B 836 -24.61 3.44 44.36
CA TRP B 836 -23.86 4.52 43.74
C TRP B 836 -22.88 5.15 44.71
N LEU B 837 -23.26 5.28 45.99
CA LEU B 837 -22.43 6.03 46.93
C LEU B 837 -21.04 5.43 47.12
N GLU B 838 -20.81 4.20 46.68
CA GLU B 838 -19.49 3.60 46.86
C GLU B 838 -18.45 4.29 45.98
N LYS B 839 -18.74 4.45 44.70
CA LYS B 839 -17.81 5.15 43.83
C LYS B 839 -17.92 6.66 43.96
N LEU B 840 -19.13 7.18 44.11
CA LEU B 840 -19.38 8.61 44.04
C LEU B 840 -19.47 9.23 45.43
N ASP B 841 -18.98 10.46 45.54
CA ASP B 841 -19.06 11.18 46.80
C ASP B 841 -20.45 11.81 46.92
N GLU B 842 -20.69 12.50 48.03
CA GLU B 842 -22.06 12.88 48.40
C GLU B 842 -22.54 14.15 47.71
N ASP B 843 -21.67 14.88 47.02
CA ASP B 843 -22.14 15.91 46.12
C ASP B 843 -22.24 15.43 44.68
N GLY B 844 -21.95 14.14 44.44
CA GLY B 844 -22.16 13.51 43.15
C GLY B 844 -20.90 13.25 42.36
N LEU B 845 -19.81 13.93 42.67
CA LEU B 845 -18.60 13.68 41.89
C LEU B 845 -17.75 12.60 42.54
N PRO B 846 -16.97 11.86 41.76
CA PRO B 846 -16.23 10.72 42.33
C PRO B 846 -15.02 11.17 43.13
N TYR B 847 -14.55 10.25 43.98
CA TYR B 847 -13.42 10.52 44.84
C TYR B 847 -12.12 10.52 44.06
N ILE B 848 -11.08 11.07 44.67
CA ILE B 848 -9.74 10.96 44.13
C ILE B 848 -9.15 9.60 44.49
N GLY B 849 -8.67 8.88 43.49
CA GLY B 849 -8.03 7.59 43.72
C GLY B 849 -8.96 6.39 43.69
N THR B 850 -10.20 6.56 43.24
CA THR B 850 -11.15 5.46 43.18
C THR B 850 -10.77 4.52 42.04
N TYR B 851 -11.25 3.27 42.12
CA TYR B 851 -11.02 2.26 41.09
C TYR B 851 -12.26 2.12 40.24
N VAL B 852 -12.17 2.58 38.99
CA VAL B 852 -13.29 2.61 38.07
C VAL B 852 -13.11 1.53 37.01
N GLU B 853 -14.18 0.81 36.70
CA GLU B 853 -14.17 -0.19 35.65
C GLU B 853 -15.48 -0.08 34.87
N GLU B 854 -15.55 -0.79 33.74
CA GLU B 854 -16.64 -0.58 32.79
C GLU B 854 -18.00 -0.82 33.42
N GLY B 855 -18.89 0.15 33.27
CA GLY B 855 -20.23 0.09 33.81
C GLY B 855 -20.40 0.79 35.15
N ASP B 856 -19.35 1.21 35.76
CA ASP B 856 -19.50 1.84 37.06
C ASP B 856 -19.69 3.35 36.93
N PRO B 857 -20.35 3.98 37.91
CA PRO B 857 -20.63 5.42 37.81
C PRO B 857 -19.36 6.24 37.90
N ILE B 858 -19.17 7.17 36.95
CA ILE B 858 -18.18 8.23 37.14
C ILE B 858 -18.80 9.55 37.56
N CYS B 859 -20.14 9.66 37.61
CA CYS B 859 -20.79 10.92 37.87
C CYS B 859 -22.21 10.65 38.33
N ALA B 860 -22.84 11.66 38.93
CA ALA B 860 -24.27 11.61 39.18
C ALA B 860 -24.81 13.02 39.16
N TYR B 861 -25.99 13.21 38.58
CA TYR B 861 -26.52 14.55 38.45
C TYR B 861 -28.04 14.52 38.44
N PHE B 862 -28.63 15.53 39.04
CA PHE B 862 -30.07 15.65 39.25
C PHE B 862 -30.68 16.41 38.08
N ASP B 863 -31.84 15.98 37.62
CA ASP B 863 -32.48 16.53 36.44
C ASP B 863 -33.92 16.90 36.76
N ASP B 864 -34.33 18.08 36.30
CA ASP B 864 -35.64 18.63 36.66
C ASP B 864 -36.77 18.03 35.84
N THR B 865 -36.60 18.00 34.51
CA THR B 865 -37.67 17.65 33.59
C THR B 865 -38.30 16.31 33.92
N LEU B 866 -37.56 15.23 33.69
CA LEU B 866 -38.05 13.91 34.07
C LEU B 866 -38.13 13.74 35.59
N ASN B 867 -37.60 14.71 36.35
CA ASN B 867 -37.48 14.59 37.79
C ASN B 867 -36.78 13.30 38.17
N LYS B 868 -35.80 12.91 37.37
CA LYS B 868 -35.06 11.67 37.54
C LYS B 868 -33.59 12.00 37.74
N THR B 869 -32.87 11.04 38.31
CA THR B 869 -31.43 11.16 38.46
C THR B 869 -30.77 10.27 37.41
N LYS B 870 -30.23 10.88 36.37
CA LYS B 870 -29.52 10.14 35.35
C LYS B 870 -28.02 10.34 35.50
N ILE B 871 -27.26 9.64 34.67
CA ILE B 871 -25.88 9.30 35.01
C ILE B 871 -25.09 9.05 33.74
N LYS B 872 -23.77 9.17 33.83
CA LYS B 872 -22.85 8.80 32.78
C LYS B 872 -22.02 7.62 33.26
N THR B 873 -21.50 6.83 32.33
CA THR B 873 -20.73 5.65 32.67
C THR B 873 -19.41 5.63 31.91
N TYR B 874 -18.43 4.93 32.49
CA TYR B 874 -17.12 4.79 31.89
C TYR B 874 -17.20 3.70 30.83
N HIS B 875 -16.95 4.08 29.58
CA HIS B 875 -17.32 3.21 28.46
C HIS B 875 -16.34 2.04 28.30
N SER B 876 -15.05 2.32 28.26
CA SER B 876 -14.09 1.30 27.87
C SER B 876 -13.97 0.21 28.93
N SER B 877 -13.48 -0.94 28.50
CA SER B 877 -13.37 -2.10 29.36
C SER B 877 -12.09 -2.13 30.18
N GLU B 878 -11.12 -1.26 29.88
CA GLU B 878 -9.83 -1.32 30.54
C GLU B 878 -9.95 -0.63 31.89
N PRO B 879 -9.84 -1.34 33.01
CA PRO B 879 -10.05 -0.70 34.31
C PRO B 879 -8.99 0.34 34.60
N ALA B 880 -9.41 1.41 35.27
CA ALA B 880 -8.56 2.59 35.46
C ALA B 880 -8.65 3.10 36.89
N TYR B 881 -8.06 4.27 37.13
CA TYR B 881 -8.11 4.95 38.42
C TYR B 881 -8.51 6.39 38.18
N ILE B 882 -8.82 7.10 39.26
CA ILE B 882 -9.15 8.51 39.18
C ILE B 882 -8.00 9.33 39.72
N GLU B 883 -7.61 10.37 38.97
CA GLU B 883 -6.46 11.19 39.32
C GLU B 883 -6.91 12.53 39.88
N GLU B 884 -7.45 13.42 39.06
CA GLU B 884 -7.91 14.74 39.47
C GLU B 884 -9.36 14.94 39.09
N VAL B 885 -9.97 15.96 39.71
CA VAL B 885 -11.25 16.47 39.28
C VAL B 885 -11.11 17.97 39.15
N ASN B 886 -11.19 18.49 37.94
CA ASN B 886 -11.21 19.92 37.69
C ASN B 886 -12.64 20.40 37.64
N LEU B 887 -12.93 21.48 38.37
CA LEU B 887 -14.19 22.19 38.25
C LEU B 887 -13.91 23.46 37.47
N ILE B 888 -14.60 23.63 36.36
CA ILE B 888 -14.40 24.81 35.51
C ILE B 888 -15.60 25.72 35.70
N GLY B 889 -15.39 26.83 36.39
CA GLY B 889 -16.37 27.89 36.41
C GLY B 889 -16.44 28.55 35.04
N ASP B 890 -17.44 29.41 34.87
CA ASP B 890 -17.67 30.01 33.58
C ASP B 890 -17.61 31.53 33.71
N GLU B 891 -17.51 32.18 32.56
CA GLU B 891 -17.31 33.61 32.46
C GLU B 891 -18.67 34.31 32.62
N SER B 892 -18.75 35.59 32.29
CA SER B 892 -19.96 36.40 32.40
C SER B 892 -20.43 36.49 33.86
N ASN B 893 -19.64 37.19 34.68
CA ASN B 893 -20.01 37.71 36.00
C ASN B 893 -20.96 36.78 36.76
N LYS B 894 -20.43 35.61 37.13
CA LYS B 894 -21.06 34.63 38.01
C LYS B 894 -22.50 34.32 37.63
N PHE B 895 -23.35 34.10 38.63
CA PHE B 895 -24.78 33.75 38.61
C PHE B 895 -24.99 32.43 37.86
N GLN B 896 -23.96 31.88 37.23
CA GLN B 896 -24.05 30.63 36.49
C GLN B 896 -23.44 29.52 37.33
N GLU B 897 -24.27 28.55 37.70
CA GLU B 897 -23.86 27.50 38.62
C GLU B 897 -23.01 26.48 37.87
N LEU B 898 -22.71 25.36 38.51
CA LEU B 898 -21.62 24.50 38.03
C LEU B 898 -22.10 23.74 36.81
N GLN B 899 -21.53 24.06 35.66
CA GLN B 899 -21.89 23.41 34.40
C GLN B 899 -20.88 22.40 33.87
N THR B 900 -19.71 22.26 34.48
CA THR B 900 -18.67 21.51 33.80
C THR B 900 -17.71 20.91 34.80
N VAL B 901 -17.21 19.70 34.46
CA VAL B 901 -16.16 19.02 35.20
C VAL B 901 -15.26 18.35 34.19
N SER B 902 -13.99 18.18 34.54
CA SER B 902 -13.07 17.43 33.69
C SER B 902 -12.22 16.51 34.56
N ILE B 903 -12.15 15.23 34.17
CA ILE B 903 -11.57 14.17 35.00
C ILE B 903 -10.35 13.60 34.31
N LYS B 904 -9.42 13.06 35.10
CA LYS B 904 -8.21 12.42 34.59
C LYS B 904 -8.14 10.98 35.06
N TYR B 905 -7.93 10.06 34.12
CA TYR B 905 -7.83 8.64 34.41
C TYR B 905 -6.38 8.21 34.27
N ARG B 906 -5.87 7.54 35.29
CA ARG B 906 -4.53 6.96 35.25
C ARG B 906 -4.66 5.47 35.01
N ILE B 907 -4.28 5.02 33.83
CA ILE B 907 -4.30 3.60 33.49
C ILE B 907 -2.88 3.07 33.58
N ARG B 908 -2.71 1.94 34.25
CA ARG B 908 -1.41 1.30 34.36
C ARG B 908 -1.03 0.64 33.03
N ARG B 909 0.24 0.80 32.66
CA ARG B 909 0.80 0.05 31.55
C ARG B 909 2.03 -0.69 32.05
N THR B 910 2.02 -2.00 31.93
CA THR B 910 3.22 -2.74 32.27
C THR B 910 3.66 -3.49 31.02
N PRO B 911 4.82 -4.15 31.01
CA PRO B 911 5.19 -4.94 29.84
C PRO B 911 4.30 -6.16 29.67
N GLN B 912 3.80 -6.33 28.45
CA GLN B 912 3.02 -7.50 28.11
C GLN B 912 3.68 -8.22 26.95
N ILE B 913 3.12 -9.33 26.52
CA ILE B 913 3.60 -9.99 25.31
C ILE B 913 2.99 -9.29 24.10
N GLY B 914 3.85 -8.82 23.20
CA GLY B 914 3.42 -8.00 22.10
C GLY B 914 3.79 -6.55 22.20
N ASP B 915 4.24 -6.09 23.36
CA ASP B 915 4.66 -4.71 23.48
C ASP B 915 6.06 -4.51 22.93
N LYS B 916 6.17 -3.64 21.94
CA LYS B 916 7.41 -3.39 21.22
C LYS B 916 8.43 -2.70 22.13
N PHE B 917 9.66 -3.17 22.08
CA PHE B 917 10.79 -2.34 22.48
C PHE B 917 11.64 -2.08 21.23
N SER B 918 12.64 -1.21 21.38
CA SER B 918 13.49 -0.86 20.27
C SER B 918 14.80 -0.32 20.81
N SER B 919 15.85 -0.42 20.01
CA SER B 919 17.11 0.18 20.42
C SER B 919 17.23 1.55 19.77
N ARG B 920 18.33 2.25 20.04
CA ARG B 920 18.57 3.51 19.33
C ARG B 920 19.19 3.29 17.98
N HIS B 921 19.47 2.05 17.60
CA HIS B 921 20.02 1.74 16.29
C HIS B 921 18.95 1.31 15.29
N GLY B 922 17.68 1.36 15.67
CA GLY B 922 16.62 1.01 14.75
C GLY B 922 16.28 -0.46 14.69
N GLN B 923 16.39 -1.19 15.79
CA GLN B 923 15.91 -2.56 15.88
C GLN B 923 14.57 -2.55 16.58
N LYS B 924 13.48 -2.72 15.83
CA LYS B 924 12.16 -2.78 16.44
C LYS B 924 11.78 -4.23 16.67
N GLY B 925 11.38 -4.55 17.89
CA GLY B 925 11.16 -5.94 18.23
C GLY B 925 10.07 -6.09 19.25
N VAL B 926 9.55 -7.27 19.32
CA VAL B 926 8.41 -7.58 20.17
C VAL B 926 8.86 -8.52 21.28
N CYS B 927 8.44 -8.23 22.50
CA CYS B 927 8.63 -9.17 23.60
C CYS B 927 7.89 -10.46 23.27
N SER B 928 8.60 -11.58 23.31
CA SER B 928 8.03 -12.84 22.92
C SER B 928 7.47 -13.59 24.12
N ARG B 929 8.32 -13.90 25.09
CA ARG B 929 7.89 -14.50 26.34
C ARG B 929 8.66 -13.89 27.49
N LYS B 930 7.99 -13.74 28.62
CA LYS B 930 8.67 -13.43 29.87
C LYS B 930 9.33 -14.72 30.32
N TRP B 931 10.65 -14.68 30.42
CA TRP B 931 11.43 -15.88 30.60
C TRP B 931 11.86 -15.99 32.05
N PRO B 932 11.66 -17.13 32.71
CA PRO B 932 11.96 -17.23 34.15
C PRO B 932 13.38 -16.80 34.47
N THR B 933 13.62 -16.32 35.69
CA THR B 933 14.94 -15.83 36.03
C THR B 933 15.97 -16.94 36.08
N ILE B 934 15.57 -18.16 36.42
CA ILE B 934 16.53 -19.23 36.59
C ILE B 934 16.92 -19.84 35.25
N ASP B 935 16.07 -19.74 34.22
CA ASP B 935 16.41 -20.34 32.94
C ASP B 935 17.27 -19.44 32.07
N MET B 936 17.37 -18.16 32.37
CA MET B 936 18.33 -17.32 31.66
C MET B 936 19.71 -17.91 31.87
N PRO B 937 20.55 -17.99 30.84
CA PRO B 937 21.91 -18.45 31.07
C PRO B 937 22.61 -17.47 31.98
N PHE B 938 23.19 -17.98 33.06
CA PHE B 938 23.80 -17.13 34.06
C PHE B 938 25.29 -17.02 33.79
N SER B 939 25.80 -15.80 33.87
CA SER B 939 27.18 -15.52 33.54
C SER B 939 28.12 -16.15 34.57
N GLU B 940 29.39 -16.21 34.20
CA GLU B 940 30.47 -16.56 35.12
C GLU B 940 30.35 -15.80 36.42
N THR B 941 29.94 -14.53 36.34
CA THR B 941 29.92 -13.64 37.49
C THR B 941 28.60 -13.66 38.25
N GLY B 942 27.55 -14.27 37.69
CA GLY B 942 26.26 -14.34 38.36
C GLY B 942 25.20 -13.39 37.86
N ILE B 943 25.39 -12.79 36.68
CA ILE B 943 24.48 -11.77 36.16
C ILE B 943 23.61 -12.41 35.09
N GLN B 944 22.32 -12.59 35.37
CA GLN B 944 21.51 -12.97 34.23
C GLN B 944 21.26 -11.75 33.34
N PRO B 945 21.26 -11.92 32.03
CA PRO B 945 20.97 -10.82 31.13
C PRO B 945 19.55 -10.29 31.34
N ASP B 946 19.35 -9.04 30.95
CA ASP B 946 17.99 -8.49 30.90
C ASP B 946 17.27 -8.91 29.63
N ILE B 947 17.93 -8.76 28.49
CA ILE B 947 17.29 -8.90 27.19
C ILE B 947 18.17 -9.76 26.31
N ILE B 948 17.63 -10.86 25.81
CA ILE B 948 18.34 -11.67 24.81
C ILE B 948 17.88 -11.24 23.43
N ILE B 949 18.83 -11.11 22.52
CA ILE B 949 18.54 -10.75 21.13
C ILE B 949 19.31 -11.72 20.23
N ASN B 950 18.63 -12.20 19.20
CA ASN B 950 19.14 -13.25 18.33
C ASN B 950 20.17 -12.67 17.36
N PRO B 951 21.33 -13.31 17.19
CA PRO B 951 22.34 -12.76 16.29
C PRO B 951 21.90 -12.66 14.84
N HIS B 952 21.11 -13.62 14.35
CA HIS B 952 20.81 -13.66 12.92
C HIS B 952 20.12 -12.40 12.41
N ALA B 953 19.64 -11.53 13.30
CA ALA B 953 19.07 -10.26 12.88
C ALA B 953 20.09 -9.31 12.27
N PHE B 954 21.33 -9.34 12.73
CA PHE B 954 22.34 -8.36 12.36
C PHE B 954 22.84 -8.43 10.92
N PRO B 955 23.28 -9.60 10.41
CA PRO B 955 23.93 -9.60 9.09
C PRO B 955 23.03 -9.16 7.95
N SER B 956 21.71 -9.22 8.12
CA SER B 956 20.82 -8.67 7.10
C SER B 956 20.69 -7.15 7.26
N ARG B 957 20.55 -6.69 8.50
CA ARG B 957 20.29 -5.30 8.79
C ARG B 957 21.55 -4.45 8.90
N MET B 958 22.72 -5.08 8.97
CA MET B 958 23.99 -4.39 8.80
C MET B 958 24.22 -3.34 9.88
N THR B 959 23.82 -3.62 11.12
CA THR B 959 24.00 -2.63 12.19
C THR B 959 25.20 -3.04 13.03
N ILE B 960 26.33 -2.35 12.84
CA ILE B 960 27.50 -2.55 13.69
C ILE B 960 27.57 -1.52 14.80
N GLY B 961 26.78 -0.46 14.73
CA GLY B 961 26.74 0.49 15.81
C GLY B 961 26.18 -0.10 17.09
N MET B 962 25.40 -1.17 16.99
CA MET B 962 24.91 -1.82 18.18
C MET B 962 25.97 -2.73 18.79
N PHE B 963 26.71 -3.46 17.95
CA PHE B 963 27.85 -4.22 18.44
C PHE B 963 28.88 -3.33 19.10
N VAL B 964 29.09 -2.13 18.58
CA VAL B 964 30.09 -1.25 19.18
C VAL B 964 29.55 -0.56 20.41
N GLU B 965 28.29 -0.12 20.37
CA GLU B 965 27.67 0.45 21.56
C GLU B 965 27.64 -0.54 22.71
N SER B 966 27.59 -1.84 22.42
CA SER B 966 27.75 -2.83 23.47
C SER B 966 29.04 -2.62 24.25
N LEU B 967 30.18 -2.77 23.58
CA LEU B 967 31.47 -2.59 24.23
C LEU B 967 31.56 -1.25 24.93
N ALA B 968 31.27 -0.17 24.21
CA ALA B 968 31.31 1.15 24.83
C ALA B 968 30.40 1.26 26.05
N GLY B 969 29.35 0.45 26.13
CA GLY B 969 28.49 0.45 27.29
C GLY B 969 29.12 -0.28 28.45
N LYS B 970 29.66 -1.47 28.20
CA LYS B 970 30.28 -2.24 29.28
C LYS B 970 31.46 -1.49 29.86
N ALA B 971 32.41 -1.10 29.01
CA ALA B 971 33.58 -0.38 29.50
C ALA B 971 33.21 0.91 30.22
N GLY B 972 32.04 1.47 29.94
CA GLY B 972 31.58 2.64 30.65
C GLY B 972 31.01 2.31 32.01
N ALA B 973 30.26 1.22 32.09
CA ALA B 973 29.65 0.84 33.36
C ALA B 973 30.69 0.37 34.35
N LEU B 974 31.74 -0.31 33.87
CA LEU B 974 32.77 -0.79 34.80
C LEU B 974 33.44 0.37 35.51
N HIS B 975 34.05 1.29 34.76
CA HIS B 975 34.89 2.33 35.33
C HIS B 975 34.11 3.51 35.87
N GLY B 976 33.02 3.90 35.22
CA GLY B 976 32.32 5.11 35.57
C GLY B 976 32.45 6.24 34.58
N ILE B 977 33.41 6.15 33.66
CA ILE B 977 33.54 7.15 32.62
C ILE B 977 32.31 7.06 31.70
N ALA B 978 32.05 8.14 31.00
CA ALA B 978 30.95 8.21 30.05
C ALA B 978 31.48 8.39 28.63
N GLN B 979 31.37 7.34 27.83
CA GLN B 979 31.92 7.30 26.48
C GLN B 979 31.17 8.27 25.58
N ASP B 980 31.78 8.61 24.44
CA ASP B 980 31.26 9.65 23.56
C ASP B 980 30.87 9.04 22.21
N SER B 981 29.63 9.28 21.78
CA SER B 981 29.08 8.64 20.59
C SER B 981 29.11 9.48 19.33
N THR B 982 29.70 10.67 19.37
CA THR B 982 29.56 11.61 18.26
C THR B 982 30.06 11.00 16.96
N PRO B 983 29.28 11.11 15.87
CA PRO B 983 29.77 10.63 14.58
C PRO B 983 31.06 11.32 14.15
N TRP B 984 31.90 10.56 13.45
CA TRP B 984 33.13 11.08 12.83
C TRP B 984 34.12 11.59 13.86
N ILE B 985 34.20 10.93 15.03
CA ILE B 985 35.31 11.19 15.94
C ILE B 985 36.42 10.15 15.80
N PHE B 986 36.23 9.14 14.98
CA PHE B 986 37.25 8.13 14.72
C PHE B 986 37.72 8.22 13.28
N ASN B 987 38.62 7.32 12.92
CA ASN B 987 39.12 7.21 11.56
C ASN B 987 39.73 5.82 11.41
N GLU B 988 40.18 5.51 10.20
CA GLU B 988 40.65 4.15 9.95
C GLU B 988 41.97 3.83 10.64
N ASP B 989 42.69 4.84 11.12
CA ASP B 989 43.89 4.56 11.89
C ASP B 989 43.54 4.03 13.28
N ASP B 990 42.62 4.69 13.97
CA ASP B 990 42.21 4.29 15.31
C ASP B 990 40.78 3.76 15.24
N THR B 991 40.61 2.50 15.38
CA THR B 991 39.25 2.01 15.27
C THR B 991 38.58 2.04 16.64
N PRO B 992 37.25 2.04 16.68
CA PRO B 992 36.57 1.91 17.98
C PRO B 992 36.88 0.62 18.69
N ALA B 993 36.88 -0.52 17.98
CA ALA B 993 37.04 -1.81 18.63
C ALA B 993 38.31 -1.86 19.49
N ASP B 994 39.45 -1.50 18.92
CA ASP B 994 40.67 -1.50 19.71
C ASP B 994 40.61 -0.50 20.85
N TYR B 995 39.96 0.64 20.65
CA TYR B 995 39.93 1.65 21.69
C TYR B 995 39.13 1.19 22.90
N PHE B 996 38.03 0.48 22.66
CA PHE B 996 37.23 0.00 23.79
C PHE B 996 37.78 -1.29 24.38
N GLY B 997 38.19 -2.23 23.54
CA GLY B 997 38.84 -3.42 24.05
C GLY B 997 40.02 -3.09 24.93
N GLU B 998 40.84 -2.14 24.51
CA GLU B 998 41.93 -1.66 25.34
C GLU B 998 41.45 -1.26 26.73
N GLN B 999 40.23 -0.72 26.85
CA GLN B 999 39.68 -0.39 28.16
C GLN B 999 39.08 -1.58 28.89
N LEU B 1000 38.64 -2.62 28.18
CA LEU B 1000 38.11 -3.79 28.87
C LEU B 1000 39.22 -4.70 29.35
N ALA B 1001 40.41 -4.59 28.77
CA ALA B 1001 41.51 -5.43 29.24
C ALA B 1001 42.05 -4.93 30.56
N LYS B 1002 42.22 -3.61 30.71
CA LYS B 1002 42.80 -3.06 31.93
C LYS B 1002 41.92 -3.34 33.15
N ALA B 1003 40.65 -3.64 32.95
CA ALA B 1003 39.76 -4.00 34.04
C ALA B 1003 39.59 -5.51 34.19
N GLY B 1004 40.28 -6.31 33.37
CA GLY B 1004 40.36 -7.74 33.57
C GLY B 1004 39.49 -8.59 32.67
N TYR B 1005 38.41 -8.04 32.11
CA TYR B 1005 37.52 -8.86 31.29
C TYR B 1005 38.10 -9.08 29.90
N ASN B 1006 37.30 -9.66 29.02
CA ASN B 1006 37.79 -10.17 27.75
C ASN B 1006 37.84 -9.06 26.71
N TYR B 1007 38.97 -8.98 26.02
CA TYR B 1007 39.25 -7.92 25.06
C TYR B 1007 38.21 -7.81 23.95
N HIS B 1008 37.51 -8.90 23.63
CA HIS B 1008 36.49 -8.89 22.60
C HIS B 1008 35.09 -8.69 23.14
N GLY B 1009 34.92 -8.60 24.45
CA GLY B 1009 33.62 -8.38 25.05
C GLY B 1009 32.88 -9.64 25.44
N ASN B 1010 33.39 -10.81 25.08
CA ASN B 1010 32.72 -12.07 25.37
C ASN B 1010 32.82 -12.42 26.85
N GLU B 1011 31.90 -13.27 27.30
CA GLU B 1011 32.00 -13.90 28.61
C GLU B 1011 31.68 -15.38 28.50
N PRO B 1012 32.40 -16.22 29.24
CA PRO B 1012 31.93 -17.59 29.41
C PRO B 1012 30.64 -17.61 30.21
N MET B 1013 29.66 -18.36 29.71
CA MET B 1013 28.37 -18.40 30.37
C MET B 1013 27.85 -19.82 30.41
N TYR B 1014 27.05 -20.09 31.42
CA TYR B 1014 26.54 -21.42 31.71
C TYR B 1014 25.07 -21.51 31.33
N SER B 1015 24.69 -22.60 30.67
CA SER B 1015 23.29 -22.84 30.37
C SER B 1015 22.49 -22.98 31.64
N GLY B 1016 21.30 -22.39 31.65
CA GLY B 1016 20.49 -22.39 32.85
C GLY B 1016 19.62 -23.60 33.01
N ALA B 1017 19.29 -24.26 31.90
CA ALA B 1017 18.41 -25.42 31.95
C ALA B 1017 19.14 -26.66 32.46
N THR B 1018 20.08 -27.17 31.66
CA THR B 1018 20.80 -28.37 32.05
C THR B 1018 21.90 -28.07 33.06
N GLY B 1019 22.56 -26.93 32.91
CA GLY B 1019 23.63 -26.53 33.80
C GLY B 1019 25.01 -26.69 33.22
N GLU B 1020 25.16 -27.46 32.15
CA GLU B 1020 26.45 -27.61 31.52
C GLU B 1020 26.88 -26.30 30.87
N GLU B 1021 28.18 -26.16 30.64
CA GLU B 1021 28.73 -24.93 30.10
C GLU B 1021 28.50 -24.85 28.60
N LEU B 1022 28.15 -23.65 28.12
CA LEU B 1022 27.90 -23.47 26.70
C LEU B 1022 29.19 -23.64 25.90
N ARG B 1023 29.03 -23.91 24.62
CA ARG B 1023 30.18 -24.20 23.77
C ARG B 1023 31.12 -23.02 23.68
N ALA B 1024 30.65 -21.89 23.18
CA ALA B 1024 31.49 -20.76 22.89
C ALA B 1024 31.12 -19.58 23.78
N ASP B 1025 32.11 -18.73 24.04
CA ASP B 1025 31.85 -17.50 24.77
C ASP B 1025 30.87 -16.63 24.00
N ILE B 1026 29.88 -16.08 24.71
CA ILE B 1026 28.82 -15.33 24.05
C ILE B 1026 28.92 -13.87 24.46
N TYR B 1027 28.42 -13.01 23.58
CA TYR B 1027 28.74 -11.59 23.59
C TYR B 1027 27.73 -10.83 24.44
N VAL B 1028 28.23 -10.07 25.42
CA VAL B 1028 27.39 -9.41 26.41
C VAL B 1028 27.85 -7.97 26.55
N GLY B 1029 26.90 -7.06 26.74
CA GLY B 1029 27.23 -5.67 26.93
C GLY B 1029 26.07 -4.89 27.52
N VAL B 1030 26.21 -3.57 27.53
CA VAL B 1030 25.18 -2.67 28.03
C VAL B 1030 24.66 -1.85 26.85
N VAL B 1031 23.40 -2.04 26.50
CA VAL B 1031 22.76 -1.35 25.40
C VAL B 1031 21.56 -0.59 25.94
N TYR B 1032 21.29 0.58 25.39
CA TYR B 1032 20.26 1.45 25.91
C TYR B 1032 18.99 1.36 25.06
N TYR B 1033 17.91 0.89 25.69
CA TYR B 1033 16.68 0.54 24.99
C TYR B 1033 15.55 1.49 25.32
N GLN B 1034 14.65 1.64 24.35
CA GLN B 1034 13.52 2.56 24.40
C GLN B 1034 12.25 1.75 24.27
N ARG B 1035 11.24 2.08 25.06
CA ARG B 1035 9.94 1.44 24.92
C ARG B 1035 9.09 2.29 23.99
N LEU B 1036 8.26 1.65 23.17
CA LEU B 1036 7.44 2.39 22.22
C LEU B 1036 5.97 2.29 22.60
N ARG B 1037 5.14 2.93 21.77
CA ARG B 1037 3.70 2.81 21.83
C ARG B 1037 3.28 1.50 21.16
N HIS B 1038 2.01 1.41 20.79
CA HIS B 1038 1.49 0.29 20.02
C HIS B 1038 1.49 -0.93 20.89
N MET B 1039 1.29 -0.71 22.19
CA MET B 1039 1.00 -1.78 23.12
C MET B 1039 -0.19 -2.58 22.64
N VAL B 1040 -0.10 -3.90 22.79
CA VAL B 1040 -1.11 -4.77 22.22
C VAL B 1040 -2.48 -4.48 22.82
N ASN B 1041 -2.52 -3.94 24.04
CA ASN B 1041 -3.77 -3.56 24.66
C ASN B 1041 -4.60 -2.62 23.81
N ASP B 1042 -3.96 -1.78 22.99
CA ASP B 1042 -4.67 -0.91 22.06
C ASP B 1042 -5.21 -1.65 20.86
N LYS B 1043 -4.48 -2.64 20.34
CA LYS B 1043 -4.83 -3.26 19.07
C LYS B 1043 -5.20 -4.74 19.27
N PHE B 1044 -6.49 -5.02 19.26
CA PHE B 1044 -7.09 -6.35 19.09
C PHE B 1044 -8.58 -6.19 19.33
N GLN B 1045 -9.37 -7.15 18.85
CA GLN B 1045 -10.79 -7.15 19.16
C GLN B 1045 -11.44 -8.41 18.61
N VAL B 1046 -12.70 -8.61 18.97
CA VAL B 1046 -13.39 -9.87 18.75
C VAL B 1046 -14.85 -9.64 18.38
N ARG B 1047 -15.33 -10.51 17.51
CA ARG B 1047 -16.62 -10.54 16.82
C ARG B 1047 -17.04 -9.24 16.14
N SER B 1048 -18.32 -9.18 15.74
CA SER B 1048 -19.13 -7.98 15.56
C SER B 1048 -20.43 -7.88 16.38
N THR B 1049 -20.75 -8.86 17.22
CA THR B 1049 -22.15 -9.19 17.50
C THR B 1049 -22.84 -8.17 18.38
N GLY B 1050 -22.16 -7.09 18.68
CA GLY B 1050 -22.82 -5.89 19.13
C GLY B 1050 -23.58 -5.26 17.98
N PRO B 1051 -23.86 -3.97 18.08
CA PRO B 1051 -24.84 -3.34 17.18
C PRO B 1051 -24.47 -3.50 15.72
N VAL B 1052 -25.46 -3.34 14.83
CA VAL B 1052 -25.31 -3.58 13.41
C VAL B 1052 -25.61 -2.31 12.64
N ASN B 1053 -25.07 -2.23 11.43
CA ASN B 1053 -25.33 -1.09 10.55
C ASN B 1053 -26.81 -1.05 10.19
N SER B 1054 -27.36 0.17 10.08
CA SER B 1054 -28.79 0.30 9.91
C SER B 1054 -29.25 0.04 8.47
N LEU B 1055 -28.45 0.48 7.49
CA LEU B 1055 -28.87 0.32 6.10
C LEU B 1055 -28.90 -1.14 5.69
N THR B 1056 -27.77 -1.82 5.80
CA THR B 1056 -27.61 -3.16 5.26
C THR B 1056 -27.75 -4.27 6.29
N MET B 1057 -28.04 -3.95 7.55
CA MET B 1057 -28.14 -4.97 8.61
C MET B 1057 -26.89 -5.82 8.66
N GLN B 1058 -25.74 -5.17 8.62
CA GLN B 1058 -24.43 -5.83 8.64
C GLN B 1058 -23.65 -5.39 9.87
N PRO B 1059 -22.60 -6.12 10.21
CA PRO B 1059 -21.67 -5.66 11.24
C PRO B 1059 -21.23 -4.22 11.01
N VAL B 1060 -21.26 -3.44 12.09
CA VAL B 1060 -20.81 -2.06 12.02
C VAL B 1060 -19.29 -1.99 12.07
N LYS B 1061 -18.73 -0.92 11.54
CA LYS B 1061 -17.32 -0.67 11.78
C LYS B 1061 -17.12 -0.41 13.27
N GLY B 1062 -15.89 -0.52 13.74
CA GLY B 1062 -15.69 -1.17 15.02
C GLY B 1062 -14.44 -0.76 15.75
N ARG B 1063 -13.98 -1.67 16.61
CA ARG B 1063 -13.16 -1.36 17.77
C ARG B 1063 -14.00 -0.53 18.73
N LYS B 1064 -13.75 0.77 18.87
CA LYS B 1064 -14.34 1.55 19.96
C LYS B 1064 -15.82 1.21 20.16
N ARG B 1065 -16.57 1.04 19.08
CA ARG B 1065 -17.98 0.64 19.18
C ARG B 1065 -18.21 -0.86 19.00
N HIS B 1066 -17.15 -1.68 18.98
CA HIS B 1066 -17.25 -3.15 19.01
C HIS B 1066 -17.86 -3.71 17.72
N GLY B 1067 -17.29 -3.34 16.58
CA GLY B 1067 -17.68 -3.91 15.31
C GLY B 1067 -16.75 -5.01 14.84
N GLY B 1068 -16.90 -5.36 13.56
CA GLY B 1068 -16.31 -6.55 13.01
C GLY B 1068 -15.10 -6.30 12.12
N ILE B 1069 -14.66 -7.36 11.46
CA ILE B 1069 -13.46 -7.38 10.61
C ILE B 1069 -13.95 -7.57 9.19
N ARG B 1070 -13.16 -7.12 8.21
CA ARG B 1070 -13.61 -7.08 6.84
C ARG B 1070 -13.02 -8.16 5.94
N VAL B 1071 -13.86 -9.05 5.42
CA VAL B 1071 -13.47 -9.87 4.28
C VAL B 1071 -13.35 -8.97 3.06
N GLY B 1072 -12.50 -9.34 2.11
CA GLY B 1072 -12.14 -8.37 1.10
C GLY B 1072 -11.93 -8.96 -0.28
N GLU B 1073 -11.70 -8.06 -1.24
CA GLU B 1073 -11.60 -8.43 -2.65
C GLU B 1073 -10.63 -9.58 -2.86
N MET B 1074 -9.41 -9.45 -2.31
CA MET B 1074 -8.39 -10.47 -2.52
C MET B 1074 -8.60 -11.65 -1.59
N GLU B 1075 -9.04 -11.38 -0.36
CA GLU B 1075 -9.45 -12.45 0.54
C GLU B 1075 -10.55 -13.30 -0.05
N ARG B 1076 -11.37 -12.74 -0.94
CA ARG B 1076 -12.41 -13.48 -1.61
C ARG B 1076 -11.84 -14.43 -2.65
N ASP B 1077 -10.61 -14.21 -3.11
CA ASP B 1077 -9.99 -15.14 -4.05
C ASP B 1077 -9.24 -16.26 -3.35
N ALA B 1078 -8.94 -16.09 -2.06
CA ALA B 1078 -8.35 -17.20 -1.32
C ALA B 1078 -9.38 -18.26 -1.01
N LEU B 1079 -10.65 -17.88 -0.97
CA LEU B 1079 -11.71 -18.84 -0.74
C LEU B 1079 -11.93 -19.69 -1.98
N ILE B 1080 -12.32 -19.03 -3.09
CA ILE B 1080 -12.49 -19.70 -4.37
C ILE B 1080 -11.26 -20.48 -4.79
N GLY B 1081 -10.06 -19.93 -4.53
CA GLY B 1081 -8.86 -20.52 -5.09
C GLY B 1081 -8.63 -21.95 -4.67
N HIS B 1082 -8.96 -22.29 -3.43
CA HIS B 1082 -8.80 -23.67 -2.99
C HIS B 1082 -9.88 -24.56 -3.58
N GLY B 1083 -10.92 -23.97 -4.17
CA GLY B 1083 -12.12 -24.68 -4.48
C GLY B 1083 -13.14 -24.66 -3.37
N THR B 1084 -12.71 -24.39 -2.14
CA THR B 1084 -13.62 -24.34 -1.01
C THR B 1084 -14.61 -23.20 -1.18
N SER B 1085 -15.89 -23.54 -1.07
CA SER B 1085 -16.97 -22.58 -1.27
C SER B 1085 -17.94 -22.57 -0.10
N PHE B 1086 -18.44 -23.73 0.33
CA PHE B 1086 -19.23 -23.74 1.56
C PHE B 1086 -18.57 -22.91 2.66
N LEU B 1087 -17.24 -22.87 2.67
CA LEU B 1087 -16.51 -21.97 3.56
C LEU B 1087 -16.49 -20.54 3.02
N LEU B 1088 -16.69 -20.34 1.72
CA LEU B 1088 -16.86 -18.99 1.19
C LEU B 1088 -18.21 -18.42 1.57
N GLN B 1089 -19.27 -19.09 1.12
CA GLN B 1089 -20.64 -18.72 1.44
C GLN B 1089 -20.77 -18.39 2.92
N ASP B 1090 -20.48 -19.37 3.77
CA ASP B 1090 -20.58 -19.20 5.22
C ASP B 1090 -19.97 -17.90 5.69
N ARG B 1091 -18.85 -17.51 5.12
CA ARG B 1091 -18.23 -16.27 5.57
C ARG B 1091 -18.86 -15.04 4.94
N LEU B 1092 -19.36 -15.14 3.71
CA LEU B 1092 -20.03 -14.03 3.05
C LEU B 1092 -21.55 -14.08 3.13
N LEU B 1093 -22.14 -15.14 3.69
CA LEU B 1093 -23.60 -15.19 3.73
C LEU B 1093 -24.11 -15.54 5.12
N ASN B 1094 -23.88 -16.77 5.55
CA ASN B 1094 -24.47 -17.26 6.80
C ASN B 1094 -24.07 -16.38 7.98
N SER B 1095 -22.84 -15.88 7.99
CA SER B 1095 -22.33 -15.21 9.18
C SER B 1095 -22.83 -13.78 9.30
N SER B 1096 -23.05 -13.09 8.18
CA SER B 1096 -23.26 -11.66 8.30
C SER B 1096 -24.73 -11.23 8.16
N ASP B 1097 -25.22 -11.11 6.93
CA ASP B 1097 -26.50 -10.48 6.66
C ASP B 1097 -27.63 -11.45 6.38
N TYR B 1098 -27.42 -12.75 6.50
CA TYR B 1098 -28.37 -13.75 6.02
C TYR B 1098 -29.78 -13.48 6.53
N THR B 1099 -30.75 -13.54 5.61
CA THR B 1099 -32.13 -13.21 5.91
C THR B 1099 -33.08 -14.10 5.13
N GLN B 1100 -34.11 -14.61 5.80
CA GLN B 1100 -35.18 -15.35 5.14
C GLN B 1100 -36.30 -14.37 4.80
N ALA B 1101 -36.49 -14.11 3.53
CA ALA B 1101 -37.47 -13.12 3.08
C ALA B 1101 -38.58 -13.80 2.30
N SER B 1102 -39.57 -13.02 1.89
CA SER B 1102 -40.67 -13.56 1.12
C SER B 1102 -40.61 -13.04 -0.31
N VAL B 1103 -41.04 -13.87 -1.26
CA VAL B 1103 -40.95 -13.57 -2.67
C VAL B 1103 -42.26 -13.92 -3.36
N CYS B 1104 -42.85 -12.94 -4.03
CA CYS B 1104 -43.97 -13.16 -4.91
C CYS B 1104 -43.57 -14.12 -6.03
N ARG B 1105 -44.37 -15.17 -6.17
CA ARG B 1105 -44.06 -16.21 -7.14
C ARG B 1105 -44.48 -15.84 -8.55
N GLU B 1106 -45.66 -15.24 -8.72
CA GLU B 1106 -46.12 -14.82 -10.04
C GLU B 1106 -45.50 -13.53 -10.53
N CYS B 1107 -45.44 -12.47 -9.70
CA CYS B 1107 -44.82 -11.22 -10.09
C CYS B 1107 -43.30 -11.20 -9.92
N GLY B 1108 -42.73 -12.07 -9.09
CA GLY B 1108 -41.29 -12.19 -8.97
C GLY B 1108 -40.59 -10.99 -8.39
N SER B 1109 -40.97 -10.55 -7.19
CA SER B 1109 -40.33 -9.39 -6.59
C SER B 1109 -40.26 -9.54 -5.08
N ILE B 1110 -39.11 -9.14 -4.52
CA ILE B 1110 -38.88 -9.19 -3.08
C ILE B 1110 -39.44 -7.96 -2.39
N LEU B 1111 -39.63 -6.87 -3.14
CA LEU B 1111 -39.88 -5.58 -2.52
C LEU B 1111 -41.31 -5.44 -2.04
N THR B 1112 -42.26 -5.88 -2.87
CA THR B 1112 -43.63 -5.42 -2.69
C THR B 1112 -44.37 -6.16 -1.58
N THR B 1113 -43.93 -7.36 -1.24
CA THR B 1113 -44.73 -8.19 -0.33
C THR B 1113 -44.94 -7.49 1.01
N GLN B 1114 -46.07 -7.79 1.64
CA GLN B 1114 -46.42 -7.19 2.92
C GLN B 1114 -47.25 -8.17 3.73
N GLN B 1115 -47.14 -8.07 5.06
CA GLN B 1115 -47.97 -8.84 5.95
C GLN B 1115 -49.42 -8.39 5.84
N SER B 1116 -50.32 -9.23 6.34
CA SER B 1116 -51.76 -8.99 6.28
C SER B 1116 -52.29 -8.53 7.63
N VAL B 1117 -53.00 -7.40 7.63
CA VAL B 1117 -53.73 -6.93 8.80
C VAL B 1117 -55.07 -7.67 8.81
N PRO B 1118 -55.28 -8.58 9.74
CA PRO B 1118 -56.43 -9.49 9.64
C PRO B 1118 -57.68 -8.96 10.35
N ARG B 1119 -58.77 -9.68 10.15
CA ARG B 1119 -59.88 -9.68 11.08
C ARG B 1119 -59.58 -10.66 12.22
N ILE B 1120 -60.20 -10.41 13.37
CA ILE B 1120 -59.98 -11.28 14.51
C ILE B 1120 -60.37 -12.70 14.16
N GLY B 1121 -59.46 -13.63 14.39
CA GLY B 1121 -59.63 -15.02 14.01
C GLY B 1121 -58.85 -15.42 12.76
N SER B 1122 -58.49 -14.46 11.92
CA SER B 1122 -57.69 -14.72 10.74
C SER B 1122 -56.22 -14.65 11.09
N ILE B 1123 -55.50 -15.74 10.87
CA ILE B 1123 -54.08 -15.79 11.18
C ILE B 1123 -53.33 -14.95 10.16
N SER B 1124 -52.18 -14.42 10.57
CA SER B 1124 -51.36 -13.62 9.67
C SER B 1124 -50.97 -14.42 8.44
N THR B 1125 -50.89 -13.75 7.31
CA THR B 1125 -50.48 -14.38 6.06
C THR B 1125 -49.83 -13.36 5.15
N VAL B 1126 -48.87 -13.81 4.34
CA VAL B 1126 -48.17 -12.90 3.45
C VAL B 1126 -48.98 -12.75 2.16
N CYS B 1127 -48.94 -11.56 1.56
CA CYS B 1127 -49.66 -11.30 0.33
C CYS B 1127 -48.90 -10.30 -0.53
N CYS B 1128 -48.97 -10.46 -1.84
CA CYS B 1128 -48.32 -9.50 -2.74
C CYS B 1128 -49.27 -8.36 -3.07
N ARG B 1129 -48.76 -7.14 -2.98
CA ARG B 1129 -49.54 -5.93 -3.23
C ARG B 1129 -49.59 -5.54 -4.70
N ARG B 1130 -48.71 -6.08 -5.55
CA ARG B 1130 -48.76 -5.73 -6.97
C ARG B 1130 -49.83 -6.52 -7.71
N CYS B 1131 -49.88 -7.84 -7.50
CA CYS B 1131 -50.65 -8.73 -8.34
C CYS B 1131 -52.11 -8.85 -7.94
N SER B 1132 -52.56 -8.10 -6.95
CA SER B 1132 -53.97 -8.12 -6.56
C SER B 1132 -54.58 -6.74 -6.80
N MET B 1133 -55.90 -6.70 -6.97
CA MET B 1133 -56.59 -5.49 -7.40
C MET B 1133 -57.60 -5.04 -6.36
N ARG B 1134 -57.96 -3.76 -6.46
CA ARG B 1134 -58.92 -3.16 -5.53
C ARG B 1134 -60.22 -3.95 -5.55
N PHE B 1135 -60.88 -4.00 -4.40
CA PHE B 1135 -62.15 -4.73 -4.33
C PHE B 1135 -63.24 -4.07 -5.15
N GLU B 1136 -63.09 -2.79 -5.50
CA GLU B 1136 -64.10 -2.12 -6.30
C GLU B 1136 -64.21 -2.72 -7.70
N ASP B 1137 -63.07 -3.08 -8.30
CA ASP B 1137 -63.08 -3.57 -9.68
C ASP B 1137 -63.47 -5.03 -9.79
N ALA B 1138 -63.39 -5.79 -8.70
CA ALA B 1138 -63.74 -7.21 -8.76
C ALA B 1138 -65.18 -7.40 -9.18
N LYS B 1139 -66.07 -6.51 -8.76
CA LYS B 1139 -67.48 -6.64 -9.11
C LYS B 1139 -67.76 -6.10 -10.52
N LYS B 1140 -66.85 -5.29 -11.06
CA LYS B 1140 -67.08 -4.74 -12.40
C LYS B 1140 -67.06 -5.83 -13.46
N LEU B 1141 -66.46 -6.98 -13.16
CA LEU B 1141 -66.48 -8.10 -14.09
C LEU B 1141 -66.41 -9.43 -13.33
N ILE B 1151 -70.97 -15.05 -12.10
CA ILE B 1151 -69.56 -15.12 -11.76
C ILE B 1151 -69.34 -14.48 -10.38
N PHE B 1152 -69.19 -15.33 -9.37
CA PHE B 1152 -69.04 -14.87 -7.99
C PHE B 1152 -67.58 -15.00 -7.58
N ILE B 1153 -67.11 -14.03 -6.78
CA ILE B 1153 -65.69 -13.98 -6.43
C ILE B 1153 -65.44 -14.74 -5.14
N ASP B 1154 -64.34 -15.49 -5.11
CA ASP B 1154 -64.05 -16.36 -3.97
C ASP B 1154 -63.83 -15.55 -2.70
N ASP B 1155 -64.05 -16.21 -1.56
CA ASP B 1155 -63.96 -15.54 -0.27
C ASP B 1155 -62.52 -15.43 0.25
N SER B 1156 -61.74 -16.50 0.08
CA SER B 1156 -60.42 -16.54 0.71
C SER B 1156 -59.47 -15.50 0.17
N GLN B 1157 -59.64 -15.06 -1.08
CA GLN B 1157 -58.72 -14.09 -1.66
C GLN B 1157 -58.85 -12.71 -1.06
N ILE B 1158 -59.89 -12.44 -0.27
CA ILE B 1158 -60.06 -11.15 0.36
C ILE B 1158 -59.12 -11.04 1.54
N TRP B 1159 -58.34 -9.95 1.57
CA TRP B 1159 -57.53 -9.61 2.72
C TRP B 1159 -57.42 -8.09 2.79
N GLU B 1160 -57.19 -7.57 3.99
CA GLU B 1160 -57.33 -6.15 4.24
C GLU B 1160 -56.02 -5.56 4.76
N ASP B 1161 -55.74 -4.32 4.35
CA ASP B 1161 -54.51 -3.63 4.67
C ASP B 1161 -54.66 -2.81 5.96
N GLY B 1162 -53.70 -1.92 6.21
CA GLY B 1162 -53.71 -1.16 7.45
C GLY B 1162 -54.91 -0.25 7.60
N GLN B 1163 -55.12 0.64 6.63
CA GLN B 1163 -56.28 1.53 6.70
C GLN B 1163 -57.59 0.80 6.51
N GLY B 1164 -57.57 -0.48 6.17
CA GLY B 1164 -58.77 -1.27 6.06
C GLY B 1164 -59.34 -1.39 4.67
N ASN B 1165 -58.55 -1.14 3.63
CA ASN B 1165 -59.02 -1.38 2.27
C ASN B 1165 -59.23 -2.87 2.05
N LYS B 1166 -60.01 -3.22 1.05
CA LYS B 1166 -60.30 -4.61 0.74
C LYS B 1166 -59.58 -5.00 -0.54
N PHE B 1167 -58.82 -6.10 -0.47
CA PHE B 1167 -58.07 -6.60 -1.60
C PHE B 1167 -58.47 -8.03 -1.91
N VAL B 1168 -58.30 -8.41 -3.19
CA VAL B 1168 -58.66 -9.72 -3.68
C VAL B 1168 -57.45 -10.30 -4.41
N GLY B 1169 -56.91 -11.40 -3.90
CA GLY B 1169 -55.90 -12.16 -4.60
C GLY B 1169 -54.48 -11.88 -4.13
N GLY B 1170 -53.55 -12.54 -4.81
CA GLY B 1170 -52.15 -12.35 -4.53
C GLY B 1170 -51.63 -13.05 -3.29
N ASN B 1171 -51.97 -14.31 -3.09
CA ASN B 1171 -51.50 -15.07 -1.95
C ASN B 1171 -50.26 -15.90 -2.24
N GLU B 1172 -49.64 -15.75 -3.41
CA GLU B 1172 -48.56 -16.64 -3.82
C GLU B 1172 -47.23 -16.07 -3.35
N THR B 1173 -46.63 -16.70 -2.34
CA THR B 1173 -45.32 -16.33 -1.83
C THR B 1173 -44.71 -17.52 -1.12
N THR B 1174 -43.39 -17.49 -0.98
CA THR B 1174 -42.64 -18.49 -0.23
C THR B 1174 -41.47 -17.79 0.46
N THR B 1175 -40.57 -18.59 1.03
CA THR B 1175 -39.40 -18.10 1.73
C THR B 1175 -38.15 -18.49 0.96
N VAL B 1176 -37.26 -17.53 0.75
CA VAL B 1176 -35.98 -17.78 0.12
C VAL B 1176 -34.87 -17.21 1.00
N ALA B 1177 -33.64 -17.62 0.71
CA ALA B 1177 -32.48 -17.20 1.47
C ALA B 1177 -31.70 -16.18 0.64
N ILE B 1178 -31.73 -14.93 1.07
CA ILE B 1178 -31.05 -13.85 0.34
C ILE B 1178 -30.22 -13.05 1.31
N PRO B 1179 -29.07 -12.51 0.90
CA PRO B 1179 -28.41 -11.50 1.72
C PRO B 1179 -29.25 -10.24 1.72
N PHE B 1180 -29.14 -9.48 2.81
CA PHE B 1180 -30.07 -8.37 3.01
C PHE B 1180 -29.79 -7.25 2.02
N VAL B 1181 -28.52 -7.01 1.68
CA VAL B 1181 -28.21 -5.86 0.85
C VAL B 1181 -28.83 -6.01 -0.53
N LEU B 1182 -29.15 -7.24 -0.95
CA LEU B 1182 -29.91 -7.42 -2.18
C LEU B 1182 -31.20 -6.61 -2.16
N LYS B 1183 -31.93 -6.69 -1.04
CA LYS B 1183 -33.17 -5.92 -0.91
C LYS B 1183 -32.94 -4.44 -1.11
N TYR B 1184 -31.78 -3.93 -0.70
CA TYR B 1184 -31.43 -2.54 -0.94
C TYR B 1184 -31.02 -2.29 -2.38
N LEU B 1185 -30.46 -3.29 -3.06
CA LEU B 1185 -30.04 -3.10 -4.44
C LEU B 1185 -31.22 -3.15 -5.40
N ASP B 1186 -32.22 -3.96 -5.11
CA ASP B 1186 -33.46 -3.95 -5.84
C ASP B 1186 -34.35 -2.78 -5.42
N SER B 1187 -34.18 -2.30 -4.19
CA SER B 1187 -34.97 -1.16 -3.72
C SER B 1187 -34.48 0.15 -4.32
N GLU B 1188 -33.17 0.33 -4.43
CA GLU B 1188 -32.63 1.57 -4.99
C GLU B 1188 -32.42 1.51 -6.48
N LEU B 1189 -32.83 0.45 -7.15
CA LEU B 1189 -33.06 0.50 -8.58
C LEU B 1189 -34.50 0.86 -8.93
N SER B 1190 -35.38 0.87 -7.94
CA SER B 1190 -36.75 1.30 -8.18
C SER B 1190 -36.84 2.82 -8.34
N ALA B 1191 -35.90 3.55 -7.74
CA ALA B 1191 -35.88 5.00 -7.94
C ALA B 1191 -35.47 5.34 -9.36
N MET B 1192 -34.39 4.72 -9.85
CA MET B 1192 -33.93 4.98 -11.20
C MET B 1192 -34.90 4.50 -12.27
N GLY B 1193 -35.95 3.79 -11.90
CA GLY B 1193 -36.84 3.24 -12.89
C GLY B 1193 -36.35 1.97 -13.54
N ILE B 1194 -35.77 1.07 -12.77
CA ILE B 1194 -35.39 -0.25 -13.23
C ILE B 1194 -35.97 -1.28 -12.27
N ARG B 1195 -36.28 -2.46 -12.79
CA ARG B 1195 -36.88 -3.51 -12.01
C ARG B 1195 -35.96 -4.73 -11.97
N LEU B 1196 -36.01 -5.46 -10.86
CA LEU B 1196 -35.37 -6.76 -10.76
C LEU B 1196 -36.42 -7.84 -10.61
N ARG B 1197 -36.45 -8.77 -11.56
CA ARG B 1197 -37.39 -9.87 -11.58
C ARG B 1197 -36.65 -11.16 -11.25
N TYR B 1198 -37.12 -11.88 -10.23
CA TYR B 1198 -36.49 -13.12 -9.81
C TYR B 1198 -37.36 -14.28 -10.22
N ASN B 1199 -36.77 -15.25 -10.90
CA ASN B 1199 -37.48 -16.47 -11.24
C ASN B 1199 -37.18 -17.53 -10.18
N VAL B 1200 -38.23 -18.02 -9.53
CA VAL B 1200 -38.09 -18.90 -8.37
C VAL B 1200 -38.57 -20.29 -8.74
N GLU B 1201 -37.94 -21.30 -8.16
CA GLU B 1201 -38.36 -22.69 -8.33
C GLU B 1201 -38.83 -23.29 -7.00
N PRO B 1202 -39.79 -24.23 -7.05
CA PRO B 1202 -40.40 -24.90 -8.21
C PRO B 1202 -41.29 -24.02 -9.09
N LYS B 1203 -41.38 -24.38 -10.36
CA LYS B 1203 -42.21 -23.66 -11.33
C LYS B 1203 -43.63 -24.22 -11.36
N TRP C 31 27.42 -48.72 39.69
CA TRP C 31 27.59 -47.58 40.56
C TRP C 31 26.81 -47.82 41.84
N ASN C 32 26.93 -46.92 42.82
CA ASN C 32 26.47 -47.21 44.16
C ASN C 32 26.65 -45.94 44.98
N VAL C 33 25.98 -45.91 46.14
CA VAL C 33 26.01 -44.72 47.00
C VAL C 33 27.33 -44.62 47.72
N GLU C 34 27.90 -45.76 48.13
CA GLU C 34 29.15 -45.75 48.87
C GLU C 34 30.28 -45.14 48.05
N LYS C 35 30.32 -45.43 46.75
CA LYS C 35 31.34 -44.84 45.90
C LYS C 35 31.08 -43.36 45.72
N PHE C 36 29.87 -42.90 46.02
CA PHE C 36 29.58 -41.47 46.03
C PHE C 36 30.16 -40.85 47.28
N LYS C 37 29.65 -41.28 48.44
CA LYS C 37 29.98 -40.69 49.74
C LYS C 37 31.47 -40.64 49.98
N LYS C 38 32.22 -41.54 49.35
CA LYS C 38 33.65 -41.60 49.60
C LYS C 38 34.41 -40.50 48.88
N ASP C 39 33.99 -40.11 47.68
CA ASP C 39 34.71 -39.11 46.89
C ASP C 39 34.14 -37.70 47.00
N PHE C 40 33.12 -37.48 47.81
CA PHE C 40 32.52 -36.15 47.93
C PHE C 40 33.25 -35.34 48.98
N GLU C 41 33.52 -34.07 48.66
CA GLU C 41 34.31 -33.23 49.55
C GLU C 41 33.88 -31.77 49.40
N VAL C 42 33.99 -31.02 50.49
CA VAL C 42 33.59 -29.62 50.53
C VAL C 42 34.72 -28.81 51.15
N ASN C 43 34.95 -27.62 50.61
CA ASN C 43 35.93 -26.69 51.17
C ASN C 43 35.31 -25.32 51.25
N ILE C 44 35.19 -24.78 52.46
CA ILE C 44 34.64 -23.44 52.68
C ILE C 44 35.80 -22.47 52.78
N SER C 45 35.91 -21.59 51.78
CA SER C 45 36.99 -20.61 51.78
C SER C 45 36.67 -19.42 52.68
N SER C 46 35.45 -18.90 52.61
CA SER C 46 35.06 -17.80 53.47
C SER C 46 33.57 -17.87 53.73
N LEU C 47 33.21 -17.55 54.97
CA LEU C 47 31.82 -17.56 55.42
C LEU C 47 31.59 -16.34 56.30
N ASP C 48 30.42 -15.75 56.14
CA ASP C 48 30.09 -14.51 56.83
C ASP C 48 28.57 -14.42 56.93
N ALA C 49 28.10 -13.49 57.77
CA ALA C 49 26.67 -13.33 57.96
C ALA C 49 25.95 -12.82 56.72
N ARG C 50 26.67 -12.47 55.64
CA ARG C 50 26.04 -11.98 54.43
C ARG C 50 26.40 -12.81 53.21
N GLU C 51 27.67 -12.87 52.81
CA GLU C 51 28.06 -13.59 51.60
C GLU C 51 29.07 -14.68 51.92
N ALA C 52 28.92 -15.83 51.28
CA ALA C 52 29.73 -17.01 51.54
C ALA C 52 30.16 -17.67 50.23
N ASN C 53 31.29 -18.36 50.28
CA ASN C 53 31.89 -18.97 49.09
C ASN C 53 32.45 -20.33 49.47
N PHE C 54 32.07 -21.37 48.72
CA PHE C 54 32.56 -22.71 49.06
C PHE C 54 32.49 -23.61 47.84
N ASP C 55 33.21 -24.73 47.91
CA ASP C 55 33.45 -25.60 46.77
C ASP C 55 32.76 -26.95 46.96
N LEU C 56 32.41 -27.58 45.84
CA LEU C 56 31.95 -28.96 45.83
C LEU C 56 32.84 -29.75 44.89
N ILE C 57 32.97 -31.05 45.12
CA ILE C 57 33.85 -31.88 44.30
C ILE C 57 33.16 -33.19 43.98
N ASN C 58 33.32 -33.64 42.72
CA ASN C 58 32.84 -34.95 42.26
C ASN C 58 31.33 -35.10 42.42
N ILE C 59 30.61 -33.99 42.32
CA ILE C 59 29.15 -34.01 42.27
C ILE C 59 28.76 -33.71 40.83
N ASP C 60 27.82 -34.50 40.29
CA ASP C 60 27.50 -34.37 38.89
C ASP C 60 26.67 -33.11 38.63
N THR C 61 26.95 -32.45 37.51
CA THR C 61 26.46 -31.09 37.28
C THR C 61 24.95 -30.99 37.31
N SER C 62 24.23 -32.07 37.04
CA SER C 62 22.77 -31.98 37.05
C SER C 62 22.22 -31.82 38.46
N ILE C 63 22.94 -32.26 39.48
CA ILE C 63 22.47 -32.05 40.85
C ILE C 63 22.76 -30.63 41.31
N ALA C 64 23.98 -30.15 41.12
CA ALA C 64 24.31 -28.81 41.59
C ALA C 64 23.74 -27.71 40.69
N ASN C 65 23.21 -28.07 39.52
CA ASN C 65 22.31 -27.14 38.86
C ASN C 65 20.93 -27.17 39.47
N ALA C 66 20.57 -28.24 40.20
CA ALA C 66 19.32 -28.26 40.92
C ALA C 66 19.42 -27.48 42.22
N PHE C 67 20.57 -27.54 42.90
CA PHE C 67 20.72 -26.77 44.12
C PHE C 67 20.43 -25.30 43.92
N ARG C 68 21.27 -24.58 43.17
CA ARG C 68 21.08 -23.14 43.04
C ARG C 68 19.69 -22.82 42.51
N ARG C 69 19.21 -23.59 41.55
CA ARG C 69 17.87 -23.39 41.03
C ARG C 69 16.83 -23.41 42.13
N ILE C 70 17.01 -24.27 43.15
CA ILE C 70 16.13 -24.23 44.30
C ILE C 70 16.43 -23.02 45.18
N MET C 71 17.71 -22.67 45.34
CA MET C 71 18.09 -21.54 46.18
C MET C 71 17.38 -20.27 45.74
N ILE C 72 17.41 -19.99 44.45
CA ILE C 72 16.71 -18.83 43.92
C ILE C 72 15.21 -19.09 43.94
N SER C 73 14.76 -20.11 43.21
CA SER C 73 13.34 -20.32 43.03
C SER C 73 12.56 -20.53 44.32
N GLU C 74 12.69 -21.69 44.94
CA GLU C 74 11.64 -22.18 45.84
C GLU C 74 11.89 -22.01 47.33
N VAL C 75 12.99 -21.40 47.76
CA VAL C 75 13.17 -21.21 49.20
C VAL C 75 12.16 -20.19 49.70
N PRO C 76 11.41 -20.48 50.76
CA PRO C 76 10.39 -19.53 51.23
C PRO C 76 11.01 -18.26 51.78
N SER C 77 10.25 -17.17 51.68
CA SER C 77 10.69 -15.87 52.17
C SER C 77 9.47 -14.99 52.40
N VAL C 78 9.66 -13.89 53.13
CA VAL C 78 8.57 -13.00 53.53
C VAL C 78 8.85 -11.60 53.02
N ALA C 79 7.86 -11.02 52.35
CA ALA C 79 7.85 -9.60 51.98
C ALA C 79 6.41 -9.16 51.80
N ALA C 80 6.22 -7.84 51.76
CA ALA C 80 4.89 -7.25 51.69
C ALA C 80 4.12 -7.74 50.47
N GLU C 81 2.81 -7.90 50.62
CA GLU C 81 1.96 -8.43 49.55
C GLU C 81 0.77 -7.53 49.25
N TYR C 82 -0.10 -7.30 50.23
CA TYR C 82 -1.25 -6.42 50.04
C TYR C 82 -1.03 -5.09 50.74
N VAL C 83 -1.50 -4.02 50.12
CA VAL C 83 -1.26 -2.66 50.60
C VAL C 83 -2.58 -1.92 50.67
N TYR C 84 -2.79 -1.15 51.73
CA TYR C 84 -4.00 -0.34 51.90
C TYR C 84 -3.58 1.10 52.16
N PHE C 85 -3.92 1.99 51.22
CA PHE C 85 -3.70 3.43 51.38
C PHE C 85 -4.95 4.03 52.01
N PHE C 86 -4.82 4.56 53.21
CA PHE C 86 -5.92 5.35 53.73
C PHE C 86 -5.89 6.75 53.16
N ASN C 87 -4.70 7.36 53.10
CA ASN C 87 -4.58 8.65 52.42
C ASN C 87 -3.22 8.74 51.72
N ASN C 88 -3.24 9.12 50.44
CA ASN C 88 -2.04 9.51 49.70
C ASN C 88 -2.33 10.78 48.93
N THR C 89 -1.72 11.89 49.32
CA THR C 89 -1.74 13.11 48.54
C THR C 89 -0.46 13.34 47.74
N SER C 90 0.52 12.46 47.86
CA SER C 90 1.87 12.78 47.42
C SER C 90 1.97 12.80 45.90
N VAL C 91 3.18 13.12 45.42
CA VAL C 91 3.44 13.19 43.98
C VAL C 91 3.81 11.85 43.39
N ILE C 92 4.17 10.87 44.22
CA ILE C 92 4.41 9.52 43.73
C ILE C 92 3.07 8.80 43.74
N GLN C 93 2.61 8.39 42.56
CA GLN C 93 1.28 7.82 42.44
C GLN C 93 1.20 6.50 43.20
N ASP C 94 -0.04 6.11 43.49
CA ASP C 94 -0.32 5.03 44.43
C ASP C 94 0.42 3.75 44.04
N GLU C 95 0.06 3.18 42.90
CA GLU C 95 0.53 1.85 42.54
C GLU C 95 2.02 1.78 42.24
N VAL C 96 2.73 2.90 42.17
CA VAL C 96 4.19 2.84 42.18
C VAL C 96 4.68 2.57 43.59
N LEU C 97 4.22 3.36 44.56
CA LEU C 97 4.62 3.15 45.94
C LEU C 97 4.16 1.77 46.43
N ALA C 98 3.13 1.23 45.77
CA ALA C 98 2.56 -0.06 46.12
C ALA C 98 3.58 -1.17 45.99
N HIS C 99 4.19 -1.32 44.80
CA HIS C 99 5.22 -2.36 44.68
C HIS C 99 6.59 -1.81 44.99
N ARG C 100 6.68 -0.54 45.37
CA ARG C 100 7.93 -0.04 45.91
C ARG C 100 8.05 -0.32 47.40
N ILE C 101 6.96 -0.66 48.06
CA ILE C 101 7.01 -1.24 49.41
C ILE C 101 7.34 -2.73 49.31
N GLY C 102 6.73 -3.41 48.35
CA GLY C 102 6.80 -4.85 48.26
C GLY C 102 8.20 -5.40 48.15
N LEU C 103 9.13 -4.58 47.69
CA LEU C 103 10.49 -5.01 47.48
C LEU C 103 11.31 -5.04 48.76
N VAL C 104 11.14 -4.07 49.64
CA VAL C 104 12.03 -3.85 50.78
C VAL C 104 12.21 -5.12 51.59
N PRO C 105 13.44 -5.61 51.76
CA PRO C 105 13.66 -6.88 52.45
C PRO C 105 13.26 -6.76 53.91
N LEU C 106 12.60 -7.79 54.41
CA LEU C 106 12.21 -7.84 55.82
C LEU C 106 12.98 -8.93 56.54
N LYS C 107 13.23 -8.69 57.82
CA LYS C 107 14.00 -9.61 58.64
C LYS C 107 13.02 -10.39 59.49
N VAL C 108 12.73 -11.62 59.06
CA VAL C 108 11.83 -12.53 59.75
C VAL C 108 12.34 -13.94 59.52
N ASP C 109 12.40 -14.74 60.56
CA ASP C 109 12.72 -16.14 60.31
C ASP C 109 11.49 -16.81 59.71
N PRO C 110 11.55 -17.26 58.46
CA PRO C 110 10.36 -17.91 57.87
C PRO C 110 9.90 -19.13 58.63
N ASP C 111 10.74 -19.68 59.52
CA ASP C 111 10.29 -20.76 60.38
C ASP C 111 9.30 -20.29 61.43
N MET C 112 9.17 -18.98 61.63
CA MET C 112 8.27 -18.42 62.63
C MET C 112 6.85 -18.24 62.10
N LEU C 113 6.57 -18.64 60.88
CA LEU C 113 5.37 -18.22 60.18
C LEU C 113 4.90 -19.35 59.28
N THR C 114 3.64 -19.32 58.89
CA THR C 114 3.02 -20.38 58.11
C THR C 114 2.44 -19.83 56.82
N TRP C 115 1.79 -20.71 56.06
CA TRP C 115 1.34 -20.41 54.71
C TRP C 115 -0.08 -19.86 54.73
N VAL C 116 -0.68 -19.74 53.54
CA VAL C 116 -2.02 -19.18 53.40
C VAL C 116 -2.78 -19.96 52.32
N ASP C 117 -4.07 -20.21 52.57
CA ASP C 117 -4.98 -20.75 51.58
C ASP C 117 -5.90 -19.64 51.09
N SER C 118 -6.04 -19.53 49.77
CA SER C 118 -6.70 -18.39 49.15
C SER C 118 -8.16 -18.64 48.80
N ASN C 119 -8.70 -19.83 49.10
CA ASN C 119 -10.07 -20.16 48.73
C ASN C 119 -11.11 -19.54 49.65
N LEU C 120 -10.84 -19.48 50.93
CA LEU C 120 -11.74 -18.95 51.95
C LEU C 120 -12.04 -17.47 51.68
N PRO C 121 -13.15 -16.95 52.19
CA PRO C 121 -13.42 -15.52 52.06
C PRO C 121 -12.29 -14.70 52.69
N ASP C 122 -12.13 -13.48 52.16
CA ASP C 122 -10.92 -12.70 52.44
C ASP C 122 -10.84 -12.31 53.91
N ASP C 123 -11.95 -12.40 54.64
CA ASP C 123 -11.92 -12.08 56.06
C ASP C 123 -11.09 -13.09 56.84
N GLU C 124 -11.29 -14.39 56.56
CA GLU C 124 -10.61 -15.45 57.29
C GLU C 124 -9.19 -15.69 56.80
N LYS C 125 -8.77 -15.01 55.75
CA LYS C 125 -7.51 -15.35 55.08
C LYS C 125 -6.32 -14.96 55.95
N PHE C 126 -6.38 -13.81 56.59
CA PHE C 126 -5.22 -13.23 57.29
C PHE C 126 -5.50 -13.21 58.79
N THR C 127 -4.78 -14.03 59.53
CA THR C 127 -4.86 -14.08 60.99
C THR C 127 -3.55 -13.56 61.57
N ASP C 128 -3.43 -13.63 62.89
CA ASP C 128 -2.14 -13.36 63.51
C ASP C 128 -1.15 -14.50 63.29
N GLU C 129 -1.64 -15.65 62.82
CA GLU C 129 -0.76 -16.75 62.48
C GLU C 129 -0.07 -16.54 61.13
N ASN C 130 -0.85 -16.15 60.12
CA ASN C 130 -0.36 -16.10 58.74
C ASN C 130 0.38 -14.82 58.42
N THR C 131 0.03 -13.71 59.07
CA THR C 131 0.36 -12.40 58.53
C THR C 131 1.14 -11.58 59.54
N ILE C 132 1.99 -10.71 59.02
CA ILE C 132 2.62 -9.64 59.78
C ILE C 132 2.08 -8.32 59.25
N VAL C 133 1.85 -7.36 60.13
CA VAL C 133 1.22 -6.10 59.78
C VAL C 133 2.23 -4.97 59.92
N LEU C 134 2.36 -4.15 58.88
CA LEU C 134 3.20 -2.97 58.89
C LEU C 134 2.34 -1.74 58.63
N SER C 135 2.83 -0.57 59.03
CA SER C 135 2.07 0.67 58.87
C SER C 135 3.03 1.85 58.70
N LEU C 136 2.58 2.86 57.98
CA LEU C 136 3.37 4.06 57.74
C LEU C 136 2.48 5.28 57.84
N ASN C 137 2.88 6.24 58.68
CA ASN C 137 2.14 7.49 58.82
C ASN C 137 3.14 8.64 58.80
N VAL C 138 3.02 9.52 57.81
CA VAL C 138 3.98 10.59 57.60
C VAL C 138 3.23 11.84 57.14
N LYS C 139 3.60 12.99 57.71
CA LYS C 139 3.08 14.28 57.30
C LYS C 139 4.23 15.27 57.24
N CYS C 140 4.10 16.26 56.37
CA CYS C 140 5.17 17.20 56.13
C CYS C 140 4.77 18.60 56.55
N THR C 141 5.60 19.23 57.39
CA THR C 141 5.33 20.56 57.93
C THR C 141 6.53 21.46 57.69
N ARG C 142 6.26 22.71 57.35
CA ARG C 142 7.33 23.68 57.08
C ARG C 142 7.94 24.12 58.41
N ASN C 143 9.26 24.22 58.44
CA ASN C 143 9.94 24.55 59.68
C ASN C 143 10.27 26.04 59.70
N PRO C 144 9.63 26.81 60.56
CA PRO C 144 9.80 28.27 60.52
C PRO C 144 11.17 28.75 60.99
N ASP C 145 11.92 27.91 61.68
CA ASP C 145 13.27 28.28 62.14
C ASP C 145 14.27 28.30 61.01
N ALA C 146 13.82 27.96 59.81
CA ALA C 146 14.70 27.77 58.67
C ALA C 146 15.66 28.94 58.49
N PRO C 147 16.94 28.68 58.31
CA PRO C 147 17.88 29.75 57.96
C PRO C 147 17.70 30.18 56.51
N LYS C 148 16.78 31.12 56.30
CA LYS C 148 16.38 31.51 54.95
C LYS C 148 17.59 31.77 54.07
N GLY C 149 17.48 31.35 52.81
CA GLY C 149 18.62 31.33 51.93
C GLY C 149 19.53 30.13 52.15
N SER C 150 18.91 28.95 52.26
CA SER C 150 19.65 27.70 52.35
C SER C 150 19.03 26.69 51.40
N THR C 151 19.89 25.90 50.75
CA THR C 151 19.44 24.92 49.77
C THR C 151 18.93 23.64 50.41
N ASP C 152 19.62 23.15 51.43
CA ASP C 152 19.38 21.83 52.00
C ASP C 152 17.94 21.66 52.46
N PRO C 153 17.18 20.71 51.89
CA PRO C 153 15.79 20.50 52.34
C PRO C 153 15.69 19.86 53.71
N LYS C 154 16.73 19.21 54.21
CA LYS C 154 16.64 18.58 55.52
C LYS C 154 16.31 19.60 56.61
N GLU C 155 16.96 20.77 56.57
CA GLU C 155 16.69 21.80 57.56
C GLU C 155 15.60 22.77 57.15
N LEU C 156 15.19 22.77 55.89
CA LEU C 156 14.05 23.59 55.47
C LEU C 156 12.72 22.94 55.82
N TYR C 157 12.64 21.62 55.69
CA TYR C 157 11.39 20.90 55.86
C TYR C 157 11.56 19.86 56.96
N ASN C 158 10.53 19.72 57.78
CA ASN C 158 10.51 18.72 58.84
C ASN C 158 9.77 17.50 58.34
N ASN C 159 10.40 16.33 58.44
CA ASN C 159 9.90 15.10 57.85
C ASN C 159 9.73 15.23 56.35
N ALA C 160 10.82 15.63 55.68
CA ALA C 160 10.79 15.73 54.22
C ALA C 160 10.90 14.36 53.56
N HIS C 161 11.80 13.51 54.04
CA HIS C 161 12.07 12.21 53.43
C HIS C 161 11.40 11.12 54.24
N VAL C 162 10.94 10.08 53.55
CA VAL C 162 10.31 8.93 54.19
C VAL C 162 11.23 7.73 53.97
N TYR C 163 11.86 7.27 55.04
CA TYR C 163 12.76 6.13 54.96
C TYR C 163 12.06 4.87 55.45
N ALA C 164 12.40 3.74 54.85
CA ALA C 164 11.76 2.49 55.19
C ALA C 164 11.86 2.14 56.67
N ARG C 165 12.88 2.64 57.37
CA ARG C 165 12.98 2.36 58.79
C ARG C 165 11.82 2.95 59.58
N ASP C 166 11.01 3.81 58.97
CA ASP C 166 9.83 4.35 59.61
C ASP C 166 8.60 3.49 59.39
N LEU C 167 8.73 2.31 58.77
CA LEU C 167 7.64 1.35 58.79
C LEU C 167 7.63 0.67 60.16
N LYS C 168 6.58 0.97 60.92
CA LYS C 168 6.44 0.43 62.25
C LYS C 168 5.80 -0.95 62.20
N PHE C 169 6.05 -1.77 63.21
CA PHE C 169 5.45 -3.09 63.32
C PHE C 169 4.31 -3.06 64.34
N GLU C 170 3.08 -3.20 63.86
CA GLU C 170 1.94 -3.33 64.75
C GLU C 170 1.92 -4.74 65.31
N PRO C 171 1.83 -4.93 66.62
CA PRO C 171 1.62 -6.26 67.15
C PRO C 171 0.21 -6.76 66.86
N GLN C 172 0.08 -8.07 66.72
CA GLN C 172 -1.23 -8.69 66.54
C GLN C 172 -1.30 -9.99 67.33
N GLY C 173 -2.30 -10.08 68.20
CA GLY C 173 -2.60 -11.31 68.90
C GLY C 173 -1.39 -11.92 69.58
N ARG C 174 -1.21 -13.23 69.37
CA ARG C 174 -0.12 -13.96 69.98
C ARG C 174 1.22 -13.28 69.80
N GLN C 175 1.41 -12.61 68.66
CA GLN C 175 2.70 -12.01 68.34
C GLN C 175 3.13 -10.99 69.37
N SER C 176 2.19 -10.45 70.15
CA SER C 176 2.57 -9.59 71.25
C SER C 176 3.57 -10.25 72.18
N THR C 177 3.54 -11.58 72.27
CA THR C 177 4.44 -12.34 73.12
C THR C 177 5.63 -12.90 72.35
N THR C 178 5.37 -13.75 71.35
CA THR C 178 6.43 -14.52 70.70
C THR C 178 7.50 -13.60 70.11
N PHE C 179 7.11 -12.69 69.22
CA PHE C 179 8.08 -11.88 68.50
C PHE C 179 8.81 -10.87 69.38
N ALA C 180 8.42 -10.71 70.65
CA ALA C 180 9.02 -9.68 71.49
C ALA C 180 10.54 -9.81 71.59
N ASP C 181 11.09 -11.00 71.29
CA ASP C 181 12.54 -11.15 71.29
C ASP C 181 13.16 -10.40 70.11
N CYS C 182 12.57 -10.53 68.92
CA CYS C 182 13.13 -9.96 67.69
C CYS C 182 12.09 -9.07 67.02
N PRO C 183 11.98 -7.82 67.43
CA PRO C 183 11.06 -6.90 66.74
C PRO C 183 11.44 -6.74 65.28
N VAL C 184 10.44 -6.86 64.41
CA VAL C 184 10.67 -6.85 62.98
C VAL C 184 11.27 -5.53 62.54
N VAL C 185 12.39 -5.60 61.84
CA VAL C 185 13.01 -4.42 61.26
C VAL C 185 13.18 -4.70 59.77
N PRO C 186 12.92 -3.74 58.89
CA PRO C 186 13.31 -3.92 57.49
C PRO C 186 14.81 -4.06 57.39
N ALA C 187 15.25 -5.09 56.68
CA ALA C 187 16.66 -5.50 56.73
C ALA C 187 17.62 -4.44 56.22
N ASP C 188 17.14 -3.43 55.52
CA ASP C 188 17.97 -2.32 55.03
C ASP C 188 17.34 -1.02 55.49
N PRO C 189 17.79 -0.49 56.63
CA PRO C 189 17.06 0.62 57.26
C PRO C 189 16.95 1.88 56.42
N ASP C 190 17.95 2.22 55.61
CA ASP C 190 18.01 3.52 54.98
C ASP C 190 17.33 3.59 53.62
N ILE C 191 16.65 2.53 53.19
CA ILE C 191 15.99 2.57 51.90
C ILE C 191 15.00 3.73 51.86
N LEU C 192 14.88 4.35 50.69
CA LEU C 192 14.11 5.57 50.51
C LEU C 192 12.82 5.27 49.77
N LEU C 193 11.71 5.38 50.48
CA LEU C 193 10.39 5.19 49.88
C LEU C 193 9.94 6.41 49.10
N ALA C 194 9.74 7.56 49.73
CA ALA C 194 9.18 8.72 49.04
C ALA C 194 9.73 10.02 49.59
N LYS C 195 9.64 11.07 48.77
CA LYS C 195 9.99 12.42 49.16
C LYS C 195 8.73 13.28 49.22
N LEU C 196 8.73 14.29 50.08
CA LEU C 196 7.53 15.07 50.34
C LEU C 196 7.85 16.55 50.45
N ARG C 197 6.79 17.34 50.39
CA ARG C 197 6.83 18.80 50.47
C ARG C 197 5.67 19.24 51.35
N PRO C 198 5.68 20.50 51.81
CA PRO C 198 4.63 20.95 52.72
C PRO C 198 3.22 20.68 52.22
N GLY C 199 2.37 20.22 53.13
CA GLY C 199 0.96 20.03 52.86
C GLY C 199 0.53 18.61 52.51
N GLN C 200 1.44 17.65 52.54
CA GLN C 200 1.20 16.32 52.00
C GLN C 200 1.31 15.28 53.10
N GLU C 201 0.76 14.10 52.83
CA GLU C 201 0.69 13.07 53.85
C GLU C 201 0.62 11.71 53.17
N ILE C 202 1.04 10.68 53.90
CA ILE C 202 0.92 9.29 53.47
C ILE C 202 0.58 8.44 54.69
N SER C 203 -0.44 7.60 54.56
CA SER C 203 -0.77 6.66 55.62
C SER C 203 -1.20 5.35 54.99
N LEU C 204 -0.64 4.24 55.44
CA LEU C 204 -0.92 2.96 54.79
C LEU C 204 -0.62 1.81 55.73
N LYS C 205 -1.22 0.67 55.44
CA LYS C 205 -0.97 -0.58 56.15
C LYS C 205 -0.62 -1.65 55.12
N ALA C 206 0.52 -2.31 55.32
CA ALA C 206 0.99 -3.34 54.40
C ALA C 206 1.02 -4.70 55.11
N HIS C 207 0.32 -5.67 54.53
CA HIS C 207 0.31 -7.02 55.07
C HIS C 207 1.44 -7.84 54.43
N CYS C 208 2.03 -8.72 55.24
CA CYS C 208 3.17 -9.53 54.82
C CYS C 208 2.87 -11.00 55.08
N ILE C 209 3.07 -11.82 54.05
CA ILE C 209 2.81 -13.26 54.10
C ILE C 209 4.06 -14.01 53.64
N LEU C 210 3.94 -15.31 53.50
CA LEU C 210 4.98 -16.14 52.89
C LEU C 210 4.72 -16.34 51.41
N GLY C 211 5.82 -16.41 50.66
CA GLY C 211 5.77 -16.72 49.24
C GLY C 211 7.06 -17.39 48.86
N ILE C 212 7.18 -17.71 47.58
CA ILE C 212 8.37 -18.35 47.04
C ILE C 212 8.87 -17.53 45.86
N GLY C 213 10.17 -17.60 45.59
CA GLY C 213 10.74 -16.77 44.56
C GLY C 213 10.24 -17.12 43.18
N GLY C 214 9.99 -18.41 42.94
CA GLY C 214 9.46 -18.81 41.64
C GLY C 214 8.13 -18.17 41.35
N ASP C 215 7.32 -17.92 42.38
CA ASP C 215 6.07 -17.18 42.24
C ASP C 215 6.34 -15.79 41.69
N HIS C 216 6.95 -14.94 42.51
CA HIS C 216 7.22 -13.55 42.16
C HIS C 216 8.60 -13.19 42.68
N ALA C 217 9.27 -12.27 41.98
CA ALA C 217 10.68 -12.04 42.20
C ALA C 217 10.99 -11.25 43.47
N LYS C 218 9.98 -10.73 44.17
CA LYS C 218 10.25 -10.01 45.41
C LYS C 218 10.43 -10.94 46.59
N PHE C 219 10.08 -12.22 46.45
CA PHE C 219 10.31 -13.22 47.47
C PHE C 219 11.65 -13.92 47.32
N SER C 220 12.39 -13.62 46.27
CA SER C 220 13.66 -14.30 46.03
C SER C 220 14.58 -14.09 47.22
N PRO C 221 14.96 -15.14 47.94
CA PRO C 221 15.73 -14.94 49.18
C PRO C 221 17.14 -14.47 48.95
N VAL C 222 17.76 -14.84 47.83
CA VAL C 222 19.17 -14.58 47.58
C VAL C 222 19.30 -13.36 46.69
N SER C 223 20.20 -12.43 47.08
CA SER C 223 20.53 -11.33 46.21
C SER C 223 21.27 -11.79 44.98
N THR C 224 21.91 -12.96 45.05
CA THR C 224 22.27 -13.78 43.90
C THR C 224 22.96 -15.03 44.42
N ALA C 225 22.94 -16.06 43.60
CA ALA C 225 23.62 -17.32 43.89
C ALA C 225 24.08 -17.90 42.57
N SER C 226 25.32 -18.38 42.52
CA SER C 226 25.81 -18.89 41.25
C SER C 226 27.00 -19.81 41.51
N TYR C 227 27.53 -20.38 40.43
CA TYR C 227 28.69 -21.25 40.55
C TYR C 227 29.56 -21.08 39.32
N ARG C 228 30.69 -21.77 39.33
CA ARG C 228 31.58 -21.80 38.19
C ARG C 228 32.45 -23.03 38.30
N LEU C 229 33.05 -23.40 37.18
CA LEU C 229 33.93 -24.56 37.12
C LEU C 229 35.36 -24.09 37.33
N LEU C 230 36.06 -24.73 38.27
CA LEU C 230 37.44 -24.38 38.54
C LEU C 230 38.27 -24.51 37.26
N PRO C 231 38.87 -23.43 36.78
CA PRO C 231 39.68 -23.54 35.56
C PRO C 231 40.84 -24.49 35.74
N GLN C 232 41.28 -25.05 34.62
CA GLN C 232 42.43 -25.94 34.56
C GLN C 232 43.37 -25.41 33.50
N ILE C 233 44.56 -25.01 33.92
CA ILE C 233 45.57 -24.45 33.04
C ILE C 233 46.73 -25.44 32.98
N ASN C 234 46.92 -26.05 31.83
CA ASN C 234 47.99 -27.01 31.62
C ASN C 234 49.00 -26.44 30.64
N ILE C 235 50.27 -26.79 30.83
CA ILE C 235 51.36 -26.28 30.03
C ILE C 235 52.01 -27.44 29.30
N LEU C 236 52.21 -27.29 28.00
CA LEU C 236 52.60 -28.40 27.14
C LEU C 236 54.11 -28.49 26.91
N GLN C 237 54.89 -27.61 27.53
CA GLN C 237 56.35 -27.60 27.37
C GLN C 237 56.95 -26.53 28.27
N PRO C 238 58.18 -26.72 28.74
CA PRO C 238 58.76 -25.78 29.70
C PRO C 238 58.89 -24.38 29.11
N ILE C 239 58.41 -23.39 29.86
CA ILE C 239 58.55 -21.98 29.54
C ILE C 239 59.53 -21.39 30.53
N LYS C 240 60.46 -20.58 30.05
CA LYS C 240 61.46 -19.97 30.91
C LYS C 240 62.03 -18.74 30.22
N GLY C 241 62.93 -18.06 30.92
CA GLY C 241 63.56 -16.88 30.35
C GLY C 241 62.56 -15.76 30.17
N GLU C 242 62.80 -14.95 29.13
CA GLU C 242 61.96 -13.79 28.87
C GLU C 242 60.50 -14.16 28.62
N SER C 243 60.24 -15.36 28.10
CA SER C 243 58.86 -15.79 27.88
C SER C 243 58.09 -15.91 29.18
N ALA C 244 58.76 -15.95 30.32
CA ALA C 244 58.05 -16.05 31.59
C ALA C 244 57.34 -14.75 31.93
N ARG C 245 58.06 -13.62 31.90
CA ARG C 245 57.52 -12.39 32.44
C ARG C 245 56.58 -11.69 31.46
N ARG C 246 56.74 -11.92 30.15
CA ARG C 246 55.66 -11.57 29.24
C ARG C 246 54.41 -12.36 29.59
N PHE C 247 54.59 -13.59 30.05
CA PHE C 247 53.49 -14.48 30.34
C PHE C 247 52.76 -14.10 31.61
N GLN C 248 53.50 -13.82 32.68
CA GLN C 248 52.91 -13.59 33.98
C GLN C 248 51.96 -12.40 33.98
N LYS C 249 52.17 -11.42 33.10
CA LYS C 249 51.30 -10.24 33.04
C LYS C 249 50.08 -10.45 32.17
N CYS C 250 49.90 -11.63 31.60
CA CYS C 250 48.69 -11.95 30.84
C CYS C 250 47.58 -12.48 31.71
N PHE C 251 47.78 -12.58 33.02
CA PHE C 251 46.82 -13.12 33.95
C PHE C 251 46.62 -12.16 35.12
N PRO C 252 45.55 -12.34 35.89
CA PRO C 252 45.41 -11.60 37.15
C PRO C 252 46.65 -11.78 38.01
N PRO C 253 47.04 -10.75 38.76
CA PRO C 253 48.27 -10.83 39.54
C PRO C 253 48.21 -11.97 40.55
N GLY C 254 49.23 -12.81 40.55
CA GLY C 254 49.34 -13.90 41.48
C GLY C 254 48.87 -15.25 40.98
N VAL C 255 48.47 -15.36 39.71
CA VAL C 255 48.06 -16.66 39.19
C VAL C 255 49.27 -17.55 38.96
N ILE C 256 50.26 -17.03 38.24
CA ILE C 256 51.41 -17.82 37.82
C ILE C 256 52.61 -17.44 38.67
N GLY C 257 53.15 -18.41 39.41
CA GLY C 257 54.38 -18.20 40.13
C GLY C 257 55.60 -18.60 39.33
N ILE C 258 56.73 -17.96 39.65
CA ILE C 258 57.99 -18.25 39.01
C ILE C 258 58.89 -18.94 40.02
N ASP C 259 59.36 -20.14 39.67
CA ASP C 259 60.23 -20.88 40.57
C ASP C 259 61.63 -20.29 40.56
N GLU C 260 62.28 -20.36 41.72
CA GLU C 260 63.59 -19.73 41.92
C GLU C 260 64.68 -20.75 41.64
N GLY C 261 65.42 -20.52 40.55
CA GLY C 261 66.54 -21.32 40.15
C GLY C 261 66.25 -22.30 39.03
N SER C 262 65.00 -22.74 38.89
CA SER C 262 64.59 -23.42 37.67
C SER C 262 63.94 -22.47 36.67
N ASP C 263 63.59 -21.26 37.11
CA ASP C 263 63.06 -20.20 36.27
C ASP C 263 61.72 -20.57 35.63
N GLU C 264 61.30 -21.81 35.82
CA GLU C 264 60.10 -22.29 35.15
C GLU C 264 58.84 -21.70 35.78
N ALA C 265 57.89 -21.32 34.91
CA ALA C 265 56.61 -20.82 35.38
C ALA C 265 55.71 -21.98 35.77
N TYR C 266 54.98 -21.81 36.87
CA TYR C 266 54.12 -22.87 37.37
C TYR C 266 52.84 -22.27 37.94
N VAL C 267 51.74 -22.97 37.68
CA VAL C 267 50.43 -22.52 38.17
C VAL C 267 50.42 -22.60 39.69
N LYS C 268 50.07 -21.50 40.33
CA LYS C 268 50.06 -21.47 41.79
C LYS C 268 48.71 -21.99 42.31
N ASP C 269 47.66 -21.18 42.19
CA ASP C 269 46.30 -21.63 42.44
C ASP C 269 45.39 -21.06 41.37
N ALA C 270 44.78 -21.95 40.58
CA ALA C 270 43.96 -21.49 39.46
C ALA C 270 42.62 -20.93 39.91
N ARG C 271 42.29 -21.04 41.19
CA ARG C 271 41.01 -20.59 41.69
C ARG C 271 40.83 -19.09 41.58
N LYS C 272 41.92 -18.34 41.38
CA LYS C 272 41.82 -16.89 41.23
C LYS C 272 41.40 -16.48 39.82
N ASP C 273 41.67 -17.32 38.83
CA ASP C 273 41.52 -16.91 37.43
C ASP C 273 40.08 -16.57 37.10
N THR C 274 39.90 -15.49 36.34
CA THR C 274 38.59 -15.02 35.90
C THR C 274 38.22 -15.52 34.51
N VAL C 275 39.07 -16.34 33.89
CA VAL C 275 38.89 -16.82 32.52
C VAL C 275 38.75 -15.63 31.59
N SER C 276 39.83 -14.89 31.40
CA SER C 276 39.86 -13.81 30.43
C SER C 276 40.38 -14.24 29.08
N ARG C 277 40.95 -15.44 28.97
CA ARG C 277 41.58 -15.91 27.73
C ARG C 277 42.49 -14.84 27.14
N GLU C 278 43.27 -14.20 28.01
CA GLU C 278 44.17 -13.14 27.55
C GLU C 278 45.40 -13.71 26.87
N VAL C 279 45.83 -14.91 27.25
CA VAL C 279 46.99 -15.52 26.62
C VAL C 279 46.77 -15.66 25.12
N LEU C 280 45.63 -16.21 24.73
CA LEU C 280 45.41 -16.62 23.35
C LEU C 280 45.41 -15.47 22.36
N ARG C 281 45.46 -14.22 22.83
CA ARG C 281 45.58 -13.11 21.90
C ARG C 281 46.97 -13.00 21.31
N TYR C 282 47.98 -13.58 21.95
CA TYR C 282 49.34 -13.53 21.45
C TYR C 282 49.72 -14.86 20.82
N GLU C 283 50.14 -14.82 19.55
CA GLU C 283 50.48 -16.05 18.86
C GLU C 283 51.67 -16.74 19.48
N GLU C 284 52.65 -15.96 19.97
CA GLU C 284 53.88 -16.56 20.48
C GLU C 284 53.61 -17.56 21.60
N PHE C 285 52.50 -17.40 22.31
CA PHE C 285 52.09 -18.37 23.33
C PHE C 285 51.03 -19.35 22.84
N ALA C 286 50.57 -19.23 21.60
CA ALA C 286 49.40 -19.99 21.16
C ALA C 286 49.64 -21.49 21.15
N ASP C 287 50.89 -21.93 21.05
CA ASP C 287 51.19 -23.36 21.04
C ASP C 287 51.22 -23.97 22.43
N LYS C 288 51.62 -23.20 23.44
CA LYS C 288 52.09 -23.75 24.69
C LYS C 288 51.01 -24.04 25.72
N VAL C 289 49.79 -23.54 25.54
CA VAL C 289 48.78 -23.57 26.60
C VAL C 289 47.43 -23.98 26.05
N LYS C 290 46.73 -24.84 26.80
CA LYS C 290 45.29 -24.98 26.70
C LYS C 290 44.64 -24.42 27.95
N LEU C 291 43.49 -23.77 27.76
CA LEU C 291 42.63 -23.37 28.86
C LEU C 291 41.48 -24.36 28.93
N GLY C 292 41.13 -24.79 30.13
CA GLY C 292 40.13 -25.83 30.26
C GLY C 292 39.35 -25.68 31.55
N ARG C 293 38.40 -26.58 31.71
CA ARG C 293 37.60 -26.68 32.92
C ARG C 293 37.82 -28.05 33.56
N VAL C 294 37.76 -28.10 34.87
CA VAL C 294 37.64 -29.37 35.59
C VAL C 294 36.15 -29.62 35.74
N ARG C 295 35.66 -30.66 35.08
CA ARG C 295 34.22 -30.78 34.83
C ARG C 295 33.43 -31.01 36.11
N ASN C 296 34.01 -31.72 37.07
CA ASN C 296 33.26 -32.13 38.24
C ASN C 296 33.44 -31.22 39.45
N HIS C 297 34.26 -30.17 39.35
CA HIS C 297 34.64 -29.39 40.52
C HIS C 297 33.95 -28.03 40.48
N PHE C 298 33.08 -27.79 41.46
CA PHE C 298 32.19 -26.64 41.50
C PHE C 298 32.65 -25.61 42.51
N ILE C 299 32.38 -24.35 42.19
CA ILE C 299 32.56 -23.25 43.12
C ILE C 299 31.23 -22.51 43.24
N PHE C 300 30.62 -22.57 44.42
CA PHE C 300 29.45 -21.79 44.77
C PHE C 300 29.84 -20.45 45.37
N ASN C 301 29.21 -19.40 44.87
CA ASN C 301 29.25 -18.07 45.46
C ASN C 301 27.82 -17.65 45.76
N VAL C 302 27.51 -17.39 47.02
CA VAL C 302 26.14 -17.15 47.46
C VAL C 302 26.11 -15.87 48.27
N GLU C 303 25.12 -15.02 47.98
CA GLU C 303 24.89 -13.82 48.76
C GLU C 303 23.45 -13.84 49.27
N SER C 304 23.18 -12.99 50.26
CA SER C 304 21.87 -12.97 50.86
C SER C 304 21.40 -11.54 51.04
N ALA C 305 20.09 -11.39 51.20
CA ALA C 305 19.47 -10.08 51.38
C ALA C 305 19.39 -9.67 52.83
N GLY C 306 19.92 -10.47 53.75
CA GLY C 306 19.99 -10.12 55.15
C GLY C 306 19.00 -10.85 56.03
N ALA C 307 18.00 -11.51 55.46
CA ALA C 307 17.01 -12.20 56.29
C ALA C 307 17.58 -13.52 56.84
N MET C 308 18.55 -14.09 56.15
CA MET C 308 19.09 -15.40 56.51
C MET C 308 20.58 -15.45 56.22
N THR C 309 21.33 -16.10 57.10
CA THR C 309 22.73 -16.37 56.82
C THR C 309 22.83 -17.40 55.71
N PRO C 310 23.80 -17.26 54.80
CA PRO C 310 23.83 -18.12 53.61
C PRO C 310 23.74 -19.61 53.89
N GLU C 311 24.47 -20.12 54.88
CA GLU C 311 24.38 -21.54 55.21
C GLU C 311 22.97 -21.95 55.60
N GLU C 312 22.22 -21.07 56.27
CA GLU C 312 20.80 -21.33 56.50
C GLU C 312 20.05 -21.50 55.20
N ILE C 313 20.49 -20.82 54.13
CA ILE C 313 19.81 -20.99 52.85
C ILE C 313 20.21 -22.29 52.18
N PHE C 314 21.50 -22.62 52.22
CA PHE C 314 21.94 -23.84 51.54
C PHE C 314 21.34 -25.08 52.19
N PHE C 315 21.32 -25.13 53.53
CA PHE C 315 20.67 -26.24 54.21
C PHE C 315 19.27 -26.48 53.68
N LYS C 316 18.46 -25.42 53.59
CA LYS C 316 17.12 -25.58 53.04
C LYS C 316 17.14 -25.94 51.57
N SER C 317 18.16 -25.51 50.83
CA SER C 317 18.24 -25.84 49.42
C SER C 317 18.51 -27.32 49.21
N VAL C 318 19.18 -27.95 50.17
CA VAL C 318 19.26 -29.41 50.23
C VAL C 318 17.97 -30.01 50.75
N ARG C 319 17.31 -29.32 51.68
CA ARG C 319 16.14 -29.85 52.36
C ARG C 319 14.94 -30.00 51.45
N ILE C 320 14.68 -29.04 50.57
CA ILE C 320 13.46 -29.08 49.78
C ILE C 320 13.56 -30.04 48.61
N LEU C 321 14.78 -30.28 48.09
CA LEU C 321 14.94 -31.32 47.07
C LEU C 321 14.50 -32.68 47.61
N LYS C 322 15.12 -33.10 48.72
CA LYS C 322 14.77 -34.37 49.34
C LYS C 322 13.27 -34.48 49.58
N ASN C 323 12.63 -33.37 49.96
CA ASN C 323 11.19 -33.39 50.21
C ASN C 323 10.37 -33.37 48.93
N LYS C 324 10.96 -32.97 47.80
CA LYS C 324 10.32 -33.26 46.53
C LYS C 324 10.36 -34.76 46.25
N ALA C 325 11.53 -35.37 46.43
CA ALA C 325 11.68 -36.79 46.18
C ALA C 325 10.71 -37.60 47.02
N GLU C 326 10.65 -37.32 48.32
CA GLU C 326 9.82 -38.16 49.20
C GLU C 326 8.34 -38.02 48.87
N TYR C 327 7.82 -36.79 48.86
CA TYR C 327 6.40 -36.62 48.58
C TYR C 327 6.04 -37.03 47.16
N LEU C 328 7.01 -37.10 46.26
CA LEU C 328 6.75 -37.71 44.97
C LEU C 328 6.83 -39.23 45.05
N LYS C 329 7.46 -39.76 46.10
CA LYS C 329 7.50 -41.21 46.31
C LYS C 329 6.20 -41.74 46.89
N ASN C 330 5.63 -41.06 47.87
CA ASN C 330 4.50 -41.63 48.60
C ASN C 330 3.19 -41.64 47.82
N CYS C 331 2.94 -40.62 46.99
CA CYS C 331 1.65 -40.49 46.31
C CYS C 331 1.41 -41.67 45.37
N PRO C 332 0.17 -42.12 45.23
CA PRO C 332 -0.09 -43.30 44.40
C PRO C 332 -0.03 -42.96 42.92
N ILE C 333 0.05 -44.01 42.11
CA ILE C 333 0.01 -43.89 40.65
C ILE C 333 -1.36 -44.35 40.17
N THR C 334 -2.17 -43.40 39.72
CA THR C 334 -3.55 -43.66 39.31
C THR C 334 -3.61 -43.87 37.81
N GLN C 335 -4.43 -44.83 37.39
CA GLN C 335 -4.54 -45.19 35.98
C GLN C 335 -5.14 -44.06 35.14
N GLU D 4 16.40 -3.40 -65.15
CA GLU D 4 16.56 -4.30 -64.01
C GLU D 4 15.30 -5.12 -63.78
N ASN D 5 15.17 -6.21 -64.54
CA ASN D 5 14.05 -7.12 -64.39
C ASN D 5 14.36 -8.31 -63.49
N GLU D 6 15.56 -8.32 -62.90
CA GLU D 6 15.96 -9.46 -62.07
C GLU D 6 14.96 -9.71 -60.95
N ARG D 7 14.69 -8.68 -60.14
CA ARG D 7 13.73 -8.83 -59.05
C ARG D 7 12.30 -8.97 -59.58
N ASN D 8 11.98 -8.29 -60.68
CA ASN D 8 10.65 -8.41 -61.24
C ASN D 8 10.36 -9.83 -61.68
N ILE D 9 11.38 -10.54 -62.17
CA ILE D 9 11.18 -11.94 -62.54
C ILE D 9 11.22 -12.83 -61.31
N SER D 10 12.12 -12.55 -60.38
CA SER D 10 12.22 -13.36 -59.17
C SER D 10 10.90 -13.40 -58.42
N ARG D 11 10.38 -12.21 -58.06
CA ARG D 11 9.14 -12.13 -57.29
C ARG D 11 8.01 -12.90 -57.97
N LEU D 12 7.93 -12.83 -59.29
CA LEU D 12 7.00 -13.67 -60.03
C LEU D 12 7.25 -15.15 -59.74
N TRP D 13 8.50 -15.57 -59.88
CA TRP D 13 8.84 -16.98 -59.66
C TRP D 13 8.46 -17.44 -58.27
N ARG D 14 8.58 -16.57 -57.27
CA ARG D 14 8.33 -16.93 -55.89
C ARG D 14 6.83 -16.99 -55.60
N ALA D 15 6.10 -15.95 -56.02
CA ALA D 15 4.65 -15.99 -55.87
C ALA D 15 4.05 -17.17 -56.60
N PHE D 16 4.57 -17.51 -57.78
CA PHE D 16 4.13 -18.71 -58.46
C PHE D 16 4.67 -19.97 -57.80
N ARG D 17 5.66 -19.83 -56.92
CA ARG D 17 6.08 -20.97 -56.11
C ARG D 17 5.09 -21.25 -54.99
N THR D 18 4.47 -20.20 -54.43
CA THR D 18 3.57 -20.42 -53.31
C THR D 18 2.27 -21.09 -53.75
N VAL D 19 1.66 -20.57 -54.82
CA VAL D 19 0.29 -20.93 -55.14
C VAL D 19 0.17 -22.43 -55.38
N LYS D 20 1.18 -23.03 -56.02
CA LYS D 20 1.18 -24.47 -56.19
C LYS D 20 1.10 -25.19 -54.85
N GLU D 21 1.95 -24.81 -53.91
CA GLU D 21 1.92 -25.46 -52.59
C GLU D 21 0.56 -25.29 -51.94
N MET D 22 0.04 -24.07 -51.93
CA MET D 22 -1.29 -23.84 -51.37
C MET D 22 -2.33 -24.77 -51.98
N VAL D 23 -2.37 -24.85 -53.31
CA VAL D 23 -3.36 -25.70 -53.96
C VAL D 23 -3.10 -27.17 -53.67
N LYS D 24 -1.83 -27.54 -53.45
CA LYS D 24 -1.51 -28.92 -53.12
C LYS D 24 -2.06 -29.31 -51.75
N ASP D 25 -1.73 -28.52 -50.73
CA ASP D 25 -2.18 -28.79 -49.38
C ASP D 25 -3.65 -28.48 -49.18
N ARG D 26 -4.31 -27.84 -50.15
CA ARG D 26 -5.74 -27.64 -50.07
C ARG D 26 -6.53 -28.87 -50.52
N GLY D 27 -5.84 -29.88 -51.03
CA GLY D 27 -6.49 -31.12 -51.43
C GLY D 27 -6.56 -31.38 -52.92
N TYR D 28 -6.17 -30.43 -53.76
CA TYR D 28 -6.18 -30.66 -55.19
C TYR D 28 -4.93 -31.41 -55.62
N PHE D 29 -4.80 -31.64 -56.93
CA PHE D 29 -3.82 -32.56 -57.47
C PHE D 29 -2.74 -31.80 -58.22
N ILE D 30 -1.54 -31.74 -57.64
CA ILE D 30 -0.37 -31.14 -58.29
C ILE D 30 0.86 -31.97 -57.94
N THR D 31 1.65 -32.28 -58.95
CA THR D 31 2.82 -33.12 -58.76
C THR D 31 3.89 -32.41 -57.95
N GLN D 32 4.74 -33.19 -57.29
CA GLN D 32 5.84 -32.64 -56.51
C GLN D 32 6.79 -31.84 -57.38
N GLU D 33 7.22 -32.41 -58.50
CA GLU D 33 8.25 -31.77 -59.32
C GLU D 33 7.75 -30.48 -59.93
N GLU D 34 6.44 -30.35 -60.14
CA GLU D 34 5.90 -29.11 -60.66
C GLU D 34 6.04 -27.97 -59.66
N VAL D 35 5.90 -28.27 -58.36
CA VAL D 35 6.22 -27.29 -57.33
C VAL D 35 7.72 -27.01 -57.26
N GLU D 36 8.54 -27.93 -57.76
CA GLU D 36 9.99 -27.83 -57.68
C GLU D 36 10.59 -26.92 -58.74
N LEU D 37 9.77 -26.27 -59.55
CA LEU D 37 10.17 -25.67 -60.81
C LEU D 37 11.35 -24.71 -60.61
N PRO D 38 12.49 -25.02 -61.22
CA PRO D 38 13.68 -24.17 -61.03
C PRO D 38 13.57 -22.86 -61.79
N LEU D 39 14.43 -21.93 -61.38
CA LEU D 39 14.32 -20.54 -61.84
C LEU D 39 14.49 -20.44 -63.35
N GLU D 40 15.65 -20.88 -63.86
CA GLU D 40 15.87 -20.77 -65.30
C GLU D 40 15.02 -21.76 -66.07
N ASP D 41 14.66 -22.89 -65.45
CA ASP D 41 13.68 -23.77 -66.06
C ASP D 41 12.33 -23.07 -66.18
N PHE D 42 11.92 -22.36 -65.14
CA PHE D 42 10.74 -21.51 -65.22
C PHE D 42 10.85 -20.54 -66.39
N LYS D 43 11.95 -19.78 -66.44
CA LYS D 43 12.12 -18.80 -67.50
C LYS D 43 12.21 -19.44 -68.88
N ALA D 44 12.53 -20.73 -68.95
CA ALA D 44 12.60 -21.39 -70.24
C ALA D 44 11.22 -21.53 -70.87
N LYS D 45 10.30 -22.19 -70.16
CA LYS D 45 8.98 -22.44 -70.72
C LYS D 45 8.04 -21.25 -70.59
N TYR D 46 8.04 -20.60 -69.43
CA TYR D 46 7.04 -19.59 -69.12
C TYR D 46 7.46 -18.18 -69.52
N CYS D 47 8.58 -18.05 -70.20
CA CYS D 47 8.96 -16.78 -70.78
C CYS D 47 9.20 -16.96 -72.27
N ASP D 48 8.99 -15.88 -73.02
CA ASP D 48 9.44 -15.79 -74.41
C ASP D 48 10.92 -15.42 -74.40
N SER D 49 11.46 -15.02 -75.55
CA SER D 49 12.77 -14.39 -75.52
C SER D 49 12.46 -12.90 -75.56
N MET D 50 12.41 -12.31 -74.38
CA MET D 50 12.20 -10.89 -74.15
C MET D 50 13.11 -10.45 -73.02
N GLY D 51 12.90 -11.11 -71.87
CA GLY D 51 13.33 -10.63 -70.57
C GLY D 51 12.17 -10.24 -69.67
N ARG D 52 10.97 -10.09 -70.23
CA ARG D 52 9.77 -9.82 -69.47
C ARG D 52 8.77 -10.95 -69.64
N PRO D 53 8.42 -11.68 -68.59
CA PRO D 53 7.60 -12.88 -68.74
C PRO D 53 6.16 -12.55 -69.11
N GLN D 54 5.45 -13.57 -69.59
CA GLN D 54 4.06 -13.47 -70.00
C GLN D 54 3.17 -14.15 -68.96
N ARG D 55 2.33 -13.35 -68.29
CA ARG D 55 1.43 -13.87 -67.27
C ARG D 55 0.34 -14.76 -67.85
N LYS D 56 -0.12 -14.48 -69.07
CA LYS D 56 -1.34 -15.10 -69.56
C LYS D 56 -1.20 -16.62 -69.68
N MET D 57 0.01 -17.09 -69.97
CA MET D 57 0.23 -18.51 -70.23
C MET D 57 0.56 -19.31 -68.98
N MET D 58 0.49 -18.70 -67.80
CA MET D 58 0.79 -19.41 -66.55
C MET D 58 -0.45 -19.93 -65.85
N SER D 59 -1.64 -19.65 -66.35
CA SER D 59 -2.87 -20.11 -65.71
C SER D 59 -3.08 -21.60 -65.99
N PHE D 60 -3.87 -22.23 -65.13
CA PHE D 60 -4.10 -23.67 -65.24
C PHE D 60 -5.41 -24.04 -64.54
N GLN D 61 -5.88 -25.24 -64.83
CA GLN D 61 -7.07 -25.81 -64.21
C GLN D 61 -6.65 -26.88 -63.20
N ALA D 62 -7.39 -26.97 -62.10
CA ALA D 62 -7.07 -27.90 -61.02
C ALA D 62 -8.28 -28.78 -60.71
N ASN D 63 -8.00 -30.05 -60.40
CA ASN D 63 -9.01 -31.07 -60.14
C ASN D 63 -8.86 -31.60 -58.73
N PRO D 64 -9.93 -32.18 -58.18
CA PRO D 64 -9.82 -32.81 -56.86
C PRO D 64 -9.00 -34.09 -56.91
N THR D 65 -8.59 -34.55 -55.73
CA THR D 65 -7.86 -35.79 -55.58
C THR D 65 -8.78 -36.89 -55.04
N GLU D 66 -8.24 -38.11 -54.94
CA GLU D 66 -9.03 -39.24 -54.48
C GLU D 66 -9.52 -39.03 -53.05
N GLU D 67 -8.59 -39.02 -52.10
CA GLU D 67 -8.96 -38.94 -50.69
C GLU D 67 -9.85 -37.74 -50.41
N SER D 68 -9.60 -36.61 -51.07
CA SER D 68 -10.48 -35.47 -50.93
C SER D 68 -11.90 -35.82 -51.34
N ILE D 69 -12.07 -36.32 -52.56
CA ILE D 69 -13.41 -36.65 -53.05
C ILE D 69 -14.11 -37.61 -52.10
N SER D 70 -13.42 -38.67 -51.70
CA SER D 70 -13.99 -39.60 -50.73
C SER D 70 -14.42 -38.86 -49.47
N LYS D 71 -13.57 -37.98 -48.96
CA LYS D 71 -13.89 -37.25 -47.75
C LYS D 71 -14.81 -36.07 -48.03
N PHE D 72 -14.54 -35.35 -49.13
CA PHE D 72 -15.24 -34.11 -49.47
C PHE D 72 -15.90 -34.29 -50.83
N PRO D 73 -17.15 -34.75 -50.88
CA PRO D 73 -17.79 -34.96 -52.18
C PRO D 73 -17.99 -33.68 -52.97
N ASP D 74 -18.38 -32.60 -52.30
CA ASP D 74 -18.84 -31.39 -52.97
C ASP D 74 -17.71 -30.60 -53.63
N MET D 75 -16.46 -30.97 -53.39
CA MET D 75 -15.34 -30.18 -53.87
C MET D 75 -15.23 -30.29 -55.39
N GLY D 76 -15.24 -29.16 -56.08
CA GLY D 76 -15.19 -29.09 -57.52
C GLY D 76 -13.82 -28.77 -58.06
N SER D 77 -13.79 -28.07 -59.19
CA SER D 77 -12.56 -27.74 -59.88
C SER D 77 -12.16 -26.29 -59.59
N LEU D 78 -10.85 -26.05 -59.55
CA LEU D 78 -10.30 -24.75 -59.18
C LEU D 78 -9.66 -24.11 -60.39
N TRP D 79 -9.69 -22.78 -60.43
CA TRP D 79 -9.13 -22.01 -61.53
C TRP D 79 -8.30 -20.86 -60.99
N VAL D 80 -7.22 -20.54 -61.68
CA VAL D 80 -6.29 -19.48 -61.29
C VAL D 80 -5.99 -18.63 -62.51
N GLU D 81 -6.01 -17.31 -62.34
CA GLU D 81 -5.68 -16.41 -63.43
C GLU D 81 -4.80 -15.28 -62.91
N PHE D 82 -3.59 -15.17 -63.47
CA PHE D 82 -2.71 -14.04 -63.19
C PHE D 82 -3.08 -12.90 -64.14
N CYS D 83 -3.36 -11.73 -63.58
CA CYS D 83 -3.64 -10.55 -64.39
C CYS D 83 -2.33 -9.82 -64.67
N ASP D 84 -1.96 -9.71 -65.94
CA ASP D 84 -0.72 -9.04 -66.30
C ASP D 84 -0.86 -7.53 -66.28
N GLU D 85 -2.07 -7.02 -66.51
CA GLU D 85 -2.28 -5.58 -66.55
C GLU D 85 -1.97 -4.95 -65.20
N PRO D 86 -1.06 -3.98 -65.13
CA PRO D 86 -0.81 -3.32 -63.83
C PRO D 86 -2.04 -2.66 -63.25
N SER D 87 -2.89 -2.07 -64.08
CA SER D 87 -4.18 -1.59 -63.62
C SER D 87 -5.15 -2.75 -63.52
N VAL D 88 -6.18 -2.59 -62.69
CA VAL D 88 -7.21 -3.62 -62.51
C VAL D 88 -8.56 -3.00 -62.85
N GLY D 89 -9.17 -3.47 -63.93
CA GLY D 89 -10.42 -2.94 -64.41
C GLY D 89 -11.62 -3.84 -64.16
N VAL D 90 -12.80 -3.30 -64.47
CA VAL D 90 -14.05 -4.02 -64.26
C VAL D 90 -14.30 -5.01 -65.38
N LYS D 91 -13.98 -4.62 -66.61
CA LYS D 91 -14.19 -5.52 -67.76
C LYS D 91 -13.44 -6.82 -67.58
N THR D 92 -12.25 -6.78 -66.98
CA THR D 92 -11.54 -8.02 -66.70
C THR D 92 -12.32 -8.87 -65.71
N MET D 93 -12.94 -8.23 -64.71
CA MET D 93 -13.79 -8.96 -63.79
C MET D 93 -14.93 -9.66 -64.51
N LYS D 94 -15.64 -8.90 -65.35
CA LYS D 94 -16.74 -9.48 -66.13
C LYS D 94 -16.26 -10.67 -66.96
N THR D 95 -15.21 -10.47 -67.75
CA THR D 95 -14.63 -11.55 -68.54
C THR D 95 -14.30 -12.75 -67.68
N PHE D 96 -13.79 -12.52 -66.47
CA PHE D 96 -13.50 -13.63 -65.56
C PHE D 96 -14.78 -14.38 -65.20
N VAL D 97 -15.80 -13.66 -64.73
CA VAL D 97 -17.02 -14.31 -64.25
C VAL D 97 -17.64 -15.14 -65.37
N ILE D 98 -17.75 -14.57 -66.56
CA ILE D 98 -18.36 -15.29 -67.67
C ILE D 98 -17.60 -16.57 -67.95
N HIS D 99 -16.29 -16.46 -68.18
CA HIS D 99 -15.47 -17.64 -68.47
C HIS D 99 -15.58 -18.69 -67.37
N ILE D 100 -15.63 -18.26 -66.11
CA ILE D 100 -15.79 -19.22 -65.02
C ILE D 100 -17.10 -19.97 -65.16
N GLN D 101 -18.22 -19.25 -65.17
CA GLN D 101 -19.48 -19.97 -65.06
C GLN D 101 -19.83 -20.72 -66.34
N GLU D 102 -19.27 -20.33 -67.49
CA GLU D 102 -19.49 -21.09 -68.71
C GLU D 102 -18.94 -22.51 -68.58
N LYS D 103 -17.66 -22.63 -68.27
CA LYS D 103 -17.02 -23.93 -68.20
C LYS D 103 -17.29 -24.63 -66.88
N ASN D 104 -18.05 -24.01 -65.99
CA ASN D 104 -18.41 -24.58 -64.69
C ASN D 104 -17.15 -24.87 -63.86
N PHE D 105 -16.41 -23.80 -63.56
CA PHE D 105 -15.40 -23.87 -62.53
C PHE D 105 -16.09 -23.72 -61.19
N GLN D 106 -15.69 -24.55 -60.22
CA GLN D 106 -16.35 -24.48 -58.92
C GLN D 106 -15.83 -23.31 -58.09
N THR D 107 -14.54 -23.01 -58.17
CA THR D 107 -13.96 -21.90 -57.43
C THR D 107 -12.87 -21.25 -58.25
N GLY D 108 -12.88 -19.93 -58.30
CA GLY D 108 -11.84 -19.18 -58.95
C GLY D 108 -10.83 -18.60 -57.96
N ILE D 109 -9.66 -18.27 -58.49
CA ILE D 109 -8.65 -17.51 -57.74
C ILE D 109 -8.09 -16.46 -58.67
N PHE D 110 -8.17 -15.19 -58.26
CA PHE D 110 -7.79 -14.06 -59.08
C PHE D 110 -6.68 -13.32 -58.38
N VAL D 111 -5.48 -13.31 -58.96
CA VAL D 111 -4.31 -12.72 -58.33
C VAL D 111 -3.93 -11.49 -59.14
N TYR D 112 -4.26 -10.32 -58.61
CA TYR D 112 -3.92 -9.03 -59.21
C TYR D 112 -2.53 -8.58 -58.81
N GLN D 113 -1.95 -7.71 -59.63
CA GLN D 113 -0.57 -7.26 -59.40
C GLN D 113 -0.49 -6.24 -58.27
N ASN D 114 -1.15 -5.09 -58.40
CA ASN D 114 -1.02 -4.04 -57.40
C ASN D 114 -2.29 -3.82 -56.58
N ASN D 115 -3.34 -3.24 -57.15
CA ASN D 115 -4.49 -2.78 -56.38
C ASN D 115 -5.77 -2.95 -57.19
N ILE D 116 -6.87 -3.16 -56.49
CA ILE D 116 -8.19 -3.33 -57.10
C ILE D 116 -8.99 -2.06 -56.87
N THR D 117 -9.80 -1.70 -57.87
CA THR D 117 -10.71 -0.57 -57.72
C THR D 117 -11.87 -0.95 -56.81
N PRO D 118 -12.47 0.00 -56.08
CA PRO D 118 -13.64 -0.32 -55.26
C PRO D 118 -14.83 -0.79 -56.09
N SER D 119 -14.81 -0.57 -57.40
CA SER D 119 -15.92 -1.00 -58.24
C SER D 119 -16.07 -2.52 -58.24
N ALA D 120 -15.03 -3.23 -58.63
CA ALA D 120 -15.14 -4.67 -58.86
C ALA D 120 -15.42 -5.46 -57.59
N MET D 121 -15.23 -4.84 -56.41
CA MET D 121 -15.43 -5.57 -55.18
C MET D 121 -16.88 -5.95 -54.95
N LYS D 122 -17.82 -5.17 -55.48
CA LYS D 122 -19.22 -5.53 -55.34
C LYS D 122 -19.56 -6.78 -56.14
N LEU D 123 -18.78 -7.07 -57.19
CA LEU D 123 -19.00 -8.26 -58.00
C LEU D 123 -18.29 -9.48 -57.46
N VAL D 124 -17.58 -9.38 -56.33
CA VAL D 124 -16.89 -10.55 -55.79
C VAL D 124 -17.88 -11.64 -55.41
N PRO D 125 -19.04 -11.36 -54.77
CA PRO D 125 -20.10 -12.37 -54.66
C PRO D 125 -21.09 -12.32 -55.82
N SER D 126 -20.59 -12.38 -57.05
CA SER D 126 -21.47 -12.23 -58.20
C SER D 126 -22.35 -13.45 -58.39
N ILE D 127 -21.74 -14.63 -58.49
CA ILE D 127 -22.47 -15.81 -58.95
C ILE D 127 -22.36 -16.95 -57.93
N PRO D 128 -23.17 -16.94 -56.87
CA PRO D 128 -23.26 -18.11 -56.00
C PRO D 128 -23.74 -19.33 -56.80
N PRO D 129 -23.48 -20.54 -56.31
CA PRO D 129 -22.81 -20.93 -55.06
C PRO D 129 -21.30 -20.67 -55.06
N ALA D 130 -20.72 -20.50 -56.25
CA ALA D 130 -19.28 -20.38 -56.36
C ALA D 130 -18.76 -19.12 -55.68
N THR D 131 -17.48 -19.13 -55.36
CA THR D 131 -16.82 -18.04 -54.66
C THR D 131 -15.65 -17.55 -55.48
N ILE D 132 -15.17 -16.35 -55.13
CA ILE D 132 -14.03 -15.73 -55.78
C ILE D 132 -13.09 -15.21 -54.70
N GLU D 133 -11.81 -15.52 -54.83
CA GLU D 133 -10.80 -15.13 -53.87
C GLU D 133 -9.79 -14.22 -54.55
N THR D 134 -9.13 -13.38 -53.76
CA THR D 134 -8.11 -12.50 -54.29
C THR D 134 -6.92 -12.45 -53.35
N PHE D 135 -5.72 -12.50 -53.90
CA PHE D 135 -4.48 -12.33 -53.15
C PHE D 135 -3.71 -11.16 -53.73
N ASN D 136 -2.74 -10.66 -52.98
CA ASN D 136 -1.84 -9.63 -53.44
C ASN D 136 -0.47 -10.23 -53.68
N GLU D 137 0.11 -9.96 -54.85
CA GLU D 137 1.37 -10.58 -55.24
C GLU D 137 2.51 -10.21 -54.30
N ALA D 138 2.33 -9.20 -53.46
CA ALA D 138 3.29 -8.97 -52.40
C ALA D 138 3.06 -9.91 -51.23
N ALA D 139 1.82 -10.32 -51.00
CA ALA D 139 1.48 -11.18 -49.88
C ALA D 139 1.77 -12.65 -50.15
N LEU D 140 2.15 -13.01 -51.37
CA LEU D 140 2.51 -14.38 -51.69
C LEU D 140 4.00 -14.64 -51.68
N VAL D 141 4.82 -13.64 -51.34
CA VAL D 141 6.26 -13.81 -51.43
C VAL D 141 6.72 -14.97 -50.56
N VAL D 142 6.41 -14.92 -49.27
CA VAL D 142 6.82 -15.94 -48.32
C VAL D 142 5.57 -16.63 -47.83
N ASN D 143 5.42 -17.91 -48.17
CA ASN D 143 4.28 -18.68 -47.67
C ASN D 143 4.30 -18.64 -46.15
N ILE D 144 3.18 -18.25 -45.55
CA ILE D 144 3.22 -18.01 -44.10
C ILE D 144 3.20 -19.32 -43.34
N THR D 145 2.59 -20.39 -43.88
CA THR D 145 2.53 -21.64 -43.15
C THR D 145 3.89 -22.28 -42.95
N HIS D 146 4.94 -21.75 -43.58
CA HIS D 146 6.29 -22.23 -43.36
C HIS D 146 7.02 -21.51 -42.23
N HIS D 147 6.50 -20.39 -41.75
CA HIS D 147 7.13 -19.74 -40.62
C HIS D 147 7.00 -20.62 -39.38
N GLU D 148 7.95 -20.48 -38.47
CA GLU D 148 8.02 -21.41 -37.35
C GLU D 148 6.96 -21.16 -36.28
N LEU D 149 6.26 -20.03 -36.34
CA LEU D 149 5.23 -19.73 -35.36
C LEU D 149 3.83 -20.08 -35.83
N VAL D 150 3.66 -20.57 -37.06
CA VAL D 150 2.35 -20.89 -37.59
C VAL D 150 2.24 -22.41 -37.67
N PRO D 151 1.45 -23.04 -36.81
CA PRO D 151 1.36 -24.50 -36.81
C PRO D 151 0.52 -25.02 -37.96
N LYS D 152 0.76 -26.29 -38.28
CA LYS D 152 0.04 -26.97 -39.35
C LYS D 152 -1.46 -26.93 -39.09
N HIS D 153 -2.21 -26.42 -40.06
CA HIS D 153 -3.66 -26.35 -40.01
C HIS D 153 -4.25 -27.44 -40.90
N ILE D 154 -5.35 -28.05 -40.45
CA ILE D 154 -6.08 -29.01 -41.24
C ILE D 154 -7.56 -28.65 -41.18
N ARG D 155 -8.32 -29.02 -42.20
CA ARG D 155 -9.74 -28.76 -42.22
C ARG D 155 -10.51 -30.06 -42.04
N LEU D 156 -11.57 -30.02 -41.24
CA LEU D 156 -12.25 -31.22 -40.77
C LEU D 156 -13.46 -31.54 -41.62
N SER D 157 -13.68 -32.84 -41.83
CA SER D 157 -14.87 -33.33 -42.51
C SER D 157 -16.10 -33.21 -41.62
N SER D 158 -17.28 -33.23 -42.25
CA SER D 158 -18.52 -33.11 -41.49
C SER D 158 -18.68 -34.28 -40.52
N ASP D 159 -18.40 -35.50 -40.98
CA ASP D 159 -18.51 -36.66 -40.10
C ASP D 159 -17.56 -36.56 -38.93
N GLU D 160 -16.51 -35.75 -39.05
CA GLU D 160 -15.65 -35.42 -37.91
C GLU D 160 -16.38 -34.47 -36.97
N LYS D 161 -16.74 -33.28 -37.47
CA LYS D 161 -17.41 -32.27 -36.65
C LYS D 161 -18.56 -32.85 -35.84
N ARG D 162 -19.35 -33.74 -36.45
CA ARG D 162 -20.42 -34.37 -35.68
C ARG D 162 -19.87 -35.21 -34.54
N GLU D 163 -18.82 -36.01 -34.79
CA GLU D 163 -18.24 -36.81 -33.71
C GLU D 163 -17.72 -35.91 -32.60
N LEU D 164 -16.94 -34.89 -32.96
CA LEU D 164 -16.39 -33.96 -31.98
C LEU D 164 -17.50 -33.37 -31.10
N LEU D 165 -18.40 -32.62 -31.73
CA LEU D 165 -19.46 -31.96 -30.96
C LEU D 165 -20.30 -32.95 -30.19
N LYS D 166 -20.40 -34.18 -30.67
CA LYS D 166 -21.09 -35.21 -29.89
C LYS D 166 -20.26 -35.63 -28.70
N ARG D 167 -18.93 -35.50 -28.80
CA ARG D 167 -18.04 -35.95 -27.73
C ARG D 167 -17.92 -34.92 -26.61
N TYR D 168 -17.77 -33.64 -26.94
CA TYR D 168 -17.68 -32.63 -25.89
C TYR D 168 -19.02 -32.03 -25.51
N ARG D 169 -20.11 -32.38 -26.20
CA ARG D 169 -21.44 -31.87 -25.89
C ARG D 169 -21.47 -30.35 -25.98
N LEU D 170 -21.39 -29.86 -27.21
CA LEU D 170 -21.23 -28.44 -27.48
C LEU D 170 -22.23 -27.99 -28.54
N LYS D 171 -22.59 -26.72 -28.46
CA LYS D 171 -23.06 -26.00 -29.62
C LYS D 171 -21.88 -25.65 -30.51
N GLU D 172 -22.16 -25.36 -31.77
CA GLU D 172 -21.06 -25.00 -32.66
C GLU D 172 -20.46 -23.65 -32.30
N SER D 173 -21.18 -22.82 -31.55
CA SER D 173 -20.73 -21.47 -31.27
C SER D 173 -19.98 -21.33 -29.94
N GLN D 174 -19.74 -22.43 -29.22
CA GLN D 174 -18.99 -22.32 -27.98
C GLN D 174 -17.50 -22.57 -28.15
N LEU D 175 -17.05 -23.02 -29.33
CA LEU D 175 -15.63 -23.20 -29.55
C LEU D 175 -14.94 -21.85 -29.74
N PRO D 176 -13.62 -21.81 -29.61
CA PRO D 176 -12.91 -20.55 -29.88
C PRO D 176 -13.00 -20.18 -31.35
N ARG D 177 -13.37 -18.93 -31.60
CA ARG D 177 -13.57 -18.44 -32.95
C ARG D 177 -12.24 -18.11 -33.61
N ILE D 178 -12.21 -18.20 -34.94
CA ILE D 178 -11.12 -17.69 -35.76
C ILE D 178 -11.74 -16.79 -36.83
N GLN D 179 -11.20 -15.59 -37.00
CA GLN D 179 -11.79 -14.62 -37.89
C GLN D 179 -11.79 -15.11 -39.33
N ARG D 180 -12.72 -14.60 -40.12
CA ARG D 180 -12.77 -14.95 -41.53
C ARG D 180 -11.67 -14.26 -42.33
N ALA D 181 -11.25 -13.07 -41.90
CA ALA D 181 -10.17 -12.34 -42.54
C ALA D 181 -8.80 -12.78 -42.05
N ASP D 182 -8.73 -13.78 -41.19
CA ASP D 182 -7.48 -14.22 -40.58
C ASP D 182 -6.55 -14.75 -41.66
N PRO D 183 -5.32 -14.24 -41.79
CA PRO D 183 -4.47 -14.63 -42.91
C PRO D 183 -4.24 -16.12 -43.06
N VAL D 184 -4.47 -16.93 -42.03
CA VAL D 184 -4.47 -18.38 -42.22
C VAL D 184 -5.85 -18.92 -42.60
N ALA D 185 -6.89 -18.12 -42.47
CA ALA D 185 -8.19 -18.56 -42.95
C ALA D 185 -8.31 -18.40 -44.46
N LEU D 186 -7.58 -17.45 -45.05
CA LEU D 186 -7.60 -17.30 -46.49
C LEU D 186 -6.68 -18.28 -47.19
N TYR D 187 -5.72 -18.85 -46.48
CA TYR D 187 -4.82 -19.81 -47.10
C TYR D 187 -5.49 -21.15 -47.33
N LEU D 188 -6.37 -21.56 -46.42
CA LEU D 188 -7.12 -22.80 -46.58
C LEU D 188 -8.45 -22.61 -47.30
N GLY D 189 -8.89 -21.36 -47.49
CA GLY D 189 -10.16 -21.14 -48.15
C GLY D 189 -11.35 -21.66 -47.37
N LEU D 190 -11.53 -21.17 -46.15
CA LEU D 190 -12.58 -21.66 -45.26
C LEU D 190 -13.90 -20.96 -45.53
N LYS D 191 -14.95 -21.76 -45.73
CA LYS D 191 -16.31 -21.23 -45.63
C LYS D 191 -16.74 -21.14 -44.17
N ARG D 192 -17.68 -20.25 -43.90
CA ARG D 192 -18.20 -20.12 -42.55
C ARG D 192 -18.69 -21.45 -42.02
N GLY D 193 -18.32 -21.77 -40.78
CA GLY D 193 -18.73 -22.99 -40.14
C GLY D 193 -17.80 -24.16 -40.31
N GLU D 194 -16.60 -23.96 -40.85
CA GLU D 194 -15.65 -25.04 -41.04
C GLU D 194 -14.67 -25.04 -39.88
N VAL D 195 -14.47 -26.20 -39.28
CA VAL D 195 -13.62 -26.31 -38.10
C VAL D 195 -12.25 -26.80 -38.52
N VAL D 196 -11.22 -26.05 -38.16
CA VAL D 196 -9.83 -26.40 -38.48
C VAL D 196 -9.19 -27.01 -37.25
N LYS D 197 -8.55 -28.16 -37.44
CA LYS D 197 -7.71 -28.75 -36.41
C LYS D 197 -6.34 -28.13 -36.44
N ILE D 198 -5.80 -27.84 -35.25
CA ILE D 198 -4.49 -27.25 -35.10
C ILE D 198 -3.62 -28.21 -34.31
N ILE D 199 -2.39 -28.42 -34.78
CA ILE D 199 -1.41 -29.26 -34.12
C ILE D 199 -0.33 -28.34 -33.56
N ARG D 200 -0.31 -28.20 -32.24
CA ARG D 200 0.65 -27.35 -31.55
C ARG D 200 1.79 -28.21 -31.02
N LYS D 201 3.00 -27.68 -31.02
CA LYS D 201 4.12 -28.37 -30.39
C LYS D 201 4.44 -27.58 -29.12
N SER D 202 4.07 -28.15 -27.98
CA SER D 202 4.19 -27.48 -26.70
C SER D 202 5.60 -27.62 -26.14
N GLU D 203 5.97 -26.67 -25.28
CA GLU D 203 7.18 -26.85 -24.49
C GLU D 203 6.93 -27.75 -23.30
N THR D 204 5.73 -27.66 -22.72
CA THR D 204 5.37 -28.52 -21.60
C THR D 204 5.09 -29.94 -22.07
N SER D 205 4.06 -30.10 -22.90
CA SER D 205 3.71 -31.38 -23.47
C SER D 205 4.33 -31.52 -24.86
N GLY D 206 3.96 -32.58 -25.57
CA GLY D 206 4.38 -32.82 -26.94
C GLY D 206 3.39 -32.28 -27.93
N ARG D 207 3.24 -32.97 -29.05
CA ARG D 207 2.20 -32.64 -30.00
C ARG D 207 0.84 -32.62 -29.29
N TYR D 208 0.04 -31.60 -29.58
CA TYR D 208 -1.18 -31.32 -28.85
C TYR D 208 -2.24 -30.82 -29.82
N ALA D 209 -3.47 -31.30 -29.65
CA ALA D 209 -4.52 -31.11 -30.64
C ALA D 209 -5.54 -30.10 -30.16
N SER D 210 -5.61 -28.96 -30.83
CA SER D 210 -6.61 -27.94 -30.54
C SER D 210 -7.53 -27.78 -31.74
N TYR D 211 -8.56 -26.95 -31.57
CA TYR D 211 -9.59 -26.78 -32.59
C TYR D 211 -10.04 -25.33 -32.66
N ARG D 212 -10.39 -24.89 -33.87
CA ARG D 212 -10.99 -23.58 -34.06
C ARG D 212 -12.18 -23.70 -35.01
N ILE D 213 -13.19 -22.88 -34.79
CA ILE D 213 -14.32 -22.77 -35.72
C ILE D 213 -14.25 -21.42 -36.40
N CYS D 214 -14.60 -21.39 -37.68
CA CYS D 214 -14.45 -20.19 -38.49
C CYS D 214 -15.83 -19.58 -38.73
N MET D 215 -16.08 -18.44 -38.10
CA MET D 215 -17.31 -17.70 -38.30
C MET D 215 -17.02 -16.43 -39.10
N PRO E 55 -54.68 -27.39 -14.41
CA PRO E 55 -54.12 -28.73 -14.17
C PRO E 55 -53.64 -29.42 -15.44
N GLU E 56 -54.33 -29.17 -16.56
CA GLU E 56 -53.92 -29.78 -17.82
C GLU E 56 -52.58 -29.23 -18.30
N ASP E 57 -52.42 -27.90 -18.30
CA ASP E 57 -51.11 -27.33 -18.55
C ASP E 57 -50.11 -27.72 -17.47
N PHE E 58 -50.61 -28.02 -16.26
CA PHE E 58 -49.75 -28.57 -15.22
C PHE E 58 -49.35 -30.01 -15.55
N GLN E 59 -50.29 -30.80 -16.06
CA GLN E 59 -49.95 -32.16 -16.49
C GLN E 59 -48.90 -32.14 -17.59
N GLN E 60 -49.15 -31.36 -18.65
CA GLN E 60 -48.16 -31.23 -19.71
C GLN E 60 -46.85 -30.69 -19.19
N HIS E 61 -46.91 -29.78 -18.21
CA HIS E 61 -45.69 -29.28 -17.59
C HIS E 61 -44.88 -30.40 -16.95
N GLU E 62 -45.48 -31.15 -16.04
CA GLU E 62 -44.80 -32.28 -15.42
C GLU E 62 -44.29 -33.28 -16.43
N GLN E 63 -45.02 -33.50 -17.54
CA GLN E 63 -44.50 -34.32 -18.61
C GLN E 63 -43.26 -33.72 -19.25
N ILE E 64 -43.21 -32.40 -19.39
CA ILE E 64 -42.04 -31.76 -20.00
C ILE E 64 -40.83 -31.90 -19.08
N ARG E 65 -40.97 -31.57 -17.80
CA ARG E 65 -39.84 -31.62 -16.89
C ARG E 65 -39.28 -33.04 -16.80
N ARG E 66 -40.11 -34.00 -16.41
CA ARG E 66 -39.65 -35.37 -16.29
C ARG E 66 -39.24 -35.97 -17.62
N LYS E 67 -39.72 -35.43 -18.74
CA LYS E 67 -39.22 -35.88 -20.05
C LYS E 67 -37.80 -35.41 -20.29
N THR E 68 -37.57 -34.10 -20.19
CA THR E 68 -36.23 -33.57 -20.42
C THR E 68 -35.23 -34.11 -19.40
N LEU E 69 -35.72 -34.44 -18.20
CA LEU E 69 -34.87 -35.12 -17.23
C LEU E 69 -34.36 -36.44 -17.79
N LYS E 70 -35.27 -37.27 -18.32
CA LYS E 70 -34.86 -38.51 -18.96
C LYS E 70 -33.94 -38.24 -20.14
N GLU E 71 -34.13 -37.09 -20.80
CA GLU E 71 -33.21 -36.71 -21.87
C GLU E 71 -31.79 -36.55 -21.33
N LYS E 72 -31.64 -35.79 -20.25
CA LYS E 72 -30.30 -35.42 -19.77
C LYS E 72 -29.55 -36.63 -19.22
N ALA E 73 -30.20 -37.46 -18.42
CA ALA E 73 -29.52 -38.51 -17.69
C ALA E 73 -28.81 -39.47 -18.65
N ILE E 74 -27.65 -39.95 -18.22
CA ILE E 74 -26.82 -40.86 -19.01
C ILE E 74 -26.91 -42.25 -18.40
N PRO E 75 -27.23 -43.27 -19.19
CA PRO E 75 -27.36 -44.63 -18.65
C PRO E 75 -26.05 -45.16 -18.09
N LYS E 76 -26.16 -46.24 -17.32
CA LYS E 76 -25.07 -46.68 -16.46
C LYS E 76 -23.86 -47.22 -17.23
N ASP E 77 -24.07 -47.85 -18.37
CA ASP E 77 -22.95 -48.42 -19.11
C ASP E 77 -22.14 -47.39 -19.88
N GLN E 78 -22.67 -46.19 -20.07
CA GLN E 78 -22.01 -45.16 -20.87
C GLN E 78 -21.21 -44.15 -20.05
N ARG E 79 -21.07 -44.34 -18.73
CA ARG E 79 -20.40 -43.33 -17.92
C ARG E 79 -18.93 -43.28 -18.30
N ALA E 80 -18.47 -42.11 -18.76
CA ALA E 80 -17.11 -41.93 -19.22
C ALA E 80 -16.20 -41.25 -18.22
N THR E 81 -16.73 -40.78 -17.09
CA THR E 81 -15.95 -39.88 -16.26
C THR E 81 -14.99 -40.65 -15.35
N THR E 82 -14.25 -39.92 -14.55
CA THR E 82 -13.12 -40.49 -13.84
C THR E 82 -13.59 -41.47 -12.76
N PRO E 83 -13.00 -42.66 -12.68
CA PRO E 83 -13.41 -43.61 -11.64
C PRO E 83 -12.97 -43.21 -10.25
N TYR E 84 -11.91 -42.42 -10.12
CA TYR E 84 -11.46 -42.00 -8.80
C TYR E 84 -12.47 -41.04 -8.18
N MET E 85 -12.36 -40.88 -6.86
CA MET E 85 -13.13 -39.89 -6.13
C MET E 85 -12.27 -38.65 -5.95
N THR E 86 -12.63 -37.56 -6.63
CA THR E 86 -11.90 -36.32 -6.49
C THR E 86 -12.06 -35.77 -5.08
N LYS E 87 -10.96 -35.30 -4.50
CA LYS E 87 -10.92 -34.93 -3.09
C LYS E 87 -12.01 -33.95 -2.69
N TYR E 88 -12.50 -33.14 -3.63
CA TYR E 88 -13.65 -32.28 -3.36
C TYR E 88 -14.87 -33.10 -2.98
N GLU E 89 -15.17 -34.12 -3.78
CA GLU E 89 -16.28 -35.00 -3.45
C GLU E 89 -16.13 -35.62 -2.09
N ARG E 90 -14.94 -36.14 -1.75
CA ARG E 90 -14.67 -36.57 -0.39
C ARG E 90 -15.04 -35.50 0.63
N ALA E 91 -14.62 -34.25 0.38
CA ALA E 91 -14.90 -33.19 1.33
C ALA E 91 -16.38 -33.00 1.57
N ARG E 92 -17.20 -33.01 0.51
CA ARG E 92 -18.62 -32.76 0.73
C ARG E 92 -19.37 -34.02 1.17
N ILE E 93 -18.83 -35.21 0.89
CA ILE E 93 -19.39 -36.41 1.50
C ILE E 93 -19.17 -36.38 3.01
N LEU E 94 -17.99 -35.94 3.44
CA LEU E 94 -17.72 -35.85 4.86
C LEU E 94 -18.46 -34.71 5.52
N GLY E 95 -18.70 -33.61 4.81
CA GLY E 95 -19.52 -32.56 5.35
C GLY E 95 -20.97 -32.98 5.50
N THR E 96 -21.59 -33.40 4.39
CA THR E 96 -22.99 -33.78 4.42
C THR E 96 -23.24 -34.96 5.34
N ARG E 97 -22.34 -35.93 5.35
CA ARG E 97 -22.46 -37.00 6.32
C ARG E 97 -22.13 -36.52 7.72
N ALA E 98 -21.43 -35.39 7.86
CA ALA E 98 -21.11 -34.87 9.18
C ALA E 98 -22.25 -34.05 9.78
N LEU E 99 -23.18 -33.55 8.98
CA LEU E 99 -24.32 -32.86 9.56
C LEU E 99 -25.37 -33.84 10.05
N GLN E 100 -25.67 -34.87 9.28
CA GLN E 100 -26.79 -35.75 9.59
C GLN E 100 -26.52 -36.67 10.78
N ILE E 101 -25.27 -36.98 11.08
CA ILE E 101 -24.98 -37.72 12.30
C ILE E 101 -25.44 -36.91 13.51
N SER E 102 -25.35 -35.59 13.45
CA SER E 102 -25.74 -34.73 14.55
C SER E 102 -27.24 -34.55 14.69
N MET E 103 -28.02 -34.86 13.66
CA MET E 103 -29.46 -34.65 13.67
C MET E 103 -30.25 -35.87 14.09
N ASN E 104 -29.61 -36.91 14.64
CA ASN E 104 -30.25 -38.17 14.98
C ASN E 104 -30.60 -39.00 13.75
N ALA E 105 -29.72 -39.01 12.76
CA ALA E 105 -29.86 -39.96 11.67
C ALA E 105 -29.32 -41.32 12.11
N PRO E 106 -29.76 -42.41 11.47
CA PRO E 106 -29.23 -43.72 11.83
C PRO E 106 -27.74 -43.82 11.59
N VAL E 107 -27.03 -44.33 12.59
CA VAL E 107 -25.58 -44.47 12.54
C VAL E 107 -25.29 -45.95 12.33
N PHE E 108 -24.74 -46.29 11.16
CA PHE E 108 -24.60 -47.68 10.78
C PHE E 108 -23.47 -48.40 11.52
N VAL E 109 -22.41 -47.70 11.91
CA VAL E 109 -21.26 -48.32 12.56
C VAL E 109 -21.19 -47.83 13.99
N ASP E 110 -20.60 -48.66 14.86
CA ASP E 110 -20.55 -48.33 16.27
C ASP E 110 -19.52 -47.23 16.54
N LEU E 111 -19.97 -46.21 17.26
CA LEU E 111 -19.15 -45.02 17.50
C LEU E 111 -17.90 -45.36 18.31
N GLU E 112 -18.09 -46.00 19.46
CA GLU E 112 -17.00 -46.55 20.25
C GLU E 112 -16.04 -45.46 20.77
N GLY E 113 -16.63 -44.40 21.33
CA GLY E 113 -15.88 -43.41 22.08
C GLY E 113 -15.69 -42.07 21.39
N GLU E 114 -16.09 -41.94 20.13
CA GLU E 114 -15.85 -40.69 19.41
C GLU E 114 -17.04 -39.76 19.52
N THR E 115 -16.84 -38.63 20.20
CA THR E 115 -17.89 -37.63 20.32
C THR E 115 -17.97 -36.76 19.07
N ASP E 116 -16.83 -36.41 18.49
CA ASP E 116 -16.80 -35.51 17.35
C ASP E 116 -17.63 -36.06 16.21
N PRO E 117 -18.62 -35.32 15.71
CA PRO E 117 -19.40 -35.84 14.58
C PRO E 117 -18.60 -36.00 13.29
N LEU E 118 -17.51 -35.25 13.10
CA LEU E 118 -16.73 -35.44 11.88
C LEU E 118 -15.84 -36.68 11.97
N ARG E 119 -15.12 -36.85 13.08
CA ARG E 119 -14.26 -38.01 13.25
C ARG E 119 -15.02 -39.32 13.05
N ILE E 120 -16.33 -39.31 13.29
CA ILE E 120 -17.13 -40.49 13.02
C ILE E 120 -17.23 -40.72 11.52
N ALA E 121 -17.51 -39.66 10.75
CA ALA E 121 -17.65 -39.83 9.31
C ALA E 121 -16.34 -40.23 8.66
N MET E 122 -15.22 -39.67 9.11
CA MET E 122 -13.93 -40.16 8.62
C MET E 122 -13.70 -41.62 8.98
N LYS E 123 -14.40 -42.14 9.99
CA LYS E 123 -14.34 -43.56 10.28
C LYS E 123 -15.21 -44.37 9.34
N GLU E 124 -16.39 -43.85 8.99
CA GLU E 124 -17.29 -44.60 8.12
C GLU E 124 -16.75 -44.66 6.70
N LEU E 125 -16.34 -43.52 6.15
CA LEU E 125 -15.92 -43.46 4.76
C LEU E 125 -14.77 -44.40 4.46
N ALA E 126 -14.01 -44.82 5.47
CA ALA E 126 -12.93 -45.78 5.23
C ALA E 126 -13.45 -47.18 4.98
N GLU E 127 -14.59 -47.53 5.56
CA GLU E 127 -15.25 -48.82 5.30
C GLU E 127 -16.33 -48.72 4.24
N LYS E 128 -16.58 -47.53 3.70
CA LYS E 128 -17.54 -47.33 2.62
C LYS E 128 -18.94 -47.76 3.03
N LYS E 129 -19.36 -47.39 4.24
CA LYS E 129 -20.73 -47.59 4.70
C LYS E 129 -21.62 -46.36 4.49
N ILE E 130 -21.11 -45.31 3.88
CA ILE E 130 -21.88 -44.08 3.70
C ILE E 130 -22.86 -44.25 2.54
N PRO E 131 -24.16 -44.14 2.77
CA PRO E 131 -25.12 -44.36 1.69
C PRO E 131 -25.58 -43.09 0.99
N LEU E 132 -24.73 -42.48 0.18
CA LEU E 132 -25.12 -41.33 -0.62
C LEU E 132 -24.86 -41.61 -2.09
N VAL E 133 -25.27 -40.67 -2.94
CA VAL E 133 -25.10 -40.78 -4.38
C VAL E 133 -24.61 -39.44 -4.90
N ILE E 134 -23.42 -39.44 -5.50
CA ILE E 134 -22.84 -38.22 -6.07
C ILE E 134 -23.29 -38.10 -7.51
N ARG E 135 -24.01 -37.03 -7.82
CA ARG E 135 -24.49 -36.76 -9.17
C ARG E 135 -23.64 -35.65 -9.78
N ARG E 136 -22.90 -35.99 -10.83
CA ARG E 136 -21.94 -35.08 -11.43
C ARG E 136 -22.54 -34.43 -12.68
N TYR E 137 -22.40 -33.12 -12.76
CA TYR E 137 -22.92 -32.34 -13.89
C TYR E 137 -21.82 -32.14 -14.92
N LEU E 138 -21.99 -32.75 -16.09
CA LEU E 138 -21.25 -32.30 -17.25
C LEU E 138 -21.68 -30.87 -17.56
N PRO E 139 -20.89 -30.14 -18.35
CA PRO E 139 -21.15 -28.70 -18.48
C PRO E 139 -22.52 -28.36 -19.03
N ASP E 140 -22.99 -29.07 -20.06
CA ASP E 140 -24.27 -28.70 -20.66
C ASP E 140 -25.45 -28.97 -19.75
N GLY E 141 -25.27 -29.68 -18.65
CA GLY E 141 -26.36 -30.07 -17.78
C GLY E 141 -26.75 -31.52 -17.87
N SER E 142 -26.04 -32.33 -18.63
CA SER E 142 -26.32 -33.77 -18.72
C SER E 142 -25.45 -34.49 -17.69
N PHE E 143 -26.08 -35.02 -16.66
CA PHE E 143 -25.38 -35.45 -15.47
C PHE E 143 -25.11 -36.95 -15.50
N GLU E 144 -24.51 -37.42 -14.41
CA GLU E 144 -24.19 -38.82 -14.20
C GLU E 144 -24.41 -39.14 -12.72
N ASP E 145 -24.50 -40.43 -12.41
CA ASP E 145 -24.59 -40.86 -11.04
C ASP E 145 -23.43 -41.78 -10.70
N TRP E 146 -22.94 -41.63 -9.47
CA TRP E 146 -21.94 -42.52 -8.92
C TRP E 146 -22.31 -42.84 -7.49
N SER E 147 -22.48 -44.11 -7.19
CA SER E 147 -22.70 -44.57 -5.83
C SER E 147 -21.35 -44.68 -5.14
N VAL E 148 -21.24 -44.07 -3.96
CA VAL E 148 -19.94 -43.93 -3.29
C VAL E 148 -19.23 -45.26 -3.14
N GLU E 149 -19.96 -46.35 -2.99
CA GLU E 149 -19.32 -47.63 -2.70
C GLU E 149 -18.41 -48.06 -3.83
N GLU E 150 -18.77 -47.74 -5.09
CA GLU E 150 -17.99 -48.25 -6.20
C GLU E 150 -16.89 -47.29 -6.66
N LEU E 151 -16.87 -46.06 -6.16
CA LEU E 151 -15.77 -45.16 -6.48
C LEU E 151 -14.52 -45.56 -5.72
N ILE E 152 -13.39 -45.61 -6.42
CA ILE E 152 -12.12 -45.85 -5.76
C ILE E 152 -11.80 -44.66 -4.85
N VAL E 153 -11.41 -44.94 -3.62
CA VAL E 153 -11.07 -43.88 -2.68
C VAL E 153 -9.59 -43.99 -2.37
N ASP E 154 -8.80 -43.07 -2.92
CA ASP E 154 -7.35 -43.05 -2.78
C ASP E 154 -6.81 -41.65 -3.02
N ASN F 3 33.15 -64.18 12.66
CA ASN F 3 34.31 -64.50 11.84
C ASN F 3 35.09 -63.20 11.63
N THR F 4 36.23 -63.26 10.95
CA THR F 4 37.11 -62.12 10.77
C THR F 4 37.47 -61.96 9.31
N LEU F 5 37.09 -60.83 8.72
CA LEU F 5 37.18 -60.67 7.28
C LEU F 5 38.58 -60.27 6.81
N PHE F 6 39.24 -59.36 7.51
CA PHE F 6 40.43 -58.72 6.95
C PHE F 6 41.37 -58.30 8.07
N ASP F 7 42.66 -58.23 7.75
CA ASP F 7 43.65 -57.73 8.69
C ASP F 7 44.88 -57.29 7.91
N ASP F 8 45.70 -56.47 8.55
CA ASP F 8 46.99 -56.02 8.00
C ASP F 8 47.61 -55.06 9.01
N ILE F 9 48.83 -54.63 8.70
CA ILE F 9 49.57 -53.65 9.51
C ILE F 9 49.86 -52.44 8.64
N PHE F 10 49.41 -51.27 9.07
CA PHE F 10 49.58 -50.04 8.33
C PHE F 10 50.45 -49.07 9.10
N GLN F 11 51.05 -48.13 8.39
CA GLN F 11 51.91 -47.10 8.98
C GLN F 11 51.43 -45.73 8.51
N VAL F 12 51.12 -44.86 9.47
CA VAL F 12 50.48 -43.59 9.18
C VAL F 12 51.50 -42.62 8.60
N SER F 13 51.22 -42.12 7.40
CA SER F 13 52.10 -41.13 6.80
C SER F 13 51.83 -39.72 7.30
N GLU F 14 50.56 -39.35 7.43
CA GLU F 14 50.22 -37.94 7.62
C GLU F 14 49.02 -37.79 8.54
N VAL F 15 49.05 -36.76 9.38
CA VAL F 15 47.97 -36.43 10.29
C VAL F 15 47.40 -35.08 9.86
N ASP F 16 46.17 -35.08 9.38
CA ASP F 16 45.52 -33.83 8.95
C ASP F 16 44.31 -33.55 9.82
N PRO F 17 44.36 -32.57 10.73
CA PRO F 17 43.16 -32.23 11.50
C PRO F 17 42.12 -31.47 10.70
N GLY F 18 42.53 -30.69 9.70
CA GLY F 18 41.57 -29.84 9.01
C GLY F 18 41.04 -28.77 9.95
N ARG F 19 39.77 -28.40 9.75
CA ARG F 19 39.12 -27.49 10.69
C ARG F 19 38.62 -28.19 11.93
N TYR F 20 38.56 -29.52 11.92
CA TYR F 20 38.00 -30.26 13.04
C TYR F 20 38.98 -30.28 14.20
N ASN F 21 38.51 -29.93 15.38
CA ASN F 21 39.36 -30.00 16.56
C ASN F 21 39.49 -31.42 17.08
N LYS F 22 38.36 -32.14 17.20
CA LYS F 22 38.36 -33.44 17.85
C LYS F 22 38.52 -34.62 16.91
N VAL F 23 38.54 -34.41 15.60
CA VAL F 23 38.57 -35.51 14.63
C VAL F 23 39.74 -35.29 13.68
N CYS F 24 40.55 -36.34 13.49
CA CYS F 24 41.72 -36.29 12.64
C CYS F 24 41.54 -37.20 11.44
N ARG F 25 42.28 -36.88 10.38
CA ARG F 25 42.26 -37.64 9.14
C ARG F 25 43.64 -38.25 8.90
N ILE F 26 43.66 -39.50 8.45
CA ILE F 26 44.85 -40.32 8.44
C ILE F 26 45.02 -40.99 7.09
N GLU F 27 46.22 -40.89 6.53
CA GLU F 27 46.60 -41.61 5.32
C GLU F 27 47.73 -42.57 5.63
N ALA F 28 47.48 -43.86 5.42
CA ALA F 28 48.48 -44.87 5.75
C ALA F 28 48.57 -45.88 4.63
N ALA F 29 49.76 -46.43 4.46
CA ALA F 29 50.02 -47.45 3.45
C ALA F 29 50.46 -48.74 4.12
N SER F 30 50.26 -49.84 3.41
CA SER F 30 50.52 -51.17 3.96
C SER F 30 51.98 -51.54 3.79
N THR F 31 52.59 -52.05 4.87
CA THR F 31 53.90 -52.65 4.75
C THR F 31 53.81 -54.08 4.21
N THR F 32 52.63 -54.69 4.26
CA THR F 32 52.47 -56.05 3.79
C THR F 32 52.36 -56.11 2.27
N GLN F 33 51.61 -55.18 1.67
CA GLN F 33 51.45 -55.13 0.23
C GLN F 33 51.57 -53.69 -0.25
N ASP F 34 52.01 -53.54 -1.50
CA ASP F 34 52.19 -52.22 -2.07
C ASP F 34 50.87 -51.63 -2.55
N GLN F 35 49.91 -52.47 -2.91
CA GLN F 35 48.68 -52.01 -3.54
C GLN F 35 47.55 -51.77 -2.55
N CYS F 36 47.79 -51.89 -1.25
CA CYS F 36 46.76 -51.70 -0.25
C CYS F 36 47.06 -50.45 0.57
N LYS F 37 46.16 -49.49 0.54
CA LYS F 37 46.31 -48.26 1.31
C LYS F 37 44.98 -47.89 1.93
N LEU F 38 45.04 -47.00 2.91
CA LEU F 38 43.90 -46.67 3.75
C LEU F 38 43.84 -45.19 4.01
N THR F 39 42.65 -44.61 3.86
CA THR F 39 42.39 -43.23 4.25
C THR F 39 41.19 -43.23 5.18
N LEU F 40 41.41 -42.85 6.43
CA LEU F 40 40.40 -43.03 7.46
C LEU F 40 40.29 -41.79 8.33
N ASP F 41 39.06 -41.49 8.73
CA ASP F 41 38.79 -40.48 9.75
C ASP F 41 38.63 -41.15 11.11
N ILE F 42 39.30 -40.60 12.11
CA ILE F 42 39.29 -41.15 13.46
C ILE F 42 38.99 -40.05 14.46
N ASN F 43 38.30 -40.40 15.54
CA ASN F 43 38.18 -39.51 16.67
C ASN F 43 39.49 -39.58 17.44
N VAL F 44 40.19 -38.45 17.51
CA VAL F 44 41.54 -38.45 18.04
C VAL F 44 41.58 -38.30 19.57
N GLU F 45 40.52 -37.74 20.16
CA GLU F 45 40.52 -37.50 21.60
C GLU F 45 40.64 -38.81 22.38
N LEU F 46 39.72 -39.73 22.13
CA LEU F 46 39.76 -41.01 22.83
C LEU F 46 41.00 -41.83 22.49
N PHE F 47 41.59 -41.60 21.32
CA PHE F 47 42.65 -42.46 20.79
C PHE F 47 43.75 -41.60 20.19
N PRO F 48 44.75 -41.24 20.99
CA PRO F 48 45.81 -40.35 20.51
C PRO F 48 46.52 -40.92 19.29
N VAL F 49 46.81 -40.05 18.33
CA VAL F 49 47.44 -40.46 17.09
C VAL F 49 48.54 -39.47 16.73
N ALA F 50 49.63 -39.99 16.18
CA ALA F 50 50.70 -39.18 15.64
C ALA F 50 51.20 -39.81 14.35
N ALA F 51 52.00 -39.07 13.61
CA ALA F 51 52.56 -39.59 12.36
C ALA F 51 53.53 -40.72 12.64
N GLN F 52 53.76 -41.55 11.63
CA GLN F 52 54.72 -42.65 11.61
C GLN F 52 54.34 -43.82 12.51
N ASP F 53 53.24 -43.76 13.24
CA ASP F 53 52.86 -44.87 14.09
C ASP F 53 52.47 -46.08 13.24
N SER F 54 52.49 -47.25 13.88
CA SER F 54 52.16 -48.52 13.23
C SER F 54 50.86 -49.03 13.82
N LEU F 55 49.82 -49.08 13.00
CA LEU F 55 48.50 -49.49 13.46
C LEU F 55 48.21 -50.90 12.99
N THR F 56 47.63 -51.71 13.87
CA THR F 56 47.18 -53.05 13.54
C THR F 56 45.69 -52.99 13.23
N VAL F 57 45.33 -53.21 11.98
CA VAL F 57 43.95 -53.05 11.52
C VAL F 57 43.31 -54.41 11.36
N THR F 58 42.04 -54.52 11.73
CA THR F 58 41.28 -55.74 11.54
C THR F 58 39.82 -55.37 11.37
N ILE F 59 39.12 -56.08 10.49
CA ILE F 59 37.70 -55.83 10.24
C ILE F 59 36.93 -57.11 10.51
N ALA F 60 35.96 -57.02 11.41
CA ALA F 60 35.17 -58.16 11.83
C ALA F 60 33.70 -57.93 11.49
N SER F 61 32.98 -59.04 11.30
CA SER F 61 31.55 -58.99 11.05
C SER F 61 30.73 -59.19 12.31
N SER F 62 31.36 -59.48 13.44
CA SER F 62 30.68 -59.67 14.71
C SER F 62 31.75 -59.76 15.79
N LEU F 63 31.31 -59.96 17.03
CA LEU F 63 32.22 -60.11 18.16
C LEU F 63 31.78 -61.31 18.98
N ASN F 64 32.65 -62.33 19.05
CA ASN F 64 32.41 -63.53 19.83
C ASN F 64 33.70 -64.04 20.46
N SER F 78 21.63 -56.52 19.01
CA SER F 78 21.18 -55.40 19.83
C SER F 78 22.22 -55.07 20.91
N TRP F 79 22.75 -53.85 20.87
CA TRP F 79 23.80 -53.45 21.78
C TRP F 79 23.26 -53.27 23.19
N ARG F 80 24.12 -53.54 24.17
CA ARG F 80 23.81 -53.39 25.58
C ARG F 80 25.09 -53.01 26.30
N PRO F 81 25.00 -52.23 27.38
CA PRO F 81 26.19 -51.98 28.19
C PRO F 81 26.75 -53.27 28.76
N PRO F 82 28.04 -53.52 28.60
CA PRO F 82 28.61 -54.80 29.05
C PRO F 82 28.50 -54.97 30.56
N GLN F 83 28.62 -56.21 31.00
CA GLN F 83 28.43 -56.57 32.40
C GLN F 83 29.59 -57.43 32.90
N ALA F 84 29.47 -57.94 34.12
CA ALA F 84 30.53 -58.75 34.70
C ALA F 84 30.73 -60.04 33.91
N GLY F 85 31.96 -60.53 33.92
CA GLY F 85 32.31 -61.78 33.27
C GLY F 85 31.98 -61.88 31.81
N ASP F 86 32.18 -60.83 31.03
CA ASP F 86 31.82 -60.86 29.61
C ASP F 86 33.07 -60.94 28.76
N ARG F 87 33.22 -62.04 28.04
CA ARG F 87 34.34 -62.24 27.14
C ARG F 87 33.88 -62.07 25.70
N SER F 88 34.58 -61.21 24.97
CA SER F 88 34.35 -61.07 23.54
C SER F 88 35.65 -60.57 22.92
N LEU F 89 35.64 -60.45 21.60
CA LEU F 89 36.86 -60.05 20.89
C LEU F 89 37.28 -58.64 21.23
N ALA F 90 36.33 -57.75 21.52
CA ALA F 90 36.65 -56.34 21.74
C ALA F 90 37.57 -56.15 22.94
N ASP F 91 37.60 -57.12 23.85
CA ASP F 91 38.48 -57.01 25.02
C ASP F 91 39.95 -57.07 24.66
N ASP F 92 40.29 -57.41 23.42
CA ASP F 92 41.67 -57.54 23.02
C ASP F 92 42.23 -56.31 22.32
N TYR F 93 41.42 -55.27 22.13
CA TYR F 93 41.76 -54.17 21.22
C TYR F 93 41.76 -52.83 21.93
N ASP F 94 42.46 -51.88 21.32
CA ASP F 94 42.51 -50.51 21.81
C ASP F 94 41.31 -49.68 21.37
N TYR F 95 40.77 -49.93 20.18
CA TYR F 95 39.77 -49.06 19.58
C TYR F 95 38.84 -49.88 18.69
N VAL F 96 37.54 -49.59 18.76
CA VAL F 96 36.52 -50.37 18.05
C VAL F 96 35.44 -49.42 17.56
N MET F 97 34.98 -49.62 16.32
CA MET F 97 33.85 -48.88 15.78
C MET F 97 32.87 -49.82 15.08
N TYR F 98 31.77 -49.24 14.61
CA TYR F 98 30.71 -49.97 13.93
C TYR F 98 30.18 -49.14 12.77
N GLY F 99 30.13 -49.72 11.58
CA GLY F 99 29.65 -48.94 10.46
C GLY F 99 29.25 -49.81 9.29
N THR F 100 28.85 -49.15 8.20
CA THR F 100 28.27 -49.82 7.05
C THR F 100 28.98 -49.38 5.77
N ALA F 101 29.33 -50.34 4.92
CA ALA F 101 29.96 -50.05 3.64
C ALA F 101 28.88 -49.77 2.63
N TYR F 102 28.84 -48.54 2.11
CA TYR F 102 27.75 -48.12 1.24
C TYR F 102 28.06 -48.15 -0.24
N LYS F 103 29.30 -48.41 -0.65
CA LYS F 103 29.62 -48.34 -2.07
C LYS F 103 30.79 -49.26 -2.41
N PHE F 104 30.71 -49.92 -3.57
CA PHE F 104 31.82 -50.67 -4.14
C PHE F 104 32.09 -50.19 -5.56
N GLU F 105 33.37 -50.10 -5.92
CA GLU F 105 33.70 -49.77 -7.30
C GLU F 105 35.13 -50.22 -7.61
N GLU F 106 35.41 -50.36 -8.91
CA GLU F 106 36.72 -50.76 -9.41
C GLU F 106 37.35 -49.59 -10.15
N VAL F 107 38.58 -49.23 -9.77
CA VAL F 107 39.32 -48.23 -10.53
C VAL F 107 40.01 -48.87 -11.73
N SER F 108 40.61 -50.05 -11.54
CA SER F 108 41.37 -50.71 -12.58
C SER F 108 41.28 -52.21 -12.38
N LYS F 109 42.13 -52.95 -13.09
CA LYS F 109 42.11 -54.41 -13.12
C LYS F 109 42.15 -55.05 -11.73
N ASP F 110 43.29 -54.94 -11.05
CA ASP F 110 43.60 -55.77 -9.91
C ASP F 110 43.15 -55.19 -8.57
N LEU F 111 42.62 -53.97 -8.55
CA LEU F 111 42.34 -53.30 -7.30
C LEU F 111 40.88 -52.90 -7.21
N ILE F 112 40.35 -52.92 -5.99
CA ILE F 112 38.96 -52.58 -5.71
C ILE F 112 38.91 -51.71 -4.47
N ALA F 113 38.16 -50.61 -4.54
CA ALA F 113 38.03 -49.66 -3.44
C ALA F 113 36.64 -49.78 -2.84
N VAL F 114 36.57 -50.02 -1.54
CA VAL F 114 35.30 -50.11 -0.83
C VAL F 114 35.20 -48.93 0.13
N TYR F 115 33.98 -48.43 0.27
CA TYR F 115 33.71 -47.23 1.06
C TYR F 115 32.88 -47.60 2.27
N TYR F 116 33.48 -47.50 3.45
CA TYR F 116 32.79 -47.66 4.72
C TYR F 116 32.40 -46.30 5.28
N SER F 117 31.27 -46.26 5.97
CA SER F 117 30.82 -45.07 6.69
C SER F 117 30.50 -45.48 8.11
N PHE F 118 31.25 -44.97 9.08
CA PHE F 118 31.06 -45.29 10.48
C PHE F 118 30.44 -44.08 11.17
N GLY F 119 29.14 -44.11 11.40
CA GLY F 119 28.46 -43.00 12.05
C GLY F 119 28.74 -41.65 11.43
N GLY F 120 29.05 -41.61 10.13
CA GLY F 120 29.40 -40.37 9.46
C GLY F 120 30.89 -40.16 9.26
N LEU F 121 31.73 -40.92 9.95
CA LEU F 121 33.19 -40.85 9.80
C LEU F 121 33.58 -41.80 8.68
N LEU F 122 34.13 -41.26 7.60
CA LEU F 122 34.32 -42.04 6.38
C LEU F 122 35.58 -42.90 6.45
N MET F 123 35.56 -43.97 5.67
CA MET F 123 36.69 -44.85 5.44
C MET F 123 36.75 -45.23 3.96
N ARG F 124 37.91 -45.02 3.34
CA ARG F 124 38.16 -45.50 1.98
C ARG F 124 39.22 -46.58 2.06
N LEU F 125 38.81 -47.82 1.82
CA LEU F 125 39.71 -48.97 1.94
C LEU F 125 39.95 -49.53 0.55
N GLU F 126 41.17 -49.34 0.05
CA GLU F 126 41.54 -49.68 -1.31
C GLU F 126 42.66 -50.69 -1.28
N GLY F 127 42.58 -51.69 -2.17
CA GLY F 127 43.59 -52.72 -2.15
C GLY F 127 43.44 -53.66 -3.31
N ASN F 128 44.23 -54.74 -3.26
CA ASN F 128 44.28 -55.72 -4.34
C ASN F 128 43.01 -56.54 -4.34
N TYR F 129 42.84 -57.41 -5.33
CA TYR F 129 41.58 -58.13 -5.43
C TYR F 129 41.53 -59.34 -4.51
N ARG F 130 42.61 -60.11 -4.43
CA ARG F 130 42.62 -61.35 -3.67
C ARG F 130 42.77 -61.10 -2.17
N ASN F 131 43.02 -59.87 -1.76
CA ASN F 131 43.09 -59.53 -0.34
C ASN F 131 41.67 -59.20 0.14
N LEU F 132 41.04 -58.22 -0.49
CA LEU F 132 39.70 -57.77 -0.15
C LEU F 132 38.61 -58.69 -0.70
N ASN F 133 39.00 -59.78 -1.35
CA ASN F 133 38.11 -60.75 -1.95
C ASN F 133 37.01 -61.19 -0.97
N ASN F 134 37.29 -61.12 0.32
CA ASN F 134 36.33 -61.59 1.31
C ASN F 134 35.21 -60.59 1.53
N LEU F 135 35.53 -59.29 1.50
CA LEU F 135 34.58 -58.27 1.92
C LEU F 135 33.37 -58.21 1.00
N LYS F 136 32.19 -58.27 1.59
CA LYS F 136 30.93 -58.03 0.92
C LYS F 136 30.31 -56.76 1.49
N GLN F 137 29.09 -56.45 1.06
CA GLN F 137 28.43 -55.21 1.44
C GLN F 137 27.45 -55.52 2.57
N GLU F 138 27.80 -55.10 3.78
CA GLU F 138 27.13 -55.53 5.01
C GLU F 138 27.35 -54.45 6.06
N ASN F 139 27.04 -54.79 7.32
CA ASN F 139 27.48 -54.03 8.48
C ASN F 139 28.70 -54.72 9.07
N ALA F 140 29.65 -53.92 9.55
CA ALA F 140 30.89 -54.48 10.07
C ALA F 140 31.48 -53.59 11.16
N TYR F 141 32.17 -54.23 12.09
CA TYR F 141 32.95 -53.58 13.13
C TYR F 141 34.34 -53.29 12.58
N LEU F 142 34.90 -52.14 12.94
CA LEU F 142 36.28 -51.83 12.61
C LEU F 142 37.12 -51.94 13.87
N LEU F 143 38.11 -52.80 13.84
CA LEU F 143 38.91 -53.10 15.02
C LEU F 143 40.35 -52.64 14.79
N ILE F 144 40.85 -51.82 15.70
CA ILE F 144 42.19 -51.27 15.63
C ILE F 144 42.84 -51.43 16.99
N ARG F 145 44.11 -51.81 17.01
CA ARG F 145 44.87 -51.79 18.25
C ARG F 145 46.31 -51.40 17.96
N ARG F 146 46.90 -50.69 18.92
CA ARG F 146 48.31 -50.37 18.87
C ARG F 146 49.15 -51.57 19.29
N SER G 2 21.54 55.48 -38.45
CA SER G 2 20.13 55.43 -38.79
C SER G 2 19.66 53.99 -39.03
N VAL G 3 20.54 53.19 -39.61
CA VAL G 3 20.21 51.82 -40.01
C VAL G 3 20.98 50.87 -39.12
N VAL G 4 20.28 49.94 -38.47
CA VAL G 4 20.89 48.82 -37.77
C VAL G 4 20.11 47.57 -38.11
N GLY G 5 20.76 46.64 -38.82
CA GLY G 5 20.23 45.30 -39.01
C GLY G 5 18.77 45.21 -39.43
N SER G 6 18.39 45.95 -40.47
CA SER G 6 17.03 46.08 -41.00
C SER G 6 16.15 46.96 -40.12
N LEU G 7 16.64 47.45 -38.99
CA LEU G 7 15.92 48.44 -38.19
C LEU G 7 16.42 49.83 -38.58
N ILE G 8 15.49 50.74 -38.85
CA ILE G 8 15.80 52.09 -39.25
C ILE G 8 14.90 53.04 -38.48
N PHE G 9 15.50 53.97 -37.74
CA PHE G 9 14.77 54.84 -36.84
C PHE G 9 15.08 56.31 -37.12
N CYS G 10 14.03 57.13 -37.01
CA CYS G 10 14.16 58.56 -37.15
C CYS G 10 15.16 59.11 -36.14
N LEU G 11 15.90 60.13 -36.56
CA LEU G 11 16.91 60.73 -35.69
C LEU G 11 16.32 61.65 -34.64
N ASP G 12 15.06 62.06 -34.78
CA ASP G 12 14.44 62.95 -33.81
C ASP G 12 13.57 62.17 -32.83
N CYS G 13 12.42 61.71 -33.30
CA CYS G 13 11.63 60.80 -32.50
C CYS G 13 12.22 59.39 -32.58
N GLY G 14 11.65 58.47 -31.83
CA GLY G 14 12.15 57.12 -31.81
C GLY G 14 11.24 56.08 -32.44
N ASP G 15 10.19 56.48 -33.14
CA ASP G 15 9.22 55.51 -33.63
C ASP G 15 9.84 54.62 -34.69
N LEU G 16 9.20 53.48 -34.90
CA LEU G 16 9.66 52.50 -35.87
C LEU G 16 9.11 52.82 -37.25
N LEU G 17 10.02 53.07 -38.18
CA LEU G 17 9.68 53.40 -39.55
C LEU G 17 9.10 52.18 -40.25
N GLU G 18 8.09 52.43 -41.09
CA GLU G 18 7.42 51.34 -41.78
C GLU G 18 8.24 50.93 -43.01
N ASN G 19 7.65 50.09 -43.85
CA ASN G 19 8.29 49.66 -45.08
C ASN G 19 8.68 50.87 -45.92
N PRO G 20 9.97 51.06 -46.24
CA PRO G 20 10.33 52.16 -47.14
C PRO G 20 9.65 52.07 -48.49
N ASN G 21 9.38 50.84 -48.96
CA ASN G 21 8.72 50.65 -50.24
C ASN G 21 7.21 50.83 -50.17
N ALA G 22 6.61 50.67 -48.99
CA ALA G 22 5.17 50.91 -48.84
C ALA G 22 4.85 52.39 -48.75
N VAL G 23 5.84 53.24 -48.54
CA VAL G 23 5.66 54.69 -48.56
C VAL G 23 5.78 55.18 -49.99
N LEU G 24 4.73 55.80 -50.50
CA LEU G 24 4.68 56.19 -51.90
C LEU G 24 5.69 57.30 -52.20
N GLY G 25 5.64 58.37 -51.43
CA GLY G 25 6.54 59.49 -51.65
C GLY G 25 8.00 59.13 -51.48
N SER G 26 8.88 59.91 -52.10
CA SER G 26 10.31 59.66 -52.02
C SER G 26 10.91 60.04 -50.68
N ASN G 27 10.09 60.34 -49.68
CA ASN G 27 10.59 60.71 -48.36
C ASN G 27 9.78 60.00 -47.29
N VAL G 28 10.46 59.18 -46.51
CA VAL G 28 9.85 58.56 -45.33
C VAL G 28 9.73 59.61 -44.25
N GLU G 29 8.55 59.71 -43.64
CA GLU G 29 8.29 60.69 -42.60
C GLU G 29 7.68 60.02 -41.38
N CYS G 30 8.30 60.24 -40.23
CA CYS G 30 7.85 59.69 -38.96
C CYS G 30 6.43 60.15 -38.65
N SER G 31 5.69 59.28 -37.96
CA SER G 31 4.35 59.64 -37.52
C SER G 31 4.36 60.54 -36.30
N GLN G 32 5.53 60.79 -35.71
CA GLN G 32 5.61 61.62 -34.51
C GLN G 32 6.30 62.95 -34.80
N CYS G 33 7.62 62.91 -34.97
CA CYS G 33 8.44 64.10 -35.15
C CYS G 33 8.26 64.76 -36.51
N LYS G 34 7.65 64.06 -37.46
CA LYS G 34 7.40 64.57 -38.81
C LYS G 34 8.69 64.94 -39.53
N ALA G 35 9.81 64.32 -39.15
CA ALA G 35 11.06 64.53 -39.87
C ALA G 35 11.01 63.83 -41.22
N ILE G 36 11.89 64.27 -42.12
CA ILE G 36 11.88 63.83 -43.51
C ILE G 36 13.18 63.11 -43.81
N TYR G 37 13.07 61.96 -44.48
CA TYR G 37 14.23 61.28 -45.04
C TYR G 37 14.00 61.01 -46.52
N PRO G 38 15.04 61.16 -47.35
CA PRO G 38 14.91 60.71 -48.74
C PRO G 38 14.66 59.21 -48.79
N LYS G 39 14.16 58.74 -49.94
CA LYS G 39 13.74 57.34 -50.01
C LYS G 39 14.94 56.41 -50.00
N SER G 40 15.76 56.45 -51.04
CA SER G 40 16.85 55.49 -51.16
C SER G 40 18.17 56.16 -50.85
N GLN G 41 18.71 55.88 -49.67
CA GLN G 41 20.15 55.91 -49.47
C GLN G 41 20.74 54.50 -49.50
N PHE G 42 19.92 53.47 -49.62
CA PHE G 42 20.33 52.10 -49.37
C PHE G 42 19.49 51.08 -50.11
N SER G 43 20.10 49.98 -50.52
CA SER G 43 19.34 48.76 -50.77
C SER G 43 19.12 48.04 -49.45
N ASN G 44 18.07 47.22 -49.38
CA ASN G 44 17.83 46.44 -48.18
C ASN G 44 19.05 45.56 -47.87
N LEU G 45 19.48 45.56 -46.61
CA LEU G 45 20.74 44.93 -46.24
C LEU G 45 20.64 43.42 -46.24
N LYS G 46 21.79 42.75 -46.33
CA LYS G 46 21.79 41.33 -46.68
C LYS G 46 21.35 40.45 -45.51
N VAL G 47 21.42 40.97 -44.28
CA VAL G 47 21.05 40.24 -43.07
C VAL G 47 21.88 38.96 -43.00
N VAL G 48 23.17 39.10 -42.68
CA VAL G 48 24.01 37.92 -42.48
C VAL G 48 23.45 37.11 -41.32
N THR G 49 23.19 35.83 -41.57
CA THR G 49 22.59 34.98 -40.55
C THR G 49 23.25 33.61 -40.53
N THR G 50 23.80 33.25 -39.37
CA THR G 50 24.28 31.90 -39.10
C THR G 50 23.73 31.46 -37.76
N THR G 51 23.19 30.24 -37.67
CA THR G 51 22.54 29.83 -36.43
C THR G 51 23.24 28.67 -35.76
N ALA G 52 22.70 28.24 -34.62
CA ALA G 52 23.43 27.41 -33.67
C ALA G 52 23.55 25.98 -34.19
N ASP G 53 24.29 25.18 -33.42
CA ASP G 53 24.49 23.76 -33.69
C ASP G 53 23.52 22.89 -32.90
N ASP G 54 22.58 23.50 -32.18
CA ASP G 54 21.61 22.76 -31.37
C ASP G 54 20.98 21.62 -32.15
N ALA G 55 20.29 21.93 -33.24
CA ALA G 55 19.55 20.95 -34.01
C ALA G 55 20.51 20.03 -34.76
N PHE G 56 19.93 19.04 -35.44
CA PHE G 56 20.57 18.03 -36.28
C PHE G 56 21.37 17.05 -35.43
N PRO G 57 21.44 15.78 -35.84
CA PRO G 57 22.57 14.94 -35.45
C PRO G 57 23.62 14.93 -36.56
N SER G 58 24.70 14.17 -36.40
CA SER G 58 25.66 14.03 -37.49
C SER G 58 26.66 12.91 -37.25
N SER G 59 27.53 12.68 -38.23
CA SER G 59 28.66 11.77 -38.04
C SER G 59 29.80 12.45 -37.31
N LEU G 60 30.20 13.64 -37.78
CA LEU G 60 31.45 14.24 -37.29
C LEU G 60 31.26 14.93 -35.95
N ARG G 61 30.16 15.68 -35.80
CA ARG G 61 29.92 16.35 -34.53
C ARG G 61 29.58 15.34 -33.44
N ALA G 62 29.19 14.13 -33.83
CA ALA G 62 29.02 13.05 -32.88
C ALA G 62 30.38 12.38 -32.65
N LYS G 63 31.41 12.86 -33.33
CA LYS G 63 32.77 12.41 -33.10
C LYS G 63 33.63 13.56 -32.60
N LYS G 64 33.82 14.57 -33.42
CA LYS G 64 34.59 15.74 -33.04
C LYS G 64 33.83 16.58 -32.01
N MET H 1 12.58 8.42 37.82
CA MET H 1 11.84 9.36 38.65
C MET H 1 12.44 9.43 40.04
N ILE H 2 12.78 8.27 40.58
CA ILE H 2 13.29 8.17 41.95
C ILE H 2 14.10 6.89 42.03
N VAL H 3 14.92 6.76 43.07
CA VAL H 3 15.94 5.72 43.09
C VAL H 3 15.28 4.35 43.14
N PRO H 4 15.65 3.41 42.27
CA PRO H 4 15.06 2.06 42.33
C PRO H 4 15.58 1.29 43.51
N VAL H 5 14.68 0.52 44.14
CA VAL H 5 15.05 -0.16 45.39
C VAL H 5 15.86 -1.44 45.13
N ARG H 6 15.74 -2.04 43.95
CA ARG H 6 16.49 -3.25 43.64
C ARG H 6 17.03 -3.18 42.23
N CYS H 7 18.31 -3.52 42.08
CA CYS H 7 18.88 -3.66 40.74
C CYS H 7 18.22 -4.82 40.01
N PHE H 8 17.88 -4.59 38.75
CA PHE H 8 16.99 -5.49 38.04
C PHE H 8 17.63 -6.86 37.85
N SER H 9 18.79 -6.92 37.21
CA SER H 9 19.41 -8.20 36.89
C SER H 9 19.90 -8.91 38.14
N CYS H 10 20.75 -8.23 38.92
CA CYS H 10 21.37 -8.85 40.09
C CYS H 10 20.33 -9.20 41.14
N GLY H 11 19.56 -8.22 41.57
CA GLY H 11 18.61 -8.40 42.66
C GLY H 11 19.06 -7.81 43.97
N LYS H 12 20.31 -7.37 44.04
CA LYS H 12 20.82 -6.71 45.24
C LYS H 12 20.05 -5.43 45.47
N VAL H 13 20.03 -4.97 46.71
CA VAL H 13 19.28 -3.77 47.07
C VAL H 13 20.22 -2.58 46.93
N VAL H 14 20.01 -1.81 45.88
CA VAL H 14 20.86 -0.67 45.58
C VAL H 14 20.14 0.62 45.99
N GLY H 15 18.96 0.47 46.56
CA GLY H 15 18.11 1.61 46.82
C GLY H 15 18.53 2.56 47.92
N ASP H 16 19.42 2.12 48.83
CA ASP H 16 19.87 2.96 49.91
C ASP H 16 21.21 3.64 49.64
N LYS H 17 21.82 3.36 48.49
CA LYS H 17 23.17 3.83 48.21
C LYS H 17 23.22 5.10 47.37
N TRP H 18 22.06 5.66 47.00
CA TRP H 18 22.09 6.90 46.22
C TRP H 18 22.53 8.10 47.04
N GLU H 19 21.87 8.34 48.17
CA GLU H 19 22.22 9.48 49.01
C GLU H 19 23.71 9.49 49.34
N SER H 20 24.23 8.41 49.89
CA SER H 20 25.64 8.32 50.24
C SER H 20 26.55 8.47 49.05
N TYR H 21 26.12 8.04 47.86
CA TYR H 21 26.90 8.31 46.65
C TYR H 21 26.98 9.80 46.36
N LEU H 22 25.87 10.53 46.53
CA LEU H 22 25.94 11.98 46.40
C LEU H 22 26.85 12.60 47.44
N ASN H 23 26.75 12.17 48.70
CA ASN H 23 27.62 12.70 49.73
C ASN H 23 29.09 12.48 49.38
N LEU H 24 29.42 11.26 48.94
CA LEU H 24 30.81 10.95 48.58
C LEU H 24 31.28 11.79 47.40
N LEU H 25 30.41 12.01 46.41
CA LEU H 25 30.78 12.89 45.31
C LEU H 25 31.00 14.31 45.78
N GLN H 26 30.26 14.74 46.79
CA GLN H 26 30.30 16.15 47.18
C GLN H 26 31.47 16.44 48.11
N GLU H 27 31.49 15.83 49.29
CA GLU H 27 32.40 16.27 50.33
C GLU H 27 33.86 15.96 50.00
N ASP H 28 34.17 14.70 49.73
CA ASP H 28 35.55 14.31 49.47
C ASP H 28 35.99 14.58 48.03
N GLU H 29 35.07 15.00 47.17
CA GLU H 29 35.39 15.37 45.79
C GLU H 29 36.16 14.27 45.07
N LEU H 30 35.68 13.04 45.22
CA LEU H 30 36.23 11.92 44.48
C LEU H 30 35.65 11.92 43.07
N ASP H 31 35.92 10.86 42.32
CA ASP H 31 35.34 10.68 41.01
C ASP H 31 34.21 9.66 41.09
N GLU H 32 33.56 9.41 39.96
CA GLU H 32 32.51 8.41 39.91
C GLU H 32 33.05 7.00 40.05
N GLY H 33 34.31 6.76 39.68
CA GLY H 33 34.88 5.44 39.73
C GLY H 33 35.09 4.90 41.13
N THR H 34 35.79 5.66 41.97
CA THR H 34 36.07 5.19 43.32
C THR H 34 34.82 5.26 44.20
N ALA H 35 33.92 6.21 43.92
CA ALA H 35 32.72 6.36 44.73
C ALA H 35 31.83 5.14 44.64
N LEU H 36 31.57 4.66 43.43
CA LEU H 36 30.73 3.47 43.26
C LEU H 36 31.42 2.24 43.84
N SER H 37 32.73 2.14 43.66
CA SER H 37 33.45 0.97 44.13
C SER H 37 33.65 0.96 45.65
N ARG H 38 33.47 2.09 46.32
CA ARG H 38 33.61 2.10 47.77
C ARG H 38 32.34 1.58 48.45
N LEU H 39 31.18 1.83 47.85
CA LEU H 39 29.91 1.39 48.42
C LEU H 39 29.73 -0.12 48.36
N GLY H 40 30.61 -0.83 47.67
CA GLY H 40 30.44 -2.26 47.52
C GLY H 40 29.63 -2.68 46.32
N LEU H 41 29.57 -1.87 45.27
CA LEU H 41 28.95 -2.27 44.01
C LEU H 41 30.05 -2.83 43.11
N LYS H 42 30.02 -4.14 42.86
CA LYS H 42 31.07 -4.82 42.12
C LYS H 42 30.70 -5.03 40.67
N ARG H 43 29.66 -5.81 40.41
CA ARG H 43 29.30 -6.17 39.04
C ARG H 43 29.00 -4.92 38.22
N TYR H 44 29.31 -4.97 36.93
CA TYR H 44 28.82 -3.90 36.07
C TYR H 44 27.30 -3.89 36.00
N CYS H 45 26.64 -4.98 36.38
CA CYS H 45 25.20 -4.98 36.59
C CYS H 45 24.75 -3.88 37.52
N CYS H 46 25.07 -3.99 38.81
CA CYS H 46 24.52 -3.10 39.82
C CYS H 46 25.09 -1.69 39.78
N ARG H 47 26.15 -1.46 39.02
CA ARG H 47 26.73 -0.12 38.97
C ARG H 47 25.92 0.82 38.08
N ARG H 48 25.37 0.31 36.98
CA ARG H 48 24.64 1.17 36.06
C ARG H 48 23.40 1.78 36.68
N MET H 49 22.89 1.21 37.77
CA MET H 49 21.67 1.76 38.38
C MET H 49 21.97 3.09 39.07
N ILE H 50 23.02 3.13 39.88
CA ILE H 50 23.37 4.35 40.57
C ILE H 50 24.14 5.30 39.67
N LEU H 51 25.00 4.76 38.81
CA LEU H 51 25.89 5.61 38.01
C LEU H 51 25.10 6.58 37.15
N THR H 52 24.13 6.07 36.39
CA THR H 52 23.47 6.83 35.33
C THR H 52 22.16 7.47 35.77
N HIS H 53 21.76 7.31 37.03
CA HIS H 53 20.39 7.59 37.43
C HIS H 53 20.07 9.08 37.33
N VAL H 54 18.78 9.38 37.22
CA VAL H 54 18.28 10.74 37.13
C VAL H 54 17.14 10.88 38.14
N ASP H 55 17.22 11.88 39.01
CA ASP H 55 16.08 12.21 39.86
C ASP H 55 15.25 13.29 39.20
N LEU H 56 14.12 12.87 38.64
CA LEU H 56 13.21 13.81 38.02
C LEU H 56 12.17 14.26 39.02
N ILE H 57 12.07 13.57 40.15
CA ILE H 57 11.04 13.84 41.14
C ILE H 57 11.31 15.20 41.75
N GLU H 58 12.57 15.61 41.79
CA GLU H 58 12.94 16.90 42.33
C GLU H 58 12.26 18.01 41.55
N LYS H 59 12.01 17.77 40.25
CA LYS H 59 11.29 18.75 39.46
C LYS H 59 9.79 18.66 39.68
N PHE H 60 9.25 17.47 39.95
CA PHE H 60 7.82 17.37 40.20
C PHE H 60 7.45 18.11 41.48
N LEU H 61 8.22 17.90 42.54
CA LEU H 61 7.87 18.43 43.85
C LEU H 61 7.75 19.95 43.84
N ARG H 62 8.42 20.62 42.90
CA ARG H 62 8.35 22.08 42.85
C ARG H 62 6.92 22.55 42.65
N TYR H 63 6.09 21.77 41.97
CA TYR H 63 4.71 22.16 41.74
C TYR H 63 3.87 21.52 42.85
N ASN H 64 3.46 22.34 43.81
CA ASN H 64 2.66 21.87 44.94
C ASN H 64 1.34 22.61 44.99
N PRO H 65 0.22 21.98 44.68
CA PRO H 65 -1.07 22.68 44.83
C PRO H 65 -1.46 22.93 46.28
N LEU H 66 -0.82 22.27 47.24
CA LEU H 66 -1.31 22.24 48.61
C LEU H 66 -0.69 23.29 49.52
N GLU H 67 0.13 24.20 49.00
CA GLU H 67 0.68 25.29 49.79
C GLU H 67 0.52 26.59 49.03
N LYS H 68 0.66 27.71 49.75
CA LYS H 68 0.69 29.03 49.13
C LYS H 68 1.92 29.15 48.25
N ARG H 69 1.94 30.11 47.34
CA ARG H 69 3.10 30.37 46.48
C ARG H 69 4.41 30.41 47.28
N PRO I 42 -4.51 -38.69 50.25
CA PRO I 42 -3.62 -38.79 49.09
C PRO I 42 -4.19 -38.07 47.86
N ASP I 43 -3.33 -37.37 47.12
CA ASP I 43 -3.72 -36.64 45.93
C ASP I 43 -3.45 -37.52 44.70
N ARG I 44 -4.51 -37.84 43.96
CA ARG I 44 -4.35 -38.64 42.76
C ARG I 44 -3.62 -37.90 41.65
N GLU I 45 -3.46 -36.58 41.79
CA GLU I 45 -3.07 -35.72 40.68
C GLU I 45 -1.58 -35.43 40.63
N LYS I 46 -0.79 -35.92 41.58
CA LYS I 46 0.63 -35.56 41.58
C LYS I 46 1.33 -36.25 40.42
N ILE I 47 1.45 -37.56 40.49
CA ILE I 47 1.92 -38.36 39.39
C ILE I 47 0.69 -38.99 38.74
N LYS I 48 0.89 -39.68 37.63
CA LYS I 48 -0.14 -40.50 37.02
C LYS I 48 0.46 -41.20 35.82
N LEU I 49 -0.24 -42.22 35.33
CA LEU I 49 0.25 -43.10 34.30
C LEU I 49 -0.64 -42.96 33.08
N LEU I 50 -0.03 -42.71 31.92
CA LEU I 50 -0.78 -42.56 30.67
C LEU I 50 -0.84 -43.92 29.99
N THR I 51 -2.05 -44.49 29.91
CA THR I 51 -2.21 -45.83 29.36
C THR I 51 -1.92 -45.89 27.87
N GLN I 52 -1.76 -44.74 27.20
CA GLN I 52 -1.44 -44.75 25.78
C GLN I 52 -0.08 -45.39 25.53
N ALA I 53 0.92 -45.03 26.32
CA ALA I 53 2.30 -45.38 26.04
C ALA I 53 2.80 -46.62 26.77
N THR I 54 1.99 -47.22 27.64
CA THR I 54 2.45 -48.32 28.48
C THR I 54 2.10 -49.66 27.87
N SER I 55 3.10 -50.53 27.75
CA SER I 55 2.92 -51.83 27.15
C SER I 55 2.18 -52.76 28.11
N GLU I 56 1.98 -54.01 27.67
CA GLU I 56 1.24 -54.97 28.48
C GLU I 56 2.11 -55.52 29.60
N ASP I 57 3.35 -55.89 29.30
CA ASP I 57 4.24 -56.49 30.27
C ASP I 57 4.73 -55.50 31.33
N GLY I 58 4.41 -54.22 31.19
CA GLY I 58 4.82 -53.24 32.17
C GLY I 58 6.29 -52.85 32.13
N THR I 59 6.97 -53.12 31.03
CA THR I 59 8.39 -52.78 30.91
C THR I 59 8.62 -51.40 30.34
N SER I 60 7.57 -50.62 30.10
CA SER I 60 7.72 -49.25 29.61
C SER I 60 6.67 -48.39 30.29
N ALA I 61 7.05 -47.15 30.57
CA ALA I 61 6.12 -46.27 31.30
C ALA I 61 6.37 -44.82 30.92
N SER I 62 5.27 -44.07 30.91
CA SER I 62 5.25 -42.63 30.65
C SER I 62 4.46 -41.96 31.76
N PHE I 63 5.12 -41.15 32.57
CA PHE I 63 4.46 -40.51 33.71
C PHE I 63 4.29 -39.03 33.41
N GLN I 64 3.24 -38.44 33.97
CA GLN I 64 3.02 -37.01 33.82
C GLN I 64 2.82 -36.43 35.22
N ILE I 65 3.76 -35.60 35.64
CA ILE I 65 3.82 -35.07 36.99
C ILE I 65 3.63 -33.57 36.93
N VAL I 66 2.82 -33.04 37.84
CA VAL I 66 2.46 -31.62 37.80
C VAL I 66 3.49 -30.86 38.61
N GLU I 67 3.45 -29.53 38.55
CA GLU I 67 4.28 -28.65 39.37
C GLU I 67 5.74 -29.09 39.37
N GLU I 68 6.29 -29.32 38.17
CA GLU I 68 7.70 -29.68 38.03
C GLU I 68 8.31 -28.88 36.90
N ASP I 69 9.62 -29.07 36.72
CA ASP I 69 10.41 -28.37 35.72
C ASP I 69 11.77 -29.07 35.67
N HIS I 70 12.72 -28.47 34.95
CA HIS I 70 14.07 -29.00 34.85
C HIS I 70 14.68 -29.34 36.21
N THR I 71 14.25 -28.67 37.28
CA THR I 71 14.73 -28.88 38.64
C THR I 71 14.81 -30.36 38.98
N LEU I 72 13.65 -30.99 39.12
CA LEU I 72 13.59 -32.37 39.54
C LEU I 72 13.85 -33.32 38.38
N GLY I 73 13.56 -32.88 37.17
CA GLY I 73 13.75 -33.75 36.02
C GLY I 73 15.21 -34.08 35.78
N ASN I 74 16.05 -33.05 35.63
CA ASN I 74 17.42 -33.32 35.25
C ASN I 74 18.24 -33.94 36.38
N ALA I 75 17.81 -33.77 37.63
CA ALA I 75 18.42 -34.46 38.75
C ALA I 75 17.82 -35.83 39.00
N LEU I 76 16.65 -36.11 38.45
CA LEU I 76 16.08 -37.45 38.56
C LEU I 76 16.66 -38.39 37.52
N ARG I 77 16.70 -37.94 36.26
CA ARG I 77 17.16 -38.82 35.20
C ARG I 77 18.60 -39.26 35.43
N TYR I 78 19.43 -38.39 35.97
CA TYR I 78 20.81 -38.76 36.24
C TYR I 78 20.90 -39.87 37.28
N VAL I 79 20.02 -39.87 38.26
CA VAL I 79 20.06 -40.92 39.27
C VAL I 79 19.46 -42.21 38.73
N ILE I 80 18.54 -42.10 37.78
CA ILE I 80 17.95 -43.31 37.21
C ILE I 80 18.93 -43.99 36.26
N MET I 81 19.72 -43.20 35.53
CA MET I 81 20.62 -43.78 34.54
C MET I 81 21.68 -44.67 35.16
N LYS I 82 22.04 -44.42 36.41
CA LYS I 82 23.05 -45.26 37.07
C LYS I 82 22.57 -46.68 37.29
N ASN I 83 21.27 -46.90 37.28
CA ASN I 83 20.71 -48.24 37.40
C ASN I 83 21.15 -49.07 36.20
N PRO I 84 21.80 -50.22 36.39
CA PRO I 84 22.17 -51.05 35.24
C PRO I 84 20.97 -51.64 34.51
N ASP I 85 19.79 -51.61 35.14
CA ASP I 85 18.61 -52.25 34.57
C ASP I 85 17.78 -51.33 33.69
N VAL I 86 18.06 -50.03 33.67
CA VAL I 86 17.26 -49.06 32.94
C VAL I 86 17.81 -48.97 31.52
N GLU I 87 16.99 -49.35 30.54
CA GLU I 87 17.41 -49.38 29.14
C GLU I 87 17.30 -48.01 28.49
N PHE I 88 16.20 -47.30 28.73
CA PHE I 88 15.99 -45.96 28.16
C PHE I 88 15.29 -45.09 29.20
N CYS I 89 15.83 -43.92 29.48
CA CYS I 89 15.21 -43.00 30.43
C CYS I 89 15.29 -41.58 29.92
N GLY I 90 14.17 -40.86 29.97
CA GLY I 90 14.17 -39.50 29.48
C GLY I 90 13.03 -38.69 30.05
N TYR I 91 13.06 -37.38 29.77
CA TYR I 91 11.97 -36.52 30.19
C TYR I 91 11.71 -35.48 29.11
N SER I 92 10.57 -34.81 29.23
CA SER I 92 10.23 -33.74 28.32
C SER I 92 9.23 -32.82 28.99
N ILE I 93 9.14 -31.61 28.47
CA ILE I 93 8.26 -30.57 28.98
C ILE I 93 7.37 -30.10 27.83
N PRO I 94 6.15 -30.63 27.72
CA PRO I 94 5.36 -30.41 26.50
C PRO I 94 5.23 -28.95 26.11
N HIS I 95 4.90 -28.05 27.04
CA HIS I 95 4.94 -26.64 26.75
C HIS I 95 5.49 -25.96 28.00
N PRO I 96 6.36 -24.96 27.84
CA PRO I 96 6.97 -24.35 29.04
C PRO I 96 5.98 -23.54 29.87
N SER I 97 5.03 -22.85 29.24
CA SER I 97 4.13 -21.98 29.97
C SER I 97 3.41 -22.73 31.08
N GLU I 98 2.49 -23.60 30.69
CA GLU I 98 1.86 -24.51 31.64
C GLU I 98 2.86 -25.59 32.07
N ASN I 99 2.93 -25.81 33.38
CA ASN I 99 4.00 -26.59 33.97
C ASN I 99 3.57 -28.04 34.11
N LEU I 100 4.23 -28.92 33.37
CA LEU I 100 4.01 -30.36 33.41
C LEU I 100 5.33 -31.04 33.06
N LEU I 101 5.49 -32.27 33.51
CA LEU I 101 6.74 -32.98 33.26
C LEU I 101 6.45 -34.43 32.90
N ASN I 102 6.98 -34.89 31.78
CA ASN I 102 6.79 -36.27 31.33
C ASN I 102 8.05 -37.08 31.58
N ILE I 103 7.88 -38.37 31.87
CA ILE I 103 9.00 -39.27 32.10
C ILE I 103 8.80 -40.54 31.29
N ARG I 104 9.87 -41.01 30.67
CA ARG I 104 9.91 -42.30 30.00
C ARG I 104 10.92 -43.21 30.66
N ILE I 105 10.49 -44.43 30.96
CA ILE I 105 11.38 -45.46 31.45
C ILE I 105 11.10 -46.76 30.71
N GLN I 106 12.15 -47.39 30.20
CA GLN I 106 12.08 -48.68 29.53
C GLN I 106 13.20 -49.54 30.05
N THR I 107 12.89 -50.78 30.38
CA THR I 107 13.87 -51.69 30.95
C THR I 107 13.94 -52.98 30.13
N TYR I 108 15.08 -53.66 30.25
CA TYR I 108 15.30 -54.92 29.54
C TYR I 108 14.38 -56.03 30.02
N GLY I 109 13.62 -55.80 31.08
CA GLY I 109 12.66 -56.77 31.58
C GLY I 109 13.05 -57.45 32.87
N GLU I 110 14.21 -57.15 33.43
CA GLU I 110 14.55 -57.75 34.72
C GLU I 110 13.70 -57.18 35.83
N THR I 111 13.27 -55.93 35.71
CA THR I 111 12.39 -55.30 36.68
C THR I 111 11.37 -54.44 35.96
N THR I 112 10.23 -54.22 36.60
CA THR I 112 9.19 -53.41 36.00
C THR I 112 9.62 -51.95 35.96
N ALA I 113 8.76 -51.11 35.40
CA ALA I 113 9.10 -49.69 35.26
C ALA I 113 8.87 -48.94 36.57
N VAL I 114 7.71 -49.12 37.20
CA VAL I 114 7.41 -48.39 38.42
C VAL I 114 8.43 -48.70 39.50
N ASP I 115 8.90 -49.95 39.56
CA ASP I 115 9.93 -50.30 40.52
C ASP I 115 11.26 -49.61 40.21
N ALA I 116 11.57 -49.41 38.93
CA ALA I 116 12.78 -48.68 38.57
C ALA I 116 12.66 -47.20 38.94
N LEU I 117 11.49 -46.60 38.70
CA LEU I 117 11.30 -45.21 39.08
C LEU I 117 11.38 -45.04 40.60
N GLN I 118 10.53 -45.76 41.33
CA GLN I 118 10.53 -45.62 42.78
C GLN I 118 11.79 -46.17 43.42
N LYS I 119 12.63 -46.88 42.67
CA LYS I 119 13.98 -47.07 43.14
C LYS I 119 14.85 -45.85 42.89
N GLY I 120 14.66 -45.19 41.75
CA GLY I 120 15.44 -44.00 41.44
C GLY I 120 15.08 -42.80 42.28
N LEU I 121 14.00 -42.89 43.06
CA LEU I 121 13.66 -41.87 44.03
C LEU I 121 14.24 -42.16 45.41
N LYS I 122 14.76 -43.35 45.63
CA LYS I 122 15.36 -43.65 46.93
C LYS I 122 16.78 -43.11 47.03
N ASP I 123 17.55 -43.28 45.97
CA ASP I 123 18.95 -42.87 45.97
C ASP I 123 19.14 -41.38 45.76
N LEU I 124 18.08 -40.65 45.45
CA LEU I 124 18.20 -39.19 45.48
C LEU I 124 18.16 -38.71 46.92
N MET I 125 17.22 -39.22 47.69
CA MET I 125 17.19 -38.92 49.12
C MET I 125 18.48 -39.38 49.79
N ASP I 126 18.82 -40.67 49.65
CA ASP I 126 20.02 -41.20 50.25
C ASP I 126 21.28 -40.50 49.77
N LEU I 127 21.22 -39.79 48.65
CA LEU I 127 22.33 -38.96 48.25
C LEU I 127 22.32 -37.62 48.97
N CYS I 128 21.15 -36.97 49.08
CA CYS I 128 21.10 -35.67 49.72
C CYS I 128 21.48 -35.76 51.19
N ASP I 129 21.22 -36.89 51.83
CA ASP I 129 21.69 -37.06 53.20
C ASP I 129 23.20 -36.88 53.32
N VAL I 130 23.96 -37.31 52.32
CA VAL I 130 25.41 -37.17 52.35
C VAL I 130 25.80 -35.70 52.42
N VAL I 131 25.31 -34.88 51.50
CA VAL I 131 25.62 -33.45 51.54
C VAL I 131 25.15 -32.84 52.85
N GLU I 132 23.98 -33.25 53.33
CA GLU I 132 23.48 -32.76 54.61
C GLU I 132 24.45 -33.03 55.75
N SER I 133 25.12 -34.18 55.75
CA SER I 133 26.06 -34.43 56.83
C SER I 133 27.38 -33.70 56.61
N LYS I 134 27.94 -33.81 55.39
CA LYS I 134 29.24 -33.20 55.11
C LYS I 134 29.23 -31.71 55.38
N PHE I 135 28.33 -30.98 54.71
CA PHE I 135 28.41 -29.53 54.74
C PHE I 135 28.14 -29.00 56.15
N THR I 136 27.43 -29.77 56.96
CA THR I 136 27.27 -29.40 58.37
C THR I 136 28.56 -29.62 59.14
N GLU I 137 29.18 -30.79 58.96
CA GLU I 137 30.45 -31.07 59.65
C GLU I 137 31.50 -30.01 59.35
N LYS I 138 31.58 -29.58 58.10
CA LYS I 138 32.63 -28.62 57.75
C LYS I 138 32.40 -27.27 58.41
N ILE I 139 31.14 -26.88 58.62
CA ILE I 139 30.87 -25.61 59.30
C ILE I 139 31.14 -25.74 60.79
N LYS I 140 30.56 -26.75 61.43
CA LYS I 140 30.70 -26.87 62.88
C LYS I 140 32.15 -27.10 63.29
N SER I 141 32.82 -28.03 62.63
CA SER I 141 34.20 -28.35 62.98
C SER I 141 35.17 -27.20 62.75
N MET I 142 34.98 -26.41 61.71
CA MET I 142 35.90 -25.32 61.41
C MET I 142 35.85 -24.27 62.51
N LEU J 27 -14.52 20.37 54.01
CA LEU J 27 -13.85 21.18 53.01
C LEU J 27 -13.41 20.34 51.82
N LYS J 28 -14.25 20.30 50.79
CA LYS J 28 -13.99 19.41 49.67
C LYS J 28 -12.99 19.97 48.69
N TYR J 29 -12.89 21.29 48.56
CA TYR J 29 -12.28 21.90 47.39
C TYR J 29 -11.06 22.73 47.73
N ILE J 30 -10.26 23.01 46.71
CA ILE J 30 -9.05 23.82 46.82
C ILE J 30 -8.99 24.76 45.64
N CYS J 31 -8.63 26.02 45.89
CA CYS J 31 -8.45 26.95 44.79
C CYS J 31 -7.15 26.65 44.04
N ALA J 32 -7.09 27.11 42.79
CA ALA J 32 -5.95 26.83 41.93
C ALA J 32 -4.87 27.89 42.01
N GLU J 33 -5.12 29.02 42.68
CA GLU J 33 -4.13 30.08 42.77
C GLU J 33 -3.82 30.40 44.23
N CYS J 34 -4.73 31.05 44.95
CA CYS J 34 -4.50 31.33 46.36
C CYS J 34 -4.46 30.07 47.21
N SER J 35 -4.91 28.94 46.66
CA SER J 35 -4.72 27.60 47.22
C SER J 35 -5.47 27.35 48.52
N SER J 36 -6.19 28.34 49.06
CA SER J 36 -6.87 28.13 50.34
C SER J 36 -8.01 27.13 50.19
N LYS J 37 -8.10 26.21 51.14
CA LYS J 37 -9.16 25.21 51.13
C LYS J 37 -10.52 25.84 51.44
N LEU J 38 -11.55 25.34 50.77
CA LEU J 38 -12.89 25.86 50.98
C LEU J 38 -13.91 24.82 50.54
N SER J 39 -15.14 25.00 51.00
CA SER J 39 -16.26 24.17 50.57
C SER J 39 -17.37 25.07 50.02
N LEU J 40 -18.27 24.46 49.26
CA LEU J 40 -19.38 25.19 48.66
C LEU J 40 -20.71 24.65 49.16
N SER J 41 -21.78 25.29 48.69
CA SER J 41 -23.13 25.02 49.15
C SER J 41 -24.01 24.72 47.95
N ARG J 42 -25.30 24.51 48.21
CA ARG J 42 -26.25 24.21 47.14
C ARG J 42 -26.55 25.46 46.34
N THR J 43 -26.59 25.32 45.02
CA THR J 43 -26.93 26.40 44.09
C THR J 43 -26.08 27.64 44.38
N ASP J 44 -24.80 27.52 44.03
CA ASP J 44 -23.83 28.57 44.25
C ASP J 44 -22.92 28.69 43.04
N ALA J 45 -22.70 29.92 42.59
CA ALA J 45 -21.86 30.14 41.41
C ALA J 45 -20.41 29.84 41.75
N VAL J 46 -19.79 28.97 40.95
CA VAL J 46 -18.47 28.44 41.24
C VAL J 46 -17.42 29.53 41.03
N ARG J 47 -16.61 29.77 42.06
CA ARG J 47 -15.58 30.81 42.08
C ARG J 47 -14.91 30.72 43.44
N CYS J 48 -13.88 31.53 43.63
CA CYS J 48 -13.11 31.53 44.86
C CYS J 48 -13.46 32.77 45.69
N LYS J 49 -13.35 32.62 47.01
CA LYS J 49 -13.69 33.71 47.92
C LYS J 49 -12.72 34.87 47.83
N ASP J 50 -11.44 34.60 47.59
CA ASP J 50 -10.41 35.64 47.65
C ASP J 50 -10.10 36.21 46.28
N CYS J 51 -9.44 35.43 45.41
CA CYS J 51 -8.97 35.98 44.14
C CYS J 51 -10.09 36.08 43.13
N GLY J 52 -11.24 35.48 43.42
CA GLY J 52 -12.26 35.30 42.42
C GLY J 52 -11.85 34.41 41.26
N HIS J 53 -10.80 33.62 41.43
CA HIS J 53 -10.33 32.76 40.36
C HIS J 53 -11.34 31.65 40.13
N ARG J 54 -11.75 31.47 38.88
CA ARG J 54 -12.97 30.73 38.56
C ARG J 54 -12.75 29.24 38.34
N ILE J 55 -11.56 28.71 38.62
CA ILE J 55 -11.32 27.28 38.50
C ILE J 55 -11.02 26.71 39.89
N LEU J 56 -11.53 25.51 40.17
CA LEU J 56 -11.41 24.92 41.49
C LEU J 56 -11.11 23.43 41.37
N LEU J 57 -10.56 22.88 42.45
CA LEU J 57 -10.05 21.50 42.48
C LEU J 57 -10.75 20.74 43.60
N LYS J 58 -10.73 19.40 43.50
CA LYS J 58 -11.36 18.52 44.48
C LYS J 58 -10.28 17.74 45.20
N ALA J 59 -10.08 18.06 46.49
CA ALA J 59 -9.03 17.43 47.27
C ALA J 59 -9.42 16.02 47.68
N ARG J 60 -8.41 15.24 48.05
CA ARG J 60 -8.55 13.85 48.47
C ARG J 60 -8.61 13.78 49.99
N THR J 61 -9.46 12.90 50.50
CA THR J 61 -9.65 12.72 51.94
C THR J 61 -9.61 11.25 52.29
N LYS J 62 -9.53 10.98 53.59
CA LYS J 62 -9.32 9.62 54.08
C LYS J 62 -10.37 8.66 53.53
N ARG J 63 -9.89 7.59 52.91
CA ARG J 63 -10.75 6.58 52.31
C ARG J 63 -9.93 5.33 52.13
N LEU J 64 -10.61 4.19 52.00
CA LEU J 64 -9.91 2.92 51.83
C LEU J 64 -9.69 2.64 50.35
N VAL J 65 -8.45 2.35 49.98
CA VAL J 65 -8.10 1.94 48.62
C VAL J 65 -7.18 0.74 48.71
N GLN J 66 -7.41 -0.24 47.85
CA GLN J 66 -6.80 -1.56 47.97
C GLN J 66 -6.00 -1.88 46.70
N PHE J 67 -4.78 -2.36 46.88
CA PHE J 67 -3.88 -2.63 45.78
C PHE J 67 -3.21 -3.99 45.94
N GLU J 68 -2.52 -4.39 44.88
CA GLU J 68 -1.55 -5.47 44.91
C GLU J 68 -0.15 -4.86 44.93
N ALA J 69 0.74 -5.47 45.71
CA ALA J 69 2.13 -5.05 45.69
C ALA J 69 2.95 -5.78 44.65
N ARG J 70 2.33 -6.60 43.82
CA ARG J 70 3.06 -7.33 42.80
C ARG J 70 3.21 -6.49 41.53
N SER N 8 52.91 55.40 -18.97
CA SER N 8 53.97 55.71 -18.02
C SER N 8 53.68 56.95 -17.16
N GLU N 9 54.28 58.08 -17.52
CA GLU N 9 54.09 59.31 -16.75
C GLU N 9 53.43 60.45 -17.53
N ILE N 10 52.47 61.12 -16.90
CA ILE N 10 51.75 62.24 -17.49
C ILE N 10 51.58 63.39 -16.49
N GLU N 11 52.02 64.59 -16.88
CA GLU N 11 51.94 65.79 -16.05
C GLU N 11 50.57 66.50 -16.19
N ILE N 12 50.06 67.03 -15.10
CA ILE N 12 48.75 67.69 -15.10
C ILE N 12 48.87 69.22 -15.14
N GLU N 13 48.68 69.81 -16.31
CA GLU N 13 48.81 71.26 -16.47
C GLU N 13 47.83 72.02 -15.57
N SER N 14 46.54 71.81 -15.77
CA SER N 14 45.52 72.53 -15.03
C SER N 14 44.37 71.61 -14.64
N VAL N 15 43.66 71.99 -13.57
CA VAL N 15 42.44 71.30 -13.20
C VAL N 15 41.32 72.28 -12.84
N GLN N 16 40.29 72.30 -13.68
CA GLN N 16 39.14 73.18 -13.49
C GLN N 16 38.08 72.60 -12.53
N ASP N 17 37.64 73.42 -11.59
CA ASP N 17 36.76 72.96 -10.52
C ASP N 17 35.36 73.44 -10.77
N GLN N 18 35.23 74.34 -11.74
CA GLN N 18 33.98 75.05 -11.99
C GLN N 18 33.25 74.47 -13.21
N PRO N 19 31.92 74.67 -13.27
CA PRO N 19 31.19 74.26 -14.48
C PRO N 19 31.81 74.85 -15.75
N SER N 20 32.27 73.94 -16.61
CA SER N 20 32.85 74.28 -17.90
C SER N 20 32.11 73.52 -19.00
N VAL N 21 32.41 72.24 -19.12
CA VAL N 21 31.71 71.40 -20.10
C VAL N 21 30.79 70.38 -19.42
N ALA N 22 29.96 69.73 -20.21
CA ALA N 22 29.06 68.69 -19.73
C ALA N 22 29.08 67.50 -20.67
N VAL N 23 28.62 66.36 -20.18
CA VAL N 23 28.59 65.13 -20.98
C VAL N 23 27.20 64.53 -20.96
N GLY N 24 26.70 64.21 -22.14
CA GLY N 24 25.36 63.68 -22.26
C GLY N 24 25.38 62.36 -23.00
N SER N 25 24.69 61.37 -22.44
CA SER N 25 24.53 60.13 -23.14
C SER N 25 23.11 60.10 -23.68
N PHE N 26 23.00 60.11 -25.00
CA PHE N 26 21.70 60.05 -25.64
C PHE N 26 21.49 58.67 -26.23
N PHE N 27 22.22 58.40 -27.30
CA PHE N 27 22.29 57.08 -27.91
C PHE N 27 23.39 57.10 -28.94
N LYS N 28 23.64 55.98 -29.58
CA LYS N 28 24.74 55.92 -30.53
C LYS N 28 24.44 56.69 -31.84
N GLY N 29 25.43 57.43 -32.31
CA GLY N 29 25.29 58.15 -33.55
C GLY N 29 24.45 59.41 -33.39
N PHE N 30 24.19 59.77 -32.15
CA PHE N 30 23.40 60.94 -31.85
C PHE N 30 24.03 62.21 -32.37
N ARG N 31 23.22 63.06 -32.99
CA ARG N 31 23.60 64.44 -33.28
C ARG N 31 22.40 65.35 -33.23
N ALA N 32 22.67 66.64 -33.21
CA ALA N 32 21.60 67.61 -33.20
C ALA N 32 21.94 68.61 -34.28
N PRO N 33 20.91 69.22 -34.87
CA PRO N 33 21.05 70.29 -35.87
C PRO N 33 22.06 71.37 -35.44
N SER N 34 22.63 72.08 -36.42
CA SER N 34 23.70 73.06 -36.18
C SER N 34 23.39 74.07 -35.08
N ASP N 35 22.21 74.68 -35.17
CA ASP N 35 21.79 75.74 -34.26
C ASP N 35 21.71 75.32 -32.79
N THR N 36 21.09 74.16 -32.54
CA THR N 36 20.80 73.64 -31.19
C THR N 36 21.74 74.05 -30.06
N THR N 37 21.16 74.45 -28.94
CA THR N 37 21.92 74.99 -27.84
C THR N 37 21.32 74.53 -26.51
N PHE N 38 22.19 74.24 -25.54
CA PHE N 38 21.79 73.54 -24.31
C PHE N 38 22.02 74.35 -23.05
N ASP N 39 20.97 74.54 -22.25
CA ASP N 39 21.06 75.28 -21.01
C ASP N 39 21.29 74.32 -19.84
N LEU N 40 22.37 74.55 -19.10
CA LEU N 40 22.75 73.72 -17.96
C LEU N 40 22.32 74.35 -16.63
N TYR N 41 21.92 73.52 -15.67
CA TYR N 41 21.42 74.02 -14.39
C TYR N 41 22.05 73.25 -13.24
N LYS N 42 22.27 73.91 -12.09
CA LYS N 42 23.02 73.31 -10.98
C LYS N 42 22.47 73.60 -9.56
N LYS N 43 22.36 72.56 -8.74
CA LYS N 43 21.87 72.66 -7.36
C LYS N 43 22.93 72.15 -6.38
N LYS N 44 23.06 72.80 -5.22
CA LYS N 44 24.07 72.37 -4.24
C LYS N 44 23.52 71.51 -3.09
N LYS N 45 23.26 70.22 -3.37
CA LYS N 45 22.66 69.30 -2.40
C LYS N 45 23.72 68.52 -1.59
N SER N 46 23.85 68.86 -0.31
CA SER N 46 24.93 68.34 0.54
C SER N 46 26.29 68.80 -0.02
N GLU N 47 27.28 67.91 0.04
CA GLU N 47 28.56 68.15 -0.63
C GLU N 47 28.62 67.37 -1.95
N LYS N 48 27.47 67.30 -2.61
CA LYS N 48 27.35 66.69 -3.94
C LYS N 48 26.72 67.71 -4.88
N ASP N 49 27.15 67.71 -6.13
CA ASP N 49 26.58 68.65 -7.11
C ASP N 49 25.66 67.96 -8.11
N GLU N 50 24.39 68.35 -8.10
CA GLU N 50 23.41 67.83 -9.05
C GLU N 50 23.28 68.73 -10.27
N PHE N 51 23.04 68.14 -11.44
CA PHE N 51 22.92 68.91 -12.67
C PHE N 51 21.68 68.54 -13.45
N VAL N 52 21.09 69.50 -14.13
CA VAL N 52 19.97 69.25 -15.04
C VAL N 52 20.20 69.95 -16.36
N LEU N 53 19.89 69.25 -17.45
CA LEU N 53 20.11 69.78 -18.80
C LEU N 53 18.80 70.01 -19.53
N HIS N 54 18.72 71.17 -20.20
CA HIS N 54 17.56 71.45 -21.03
C HIS N 54 17.97 72.18 -22.30
N GLY N 55 17.70 71.54 -23.43
CA GLY N 55 18.04 72.07 -24.73
C GLY N 55 16.78 72.24 -25.55
N GLU N 56 16.88 73.10 -26.56
CA GLU N 56 15.73 73.50 -27.32
C GLU N 56 16.14 73.83 -28.73
N ASN N 57 15.48 73.20 -29.70
CA ASN N 57 15.53 73.71 -31.04
C ASN N 57 14.14 73.80 -31.64
N GLU N 58 14.04 74.05 -32.95
CA GLU N 58 12.78 74.38 -33.56
C GLU N 58 11.70 73.30 -33.40
N ARG N 59 12.09 72.03 -33.56
CA ARG N 59 11.11 70.96 -33.47
C ARG N 59 11.53 69.77 -32.59
N LEU N 60 12.49 70.00 -31.70
CA LEU N 60 12.93 68.98 -30.75
C LEU N 60 13.24 69.60 -29.40
N GLU N 61 12.96 68.87 -28.34
CA GLU N 61 13.43 69.24 -27.02
C GLU N 61 14.49 68.25 -26.60
N TYR N 62 15.38 68.68 -25.71
CA TYR N 62 16.41 67.81 -25.17
C TYR N 62 16.44 67.97 -23.65
N GLU N 63 16.34 66.88 -22.91
CA GLU N 63 16.45 66.97 -21.44
C GLU N 63 17.45 65.96 -20.90
N GLY N 64 17.99 66.25 -19.72
CA GLY N 64 19.01 65.40 -19.11
C GLY N 64 19.19 65.60 -17.61
N TYR N 65 19.42 64.52 -16.88
CA TYR N 65 19.66 64.62 -15.43
C TYR N 65 20.90 63.85 -15.00
N THR N 66 21.42 64.20 -13.83
CA THR N 66 22.53 63.44 -13.30
C THR N 66 21.96 62.30 -12.46
N ASP N 67 22.54 61.10 -12.59
CA ASP N 67 22.06 59.95 -11.86
C ASP N 67 22.36 60.09 -10.38
N SER N 68 21.31 60.19 -9.57
CA SER N 68 21.43 60.39 -8.12
C SER N 68 22.27 59.30 -7.44
N SER N 69 22.20 58.08 -7.97
CA SER N 69 22.88 56.96 -7.34
C SER N 69 24.37 56.87 -7.66
N SER N 70 24.73 57.09 -8.92
CA SER N 70 26.13 56.92 -9.30
C SER N 70 26.97 58.09 -8.80
N GLN N 71 26.39 59.29 -8.77
CA GLN N 71 27.12 60.49 -8.36
C GLN N 71 27.52 60.49 -6.88
N ALA N 72 26.96 59.54 -6.15
CA ALA N 72 27.35 59.30 -4.77
C ALA N 72 28.73 58.64 -4.69
N SER N 73 29.17 57.99 -5.77
CA SER N 73 30.47 57.31 -5.73
C SER N 73 31.33 57.46 -6.98
N ASN N 74 30.79 58.08 -8.03
CA ASN N 74 31.56 58.39 -9.23
C ASN N 74 31.68 59.89 -9.51
N GLN N 75 32.89 60.34 -9.78
CA GLN N 75 33.16 61.71 -10.17
C GLN N 75 33.71 61.68 -11.59
N TYR N 76 33.23 62.55 -12.46
CA TYR N 76 33.66 62.48 -13.84
C TYR N 76 34.42 63.73 -14.29
N VAL N 77 35.41 63.52 -15.16
CA VAL N 77 36.35 64.55 -15.57
C VAL N 77 36.76 64.39 -17.02
N VAL N 78 36.62 65.46 -17.80
CA VAL N 78 37.03 65.46 -19.20
C VAL N 78 38.48 65.93 -19.29
N GLY N 79 39.26 65.29 -20.15
CA GLY N 79 40.67 65.60 -20.26
C GLY N 79 41.13 65.95 -21.66
N LEU N 80 41.96 66.99 -21.76
CA LEU N 80 42.57 67.40 -23.02
C LEU N 80 44.02 66.98 -22.97
N PHE N 81 44.45 66.22 -23.96
CA PHE N 81 45.75 65.57 -23.93
C PHE N 81 46.72 66.13 -24.97
N ASN N 82 47.91 66.49 -24.52
CA ASN N 82 48.97 66.95 -25.41
C ASN N 82 50.07 65.89 -25.47
N PRO N 83 50.08 65.07 -26.55
CA PRO N 83 51.07 64.02 -26.74
C PRO N 83 52.45 64.52 -27.18
N GLU N 84 52.54 65.75 -27.67
CA GLU N 84 53.82 66.42 -27.89
C GLU N 84 54.15 67.18 -26.60
N LYS N 85 54.19 66.42 -25.51
CA LYS N 85 54.29 66.90 -24.13
C LYS N 85 53.89 65.68 -23.31
N LYS N 86 54.15 65.71 -22.02
CA LYS N 86 53.62 64.65 -21.16
C LYS N 86 52.45 65.23 -20.36
N SER N 87 51.72 66.14 -20.98
CA SER N 87 50.75 66.96 -20.25
C SER N 87 49.28 66.69 -20.60
N ILE N 88 48.40 66.97 -19.64
CA ILE N 88 46.96 66.82 -19.82
C ILE N 88 46.22 67.90 -19.04
N GLN N 89 45.07 68.34 -19.55
CA GLN N 89 44.27 69.38 -18.91
C GLN N 89 42.91 68.82 -18.52
N LEU N 90 42.65 68.76 -17.21
CA LEU N 90 41.41 68.16 -16.71
C LEU N 90 40.38 69.21 -16.34
N TYR N 91 39.15 68.95 -16.77
CA TYR N 91 38.00 69.78 -16.44
C TYR N 91 36.91 68.88 -15.82
N LYS N 92 36.29 69.33 -14.73
CA LYS N 92 35.21 68.54 -14.15
C LYS N 92 33.94 68.70 -14.96
N ALA N 93 33.21 67.62 -15.08
CA ALA N 93 32.04 67.58 -15.93
C ALA N 93 31.03 66.64 -15.33
N PRO N 94 29.75 67.02 -15.37
CA PRO N 94 28.73 66.06 -14.97
C PRO N 94 28.40 65.15 -16.16
N VAL N 95 28.03 63.90 -15.90
CA VAL N 95 27.49 63.05 -16.94
C VAL N 95 25.99 62.98 -16.76
N LEU N 96 25.24 63.41 -17.79
CA LEU N 96 23.80 63.46 -17.70
C LEU N 96 23.11 62.40 -18.56
N VAL N 97 22.13 61.73 -17.96
CA VAL N 97 21.29 60.79 -18.69
C VAL N 97 20.22 61.57 -19.43
N SER N 98 20.25 61.51 -20.75
CA SER N 98 19.47 62.44 -21.56
C SER N 98 18.63 61.78 -22.64
N LYS N 99 17.54 62.43 -23.01
CA LYS N 99 16.67 61.94 -24.06
C LYS N 99 16.42 63.06 -25.06
N VAL N 100 15.93 62.68 -26.24
CA VAL N 100 15.49 63.64 -27.25
C VAL N 100 14.02 63.46 -27.42
N VAL N 101 13.25 64.54 -27.28
CA VAL N 101 11.80 64.46 -27.41
C VAL N 101 11.33 65.22 -28.63
N SER N 102 10.44 64.60 -29.40
CA SER N 102 9.89 65.27 -30.57
C SER N 102 8.74 66.17 -30.16
N LYS N 103 8.85 67.46 -30.48
CA LYS N 103 7.79 68.41 -30.17
C LYS N 103 6.54 68.03 -30.94
N SER N 104 6.75 67.42 -32.11
CA SER N 104 5.67 67.00 -32.97
C SER N 104 4.71 66.02 -32.27
N SER N 105 5.24 64.99 -31.63
CA SER N 105 4.40 63.95 -31.10
C SER N 105 4.29 63.93 -29.56
N LYS N 106 5.04 64.82 -28.90
CA LYS N 106 5.06 64.89 -27.43
C LYS N 106 3.68 64.94 -26.81
N ASN N 107 2.81 65.78 -27.35
CA ASN N 107 1.52 66.02 -26.70
C ASN N 107 0.37 65.26 -27.33
N LEU N 108 0.66 64.40 -28.30
CA LEU N 108 -0.37 63.53 -28.84
C LEU N 108 -0.91 62.66 -27.69
N ARG N 109 -2.21 62.34 -27.74
CA ARG N 109 -2.92 61.75 -26.60
C ARG N 109 -4.30 61.28 -27.06
N GLY N 110 -4.68 60.09 -26.63
CA GLY N 110 -6.03 59.61 -26.88
C GLY N 110 -7.02 60.14 -25.84
N PRO N 111 -8.30 59.79 -25.98
CA PRO N 111 -9.35 60.21 -25.05
C PRO N 111 -9.19 59.49 -23.70
N LYS N 112 -9.79 60.03 -22.63
CA LYS N 112 -9.60 59.46 -21.29
C LYS N 112 -9.95 57.99 -21.25
N ILE N 113 -11.06 57.63 -21.87
CA ILE N 113 -11.42 56.23 -22.03
C ILE N 113 -12.17 56.08 -23.35
N LYS N 114 -11.84 55.07 -24.14
CA LYS N 114 -12.73 54.62 -25.20
C LYS N 114 -13.80 53.67 -24.60
N SER N 115 -14.85 54.30 -24.08
CA SER N 115 -15.90 53.63 -23.32
C SER N 115 -16.78 52.80 -24.24
N SER O 24 11.36 73.91 -17.72
CA SER O 24 10.68 73.85 -16.42
C SER O 24 11.63 73.50 -15.25
N ILE O 25 12.56 74.41 -15.01
CA ILE O 25 13.51 74.38 -13.88
C ILE O 25 12.92 73.84 -12.59
N PRO O 26 13.58 72.84 -11.99
CA PRO O 26 13.19 72.26 -10.70
C PRO O 26 13.70 73.09 -9.52
N ASP O 27 13.25 72.73 -8.31
CA ASP O 27 13.56 73.48 -7.10
C ASP O 27 15.03 73.45 -6.70
N GLY O 28 15.66 74.62 -6.66
CA GLY O 28 17.01 74.72 -6.11
C GLY O 28 18.13 74.85 -7.13
N PHE O 29 17.80 74.70 -8.40
CA PHE O 29 18.80 74.81 -9.47
C PHE O 29 18.85 76.23 -10.04
N LYS O 30 20.05 76.77 -10.21
CA LYS O 30 20.22 78.05 -10.88
C LYS O 30 21.06 77.87 -12.15
N LYS O 31 20.68 78.55 -13.23
CA LYS O 31 21.36 78.41 -14.51
C LYS O 31 22.85 78.74 -14.38
N CYS O 32 23.68 77.88 -14.94
CA CYS O 32 25.11 78.06 -14.87
C CYS O 32 25.53 79.24 -15.72
N LYS O 33 25.73 80.38 -15.05
CA LYS O 33 25.92 81.65 -15.75
C LYS O 33 27.24 81.71 -16.52
N HIS O 34 28.35 81.80 -15.81
CA HIS O 34 29.64 82.03 -16.46
C HIS O 34 30.48 80.76 -16.63
N LEU O 35 30.36 80.15 -17.80
CA LEU O 35 31.06 78.90 -18.09
C LEU O 35 32.55 79.11 -18.37
N LYS O 36 33.39 78.35 -17.67
CA LYS O 36 34.84 78.46 -17.85
C LYS O 36 35.31 77.91 -19.21
N ASN O 37 36.56 78.15 -19.55
CA ASN O 37 37.06 77.94 -20.91
C ASN O 37 37.55 76.51 -21.23
N PHE O 38 37.40 76.11 -22.49
CA PHE O 38 37.74 74.75 -22.88
C PHE O 38 38.52 74.67 -24.21
N PRO O 39 39.85 74.83 -24.15
CA PRO O 39 40.77 74.89 -25.29
C PRO O 39 40.78 73.64 -26.19
N LEU O 40 39.96 73.63 -27.23
CA LEU O 40 39.88 72.49 -28.15
C LEU O 40 40.82 72.63 -29.37
N ASN O 41 40.50 71.96 -30.47
CA ASN O 41 41.33 72.00 -31.68
C ASN O 41 40.59 71.57 -32.95
N LYS O 49 50.78 64.09 -35.46
CA LYS O 49 50.21 63.62 -34.21
C LYS O 49 49.49 64.77 -33.51
N GLN O 50 48.16 64.66 -33.43
CA GLN O 50 47.31 65.75 -32.94
C GLN O 50 46.85 65.49 -31.50
N GLN O 51 46.00 66.37 -30.97
CA GLN O 51 45.58 66.24 -29.57
C GLN O 51 44.38 65.32 -29.41
N GLN O 52 44.19 64.81 -28.19
CA GLN O 52 43.13 63.85 -27.91
C GLN O 52 42.24 64.29 -26.73
N VAL O 53 40.98 63.87 -26.77
CA VAL O 53 40.04 64.16 -25.68
C VAL O 53 39.66 62.88 -24.92
N TRP O 54 39.86 62.90 -23.61
CA TRP O 54 39.62 61.73 -22.78
C TRP O 54 38.50 61.96 -21.78
N LEU O 55 37.83 60.87 -21.40
CA LEU O 55 36.92 60.88 -20.25
C LEU O 55 37.50 60.00 -19.17
N ILE O 56 37.52 60.50 -17.94
CA ILE O 56 38.11 59.75 -16.84
C ILE O 56 37.18 59.73 -15.63
N LYS O 57 36.94 58.54 -15.09
CA LYS O 57 36.21 58.37 -13.82
C LYS O 57 37.17 58.25 -12.64
N PHE O 58 36.95 59.09 -11.61
CA PHE O 58 37.67 59.03 -10.35
C PHE O 58 36.64 58.74 -9.29
N PRO O 59 37.06 58.15 -8.16
CA PRO O 59 36.16 58.02 -7.01
C PRO O 59 35.76 59.40 -6.53
N SER O 60 34.51 59.57 -6.13
CA SER O 60 33.97 60.88 -5.78
C SER O 60 34.71 61.51 -4.60
N ASN O 61 35.29 60.67 -3.75
CA ASN O 61 36.04 61.12 -2.56
C ASN O 61 37.45 61.65 -2.85
N VAL O 62 37.86 61.60 -4.12
CA VAL O 62 39.21 62.03 -4.51
C VAL O 62 39.25 63.50 -4.93
N ASP O 63 40.06 64.28 -4.23
CA ASP O 63 40.33 65.66 -4.63
C ASP O 63 41.21 65.63 -5.87
N ILE O 64 40.61 65.93 -7.01
CA ILE O 64 41.31 65.87 -8.28
C ILE O 64 42.22 67.09 -8.43
N SER O 65 41.86 68.17 -7.74
CA SER O 65 42.56 69.45 -7.87
C SER O 65 44.02 69.39 -7.43
N LYS O 66 44.42 68.29 -6.82
CA LYS O 66 45.81 68.17 -6.42
C LYS O 66 46.43 66.81 -6.76
N LEU O 67 46.77 66.65 -8.05
CA LEU O 67 47.48 65.48 -8.51
C LEU O 67 48.67 65.88 -9.37
N LYS O 68 49.41 64.90 -9.88
CA LYS O 68 50.55 65.17 -10.74
C LYS O 68 50.70 64.11 -11.83
N SER O 69 50.85 62.86 -11.41
CA SER O 69 51.09 61.75 -12.35
C SER O 69 49.81 61.19 -12.99
N LEU O 70 50.02 60.18 -13.84
CA LEU O 70 48.98 59.52 -14.62
C LEU O 70 49.65 58.57 -15.61
N PRO O 71 49.29 57.27 -15.56
CA PRO O 71 49.94 56.26 -16.41
C PRO O 71 49.21 55.98 -17.72
N VAL O 72 49.88 55.26 -18.63
CA VAL O 72 49.32 54.83 -19.93
C VAL O 72 49.20 53.28 -20.04
N THR O 78 47.04 49.46 -16.07
CA THR O 78 47.87 49.14 -14.90
C THR O 78 47.47 49.87 -13.62
N THR O 79 48.47 50.27 -12.86
CA THR O 79 48.27 50.71 -11.49
C THR O 79 48.77 52.12 -11.25
N MET O 80 48.10 52.81 -10.32
CA MET O 80 48.55 54.12 -9.86
C MET O 80 48.13 54.35 -8.42
N THR O 81 48.86 55.21 -7.74
CA THR O 81 48.49 55.60 -6.39
C THR O 81 48.15 57.09 -6.38
N ILE O 82 47.12 57.44 -5.64
CA ILE O 82 46.75 58.83 -5.44
C ILE O 82 46.59 59.05 -3.93
N ASP O 83 47.34 60.02 -3.39
CA ASP O 83 47.42 60.26 -1.96
C ASP O 83 47.81 59.00 -1.17
N LYS O 84 48.90 58.36 -1.62
CA LYS O 84 49.45 57.15 -1.00
C LYS O 84 48.53 55.91 -0.99
N HIS O 85 47.26 56.10 -1.31
CA HIS O 85 46.35 54.98 -1.46
C HIS O 85 46.45 54.50 -2.92
N ASP O 86 46.36 53.21 -3.16
CA ASP O 86 46.51 52.70 -4.53
C ASP O 86 45.22 52.24 -5.26
N TYR O 87 45.17 52.64 -6.54
CA TYR O 87 44.04 52.41 -7.40
C TYR O 87 44.49 51.67 -8.66
N LYS O 88 43.54 51.42 -9.55
CA LYS O 88 43.81 50.73 -10.80
C LYS O 88 43.17 51.51 -11.96
N ILE O 89 43.93 51.76 -13.02
CA ILE O 89 43.40 52.42 -14.21
C ILE O 89 43.03 51.40 -15.29
N MET O 90 41.76 51.43 -15.72
CA MET O 90 41.31 50.49 -16.73
C MET O 90 40.88 51.23 -17.99
N ASP O 91 41.18 50.64 -19.14
CA ASP O 91 40.84 51.20 -20.45
C ASP O 91 39.45 50.75 -20.85
N ASP O 92 38.44 51.43 -20.35
CA ASP O 92 37.06 51.06 -20.60
C ASP O 92 36.53 51.68 -21.89
N THR O 93 37.42 51.93 -22.85
CA THR O 93 37.00 52.51 -24.10
C THR O 93 36.03 51.60 -24.87
N ASP O 94 36.26 50.29 -24.85
CA ASP O 94 35.40 49.35 -25.59
C ASP O 94 33.99 49.17 -25.00
N ILE O 95 33.74 49.81 -23.86
CA ILE O 95 32.43 49.81 -23.22
C ILE O 95 31.66 51.08 -23.61
N GLU O 96 32.36 52.20 -23.64
CA GLU O 96 31.75 53.46 -24.04
C GLU O 96 31.60 53.54 -25.54
N SER O 97 32.44 52.82 -26.28
CA SER O 97 32.40 52.86 -27.74
C SER O 97 32.92 51.57 -28.36
N SER O 98 32.98 51.51 -29.69
CA SER O 98 33.58 50.38 -30.37
C SER O 98 35.04 50.67 -30.74
N LEU O 99 35.90 49.68 -30.55
CA LEU O 99 37.29 49.82 -30.95
C LEU O 99 37.46 49.57 -32.46
N THR O 100 36.63 48.68 -33.00
CA THR O 100 36.75 48.27 -34.41
C THR O 100 35.94 49.12 -35.40
N GLN O 101 34.91 49.81 -34.91
CA GLN O 101 34.04 50.57 -35.80
C GLN O 101 33.72 51.96 -35.28
N ASP O 102 33.69 52.93 -36.20
CA ASP O 102 33.39 54.32 -35.87
C ASP O 102 31.90 54.60 -35.57
N ASN O 103 31.65 55.71 -34.88
CA ASN O 103 30.31 56.23 -34.64
C ASN O 103 29.46 55.36 -33.70
N LEU O 104 30.11 54.51 -32.92
CA LEU O 104 29.39 53.71 -31.97
C LEU O 104 29.60 54.19 -30.54
N SER O 105 29.68 55.50 -30.37
CA SER O 105 29.93 56.12 -29.06
C SER O 105 28.66 56.42 -28.27
N ASN O 106 28.67 56.04 -26.99
CA ASN O 106 27.55 56.30 -26.08
C ASN O 106 27.43 57.78 -25.73
N MET O 107 28.56 58.47 -25.64
CA MET O 107 28.59 59.83 -25.10
C MET O 107 28.93 60.90 -26.10
N THR O 108 28.34 62.06 -25.89
CA THR O 108 28.58 63.22 -26.73
C THR O 108 29.00 64.38 -25.83
N LEU O 109 30.04 65.09 -26.24
CA LEU O 109 30.63 66.14 -25.43
C LEU O 109 29.95 67.49 -25.69
N LEU O 110 29.70 68.23 -24.62
CA LEU O 110 29.04 69.53 -24.73
C LEU O 110 29.92 70.63 -24.17
N VAL O 111 30.32 71.55 -25.03
CA VAL O 111 31.25 72.62 -24.66
C VAL O 111 30.54 73.97 -24.63
N PRO O 112 31.09 74.95 -23.88
CA PRO O 112 30.48 76.28 -23.84
C PRO O 112 30.41 76.95 -25.20
N SER O 113 29.28 77.60 -25.49
CA SER O 113 29.10 78.28 -26.77
C SER O 113 29.61 79.72 -26.74
N GLU O 114 29.37 80.45 -27.84
CA GLU O 114 29.94 81.78 -28.03
C GLU O 114 29.26 82.86 -27.19
N SER O 115 29.11 82.59 -25.90
CA SER O 115 28.41 83.48 -24.98
C SER O 115 28.74 83.08 -23.56
N LYS O 116 29.29 81.88 -23.43
CA LYS O 116 29.60 81.28 -22.13
C LYS O 116 28.36 81.20 -21.24
N GLU O 117 27.17 81.13 -21.84
CA GLU O 117 25.95 81.02 -21.08
C GLU O 117 25.12 79.81 -21.52
N SER O 118 25.72 78.99 -22.36
CA SER O 118 25.05 77.77 -22.83
C SER O 118 26.05 76.79 -23.43
N LEU O 119 25.56 75.66 -23.91
CA LEU O 119 26.43 74.59 -24.40
C LEU O 119 26.11 74.18 -25.82
N LYS O 120 27.14 73.85 -26.58
CA LYS O 120 26.99 73.36 -27.93
C LYS O 120 27.60 71.98 -27.98
N ILE O 121 27.15 71.14 -28.92
CA ILE O 121 27.78 69.85 -29.12
C ILE O 121 29.19 70.05 -29.68
N ALA O 122 30.18 69.53 -28.97
CA ALA O 122 31.57 69.70 -29.38
C ALA O 122 31.87 68.94 -30.67
N SER O 123 32.42 69.66 -31.64
CA SER O 123 32.84 69.04 -32.89
C SER O 123 34.23 69.48 -33.31
N THR O 124 34.83 68.72 -34.22
CA THR O 124 36.20 68.92 -34.62
C THR O 124 36.34 68.69 -36.14
N ALA O 125 35.30 68.10 -36.72
CA ALA O 125 35.34 67.54 -38.08
C ALA O 125 35.15 68.56 -39.22
N LYS O 126 34.90 69.82 -38.87
CA LYS O 126 34.52 70.85 -39.84
C LYS O 126 33.38 70.30 -40.70
N ASP O 127 32.47 69.61 -40.02
CA ASP O 127 31.38 68.88 -40.63
C ASP O 127 30.27 68.83 -39.58
N ASN O 128 30.59 69.34 -38.39
CA ASN O 128 29.73 69.31 -37.21
C ASN O 128 29.46 67.90 -36.68
N ALA O 129 30.20 66.94 -37.23
CA ALA O 129 30.19 65.57 -36.74
C ALA O 129 30.67 65.60 -35.30
N PRO O 130 29.81 65.14 -34.38
CA PRO O 130 30.09 65.27 -32.95
C PRO O 130 31.41 64.61 -32.59
N LEU O 131 32.14 65.22 -31.66
CA LEU O 131 33.37 64.63 -31.15
C LEU O 131 33.08 63.32 -30.47
N GLN O 132 33.96 62.34 -30.67
CA GLN O 132 33.90 61.08 -29.94
C GLN O 132 35.10 61.01 -29.02
N PHE O 133 34.93 60.43 -27.84
CA PHE O 133 36.06 60.34 -26.92
C PHE O 133 37.13 59.42 -27.47
N ASP O 134 38.38 59.88 -27.41
CA ASP O 134 39.49 59.11 -27.91
C ASP O 134 39.77 57.94 -26.98
N LYS O 135 39.55 58.19 -25.68
CA LYS O 135 39.74 57.17 -24.66
C LYS O 135 38.83 57.42 -23.45
N VAL O 136 38.42 56.33 -22.80
CA VAL O 136 37.68 56.43 -21.54
C VAL O 136 38.40 55.62 -20.47
N PHE O 137 38.70 56.26 -19.34
CA PHE O 137 39.48 55.61 -18.30
C PHE O 137 38.71 55.54 -17.00
N SER O 138 38.84 54.41 -16.31
CA SER O 138 38.22 54.24 -15.02
C SER O 138 39.28 54.05 -13.97
N VAL O 139 39.45 55.04 -13.10
CA VAL O 139 40.30 54.94 -11.93
C VAL O 139 39.46 54.40 -10.78
N SER O 140 39.72 53.15 -10.42
CA SER O 140 39.00 52.46 -9.35
C SER O 140 39.93 51.80 -8.33
N GLU O 141 39.40 51.59 -7.12
CA GLU O 141 40.13 50.98 -6.01
C GLU O 141 40.41 49.49 -6.18
N THR O 142 41.44 49.00 -5.49
CA THR O 142 41.85 47.60 -5.54
C THR O 142 41.92 46.99 -4.14
N ALA O 143 41.81 45.66 -4.06
CA ALA O 143 41.84 44.94 -2.79
C ALA O 143 42.88 43.82 -2.73
N LYS O 144 43.27 43.46 -1.51
CA LYS O 144 44.27 42.42 -1.28
C LYS O 144 43.77 41.38 -0.27
N ILE O 145 44.36 40.18 -0.31
CA ILE O 145 43.97 39.09 0.59
C ILE O 145 45.13 38.51 1.40
N PRO O 146 44.78 37.89 2.59
CA PRO O 146 45.91 37.35 3.35
C PRO O 146 46.07 35.84 3.24
N ALA O 147 47.31 35.37 3.11
CA ALA O 147 47.63 33.95 2.98
C ALA O 147 47.27 33.11 4.21
N ILE O 148 46.85 31.88 3.95
CA ILE O 148 46.47 30.93 4.99
C ILE O 148 47.75 30.43 5.66
N ASP O 149 47.69 30.30 6.99
CA ASP O 149 48.78 29.71 7.75
C ASP O 149 48.54 28.22 7.96
N TYR O 150 49.04 27.41 7.03
CA TYR O 150 48.76 25.97 7.07
C TYR O 150 49.36 25.28 8.32
N SER O 151 50.36 25.91 8.94
CA SER O 151 50.95 25.37 10.16
C SER O 151 49.96 25.43 11.30
N LYS O 152 49.29 26.56 11.44
CA LYS O 152 48.34 26.75 12.53
C LYS O 152 47.04 26.04 12.21
N VAL O 153 46.77 25.87 10.92
CA VAL O 153 45.43 25.49 10.52
C VAL O 153 45.25 24.02 10.09
N ARG O 154 46.25 23.44 9.45
CA ARG O 154 46.21 22.04 9.05
C ARG O 154 46.90 21.18 10.10
N VAL O 155 46.12 20.75 11.08
CA VAL O 155 46.62 20.03 12.24
C VAL O 155 46.28 18.54 12.14
N PRO O 156 47.26 17.68 12.42
CA PRO O 156 47.07 16.23 12.52
C PRO O 156 45.86 15.87 13.36
N ARG O 157 45.21 14.75 13.03
CA ARG O 157 44.08 14.29 13.83
C ARG O 157 44.59 13.75 15.16
N LYS O 158 43.86 13.97 16.24
CA LYS O 158 44.20 13.38 17.53
C LYS O 158 43.31 12.17 17.75
N ASP O 159 43.83 11.14 18.42
CA ASP O 159 43.04 9.93 18.72
C ASP O 159 42.02 10.29 19.77
N VAL O 160 41.00 9.46 19.93
CA VAL O 160 40.04 9.66 21.02
C VAL O 160 40.79 9.31 22.29
N PRO O 161 40.82 10.27 23.24
CA PRO O 161 41.66 10.22 24.45
C PRO O 161 41.37 9.01 25.32
N LYS O 162 42.44 8.33 25.72
CA LYS O 162 42.32 7.20 26.62
C LYS O 162 41.92 7.73 28.00
N VAL O 163 40.99 7.06 28.67
CA VAL O 163 40.62 7.41 30.04
C VAL O 163 41.64 6.85 31.00
N GLU O 164 42.25 7.73 31.79
CA GLU O 164 43.37 7.33 32.65
C GLU O 164 42.96 6.69 33.97
N GLY O 165 43.72 5.68 34.38
CA GLY O 165 43.54 5.09 35.69
C GLY O 165 42.41 4.10 35.77
N LEU O 166 42.33 3.21 34.80
CA LEU O 166 41.30 2.20 34.84
C LEU O 166 41.84 0.92 35.52
N LYS O 167 41.07 0.40 36.47
CA LYS O 167 41.44 -0.81 37.19
C LYS O 167 40.41 -1.90 37.00
N LEU O 168 40.73 -3.11 37.47
CA LEU O 168 39.77 -4.20 37.51
C LEU O 168 38.53 -3.75 38.27
N GLU O 169 37.36 -4.00 37.69
CA GLU O 169 36.09 -3.71 38.36
C GLU O 169 35.22 -4.95 38.31
N HIS O 170 35.86 -6.10 38.05
CA HIS O 170 35.18 -7.39 38.04
C HIS O 170 36.01 -8.54 38.64
N PHE O 171 35.40 -9.30 39.55
CA PHE O 171 36.11 -10.44 40.12
C PHE O 171 35.21 -11.68 40.14
N ALA O 172 35.84 -12.85 40.13
CA ALA O 172 35.08 -14.08 40.18
C ALA O 172 34.31 -14.12 41.49
N THR O 173 33.16 -14.77 41.50
CA THR O 173 32.30 -14.74 42.69
C THR O 173 33.03 -15.36 43.86
N GLY O 174 33.08 -14.63 44.97
CA GLY O 174 33.76 -15.10 46.14
C GLY O 174 35.05 -14.36 46.40
N TYR O 175 35.29 -13.33 45.61
CA TYR O 175 36.49 -12.51 45.76
C TYR O 175 36.15 -11.05 45.52
N ASP O 176 37.04 -10.18 45.96
CA ASP O 176 36.78 -8.76 45.82
C ASP O 176 38.08 -8.03 45.52
N ALA O 177 37.99 -6.72 45.34
CA ALA O 177 39.14 -5.89 44.97
C ALA O 177 40.43 -6.15 45.78
N GLU O 178 40.36 -6.09 47.11
CA GLU O 178 41.58 -6.23 47.91
C GLU O 178 42.09 -7.67 48.11
N ASP O 179 41.58 -8.59 47.28
CA ASP O 179 42.14 -9.94 47.15
C ASP O 179 43.09 -9.96 45.95
N PHE O 180 43.44 -8.76 45.47
CA PHE O 180 44.26 -8.57 44.28
C PHE O 180 45.14 -7.32 44.39
N THR P 12 -46.41 -23.10 12.91
CA THR P 12 -46.84 -22.78 11.56
C THR P 12 -46.07 -23.54 10.46
N ALA P 13 -46.29 -23.14 9.22
CA ALA P 13 -45.94 -23.94 8.05
C ALA P 13 -44.49 -23.79 7.64
N THR P 14 -43.78 -24.92 7.56
CA THR P 14 -42.41 -24.92 7.06
C THR P 14 -42.25 -25.96 5.95
N THR P 15 -41.03 -26.09 5.44
CA THR P 15 -40.75 -27.06 4.39
C THR P 15 -40.75 -28.47 4.94
N LEU P 16 -40.82 -28.58 6.26
CA LEU P 16 -40.84 -29.88 6.91
C LEU P 16 -42.24 -30.52 7.02
N ASN P 17 -43.28 -29.67 7.07
CA ASN P 17 -44.64 -30.15 7.29
C ASN P 17 -45.60 -29.79 6.14
N THR P 18 -45.10 -28.99 5.20
CA THR P 18 -45.90 -28.55 4.08
C THR P 18 -45.23 -28.79 2.75
N PRO P 19 -45.95 -29.44 1.82
CA PRO P 19 -45.51 -29.58 0.42
C PRO P 19 -45.05 -28.23 -0.16
N VAL P 20 -44.02 -28.23 -1.00
CA VAL P 20 -43.58 -26.99 -1.61
C VAL P 20 -44.62 -26.50 -2.60
N VAL P 21 -45.22 -27.43 -3.32
CA VAL P 21 -46.33 -27.11 -4.21
C VAL P 21 -47.23 -28.35 -4.41
N ILE P 22 -48.53 -28.12 -4.64
CA ILE P 22 -49.50 -29.18 -4.95
C ILE P 22 -50.25 -28.88 -6.26
N HIS P 23 -50.43 -29.89 -7.11
CA HIS P 23 -51.19 -29.72 -8.35
C HIS P 23 -52.11 -30.89 -8.61
N ALA P 24 -53.37 -30.61 -8.95
CA ALA P 24 -54.25 -31.68 -9.40
C ALA P 24 -53.81 -32.08 -10.80
N THR P 25 -53.74 -33.38 -11.05
CA THR P 25 -53.33 -33.90 -12.36
C THR P 25 -54.52 -34.22 -13.25
N GLN P 26 -55.70 -34.29 -12.65
CA GLN P 26 -56.91 -34.54 -13.42
C GLN P 26 -58.04 -33.71 -12.88
N LEU P 27 -59.15 -33.70 -13.60
CA LEU P 27 -60.37 -33.18 -13.05
C LEU P 27 -60.82 -34.17 -12.00
N PRO P 28 -61.28 -33.67 -10.85
CA PRO P 28 -61.88 -34.48 -9.79
C PRO P 28 -63.01 -35.36 -10.33
N GLN P 29 -63.05 -36.60 -9.85
CA GLN P 29 -64.07 -37.57 -10.25
C GLN P 29 -65.00 -37.79 -9.07
N HIS P 30 -66.30 -37.64 -9.27
CA HIS P 30 -67.23 -37.85 -8.17
C HIS P 30 -67.34 -39.32 -7.80
N VAL P 31 -67.54 -39.58 -6.51
CA VAL P 31 -67.58 -40.94 -6.00
C VAL P 31 -68.90 -41.28 -5.33
N SER P 32 -69.40 -42.48 -5.60
CA SER P 32 -70.65 -42.96 -5.02
C SER P 32 -70.53 -43.12 -3.52
N THR P 33 -71.66 -43.23 -2.84
CA THR P 33 -71.66 -43.47 -1.40
C THR P 33 -70.97 -44.79 -1.04
N ASP P 34 -71.21 -45.82 -1.85
CA ASP P 34 -70.65 -47.15 -1.63
C ASP P 34 -69.12 -47.08 -1.69
N GLU P 35 -68.61 -46.15 -2.49
CA GLU P 35 -67.17 -45.96 -2.61
C GLU P 35 -66.58 -45.17 -1.44
N VAL P 36 -67.26 -44.07 -1.10
CA VAL P 36 -66.91 -43.27 0.07
C VAL P 36 -66.82 -44.14 1.31
N LEU P 37 -67.74 -45.09 1.42
CA LEU P 37 -67.74 -46.01 2.55
C LEU P 37 -66.58 -47.01 2.50
N GLN P 38 -66.30 -47.56 1.33
CA GLN P 38 -65.19 -48.51 1.20
C GLN P 38 -63.86 -47.83 1.49
N PHE P 39 -63.72 -46.59 1.06
CA PHE P 39 -62.50 -45.83 1.32
C PHE P 39 -62.34 -45.48 2.80
N LEU P 40 -63.41 -44.95 3.41
CA LEU P 40 -63.38 -44.59 4.83
C LEU P 40 -62.98 -45.80 5.67
N GLU P 41 -63.66 -46.91 5.42
CA GLU P 41 -63.34 -48.20 6.02
C GLU P 41 -61.83 -48.43 6.10
N SER P 42 -61.19 -48.58 4.95
CA SER P 42 -59.77 -48.93 4.90
C SER P 42 -58.83 -47.85 5.43
N PHE P 43 -59.17 -46.58 5.18
CA PHE P 43 -58.30 -45.48 5.61
C PHE P 43 -58.28 -45.43 7.13
N ILE P 44 -59.44 -45.63 7.74
CA ILE P 44 -59.56 -45.66 9.19
C ILE P 44 -58.79 -46.85 9.81
N ASP P 45 -58.95 -48.03 9.23
CA ASP P 45 -58.23 -49.21 9.71
C ASP P 45 -56.71 -49.05 9.63
N GLU P 46 -56.21 -48.60 8.47
CA GLU P 46 -54.77 -48.48 8.23
C GLU P 46 -54.11 -47.55 9.24
N LYS P 47 -54.82 -46.49 9.62
CA LYS P 47 -54.29 -45.49 10.54
C LYS P 47 -54.60 -45.76 12.02
N GLU P 48 -54.62 -47.03 12.40
CA GLU P 48 -54.89 -47.45 13.79
C GLU P 48 -54.07 -48.67 14.22
N THR P 80 -51.27 -36.91 17.55
CA THR P 80 -52.40 -36.39 18.33
C THR P 80 -53.42 -35.78 17.40
N ASN P 81 -52.91 -35.06 16.40
CA ASN P 81 -53.75 -34.45 15.39
C ASN P 81 -54.43 -35.52 14.55
N LEU P 82 -53.69 -36.57 14.21
CA LEU P 82 -54.25 -37.67 13.42
C LEU P 82 -55.33 -38.43 14.18
N SER P 83 -55.17 -38.55 15.51
CA SER P 83 -56.14 -39.24 16.35
C SER P 83 -57.48 -38.52 16.34
N SER P 84 -57.46 -37.21 16.57
CA SER P 84 -58.68 -36.43 16.63
C SER P 84 -59.33 -36.30 15.25
N SER P 85 -58.56 -36.60 14.21
CA SER P 85 -59.06 -36.55 12.85
C SER P 85 -59.75 -37.84 12.42
N ILE P 86 -59.15 -39.00 12.72
CA ILE P 86 -59.82 -40.26 12.41
C ILE P 86 -61.07 -40.38 13.25
N SER P 87 -61.10 -39.67 14.38
CA SER P 87 -62.29 -39.63 15.22
C SER P 87 -63.42 -38.96 14.44
N GLN P 88 -63.08 -37.86 13.78
CA GLN P 88 -64.05 -37.15 12.97
C GLN P 88 -64.47 -37.95 11.75
N LEU P 89 -63.50 -38.62 11.10
CA LEU P 89 -63.81 -39.47 9.97
C LEU P 89 -64.78 -40.57 10.40
N LYS P 90 -64.56 -41.09 11.60
CA LYS P 90 -65.42 -42.12 12.18
C LYS P 90 -66.87 -41.64 12.28
N ARG P 91 -67.02 -40.36 12.62
CA ARG P 91 -68.35 -39.71 12.68
C ARG P 91 -68.99 -39.59 11.30
N ILE P 92 -68.18 -39.24 10.30
CA ILE P 92 -68.67 -39.12 8.93
C ILE P 92 -69.09 -40.47 8.33
N GLN P 93 -68.32 -41.52 8.59
CA GLN P 93 -68.66 -42.86 8.08
C GLN P 93 -69.92 -43.37 8.75
N ARG P 94 -70.18 -42.86 9.95
CA ARG P 94 -71.36 -43.22 10.69
C ARG P 94 -72.57 -42.63 10.00
N ASP P 95 -72.45 -41.36 9.59
CA ASP P 95 -73.53 -40.65 8.91
C ASP P 95 -73.83 -41.26 7.56
N PHE P 96 -72.79 -41.72 6.86
CA PHE P 96 -73.00 -42.27 5.54
C PHE P 96 -73.68 -43.64 5.60
N ALA Q 14 -61.88 -9.62 -22.02
CA ALA Q 14 -60.60 -9.14 -22.55
C ALA Q 14 -59.41 -9.60 -21.69
N ARG Q 15 -59.70 -10.05 -20.46
CA ARG Q 15 -58.68 -10.54 -19.53
C ARG Q 15 -59.21 -11.73 -18.72
N PHE Q 16 -58.44 -12.82 -18.67
CA PHE Q 16 -58.92 -14.04 -18.03
C PHE Q 16 -58.06 -14.65 -16.93
N ILE Q 17 -58.17 -14.08 -15.73
CA ILE Q 17 -57.72 -14.74 -14.52
C ILE Q 17 -58.82 -15.72 -14.12
N LYS Q 18 -59.98 -15.56 -14.76
CA LYS Q 18 -61.18 -16.37 -14.50
C LYS Q 18 -60.98 -17.84 -14.86
N LYS Q 19 -59.74 -18.21 -15.14
CA LYS Q 19 -59.36 -19.59 -15.31
C LYS Q 19 -58.84 -20.13 -13.98
N HIS Q 20 -59.53 -19.72 -12.92
CA HIS Q 20 -59.53 -20.43 -11.65
C HIS Q 20 -60.99 -20.54 -11.17
N LYS Q 21 -61.82 -21.13 -12.03
CA LYS Q 21 -63.25 -21.29 -11.80
C LYS Q 21 -63.56 -22.79 -11.74
N LYS Q 22 -64.21 -23.21 -10.67
CA LYS Q 22 -64.48 -24.64 -10.42
C LYS Q 22 -65.24 -25.31 -11.57
N GLN Q 23 -64.50 -26.11 -12.34
CA GLN Q 23 -65.06 -26.79 -13.50
C GLN Q 23 -65.37 -28.25 -13.19
N VAL Q 24 -65.66 -28.50 -11.92
CA VAL Q 24 -66.24 -29.76 -11.46
C VAL Q 24 -67.50 -29.47 -10.68
N THR Q 25 -68.58 -29.19 -11.42
CA THR Q 25 -69.89 -28.92 -10.84
C THR Q 25 -70.37 -30.11 -10.00
N ASN Q 26 -70.96 -29.82 -8.85
CA ASN Q 26 -71.58 -30.86 -8.05
C ASN Q 26 -72.99 -31.23 -8.53
N PRO Q 27 -73.19 -32.50 -8.89
CA PRO Q 27 -74.46 -32.99 -9.39
C PRO Q 27 -75.51 -33.20 -8.29
N ILE Q 28 -76.78 -33.05 -8.65
CA ILE Q 28 -77.89 -33.35 -7.75
C ILE Q 28 -78.17 -34.86 -7.79
N ASP Q 29 -78.64 -35.43 -6.69
CA ASP Q 29 -78.75 -36.88 -6.53
C ASP Q 29 -80.14 -37.48 -6.71
N GLU Q 30 -80.18 -38.82 -6.71
CA GLU Q 30 -81.39 -39.63 -6.74
C GLU Q 30 -80.95 -41.07 -6.42
N LYS Q 31 -81.72 -41.85 -5.65
CA LYS Q 31 -82.98 -41.45 -5.01
C LYS Q 31 -82.75 -40.54 -3.81
N ASN Q 32 -82.86 -39.24 -4.06
CA ASN Q 32 -82.47 -38.21 -3.11
C ASN Q 32 -82.75 -36.81 -3.71
N GLY Q 33 -82.16 -35.78 -3.11
CA GLY Q 33 -82.31 -34.43 -3.63
C GLY Q 33 -81.09 -33.55 -3.40
N THR Q 34 -80.09 -34.08 -2.70
CA THR Q 34 -78.92 -33.30 -2.32
C THR Q 34 -77.82 -33.35 -3.38
N SER Q 35 -76.79 -32.53 -3.23
CA SER Q 35 -75.63 -32.62 -4.09
C SER Q 35 -74.54 -33.49 -3.45
N ASN Q 36 -74.03 -34.42 -4.23
CA ASN Q 36 -72.86 -35.18 -3.84
C ASN Q 36 -71.60 -34.31 -4.02
N CYS Q 37 -70.93 -34.00 -2.92
CA CYS Q 37 -69.73 -33.17 -2.96
C CYS Q 37 -68.44 -33.93 -2.69
N ILE Q 38 -68.53 -35.24 -2.47
CA ILE Q 38 -67.32 -36.01 -2.29
C ILE Q 38 -66.74 -36.40 -3.64
N VAL Q 39 -65.45 -36.17 -3.79
CA VAL Q 39 -64.82 -36.27 -5.07
C VAL Q 39 -63.43 -36.88 -4.88
N ARG Q 40 -62.92 -37.58 -5.90
CA ARG Q 40 -61.58 -38.14 -5.84
C ARG Q 40 -60.66 -37.49 -6.88
N VAL Q 41 -59.66 -36.76 -6.40
CA VAL Q 41 -58.74 -36.03 -7.27
C VAL Q 41 -57.30 -36.53 -7.16
N PRO Q 42 -56.66 -36.82 -8.30
CA PRO Q 42 -55.25 -37.23 -8.29
C PRO Q 42 -54.36 -36.00 -8.23
N ILE Q 43 -53.35 -36.03 -7.37
CA ILE Q 43 -52.44 -34.91 -7.30
C ILE Q 43 -50.99 -35.31 -7.43
N ALA Q 44 -50.17 -34.31 -7.74
CA ALA Q 44 -48.72 -34.39 -7.67
C ALA Q 44 -48.32 -33.38 -6.61
N LEU Q 45 -47.31 -33.72 -5.81
CA LEU Q 45 -46.86 -32.81 -4.76
C LEU Q 45 -45.37 -32.99 -4.53
N TYR Q 46 -44.68 -31.86 -4.39
CA TYR Q 46 -43.24 -31.81 -4.24
C TYR Q 46 -42.95 -31.61 -2.76
N VAL Q 47 -42.33 -32.58 -2.13
CA VAL Q 47 -42.20 -32.58 -0.68
C VAL Q 47 -40.78 -32.89 -0.21
N SER Q 48 -40.50 -32.50 1.03
CA SER Q 48 -39.23 -32.78 1.63
C SER Q 48 -39.26 -34.14 2.30
N LEU Q 49 -38.11 -34.82 2.32
CA LEU Q 49 -37.97 -36.06 3.08
C LEU Q 49 -36.83 -35.89 4.07
N ALA Q 50 -37.14 -36.02 5.36
CA ALA Q 50 -36.15 -35.85 6.40
C ALA Q 50 -35.21 -37.04 6.42
N PRO Q 51 -33.96 -36.82 6.81
CA PRO Q 51 -32.95 -37.88 6.86
C PRO Q 51 -33.34 -39.08 7.71
N MET Q 52 -34.13 -38.85 8.76
CA MET Q 52 -34.54 -39.97 9.61
C MET Q 52 -35.41 -41.00 8.86
N TYR Q 53 -35.96 -40.61 7.71
CA TYR Q 53 -36.88 -41.47 6.99
C TYR Q 53 -36.25 -42.15 5.77
N LEU Q 54 -34.93 -42.01 5.65
CA LEU Q 54 -34.23 -42.52 4.47
C LEU Q 54 -34.42 -44.01 4.21
N GLU Q 55 -34.85 -44.75 5.23
CA GLU Q 55 -35.13 -46.18 5.06
C GLU Q 55 -36.61 -46.45 4.97
N ASN Q 56 -37.42 -45.41 5.22
CA ASN Q 56 -38.87 -45.49 5.14
C ASN Q 56 -39.51 -44.32 4.40
N PRO Q 57 -39.11 -44.09 3.16
CA PRO Q 57 -39.55 -42.86 2.49
C PRO Q 57 -41.08 -42.65 2.42
N LEU Q 58 -41.85 -43.70 2.16
CA LEU Q 58 -43.31 -43.55 2.10
C LEU Q 58 -43.88 -43.19 3.47
N GLN Q 59 -43.42 -43.90 4.50
CA GLN Q 59 -43.76 -43.58 5.87
C GLN Q 59 -43.49 -42.09 6.14
N GLY Q 60 -42.33 -41.61 5.70
CA GLY Q 60 -41.93 -40.25 5.97
C GLY Q 60 -42.77 -39.24 5.25
N VAL Q 61 -43.05 -39.48 3.98
CA VAL Q 61 -43.95 -38.58 3.26
C VAL Q 61 -45.32 -38.53 3.94
N MET Q 62 -45.80 -39.68 4.41
CA MET Q 62 -47.08 -39.72 5.13
C MET Q 62 -47.05 -38.90 6.41
N LYS Q 63 -46.09 -39.17 7.29
CA LYS Q 63 -46.02 -38.48 8.59
C LYS Q 63 -45.65 -36.98 8.50
N GLN Q 64 -44.94 -36.58 7.45
CA GLN Q 64 -44.51 -35.20 7.35
C GLN Q 64 -45.55 -34.33 6.67
N HIS Q 65 -46.15 -34.85 5.59
CA HIS Q 65 -46.94 -33.99 4.69
C HIS Q 65 -48.43 -34.32 4.52
N LEU Q 66 -48.74 -35.58 4.30
CA LEU Q 66 -50.10 -36.03 4.03
C LEU Q 66 -50.98 -36.03 5.26
N ASN Q 67 -50.57 -36.75 6.32
CA ASN Q 67 -51.33 -36.79 7.57
C ASN Q 67 -51.81 -35.42 8.07
N PRO Q 68 -50.93 -34.40 8.05
CA PRO Q 68 -51.38 -33.06 8.48
C PRO Q 68 -52.47 -32.44 7.59
N LEU Q 69 -52.70 -32.99 6.40
CA LEU Q 69 -53.76 -32.47 5.52
C LEU Q 69 -55.15 -32.98 5.87
N VAL Q 70 -55.21 -34.07 6.65
CA VAL Q 70 -56.46 -34.76 6.91
C VAL Q 70 -57.45 -33.94 7.74
N MET Q 71 -58.64 -33.73 7.19
CA MET Q 71 -59.74 -33.01 7.84
C MET Q 71 -59.42 -31.52 8.04
N LYS Q 72 -58.67 -30.97 7.10
CA LYS Q 72 -58.46 -29.53 7.04
C LYS Q 72 -58.75 -29.06 5.61
N TYR Q 73 -59.19 -27.83 5.46
CA TYR Q 73 -59.42 -27.29 4.13
C TYR Q 73 -58.07 -27.09 3.45
N ASN Q 74 -58.00 -27.44 2.17
CA ASN Q 74 -56.81 -27.20 1.38
C ASN Q 74 -57.04 -26.37 0.11
N ASN Q 75 -56.39 -25.21 0.05
CA ASN Q 75 -56.67 -24.21 -0.96
C ASN Q 75 -56.60 -24.73 -2.39
N LYS Q 76 -55.76 -25.73 -2.62
CA LYS Q 76 -55.53 -26.21 -3.98
C LYS Q 76 -56.58 -27.19 -4.52
N VAL Q 77 -57.04 -28.14 -3.71
CA VAL Q 77 -58.11 -29.04 -4.14
C VAL Q 77 -59.48 -28.41 -3.93
N GLY Q 78 -59.49 -27.23 -3.31
CA GLY Q 78 -60.72 -26.48 -3.12
C GLY Q 78 -61.77 -27.15 -2.25
N GLY Q 79 -61.33 -27.88 -1.23
CA GLY Q 79 -62.25 -28.52 -0.31
C GLY Q 79 -61.53 -29.01 0.93
N VAL Q 80 -62.19 -29.86 1.71
CA VAL Q 80 -61.57 -30.49 2.86
C VAL Q 80 -61.02 -31.82 2.42
N VAL Q 81 -59.78 -32.10 2.79
CA VAL Q 81 -59.23 -33.39 2.46
C VAL Q 81 -59.67 -34.42 3.48
N LEU Q 82 -60.33 -35.48 3.01
CA LEU Q 82 -60.78 -36.54 3.90
C LEU Q 82 -59.67 -37.57 4.12
N GLY Q 83 -58.89 -37.84 3.08
CA GLY Q 83 -57.85 -38.85 3.19
C GLY Q 83 -57.15 -39.09 1.88
N TYR Q 84 -56.39 -40.17 1.80
CA TYR Q 84 -55.54 -40.41 0.65
C TYR Q 84 -55.26 -41.88 0.37
N GLU Q 85 -55.07 -42.19 -0.92
CA GLU Q 85 -54.77 -43.55 -1.38
C GLU Q 85 -53.63 -43.55 -2.39
N GLY Q 86 -52.89 -44.67 -2.46
CA GLY Q 86 -51.96 -44.94 -3.54
C GLY Q 86 -50.79 -43.99 -3.69
N LEU Q 87 -50.13 -43.68 -2.58
CA LEU Q 87 -48.97 -42.82 -2.62
C LEU Q 87 -47.85 -43.50 -3.41
N LYS Q 88 -47.19 -42.71 -4.25
CA LYS Q 88 -46.11 -43.21 -5.09
C LYS Q 88 -45.05 -42.13 -5.18
N ILE Q 89 -43.79 -42.53 -5.05
CA ILE Q 89 -42.70 -41.60 -5.23
C ILE Q 89 -42.25 -41.66 -6.67
N LEU Q 90 -41.95 -40.51 -7.27
CA LEU Q 90 -41.43 -40.52 -8.62
C LEU Q 90 -39.93 -40.57 -8.54
N ASP Q 91 -39.38 -41.70 -8.99
CA ASP Q 91 -37.94 -41.89 -8.99
C ASP Q 91 -37.23 -40.81 -9.79
N ALA Q 92 -36.23 -40.15 -9.18
CA ALA Q 92 -35.37 -39.21 -9.91
C ALA Q 92 -34.54 -39.88 -10.99
N ASP Q 93 -34.42 -41.21 -10.92
CA ASP Q 93 -33.83 -42.00 -11.99
C ASP Q 93 -34.92 -42.34 -13.01
N PRO Q 94 -34.91 -41.65 -14.15
CA PRO Q 94 -36.01 -41.80 -15.10
C PRO Q 94 -35.89 -43.11 -15.85
N LEU Q 95 -34.80 -43.85 -15.61
CA LEU Q 95 -34.54 -45.07 -16.37
C LEU Q 95 -35.06 -46.33 -15.69
N SER Q 96 -35.46 -46.20 -14.42
CA SER Q 96 -35.95 -47.35 -13.68
C SER Q 96 -37.42 -47.67 -14.02
N LYS Q 97 -37.84 -48.90 -13.68
CA LYS Q 97 -39.21 -49.37 -13.90
C LYS Q 97 -40.09 -48.89 -12.76
N GLU Q 98 -41.37 -48.57 -13.03
CA GLU Q 98 -42.25 -48.03 -11.98
C GLU Q 98 -42.41 -49.03 -10.84
N ASP Q 99 -42.13 -50.28 -11.17
CA ASP Q 99 -42.02 -51.41 -10.25
C ASP Q 99 -41.06 -51.14 -9.06
N THR Q 100 -39.74 -51.27 -9.29
CA THR Q 100 -38.71 -51.37 -8.22
C THR Q 100 -38.90 -50.56 -6.96
N SER Q 101 -38.42 -51.12 -5.85
CA SER Q 101 -38.61 -50.52 -4.56
C SER Q 101 -37.36 -49.78 -4.14
N GLU Q 102 -36.36 -49.74 -5.02
CA GLU Q 102 -35.21 -48.85 -4.81
C GLU Q 102 -35.31 -47.61 -5.69
N LYS Q 103 -35.41 -46.43 -5.06
CA LYS Q 103 -35.57 -45.17 -5.81
C LYS Q 103 -34.57 -44.07 -5.43
N LEU Q 104 -34.38 -43.10 -6.31
CA LEU Q 104 -33.50 -41.97 -6.04
C LEU Q 104 -34.25 -40.72 -5.64
N ILE Q 105 -33.75 -40.08 -4.59
CA ILE Q 105 -34.28 -38.79 -4.15
C ILE Q 105 -33.14 -37.79 -4.04
N LYS Q 106 -33.18 -36.74 -4.85
CA LYS Q 106 -32.09 -35.75 -4.87
C LYS Q 106 -31.97 -34.98 -3.56
N ILE Q 107 -30.73 -34.88 -3.06
CA ILE Q 107 -30.46 -34.22 -1.80
C ILE Q 107 -30.09 -32.77 -2.04
N THR Q 108 -30.63 -31.89 -1.20
CA THR Q 108 -30.33 -30.46 -1.23
C THR Q 108 -28.84 -30.27 -1.22
N PRO Q 109 -28.36 -29.28 -1.97
CA PRO Q 109 -26.94 -28.95 -1.80
C PRO Q 109 -26.61 -28.54 -0.35
N ASP Q 110 -27.32 -27.54 0.19
CA ASP Q 110 -27.02 -27.05 1.53
C ASP Q 110 -27.34 -28.00 2.72
N THR Q 111 -28.38 -28.83 2.61
CA THR Q 111 -28.88 -29.58 3.78
C THR Q 111 -28.94 -31.08 3.50
N PRO Q 112 -29.14 -31.90 4.54
CA PRO Q 112 -29.28 -33.35 4.32
C PRO Q 112 -30.67 -33.78 3.86
N PHE Q 113 -31.58 -32.83 3.64
CA PHE Q 113 -32.95 -33.19 3.27
C PHE Q 113 -33.11 -33.56 1.81
N GLY Q 114 -33.95 -34.53 1.52
CA GLY Q 114 -34.32 -34.81 0.15
C GLY Q 114 -35.54 -33.99 -0.25
N PHE Q 115 -35.82 -33.96 -1.54
CA PHE Q 115 -37.05 -33.41 -2.10
C PHE Q 115 -37.44 -34.27 -3.26
N THR Q 116 -38.65 -34.83 -3.23
CA THR Q 116 -39.07 -35.61 -4.36
C THR Q 116 -40.48 -35.22 -4.79
N TRP Q 117 -40.84 -35.55 -6.02
CA TRP Q 117 -42.24 -35.47 -6.43
C TRP Q 117 -42.96 -36.72 -5.97
N CYS Q 118 -44.25 -36.59 -5.70
CA CYS Q 118 -45.09 -37.75 -5.37
C CYS Q 118 -46.39 -37.70 -6.10
N HIS Q 119 -46.95 -38.86 -6.40
CA HIS Q 119 -48.35 -38.92 -6.81
C HIS Q 119 -49.16 -39.56 -5.71
N VAL Q 120 -50.34 -39.01 -5.43
CA VAL Q 120 -51.26 -39.60 -4.48
C VAL Q 120 -52.68 -39.25 -4.90
N ASN Q 121 -53.66 -39.96 -4.36
CA ASN Q 121 -55.08 -39.67 -4.59
C ASN Q 121 -55.75 -39.08 -3.37
N LEU Q 122 -56.44 -37.96 -3.54
CA LEU Q 122 -57.11 -37.32 -2.42
C LEU Q 122 -58.61 -37.48 -2.50
N TYR Q 123 -59.25 -37.72 -1.37
CA TYR Q 123 -60.69 -37.68 -1.29
C TYR Q 123 -61.09 -36.36 -0.65
N VAL Q 124 -61.92 -35.61 -1.36
CA VAL Q 124 -62.18 -34.23 -0.99
C VAL Q 124 -63.66 -33.93 -0.95
N TRP Q 125 -64.06 -33.29 0.15
CA TRP Q 125 -65.39 -32.74 0.29
C TRP Q 125 -65.33 -31.31 -0.19
N GLN Q 126 -65.89 -31.06 -1.38
CA GLN Q 126 -65.80 -29.74 -2.00
C GLN Q 126 -67.15 -29.07 -2.26
N PRO Q 127 -67.84 -28.65 -1.19
CA PRO Q 127 -69.08 -27.93 -1.42
C PRO Q 127 -68.83 -26.58 -2.12
N GLN Q 128 -69.26 -26.45 -3.38
CA GLN Q 128 -69.17 -25.18 -4.10
C GLN Q 128 -70.48 -24.40 -3.91
N VAL Q 129 -70.49 -23.13 -4.30
CA VAL Q 129 -71.70 -22.31 -4.18
C VAL Q 129 -72.78 -22.81 -5.13
N GLY Q 130 -74.02 -22.88 -4.64
CA GLY Q 130 -75.12 -23.34 -5.47
C GLY Q 130 -75.60 -24.72 -5.06
N ASP Q 131 -74.73 -25.49 -4.44
CA ASP Q 131 -75.05 -26.87 -4.07
C ASP Q 131 -76.15 -26.98 -3.00
N VAL Q 132 -76.82 -28.12 -2.99
CA VAL Q 132 -77.87 -28.37 -2.02
C VAL Q 132 -77.38 -29.39 -0.99
N LEU Q 133 -77.32 -28.97 0.27
CA LEU Q 133 -76.84 -29.83 1.35
C LEU Q 133 -77.89 -29.99 2.44
N GLU Q 134 -77.71 -31.03 3.27
CA GLU Q 134 -78.58 -31.27 4.42
C GLU Q 134 -77.77 -31.23 5.72
N GLY Q 135 -78.32 -30.56 6.74
CA GLY Q 135 -77.62 -30.42 7.99
C GLY Q 135 -78.46 -30.81 9.19
N TYR Q 136 -77.80 -31.17 10.28
CA TYR Q 136 -78.46 -31.49 11.55
C TYR Q 136 -78.45 -30.29 12.48
N ILE Q 137 -79.62 -29.75 12.76
CA ILE Q 137 -79.72 -28.51 13.55
C ILE Q 137 -79.23 -28.72 14.98
N PHE Q 138 -78.28 -27.87 15.41
CA PHE Q 138 -77.75 -27.97 16.76
C PHE Q 138 -77.90 -26.70 17.62
N ILE Q 139 -78.43 -25.62 17.04
CA ILE Q 139 -78.54 -24.32 17.72
C ILE Q 139 -79.49 -23.36 16.99
N GLN Q 140 -80.34 -22.66 17.74
CA GLN Q 140 -81.28 -21.70 17.14
C GLN Q 140 -81.46 -20.39 17.94
N SER Q 141 -80.80 -19.33 17.47
CA SER Q 141 -80.99 -17.99 18.03
C SER Q 141 -81.85 -17.16 17.08
N ALA Q 142 -82.15 -15.93 17.45
CA ALA Q 142 -82.90 -15.05 16.55
C ALA Q 142 -82.01 -14.51 15.43
N SER Q 143 -80.73 -14.85 15.47
CA SER Q 143 -79.74 -14.31 14.55
C SER Q 143 -79.26 -15.31 13.46
N HIS Q 144 -79.33 -16.61 13.74
CA HIS Q 144 -78.91 -17.64 12.79
C HIS Q 144 -79.36 -19.05 13.20
N ILE Q 145 -79.40 -19.96 12.23
CA ILE Q 145 -79.62 -21.38 12.52
C ILE Q 145 -78.31 -22.12 12.29
N GLY Q 146 -77.88 -22.90 13.27
CA GLY Q 146 -76.61 -23.61 13.18
C GLY Q 146 -76.76 -25.10 12.91
N LEU Q 147 -76.16 -25.57 11.82
CA LEU Q 147 -76.30 -26.96 11.39
C LEU Q 147 -74.97 -27.71 11.34
N LEU Q 148 -75.04 -29.03 11.28
CA LEU Q 148 -73.84 -29.85 11.13
C LEU Q 148 -74.02 -30.83 9.98
N ILE Q 149 -73.29 -30.60 8.89
CA ILE Q 149 -73.38 -31.42 7.68
C ILE Q 149 -72.56 -32.69 7.81
N HIS Q 150 -73.20 -33.84 7.50
CA HIS Q 150 -72.57 -35.14 7.67
C HIS Q 150 -72.06 -35.35 9.09
N ASP Q 151 -72.63 -34.61 10.05
CA ASP Q 151 -72.21 -34.64 11.45
C ASP Q 151 -70.74 -34.33 11.62
N ALA Q 152 -70.26 -33.33 10.88
CA ALA Q 152 -68.82 -33.05 10.84
C ALA Q 152 -68.44 -31.60 10.56
N PHE Q 153 -69.08 -31.00 9.55
CA PHE Q 153 -68.72 -29.65 9.11
C PHE Q 153 -69.76 -28.62 9.48
N ASN Q 154 -69.30 -27.44 9.91
CA ASN Q 154 -70.20 -26.38 10.35
C ASN Q 154 -70.98 -25.68 9.24
N ALA Q 155 -72.26 -25.43 9.48
CA ALA Q 155 -73.05 -24.61 8.58
C ALA Q 155 -73.76 -23.54 9.38
N SER Q 156 -74.22 -22.49 8.71
CA SER Q 156 -74.95 -21.42 9.36
C SER Q 156 -75.82 -20.62 8.38
N ILE Q 157 -77.11 -20.51 8.70
CA ILE Q 157 -78.02 -19.73 7.89
C ILE Q 157 -78.33 -18.41 8.59
N LYS Q 158 -77.86 -17.31 8.03
CA LYS Q 158 -78.04 -16.00 8.66
C LYS Q 158 -79.51 -15.55 8.67
N LYS Q 159 -79.86 -14.77 9.69
CA LYS Q 159 -81.25 -14.35 9.97
C LYS Q 159 -82.05 -13.92 8.75
N ASN Q 160 -81.40 -13.24 7.81
CA ASN Q 160 -82.09 -12.77 6.61
C ASN Q 160 -81.69 -13.55 5.37
N ASN Q 161 -81.47 -14.85 5.55
CA ASN Q 161 -81.45 -15.78 4.44
C ASN Q 161 -82.57 -16.78 4.66
N ILE Q 162 -83.14 -16.72 5.86
CA ILE Q 162 -84.37 -17.41 6.21
C ILE Q 162 -85.53 -16.59 5.67
N PRO Q 163 -86.45 -17.23 4.93
CA PRO Q 163 -87.61 -16.56 4.32
C PRO Q 163 -88.40 -15.65 5.29
N VAL Q 164 -89.00 -14.60 4.75
CA VAL Q 164 -89.53 -13.48 5.53
C VAL Q 164 -90.69 -13.85 6.47
N ASP Q 165 -91.52 -14.80 6.07
CA ASP Q 165 -92.69 -15.19 6.86
C ASP Q 165 -92.38 -16.17 7.98
N TRP Q 166 -91.12 -16.62 8.06
CA TRP Q 166 -90.68 -17.45 9.17
C TRP Q 166 -90.51 -16.58 10.41
N THR Q 167 -90.92 -17.12 11.55
CA THR Q 167 -90.93 -16.37 12.80
C THR Q 167 -90.05 -17.06 13.85
N PHE Q 168 -89.76 -16.35 14.93
CA PHE Q 168 -88.91 -16.88 15.99
C PHE Q 168 -89.60 -16.78 17.35
N VAL Q 169 -89.21 -17.63 18.30
CA VAL Q 169 -89.76 -17.59 19.66
C VAL Q 169 -88.74 -18.01 20.71
N HIS Q 170 -89.08 -17.88 22.00
CA HIS Q 170 -88.14 -18.18 23.08
C HIS Q 170 -88.51 -19.40 23.93
N GLY Q 215 -83.81 -19.61 21.75
CA GLY Q 215 -85.16 -20.11 21.55
C GLY Q 215 -85.24 -21.18 20.46
N HIS Q 216 -86.22 -21.07 19.57
CA HIS Q 216 -86.41 -22.02 18.48
C HIS Q 216 -87.26 -21.43 17.33
N TRP Q 217 -86.88 -21.74 16.08
CA TRP Q 217 -87.57 -21.19 14.91
C TRP Q 217 -88.91 -21.88 14.58
N VAL Q 218 -89.75 -21.18 13.80
CA VAL Q 218 -91.05 -21.67 13.37
C VAL Q 218 -91.23 -21.25 11.91
N ASP Q 219 -91.79 -22.12 11.08
CA ASP Q 219 -91.83 -21.85 9.64
C ASP Q 219 -93.07 -21.12 9.12
N SER Q 220 -93.28 -21.27 7.80
CA SER Q 220 -94.32 -20.57 7.06
C SER Q 220 -95.70 -20.99 7.52
N ASN Q 221 -95.82 -22.23 7.98
CA ASN Q 221 -97.12 -22.78 8.36
C ASN Q 221 -97.33 -22.90 9.87
N GLY Q 222 -96.41 -22.31 10.64
CA GLY Q 222 -96.56 -22.26 12.08
C GLY Q 222 -95.99 -23.44 12.86
N GLU Q 223 -95.39 -24.39 12.16
CA GLU Q 223 -94.82 -25.57 12.83
C GLU Q 223 -93.30 -25.45 12.98
N PRO Q 224 -92.77 -25.86 14.15
CA PRO Q 224 -91.34 -25.75 14.41
C PRO Q 224 -90.48 -26.67 13.54
N ILE Q 225 -89.26 -26.22 13.23
CA ILE Q 225 -88.33 -27.02 12.45
C ILE Q 225 -87.41 -27.80 13.37
N ASP Q 226 -86.87 -28.91 12.89
CA ASP Q 226 -86.05 -29.78 13.72
C ASP Q 226 -85.13 -30.68 12.90
N GLY Q 227 -84.03 -31.09 13.52
CA GLY Q 227 -83.14 -32.09 12.96
C GLY Q 227 -82.70 -31.75 11.56
N LYS Q 228 -82.92 -32.67 10.63
CA LYS Q 228 -82.48 -32.48 9.25
C LYS Q 228 -83.14 -31.27 8.57
N LEU Q 229 -82.30 -30.39 8.00
CA LEU Q 229 -82.75 -29.25 7.22
C LEU Q 229 -81.98 -29.16 5.92
N ARG Q 230 -82.67 -28.79 4.86
CA ARG Q 230 -82.12 -28.73 3.51
C ARG Q 230 -81.92 -27.29 3.11
N PHE Q 231 -80.68 -26.94 2.75
CA PHE Q 231 -80.35 -25.56 2.39
C PHE Q 231 -79.42 -25.53 1.18
N THR Q 232 -79.30 -24.35 0.56
CA THR Q 232 -78.38 -24.17 -0.58
C THR Q 232 -77.18 -23.32 -0.16
N VAL Q 233 -76.03 -23.59 -0.78
CA VAL Q 233 -74.77 -22.95 -0.42
C VAL Q 233 -74.65 -21.52 -0.92
N ARG Q 234 -74.52 -20.58 0.01
CA ARG Q 234 -74.33 -19.16 -0.35
C ARG Q 234 -72.83 -18.79 -0.48
N ASN Q 235 -72.03 -19.10 0.54
CA ASN Q 235 -70.58 -19.01 0.44
C ASN Q 235 -69.93 -20.01 1.39
N VAL Q 236 -68.72 -20.44 1.06
CA VAL Q 236 -67.95 -21.35 1.91
C VAL Q 236 -66.75 -20.61 2.50
N HIS Q 237 -66.78 -20.36 3.81
CA HIS Q 237 -65.66 -19.72 4.51
C HIS Q 237 -64.64 -20.79 4.86
N THR Q 238 -63.37 -20.53 4.56
CA THR Q 238 -62.37 -21.60 4.61
C THR Q 238 -61.11 -21.20 5.36
N THR Q 239 -60.99 -19.93 5.71
CA THR Q 239 -59.73 -19.41 6.25
C THR Q 239 -59.63 -19.53 7.76
N GLY Q 240 -60.75 -19.76 8.42
CA GLY Q 240 -60.76 -19.88 9.87
C GLY Q 240 -60.12 -21.16 10.35
N ARG Q 241 -60.26 -21.44 11.64
CA ARG Q 241 -59.72 -22.67 12.19
C ARG Q 241 -60.31 -23.89 11.47
N VAL Q 242 -61.62 -23.90 11.34
CA VAL Q 242 -62.31 -24.99 10.63
C VAL Q 242 -63.22 -24.44 9.55
N VAL Q 243 -63.53 -25.26 8.56
CA VAL Q 243 -64.41 -24.85 7.48
C VAL Q 243 -65.81 -24.51 8.02
N SER Q 244 -66.48 -23.58 7.36
CA SER Q 244 -67.83 -23.17 7.74
C SER Q 244 -68.62 -22.78 6.49
N VAL Q 245 -69.85 -23.28 6.41
CA VAL Q 245 -70.67 -23.06 5.23
C VAL Q 245 -71.75 -22.00 5.50
N ASP Q 246 -71.88 -21.06 4.58
CA ASP Q 246 -72.96 -20.08 4.65
C ASP Q 246 -74.09 -20.57 3.74
N GLY Q 247 -75.24 -20.83 4.34
CA GLY Q 247 -76.35 -21.39 3.59
C GLY Q 247 -77.53 -20.48 3.55
N THR Q 248 -78.39 -20.66 2.55
CA THR Q 248 -79.60 -19.86 2.40
C THR Q 248 -80.85 -20.72 2.19
N LEU Q 249 -82.01 -20.13 2.41
CA LEU Q 249 -83.27 -20.83 2.19
C LEU Q 249 -84.16 -20.08 1.17
N ILE Q 250 -83.56 -19.16 0.43
CA ILE Q 250 -84.26 -18.43 -0.63
C ILE Q 250 -83.36 -18.24 -1.85
ZN ZN R . -45.64 -1.72 6.77
ZN ZN S . -40.51 11.12 -45.09
MG MG T . 6.45 -6.59 10.00
S SO4 U . 15.20 17.27 13.84
O1 SO4 U . 14.63 16.83 15.12
O2 SO4 U . 14.33 18.25 13.22
O3 SO4 U . 16.51 17.87 14.07
O4 SO4 U . 15.34 16.12 12.95
ZN ZN V . -47.68 -10.52 -6.91
ZN ZN W . 10.49 60.28 -36.98
ZN ZN X . 22.34 -5.89 39.87
ZN ZN Y . -8.02 33.11 44.95
#